data_3MQ9
#
_entry.id   3MQ9
#
_cell.length_a   94.502
_cell.length_b   202.443
_cell.length_c   107.277
_cell.angle_alpha   90.00
_cell.angle_beta   90.41
_cell.angle_gamma   90.00
#
_symmetry.space_group_name_H-M   'P 1 21 1'
#
loop_
_entity.id
_entity.type
_entity.pdbx_description
1 polymer 'Bone marrow stromal antigen 2 fused to Maltose-binding periplasmic protein'
2 water water
#
_entity_poly.entity_id   1
_entity_poly.type   'polypeptide(L)'
_entity_poly.pdbx_seq_one_letter_code
;MNTIHHHHHHNTSMKIEEGKLVIWINGDKGYNGLAEVGKKFEKDTGIKVTVEHPDKLEEKFPQVAATGDGPDIIFWAHDR
FGGYAQSGLLAEITPDKAFQDKLYPFTWDAVRYNGKLIAYPIAVEALSLIYNKDLLPNPPKTWEEIPALDKELKAKGKSA
LMFNLQEPYFTWPLIAADGGYAFKYENGKYDIKDVGVDNAGAKAGLTFLVDLIKNKHMNADTDYSIAEAAFNKGETAMTI
NGPWAWSNIDTSKVNYGVTVLPTFKGQPSKPFVGVLSAGINAASPNKELAKEFLENYLLTDEGLEAVNKDKPLGAVALKS
YEEELAKDPRIAATMENAQKGEIMPNIPQMSAFWYAVRTAVINAASGRQTVDEALKDAQTRITAARDGLRAV(MSE)EAR
NVTHLLQQELTEAQKGFQDVEAQAATANHTV(MSE)AL(MSE)ASLDAEKAQGQKKVEELEGEITTLNHKLQDASAEVER
LRR
;
_entity_poly.pdbx_strand_id   A,B,C,D,E,F,G,H
#
# COMPACT_ATOMS: atom_id res chain seq x y z
N GLU A 18 -24.18 -41.67 35.00
CA GLU A 18 -25.01 -42.90 35.09
C GLU A 18 -25.08 -43.43 36.53
N GLY A 19 -26.30 -43.56 37.06
CA GLY A 19 -26.52 -43.95 38.46
C GLY A 19 -26.67 -42.78 39.41
N LYS A 20 -26.37 -41.56 38.94
CA LYS A 20 -26.51 -40.33 39.74
C LYS A 20 -27.03 -39.18 38.89
N LEU A 21 -27.55 -38.13 39.55
CA LEU A 21 -28.09 -36.93 38.87
C LEU A 21 -27.26 -35.67 39.09
N VAL A 22 -26.83 -35.06 37.99
CA VAL A 22 -26.19 -33.77 38.03
C VAL A 22 -27.17 -32.73 37.48
N ILE A 23 -27.31 -31.62 38.19
CA ILE A 23 -28.28 -30.56 37.85
C ILE A 23 -27.67 -29.17 37.74
N TRP A 24 -28.04 -28.44 36.70
CA TRP A 24 -27.51 -27.11 36.48
C TRP A 24 -28.58 -26.05 36.69
N ILE A 25 -28.28 -25.09 37.56
CA ILE A 25 -29.16 -23.97 37.83
C ILE A 25 -28.30 -22.73 37.83
N ASN A 26 -28.87 -21.59 37.55
CA ASN A 26 -28.06 -20.39 37.52
C ASN A 26 -27.68 -19.99 38.92
N GLY A 27 -26.64 -19.15 39.02
CA GLY A 27 -26.10 -18.69 40.30
C GLY A 27 -26.96 -17.74 41.09
N ASP A 28 -27.97 -17.15 40.46
CA ASP A 28 -28.83 -16.19 41.14
C ASP A 28 -30.05 -16.86 41.67
N LYS A 29 -30.00 -18.18 41.76
CA LYS A 29 -31.10 -18.94 42.31
C LYS A 29 -30.62 -19.64 43.56
N GLY A 30 -31.55 -20.25 44.30
CA GLY A 30 -31.22 -20.91 45.55
C GLY A 30 -30.71 -22.32 45.33
N TYR A 31 -29.46 -22.41 44.86
CA TYR A 31 -28.83 -23.70 44.57
C TYR A 31 -28.57 -24.51 45.82
N ASN A 32 -28.21 -23.86 46.92
CA ASN A 32 -28.02 -24.57 48.19
C ASN A 32 -29.35 -25.12 48.64
N GLY A 33 -30.36 -24.25 48.65
CA GLY A 33 -31.73 -24.68 48.91
C GLY A 33 -32.08 -25.93 48.10
N LEU A 34 -31.75 -25.91 46.81
CA LEU A 34 -32.01 -27.02 45.93
C LEU A 34 -31.15 -28.27 46.27
N ALA A 35 -29.89 -28.04 46.64
CA ALA A 35 -29.02 -29.13 47.10
C ALA A 35 -29.66 -29.85 48.29
N GLU A 36 -30.24 -29.10 49.22
CA GLU A 36 -30.94 -29.68 50.39
C GLU A 36 -31.98 -30.69 49.92
N VAL A 37 -32.74 -30.30 48.89
CA VAL A 37 -33.73 -31.20 48.31
C VAL A 37 -33.00 -32.39 47.71
N GLY A 38 -31.86 -32.12 47.10
CA GLY A 38 -31.00 -33.19 46.59
C GLY A 38 -30.56 -34.19 47.64
N LYS A 39 -30.24 -33.70 48.83
CA LYS A 39 -29.82 -34.57 49.93
C LYS A 39 -30.98 -35.42 50.46
N LYS A 40 -32.19 -34.87 50.44
CA LYS A 40 -33.38 -35.60 50.91
C LYS A 40 -33.63 -36.77 49.97
N PHE A 41 -33.34 -36.52 48.70
CA PHE A 41 -33.45 -37.52 47.66
C PHE A 41 -32.35 -38.56 47.83
N GLU A 42 -31.12 -38.08 48.07
CA GLU A 42 -29.93 -38.93 48.26
C GLU A 42 -30.14 -39.91 49.42
N LYS A 43 -30.76 -39.41 50.49
CA LYS A 43 -31.10 -40.25 51.62
C LYS A 43 -32.12 -41.33 51.21
N ASP A 44 -33.23 -40.91 50.60
CA ASP A 44 -34.37 -41.80 50.35
C ASP A 44 -34.15 -42.88 49.30
N THR A 45 -33.27 -42.64 48.32
CA THR A 45 -33.02 -43.62 47.26
C THR A 45 -31.55 -44.03 47.10
N GLY A 46 -30.66 -43.38 47.83
CA GLY A 46 -29.23 -43.70 47.75
C GLY A 46 -28.54 -43.08 46.54
N ILE A 47 -29.28 -42.30 45.76
CA ILE A 47 -28.74 -41.64 44.56
C ILE A 47 -28.15 -40.27 44.90
N LYS A 48 -26.83 -40.10 44.74
CA LYS A 48 -26.20 -38.82 45.06
C LYS A 48 -26.56 -37.80 43.99
N VAL A 49 -27.03 -36.64 44.43
CA VAL A 49 -27.40 -35.56 43.52
C VAL A 49 -26.43 -34.40 43.68
N THR A 50 -25.82 -33.98 42.57
CA THR A 50 -24.88 -32.86 42.59
C THR A 50 -25.52 -31.69 41.87
N VAL A 51 -25.44 -30.51 42.48
CA VAL A 51 -26.05 -29.31 41.92
C VAL A 51 -24.96 -28.34 41.56
N GLU A 52 -24.99 -27.79 40.35
CA GLU A 52 -23.93 -26.88 39.90
C GLU A 52 -24.46 -25.59 39.28
N HIS A 53 -23.66 -24.53 39.39
CA HIS A 53 -23.97 -23.26 38.75
C HIS A 53 -22.72 -22.77 38.01
N PRO A 54 -22.43 -23.39 36.86
CA PRO A 54 -21.27 -23.04 36.06
C PRO A 54 -21.48 -21.77 35.24
N ASP A 55 -20.38 -21.15 34.79
CA ASP A 55 -20.45 -19.84 34.14
C ASP A 55 -21.15 -19.92 32.80
N LYS A 56 -21.98 -18.91 32.53
CA LYS A 56 -22.88 -18.87 31.36
C LYS A 56 -23.22 -20.28 30.87
N LEU A 57 -24.10 -20.94 31.62
CA LEU A 57 -24.49 -22.34 31.35
C LEU A 57 -25.54 -22.48 30.27
N GLU A 58 -26.29 -21.41 29.99
CA GLU A 58 -27.27 -21.44 28.91
C GLU A 58 -26.54 -21.59 27.56
N GLU A 59 -25.40 -20.91 27.42
CA GLU A 59 -24.56 -21.01 26.24
C GLU A 59 -23.84 -22.36 26.24
N LYS A 60 -23.46 -22.82 27.42
CA LYS A 60 -22.69 -24.05 27.57
C LYS A 60 -23.51 -25.30 27.33
N PHE A 61 -24.83 -25.22 27.51
CA PHE A 61 -25.67 -26.44 27.46
C PHE A 61 -25.71 -27.16 26.10
N PRO A 62 -26.00 -26.44 25.00
CA PRO A 62 -26.09 -27.12 23.70
C PRO A 62 -24.78 -27.77 23.24
N GLN A 63 -23.67 -27.39 23.87
CA GLN A 63 -22.35 -27.91 23.53
C GLN A 63 -22.02 -29.22 24.25
N VAL A 64 -22.53 -29.41 25.46
CA VAL A 64 -22.21 -30.61 26.24
C VAL A 64 -23.27 -31.69 26.10
N ALA A 65 -24.52 -31.31 25.89
CA ALA A 65 -25.61 -32.28 25.74
C ALA A 65 -25.48 -33.08 24.45
N ALA A 66 -25.00 -32.40 23.40
CA ALA A 66 -24.84 -32.99 22.05
C ALA A 66 -23.65 -33.98 21.93
N THR A 67 -22.88 -34.14 23.01
CA THR A 67 -21.95 -35.28 23.17
C THR A 67 -22.19 -35.95 24.55
N GLY A 68 -23.42 -36.42 24.75
CA GLY A 68 -23.79 -37.20 25.92
C GLY A 68 -23.26 -36.72 27.27
N ASP A 69 -22.92 -35.43 27.37
CA ASP A 69 -22.31 -34.87 28.59
C ASP A 69 -23.16 -33.79 29.27
N GLY A 70 -22.59 -33.19 30.32
CA GLY A 70 -23.25 -32.12 31.01
C GLY A 70 -24.31 -32.62 31.98
N PRO A 71 -25.35 -31.81 32.21
CA PRO A 71 -26.28 -32.09 33.27
C PRO A 71 -27.35 -33.06 32.82
N ASP A 72 -27.88 -33.82 33.76
CA ASP A 72 -29.07 -34.64 33.54
C ASP A 72 -30.31 -33.76 33.54
N ILE A 73 -30.26 -32.66 34.28
CA ILE A 73 -31.35 -31.70 34.28
C ILE A 73 -30.88 -30.23 34.37
N ILE A 74 -31.57 -29.36 33.65
CA ILE A 74 -31.18 -27.96 33.57
C ILE A 74 -32.33 -27.02 33.87
N PHE A 75 -32.10 -26.09 34.81
CA PHE A 75 -33.09 -25.09 35.19
C PHE A 75 -32.79 -23.81 34.44
N TRP A 76 -33.77 -23.30 33.70
CA TRP A 76 -33.60 -22.05 33.00
C TRP A 76 -34.94 -21.44 32.58
N ALA A 77 -34.89 -20.15 32.20
CA ALA A 77 -36.02 -19.44 31.61
C ALA A 77 -36.57 -20.24 30.43
N HIS A 78 -37.87 -20.54 30.47
CA HIS A 78 -38.52 -21.37 29.44
C HIS A 78 -38.24 -20.98 27.99
N ASP A 79 -37.97 -19.70 27.72
CA ASP A 79 -37.80 -19.23 26.33
C ASP A 79 -36.59 -19.81 25.60
N ARG A 80 -35.50 -20.03 26.31
CA ARG A 80 -34.34 -20.67 25.73
C ARG A 80 -34.61 -22.14 25.33
N PHE A 81 -35.68 -22.71 25.85
CA PHE A 81 -35.93 -24.14 25.72
C PHE A 81 -36.50 -24.55 24.36
N GLY A 82 -37.21 -23.66 23.68
CA GLY A 82 -37.73 -23.97 22.35
C GLY A 82 -36.58 -24.09 21.38
N GLY A 83 -35.55 -23.28 21.61
CA GLY A 83 -34.33 -23.37 20.84
C GLY A 83 -33.61 -24.68 21.08
N TYR A 84 -33.63 -25.17 22.31
CA TYR A 84 -33.00 -26.47 22.62
C TYR A 84 -33.80 -27.64 22.02
N ALA A 85 -35.13 -27.56 22.08
CA ALA A 85 -35.98 -28.66 21.59
C ALA A 85 -35.88 -28.75 20.08
N GLN A 86 -35.68 -27.60 19.43
CA GLN A 86 -35.49 -27.51 17.97
C GLN A 86 -34.28 -28.30 17.54
N SER A 87 -33.29 -28.37 18.40
CA SER A 87 -32.12 -29.20 18.20
C SER A 87 -32.29 -30.53 18.94
N GLY A 88 -33.53 -30.97 19.10
CA GLY A 88 -33.85 -32.21 19.83
C GLY A 88 -33.02 -32.52 21.08
N LEU A 89 -32.55 -31.48 21.77
CA LEU A 89 -31.65 -31.66 22.93
C LEU A 89 -32.35 -32.10 24.20
N LEU A 90 -33.65 -31.82 24.31
CA LEU A 90 -34.40 -32.11 25.53
C LEU A 90 -35.27 -33.35 25.42
N ALA A 91 -35.35 -34.11 26.50
CA ALA A 91 -36.24 -35.27 26.56
C ALA A 91 -37.67 -34.80 26.68
N GLU A 92 -38.57 -35.53 26.02
CA GLU A 92 -39.99 -35.29 26.16
C GLU A 92 -40.41 -35.83 27.51
N ILE A 93 -41.16 -35.04 28.27
CA ILE A 93 -41.54 -35.45 29.63
C ILE A 93 -42.96 -35.99 29.65
N THR A 94 -43.20 -36.94 30.56
CA THR A 94 -44.48 -37.65 30.67
C THR A 94 -44.96 -37.66 32.12
N PRO A 95 -45.73 -36.62 32.51
CA PRO A 95 -46.35 -36.52 33.81
C PRO A 95 -47.84 -36.82 33.72
N ASP A 96 -48.32 -37.81 34.48
CA ASP A 96 -49.75 -38.19 34.42
C ASP A 96 -50.60 -36.99 34.82
N LYS A 97 -51.83 -36.98 34.33
CA LYS A 97 -52.68 -35.78 34.42
C LYS A 97 -52.91 -35.32 35.88
N ALA A 98 -52.96 -36.28 36.81
CA ALA A 98 -53.02 -35.96 38.23
C ALA A 98 -51.92 -34.95 38.60
N PHE A 99 -50.70 -35.21 38.16
CA PHE A 99 -49.61 -34.29 38.38
C PHE A 99 -49.80 -33.00 37.62
N GLN A 100 -50.30 -33.07 36.40
CA GLN A 100 -50.53 -31.85 35.61
C GLN A 100 -51.46 -30.83 36.31
N ASP A 101 -52.41 -31.34 37.08
CA ASP A 101 -53.36 -30.46 37.75
C ASP A 101 -52.81 -29.89 39.07
N LYS A 102 -51.58 -30.27 39.44
CA LYS A 102 -50.93 -29.67 40.62
C LYS A 102 -50.35 -28.28 40.30
N LEU A 103 -50.01 -28.06 39.03
CA LEU A 103 -49.51 -26.79 38.55
C LEU A 103 -50.60 -26.06 37.77
N TYR A 104 -50.44 -24.75 37.64
CA TYR A 104 -51.41 -23.91 36.94
C TYR A 104 -51.36 -24.28 35.47
N PRO A 105 -52.53 -24.53 34.89
CA PRO A 105 -52.70 -24.79 33.46
C PRO A 105 -51.80 -23.96 32.58
N PHE A 106 -51.88 -22.63 32.73
CA PHE A 106 -51.22 -21.74 31.83
C PHE A 106 -49.71 -21.90 31.87
N THR A 107 -49.15 -22.40 32.96
CA THR A 107 -47.71 -22.57 33.03
C THR A 107 -47.23 -23.62 32.08
N TRP A 108 -48.01 -24.69 31.89
CA TRP A 108 -47.65 -25.77 30.96
C TRP A 108 -47.48 -25.27 29.53
N ASP A 109 -48.32 -24.34 29.09
CA ASP A 109 -48.18 -23.69 27.77
C ASP A 109 -46.82 -23.02 27.53
N ALA A 110 -46.06 -22.78 28.60
CA ALA A 110 -44.72 -22.21 28.46
C ALA A 110 -43.68 -23.27 28.19
N VAL A 111 -44.07 -24.54 28.34
CA VAL A 111 -43.16 -25.66 28.12
C VAL A 111 -43.70 -26.65 27.09
N ARG A 112 -44.21 -26.13 25.97
CA ARG A 112 -44.56 -26.98 24.83
C ARG A 112 -43.75 -26.60 23.60
N TYR A 113 -43.52 -27.56 22.73
CA TYR A 113 -42.89 -27.34 21.44
C TYR A 113 -43.47 -28.39 20.50
N ASN A 114 -44.21 -27.94 19.49
CA ASN A 114 -44.93 -28.83 18.58
C ASN A 114 -45.86 -29.82 19.29
N GLY A 115 -46.48 -29.38 20.38
CA GLY A 115 -47.41 -30.23 21.11
C GLY A 115 -46.74 -31.14 22.13
N LYS A 116 -45.43 -31.27 22.07
CA LYS A 116 -44.69 -32.09 23.04
C LYS A 116 -44.32 -31.26 24.28
N LEU A 117 -44.64 -31.76 25.47
CA LEU A 117 -44.17 -31.16 26.68
C LEU A 117 -42.71 -31.49 26.88
N ILE A 118 -41.91 -30.48 27.12
CA ILE A 118 -40.45 -30.64 27.12
C ILE A 118 -39.74 -30.21 28.40
N ALA A 119 -40.48 -29.65 29.37
CA ALA A 119 -39.90 -29.27 30.66
C ALA A 119 -40.96 -29.10 31.72
N TYR A 120 -40.52 -29.12 32.98
CA TYR A 120 -41.38 -28.86 34.14
C TYR A 120 -41.33 -27.38 34.55
N PRO A 121 -42.50 -26.72 34.64
CA PRO A 121 -42.52 -25.34 35.16
C PRO A 121 -42.21 -25.28 36.64
N ILE A 122 -41.48 -24.25 37.07
CA ILE A 122 -41.13 -24.08 38.48
C ILE A 122 -41.65 -22.77 39.02
N ALA A 123 -41.17 -21.65 38.47
CA ALA A 123 -41.48 -20.30 38.98
C ALA A 123 -42.13 -19.48 37.90
N VAL A 124 -42.86 -18.45 38.28
CA VAL A 124 -43.52 -17.56 37.34
C VAL A 124 -43.17 -16.07 37.67
N GLU A 125 -42.84 -15.31 36.65
CA GLU A 125 -42.34 -13.97 36.81
C GLU A 125 -43.15 -13.10 35.89
N ALA A 126 -43.46 -11.86 36.30
CA ALA A 126 -44.24 -10.94 35.46
C ALA A 126 -44.24 -9.53 36.01
N LEU A 127 -44.37 -8.52 35.17
CA LEU A 127 -44.38 -7.16 35.69
C LEU A 127 -45.66 -6.94 36.53
N SER A 128 -45.58 -5.97 37.44
CA SER A 128 -46.72 -5.53 38.23
C SER A 128 -46.60 -4.01 38.38
N LEU A 129 -47.70 -3.41 38.80
CA LEU A 129 -47.74 -1.99 39.09
C LEU A 129 -47.13 -1.79 40.46
N ILE A 130 -46.18 -0.85 40.58
CA ILE A 130 -45.56 -0.59 41.88
C ILE A 130 -45.88 0.84 42.24
N TYR A 131 -46.29 1.06 43.49
CA TYR A 131 -46.75 2.38 43.91
C TYR A 131 -46.42 2.71 45.33
N ASN A 132 -46.22 4.01 45.54
CA ASN A 132 -45.91 4.62 46.83
C ASN A 132 -47.19 4.85 47.65
N LYS A 133 -47.37 4.02 48.69
CA LYS A 133 -48.56 4.07 49.51
C LYS A 133 -48.79 5.48 50.10
N ASP A 134 -47.71 6.15 50.50
CA ASP A 134 -47.82 7.46 51.16
C ASP A 134 -48.30 8.50 50.17
N LEU A 135 -47.71 8.54 48.98
CA LEU A 135 -48.14 9.48 47.93
C LEU A 135 -49.47 9.11 47.33
N LEU A 136 -49.74 7.81 47.21
CA LEU A 136 -50.95 7.33 46.54
C LEU A 136 -51.41 6.05 47.21
N PRO A 137 -52.26 6.17 48.23
CA PRO A 137 -52.72 4.98 48.95
C PRO A 137 -53.70 4.11 48.19
N ASN A 138 -54.37 4.68 47.18
CA ASN A 138 -55.33 3.94 46.33
C ASN A 138 -54.95 4.02 44.84
N PRO A 139 -54.02 3.15 44.40
CA PRO A 139 -53.56 3.18 43.02
C PRO A 139 -54.71 2.99 42.05
N PRO A 140 -54.63 3.62 40.87
CA PRO A 140 -55.73 3.61 39.94
C PRO A 140 -55.82 2.29 39.26
N LYS A 141 -57.00 1.97 38.76
CA LYS A 141 -57.27 0.69 38.13
C LYS A 141 -57.26 0.81 36.65
N THR A 142 -57.23 2.03 36.16
CA THR A 142 -57.31 2.20 34.73
C THR A 142 -56.28 3.21 34.22
N TRP A 143 -55.57 2.84 33.18
CA TRP A 143 -54.69 3.74 32.47
C TRP A 143 -55.38 5.10 32.21
N GLU A 144 -56.64 5.01 31.80
CA GLU A 144 -57.41 6.19 31.45
C GLU A 144 -57.39 7.31 32.52
N GLU A 145 -57.35 6.94 33.80
CA GLU A 145 -57.35 7.96 34.87
C GLU A 145 -55.96 8.51 35.24
N ILE A 146 -54.90 7.97 34.64
CA ILE A 146 -53.55 8.43 34.95
C ILE A 146 -53.23 9.87 34.53
N PRO A 147 -53.59 10.28 33.30
CA PRO A 147 -53.40 11.70 32.98
C PRO A 147 -53.88 12.62 34.12
N ALA A 148 -55.18 12.59 34.43
CA ALA A 148 -55.74 13.40 35.51
C ALA A 148 -54.92 13.29 36.81
N LEU A 149 -54.58 12.06 37.15
CA LEU A 149 -53.83 11.82 38.36
C LEU A 149 -52.53 12.62 38.35
N ASP A 150 -51.89 12.65 37.19
CA ASP A 150 -50.59 13.30 37.07
C ASP A 150 -50.74 14.82 37.15
N LYS A 151 -51.78 15.36 36.54
CA LYS A 151 -52.04 16.78 36.66
C LYS A 151 -52.18 17.15 38.15
N GLU A 152 -52.72 16.24 38.95
CA GLU A 152 -52.91 16.48 40.38
C GLU A 152 -51.59 16.53 41.08
N LEU A 153 -50.80 15.47 40.88
CA LEU A 153 -49.55 15.30 41.60
C LEU A 153 -48.49 16.26 41.10
N LYS A 154 -48.62 16.72 39.87
CA LYS A 154 -47.71 17.75 39.33
C LYS A 154 -47.85 19.07 40.10
N ALA A 155 -49.08 19.35 40.54
CA ALA A 155 -49.38 20.54 41.34
C ALA A 155 -48.74 20.48 42.74
N LYS A 156 -48.23 19.31 43.14
CA LYS A 156 -47.37 19.20 44.33
C LYS A 156 -46.04 18.54 44.01
N GLY A 157 -45.53 18.81 42.82
CA GLY A 157 -44.15 18.50 42.46
C GLY A 157 -43.82 17.06 42.37
N LYS A 158 -44.82 16.26 42.04
CA LYS A 158 -44.63 14.82 41.83
C LYS A 158 -45.15 14.41 40.44
N SER A 159 -44.80 13.22 40.00
CA SER A 159 -45.38 12.64 38.80
C SER A 159 -46.22 11.42 39.19
N ALA A 160 -47.20 11.09 38.36
CA ALA A 160 -48.04 9.92 38.58
C ALA A 160 -47.25 8.62 38.35
N LEU A 161 -46.60 8.56 37.19
CA LEU A 161 -46.00 7.31 36.66
C LEU A 161 -44.74 7.53 35.87
N MET A 162 -43.73 6.71 36.14
CA MET A 162 -42.48 6.71 35.38
C MET A 162 -42.02 5.26 35.29
N PHE A 163 -41.93 4.75 34.07
CA PHE A 163 -41.39 3.42 33.88
C PHE A 163 -40.63 3.38 32.60
N ASN A 164 -39.88 2.32 32.43
CA ASN A 164 -38.92 2.15 31.31
C ASN A 164 -39.62 2.07 29.96
N LEU A 165 -39.57 3.16 29.18
CA LEU A 165 -40.18 3.21 27.85
C LEU A 165 -39.27 2.80 26.67
N GLN A 166 -37.96 2.77 26.89
CA GLN A 166 -37.01 2.36 25.85
C GLN A 166 -37.13 0.90 25.42
N GLU A 167 -37.66 0.05 26.30
CA GLU A 167 -37.72 -1.35 26.05
C GLU A 167 -39.16 -1.79 25.86
N PRO A 168 -39.41 -2.84 25.06
CA PRO A 168 -40.79 -3.22 24.79
C PRO A 168 -41.35 -4.09 25.88
N TYR A 169 -40.52 -4.92 26.49
CA TYR A 169 -40.97 -5.77 27.60
C TYR A 169 -41.80 -5.00 28.62
N PHE A 170 -41.50 -3.72 28.78
CA PHE A 170 -42.20 -2.87 29.71
C PHE A 170 -43.36 -2.12 29.08
N THR A 171 -43.29 -1.85 27.79
CA THR A 171 -44.34 -1.05 27.19
C THR A 171 -45.43 -1.93 26.63
N TRP A 172 -45.08 -3.19 26.38
CA TRP A 172 -46.04 -4.14 25.80
C TRP A 172 -47.33 -4.20 26.59
N PRO A 173 -47.27 -4.50 27.88
CA PRO A 173 -48.46 -4.67 28.72
C PRO A 173 -49.61 -3.74 28.33
N LEU A 174 -49.31 -2.45 28.08
CA LEU A 174 -50.34 -1.48 27.70
C LEU A 174 -50.71 -1.62 26.22
N ILE A 175 -49.71 -1.87 25.38
CA ILE A 175 -49.94 -1.99 23.96
C ILE A 175 -50.83 -3.18 23.63
N ALA A 176 -50.47 -4.33 24.19
CA ALA A 176 -51.18 -5.56 23.93
C ALA A 176 -52.55 -5.58 24.55
N ALA A 177 -52.77 -4.68 25.50
CA ALA A 177 -53.95 -4.71 26.36
C ALA A 177 -55.25 -4.99 25.63
N ASP A 178 -55.52 -4.17 24.63
CA ASP A 178 -56.81 -4.17 23.97
C ASP A 178 -56.89 -5.15 22.82
N GLY A 179 -55.74 -5.59 22.31
CA GLY A 179 -55.80 -6.56 21.23
C GLY A 179 -54.53 -7.13 20.66
N GLY A 180 -53.38 -6.56 21.00
CA GLY A 180 -52.12 -7.01 20.41
C GLY A 180 -51.74 -8.42 20.80
N TYR A 181 -50.87 -9.03 19.98
CA TYR A 181 -50.19 -10.28 20.33
C TYR A 181 -48.89 -10.38 19.57
N ALA A 182 -47.95 -11.16 20.12
CA ALA A 182 -46.65 -11.36 19.42
C ALA A 182 -46.85 -12.26 18.21
N PHE A 183 -47.01 -13.56 18.46
CA PHE A 183 -47.30 -14.53 17.42
C PHE A 183 -48.53 -15.31 17.82
N LYS A 184 -49.48 -15.54 16.90
CA LYS A 184 -50.67 -16.34 17.22
C LYS A 184 -50.29 -17.71 17.76
N TYR A 185 -51.01 -18.15 18.81
CA TYR A 185 -50.80 -19.44 19.45
C TYR A 185 -52.15 -20.17 19.44
N GLU A 186 -52.20 -21.38 18.87
CA GLU A 186 -53.48 -22.12 18.77
C GLU A 186 -53.47 -23.47 19.46
N ASN A 187 -52.60 -24.40 19.04
CA ASN A 187 -52.70 -25.78 19.49
C ASN A 187 -51.41 -26.30 20.12
N GLY A 188 -50.82 -25.50 20.99
CA GLY A 188 -49.49 -25.79 21.49
C GLY A 188 -48.46 -25.49 20.43
N LYS A 189 -48.79 -24.54 19.56
CA LYS A 189 -47.99 -24.23 18.38
C LYS A 189 -48.12 -22.74 18.03
N TYR A 190 -47.03 -22.13 17.55
CA TYR A 190 -47.01 -20.72 17.13
C TYR A 190 -46.95 -20.56 15.62
N ASP A 191 -47.92 -19.86 15.04
CA ASP A 191 -47.88 -19.52 13.61
C ASP A 191 -46.96 -18.32 13.41
N ILE A 192 -45.71 -18.60 13.07
CA ILE A 192 -44.68 -17.55 12.95
C ILE A 192 -44.92 -16.52 11.83
N LYS A 193 -46.00 -16.68 11.08
CA LYS A 193 -46.35 -15.69 10.06
C LYS A 193 -47.45 -14.76 10.56
N ASP A 194 -48.12 -15.14 11.64
CA ASP A 194 -49.19 -14.32 12.21
C ASP A 194 -48.65 -13.47 13.34
N VAL A 195 -48.61 -12.17 13.11
CA VAL A 195 -48.08 -11.23 14.09
C VAL A 195 -49.10 -10.13 14.33
N GLY A 196 -49.55 -10.03 15.57
CA GLY A 196 -50.64 -9.12 15.92
C GLY A 196 -50.11 -7.86 16.57
N VAL A 197 -49.25 -7.17 15.85
CA VAL A 197 -48.60 -5.99 16.38
C VAL A 197 -49.15 -4.71 15.76
N ASP A 198 -49.83 -4.80 14.63
CA ASP A 198 -50.52 -3.64 14.08
C ASP A 198 -52.02 -3.86 13.96
N ASN A 199 -52.59 -4.65 14.85
CA ASN A 199 -54.04 -4.78 14.91
C ASN A 199 -54.59 -3.60 15.70
N ALA A 200 -55.84 -3.23 15.43
CA ALA A 200 -56.48 -2.03 15.98
C ALA A 200 -56.26 -1.85 17.47
N GLY A 201 -56.21 -2.97 18.19
CA GLY A 201 -55.95 -2.96 19.62
C GLY A 201 -54.58 -2.42 19.97
N ALA A 202 -53.52 -3.00 19.38
CA ALA A 202 -52.16 -2.51 19.63
C ALA A 202 -52.02 -1.02 19.27
N LYS A 203 -52.63 -0.59 18.17
CA LYS A 203 -52.67 0.82 17.78
C LYS A 203 -53.25 1.70 18.89
N ALA A 204 -54.30 1.23 19.55
CA ALA A 204 -54.90 2.01 20.62
C ALA A 204 -53.93 2.10 21.80
N GLY A 205 -53.41 0.95 22.21
CA GLY A 205 -52.43 0.92 23.29
C GLY A 205 -51.31 1.91 23.06
N LEU A 206 -50.70 1.83 21.89
CA LEU A 206 -49.55 2.66 21.60
C LEU A 206 -49.92 4.13 21.53
N THR A 207 -51.04 4.42 20.88
CA THR A 207 -51.50 5.79 20.80
C THR A 207 -51.55 6.37 22.18
N PHE A 208 -52.19 5.65 23.09
CA PHE A 208 -52.34 6.15 24.45
C PHE A 208 -50.97 6.47 25.01
N LEU A 209 -50.07 5.51 24.88
CA LEU A 209 -48.75 5.67 25.46
C LEU A 209 -48.14 6.91 24.84
N VAL A 210 -48.10 6.98 23.53
CA VAL A 210 -47.53 8.17 22.89
C VAL A 210 -48.23 9.45 23.36
N ASP A 211 -49.55 9.43 23.45
CA ASP A 211 -50.28 10.61 23.93
C ASP A 211 -49.84 11.05 25.33
N LEU A 212 -49.56 10.09 26.22
CA LEU A 212 -49.07 10.42 27.55
C LEU A 212 -47.83 11.29 27.40
N ILE A 213 -46.96 10.91 26.46
CA ILE A 213 -45.72 11.65 26.27
C ILE A 213 -46.02 13.03 25.68
N LYS A 214 -46.94 13.05 24.72
CA LYS A 214 -47.36 14.29 24.08
C LYS A 214 -47.90 15.25 25.11
N ASN A 215 -48.73 14.76 26.01
CA ASN A 215 -49.33 15.61 27.03
C ASN A 215 -48.43 15.79 28.28
N LYS A 216 -47.15 15.45 28.12
CA LYS A 216 -46.13 15.76 29.12
C LYS A 216 -46.40 15.17 30.50
N HIS A 217 -46.96 13.96 30.50
CA HIS A 217 -47.14 13.16 31.70
C HIS A 217 -45.97 12.19 31.88
N MET A 218 -45.33 11.84 30.77
CA MET A 218 -44.11 11.05 30.79
C MET A 218 -43.10 11.66 29.82
N ASN A 219 -41.83 11.32 30.03
CA ASN A 219 -40.74 11.63 29.09
C ASN A 219 -40.40 10.47 28.20
N ALA A 220 -40.37 10.71 26.90
CA ALA A 220 -40.01 9.66 25.92
C ALA A 220 -38.64 9.07 26.19
N ASP A 221 -37.72 9.88 26.75
CA ASP A 221 -36.37 9.40 26.99
C ASP A 221 -36.20 8.76 28.36
N THR A 222 -37.29 8.27 28.96
CA THR A 222 -37.21 7.61 30.26
C THR A 222 -36.92 6.14 30.11
N ASP A 223 -35.79 5.73 30.70
CA ASP A 223 -35.31 4.35 30.71
C ASP A 223 -35.40 3.72 32.13
N TYR A 224 -34.78 2.58 32.33
CA TYR A 224 -34.88 1.80 33.57
C TYR A 224 -34.28 2.50 34.74
N SER A 225 -33.04 2.93 34.61
CA SER A 225 -32.35 3.64 35.69
C SER A 225 -33.02 4.95 36.10
N ILE A 226 -33.46 5.72 35.13
CA ILE A 226 -34.19 6.95 35.43
C ILE A 226 -35.49 6.67 36.18
N ALA A 227 -36.25 5.68 35.72
CA ALA A 227 -37.50 5.30 36.43
C ALA A 227 -37.17 4.86 37.84
N GLU A 228 -36.27 3.92 37.98
CA GLU A 228 -35.98 3.33 39.27
C GLU A 228 -35.59 4.45 40.23
N ALA A 229 -34.61 5.26 39.86
CA ALA A 229 -34.20 6.40 40.71
C ALA A 229 -35.40 7.25 41.17
N ALA A 230 -36.22 7.68 40.22
CA ALA A 230 -37.39 8.51 40.51
C ALA A 230 -38.31 7.88 41.54
N PHE A 231 -38.63 6.61 41.34
CA PHE A 231 -39.50 5.95 42.29
C PHE A 231 -38.86 5.82 43.65
N ASN A 232 -37.60 5.41 43.69
CA ASN A 232 -36.90 5.25 44.97
C ASN A 232 -36.68 6.57 45.77
N LYS A 233 -36.64 7.70 45.07
CA LYS A 233 -36.52 8.99 45.74
C LYS A 233 -37.88 9.62 46.00
N GLY A 234 -38.94 8.90 45.68
CA GLY A 234 -40.30 9.40 45.95
C GLY A 234 -40.73 10.56 45.07
N GLU A 235 -40.14 10.64 43.88
CA GLU A 235 -40.50 11.67 42.90
C GLU A 235 -41.71 11.26 42.05
N THR A 236 -42.03 9.99 42.04
CA THR A 236 -43.15 9.49 41.23
C THR A 236 -43.98 8.53 42.06
N ALA A 237 -45.29 8.55 41.82
CA ALA A 237 -46.24 7.79 42.61
C ALA A 237 -46.19 6.32 42.27
N MET A 238 -46.13 6.03 40.98
CA MET A 238 -46.09 4.66 40.48
C MET A 238 -44.98 4.42 39.45
N THR A 239 -44.63 3.13 39.35
CA THR A 239 -43.72 2.61 38.33
C THR A 239 -44.17 1.17 38.01
N ILE A 240 -43.52 0.59 37.01
CA ILE A 240 -43.79 -0.77 36.59
C ILE A 240 -42.48 -1.55 36.62
N ASN A 241 -42.47 -2.72 37.23
CA ASN A 241 -41.23 -3.49 37.35
C ASN A 241 -41.50 -4.82 37.97
N GLY A 242 -40.47 -5.63 38.13
CA GLY A 242 -40.64 -7.03 38.48
C GLY A 242 -40.00 -7.40 39.78
N PRO A 243 -40.11 -8.65 40.14
CA PRO A 243 -39.59 -9.13 41.42
C PRO A 243 -38.10 -8.96 41.56
N TRP A 244 -37.37 -9.06 40.46
CA TRP A 244 -35.94 -8.80 40.47
C TRP A 244 -35.59 -7.45 41.14
N ALA A 245 -36.58 -6.57 41.24
CA ALA A 245 -36.38 -5.19 41.64
C ALA A 245 -36.78 -4.95 43.08
N TRP A 246 -37.33 -5.94 43.74
CA TRP A 246 -37.90 -5.67 45.05
C TRP A 246 -36.82 -5.34 46.04
N SER A 247 -35.88 -6.26 46.22
CA SER A 247 -34.87 -6.06 47.25
C SER A 247 -34.15 -4.68 47.08
N ASN A 248 -34.12 -4.16 45.86
CA ASN A 248 -33.62 -2.81 45.63
C ASN A 248 -34.51 -1.74 46.21
N ILE A 249 -35.80 -1.82 45.93
CA ILE A 249 -36.75 -0.80 46.42
C ILE A 249 -36.88 -0.88 47.93
N ASP A 250 -36.74 -2.10 48.48
CA ASP A 250 -36.76 -2.34 49.92
C ASP A 250 -35.91 -1.34 50.65
N THR A 251 -34.73 -1.07 50.10
CA THR A 251 -33.72 -0.33 50.80
C THR A 251 -33.74 1.15 50.46
N SER A 252 -34.70 1.56 49.65
CA SER A 252 -35.03 2.98 49.58
C SER A 252 -35.87 3.34 50.79
N LYS A 253 -36.57 2.34 51.30
CA LYS A 253 -37.59 2.55 52.29
C LYS A 253 -38.67 3.60 51.88
N VAL A 254 -39.00 3.66 50.60
CA VAL A 254 -40.33 4.13 50.19
C VAL A 254 -41.29 3.07 50.73
N ASN A 255 -42.48 3.50 51.14
CA ASN A 255 -43.53 2.56 51.53
C ASN A 255 -44.37 2.17 50.30
N TYR A 256 -44.05 1.02 49.72
CA TYR A 256 -44.51 0.69 48.35
C TYR A 256 -45.48 -0.45 48.33
N GLY A 257 -46.48 -0.33 47.46
CA GLY A 257 -47.45 -1.40 47.24
C GLY A 257 -47.17 -2.04 45.92
N VAL A 258 -47.57 -3.30 45.74
CA VAL A 258 -47.40 -3.99 44.46
C VAL A 258 -48.70 -4.63 44.08
N THR A 259 -49.23 -4.35 42.90
CA THR A 259 -50.61 -4.73 42.63
C THR A 259 -50.94 -4.92 41.14
N VAL A 260 -52.22 -5.13 40.85
CA VAL A 260 -52.64 -5.38 39.48
C VAL A 260 -52.33 -4.17 38.59
N LEU A 261 -51.85 -4.46 37.40
CA LEU A 261 -51.64 -3.42 36.43
C LEU A 261 -52.99 -2.81 36.07
N PRO A 262 -53.00 -1.52 35.79
CA PRO A 262 -54.23 -0.85 35.38
C PRO A 262 -54.80 -1.48 34.13
N THR A 263 -56.11 -1.41 33.97
CA THR A 263 -56.73 -1.87 32.74
C THR A 263 -56.72 -0.76 31.71
N PHE A 264 -56.92 -1.15 30.45
CA PHE A 264 -57.07 -0.19 29.37
C PHE A 264 -58.23 -0.60 28.50
N LYS A 265 -59.14 0.36 28.26
CA LYS A 265 -60.34 0.15 27.46
C LYS A 265 -61.08 -1.06 27.97
N GLY A 266 -61.13 -1.18 29.30
CA GLY A 266 -61.81 -2.32 29.92
C GLY A 266 -60.96 -3.56 30.10
N GLN A 267 -59.97 -3.73 29.21
CA GLN A 267 -59.19 -4.94 29.20
C GLN A 267 -58.01 -4.87 30.16
N PRO A 268 -57.61 -6.04 30.74
CA PRO A 268 -56.42 -6.17 31.55
C PRO A 268 -55.20 -5.81 30.78
N SER A 269 -54.22 -5.18 31.42
CA SER A 269 -52.90 -5.09 30.83
C SER A 269 -52.39 -6.52 30.61
N LYS A 270 -51.53 -6.72 29.62
CA LYS A 270 -51.09 -8.03 29.22
C LYS A 270 -49.54 -8.11 29.24
N PRO A 271 -48.94 -8.17 30.43
CA PRO A 271 -47.50 -8.21 30.48
C PRO A 271 -46.98 -9.58 30.06
N PHE A 272 -45.78 -9.64 29.49
CA PHE A 272 -45.20 -10.93 29.14
C PHE A 272 -44.89 -11.71 30.37
N VAL A 273 -44.96 -13.02 30.27
CA VAL A 273 -44.74 -13.91 31.42
C VAL A 273 -43.62 -14.90 31.12
N GLY A 274 -42.70 -15.06 32.05
CA GLY A 274 -41.54 -15.92 31.92
C GLY A 274 -41.50 -16.91 33.06
N VAL A 275 -41.07 -18.13 32.74
CA VAL A 275 -41.28 -19.26 33.60
C VAL A 275 -39.98 -20.05 33.80
N LEU A 276 -39.47 -20.05 35.01
CA LEU A 276 -38.31 -20.86 35.32
C LEU A 276 -38.73 -22.31 35.18
N SER A 277 -38.02 -23.05 34.34
CA SER A 277 -38.40 -24.43 34.05
C SER A 277 -37.23 -25.41 34.12
N ALA A 278 -37.53 -26.61 34.58
CA ALA A 278 -36.55 -27.67 34.71
C ALA A 278 -36.73 -28.60 33.54
N GLY A 279 -35.68 -28.77 32.73
CA GLY A 279 -35.72 -29.64 31.57
C GLY A 279 -34.73 -30.77 31.68
N ILE A 280 -35.02 -31.87 31.01
CA ILE A 280 -34.22 -33.11 31.09
C ILE A 280 -33.49 -33.41 29.78
N ASN A 281 -32.24 -33.83 29.89
CA ASN A 281 -31.36 -34.07 28.74
C ASN A 281 -31.82 -35.27 27.95
N ALA A 282 -32.04 -35.08 26.66
CA ALA A 282 -32.34 -36.19 25.76
C ALA A 282 -31.26 -37.27 25.86
N ALA A 283 -30.01 -36.84 26.04
CA ALA A 283 -28.85 -37.72 26.18
C ALA A 283 -28.87 -38.54 27.49
N SER A 284 -29.23 -37.91 28.60
CA SER A 284 -29.18 -38.55 29.93
C SER A 284 -29.84 -39.94 29.97
N PRO A 285 -29.20 -40.91 30.67
CA PRO A 285 -29.78 -42.22 30.91
C PRO A 285 -30.76 -42.24 32.09
N ASN A 286 -30.67 -41.23 32.95
CA ASN A 286 -31.43 -41.17 34.20
C ASN A 286 -32.76 -40.43 34.09
N LYS A 287 -33.40 -40.56 32.93
CA LYS A 287 -34.65 -39.86 32.61
C LYS A 287 -35.76 -40.09 33.64
N GLU A 288 -35.87 -41.31 34.17
CA GLU A 288 -36.97 -41.65 35.11
C GLU A 288 -36.60 -41.30 36.55
N LEU A 289 -35.31 -41.25 36.85
CA LEU A 289 -34.86 -40.77 38.16
C LEU A 289 -34.95 -39.24 38.26
N ALA A 290 -34.89 -38.54 37.13
CA ALA A 290 -35.15 -37.10 37.14
C ALA A 290 -36.64 -36.84 37.28
N LYS A 291 -37.42 -37.46 36.42
CA LYS A 291 -38.89 -37.38 36.49
C LYS A 291 -39.31 -37.50 37.96
N GLU A 292 -38.87 -38.57 38.60
CA GLU A 292 -39.05 -38.77 40.03
C GLU A 292 -38.66 -37.52 40.82
N PHE A 293 -37.40 -37.13 40.76
CA PHE A 293 -36.88 -36.04 41.57
C PHE A 293 -37.68 -34.75 41.46
N LEU A 294 -38.03 -34.40 40.24
CA LEU A 294 -38.80 -33.18 40.00
C LEU A 294 -40.23 -33.39 40.49
N GLU A 295 -40.87 -34.48 40.08
CA GLU A 295 -42.28 -34.66 40.39
C GLU A 295 -42.57 -34.84 41.90
N ASN A 296 -41.72 -35.61 42.58
CA ASN A 296 -42.05 -36.06 43.93
C ASN A 296 -41.21 -35.43 45.04
N TYR A 297 -40.15 -34.73 44.69
CA TYR A 297 -39.31 -34.09 45.71
C TYR A 297 -39.27 -32.56 45.58
N LEU A 298 -39.00 -32.02 44.39
CA LEU A 298 -38.88 -30.55 44.18
C LEU A 298 -40.23 -29.85 44.04
N LEU A 299 -41.05 -30.31 43.10
CA LEU A 299 -42.41 -29.77 42.92
C LEU A 299 -43.38 -30.26 44.02
N THR A 300 -42.98 -30.01 45.26
CA THR A 300 -43.85 -30.12 46.42
C THR A 300 -43.61 -28.90 47.32
N ASP A 301 -44.48 -28.74 48.31
CA ASP A 301 -44.38 -27.62 49.23
C ASP A 301 -43.07 -27.68 49.98
N GLU A 302 -42.71 -28.86 50.49
CA GLU A 302 -41.43 -29.06 51.18
C GLU A 302 -40.29 -28.57 50.28
N GLY A 303 -40.28 -29.08 49.04
CA GLY A 303 -39.15 -28.92 48.15
C GLY A 303 -38.94 -27.49 47.70
N LEU A 304 -40.03 -26.86 47.28
CA LEU A 304 -39.98 -25.47 46.85
C LEU A 304 -39.64 -24.61 48.04
N GLU A 305 -40.17 -24.97 49.21
CA GLU A 305 -39.94 -24.18 50.41
C GLU A 305 -38.44 -24.13 50.71
N ALA A 306 -37.75 -25.25 50.53
CA ALA A 306 -36.33 -25.34 50.78
C ALA A 306 -35.59 -24.39 49.86
N VAL A 307 -35.91 -24.46 48.56
CA VAL A 307 -35.28 -23.53 47.61
C VAL A 307 -35.59 -22.10 47.99
N ASN A 308 -36.84 -21.87 48.38
CA ASN A 308 -37.33 -20.55 48.69
C ASN A 308 -36.55 -19.96 49.84
N LYS A 309 -36.28 -20.76 50.87
CA LYS A 309 -35.45 -20.31 52.02
C LYS A 309 -34.08 -19.73 51.59
N ASP A 310 -33.39 -20.41 50.67
CA ASP A 310 -32.09 -19.95 50.21
C ASP A 310 -32.26 -18.70 49.37
N LYS A 311 -33.20 -18.74 48.41
CA LYS A 311 -33.51 -17.54 47.63
C LYS A 311 -34.93 -17.57 47.11
N PRO A 312 -35.76 -16.59 47.52
CA PRO A 312 -37.15 -16.61 47.09
C PRO A 312 -37.29 -16.80 45.60
N LEU A 313 -38.17 -17.70 45.22
CA LEU A 313 -38.50 -17.97 43.82
C LEU A 313 -39.42 -16.90 43.26
N GLY A 314 -40.11 -16.15 44.11
CA GLY A 314 -41.27 -15.40 43.67
C GLY A 314 -42.46 -16.34 43.41
N ALA A 315 -43.44 -15.87 42.63
CA ALA A 315 -44.67 -16.61 42.45
C ALA A 315 -44.35 -17.97 41.80
N VAL A 316 -44.93 -19.06 42.32
CA VAL A 316 -44.59 -20.41 41.80
C VAL A 316 -45.71 -21.06 40.95
N ALA A 317 -45.34 -22.11 40.25
CA ALA A 317 -46.29 -22.85 39.39
C ALA A 317 -47.16 -23.80 40.20
N LEU A 318 -46.60 -24.29 41.30
CA LEU A 318 -47.26 -25.25 42.16
C LEU A 318 -48.39 -24.62 42.95
N LYS A 319 -49.61 -24.78 42.46
CA LYS A 319 -50.81 -24.21 43.06
C LYS A 319 -50.74 -24.18 44.62
N SER A 320 -50.58 -25.36 45.20
CA SER A 320 -50.62 -25.52 46.66
C SER A 320 -49.68 -24.58 47.37
N TYR A 321 -48.44 -24.52 46.91
CA TYR A 321 -47.44 -23.66 47.58
C TYR A 321 -47.62 -22.22 47.17
N GLU A 322 -48.05 -21.98 45.93
CA GLU A 322 -48.35 -20.60 45.54
C GLU A 322 -49.36 -20.02 46.50
N GLU A 323 -50.40 -20.82 46.79
CA GLU A 323 -51.50 -20.39 47.64
C GLU A 323 -51.01 -20.01 49.04
N GLU A 324 -49.93 -20.65 49.50
CA GLU A 324 -49.21 -20.22 50.70
C GLU A 324 -48.50 -18.86 50.51
N LEU A 325 -47.66 -18.76 49.49
CA LEU A 325 -46.83 -17.57 49.28
C LEU A 325 -47.70 -16.34 49.11
N ALA A 326 -48.89 -16.54 48.55
CA ALA A 326 -49.85 -15.45 48.29
C ALA A 326 -50.11 -14.55 49.50
N LYS A 327 -49.75 -14.98 50.69
CA LYS A 327 -49.88 -14.14 51.86
C LYS A 327 -49.16 -12.82 51.59
N ASP A 328 -47.96 -12.90 51.03
CA ASP A 328 -47.27 -11.76 50.50
C ASP A 328 -48.08 -11.25 49.34
N PRO A 329 -48.85 -10.15 49.53
CA PRO A 329 -49.65 -9.64 48.40
C PRO A 329 -48.83 -9.28 47.15
N ARG A 330 -47.55 -8.98 47.29
CA ARG A 330 -46.73 -8.72 46.11
C ARG A 330 -46.65 -9.95 45.21
N ILE A 331 -46.54 -11.12 45.84
CA ILE A 331 -46.46 -12.36 45.10
C ILE A 331 -47.84 -12.72 44.56
N ALA A 332 -48.88 -12.25 45.22
CA ALA A 332 -50.25 -12.41 44.70
C ALA A 332 -50.40 -11.59 43.44
N ALA A 333 -49.89 -10.38 43.42
CA ALA A 333 -50.06 -9.48 42.28
C ALA A 333 -49.34 -10.09 41.09
N THR A 334 -48.06 -10.42 41.30
CA THR A 334 -47.26 -11.01 40.26
C THR A 334 -48.02 -12.06 39.49
N MET A 335 -48.52 -13.06 40.21
CA MET A 335 -49.31 -14.16 39.60
C MET A 335 -50.64 -13.70 39.01
N GLU A 336 -51.36 -12.83 39.71
CA GLU A 336 -52.58 -12.26 39.12
C GLU A 336 -52.23 -11.61 37.77
N ASN A 337 -51.15 -10.79 37.70
CA ASN A 337 -50.70 -10.22 36.44
C ASN A 337 -50.20 -11.26 35.42
N ALA A 338 -49.50 -12.29 35.89
CA ALA A 338 -49.04 -13.36 34.99
C ALA A 338 -50.22 -14.08 34.34
N GLN A 339 -51.25 -14.38 35.10
CA GLN A 339 -52.43 -15.09 34.57
C GLN A 339 -53.20 -14.24 33.59
N LYS A 340 -53.06 -12.91 33.66
CA LYS A 340 -53.69 -12.02 32.68
C LYS A 340 -52.73 -11.64 31.56
N GLY A 341 -51.53 -12.19 31.57
CA GLY A 341 -50.50 -11.86 30.58
C GLY A 341 -50.32 -12.90 29.49
N GLU A 342 -49.28 -12.71 28.67
CA GLU A 342 -49.03 -13.56 27.51
C GLU A 342 -47.71 -14.29 27.70
N ILE A 343 -47.77 -15.61 27.79
CA ILE A 343 -46.56 -16.40 27.89
C ILE A 343 -45.60 -15.96 26.76
N MET A 344 -44.33 -15.85 27.07
CA MET A 344 -43.36 -15.28 26.15
C MET A 344 -42.89 -16.38 25.21
N PRO A 345 -43.24 -16.30 23.92
CA PRO A 345 -43.01 -17.40 22.97
C PRO A 345 -41.58 -17.93 22.91
N ASN A 346 -41.43 -19.26 22.94
CA ASN A 346 -40.13 -19.89 23.04
C ASN A 346 -39.45 -20.15 21.73
N ILE A 347 -39.75 -19.36 20.72
CA ILE A 347 -39.30 -19.68 19.37
C ILE A 347 -38.25 -18.67 18.92
N PRO A 348 -37.17 -19.16 18.29
CA PRO A 348 -36.13 -18.34 17.70
C PRO A 348 -36.54 -16.98 17.16
N GLN A 349 -37.70 -16.90 16.52
CA GLN A 349 -38.16 -15.68 15.82
C GLN A 349 -38.57 -14.52 16.78
N MET A 350 -38.76 -14.87 18.05
CA MET A 350 -39.14 -13.89 19.06
C MET A 350 -38.04 -12.85 19.23
N SER A 351 -36.80 -13.18 18.93
CA SER A 351 -35.78 -12.16 19.04
C SER A 351 -35.87 -11.15 17.89
N ALA A 352 -36.43 -11.55 16.77
CA ALA A 352 -36.73 -10.58 15.70
C ALA A 352 -37.84 -9.67 16.20
N PHE A 353 -38.80 -10.26 16.92
CA PHE A 353 -39.91 -9.50 17.46
C PHE A 353 -39.43 -8.39 18.37
N TRP A 354 -38.55 -8.75 19.29
CA TRP A 354 -38.04 -7.78 20.23
C TRP A 354 -37.34 -6.65 19.49
N TYR A 355 -36.54 -7.05 18.49
CA TYR A 355 -35.70 -6.13 17.75
C TYR A 355 -36.60 -5.12 17.01
N ALA A 356 -37.60 -5.69 16.33
CA ALA A 356 -38.49 -4.90 15.49
C ALA A 356 -39.31 -3.97 16.36
N VAL A 357 -39.98 -4.58 17.34
CA VAL A 357 -40.93 -3.88 18.20
C VAL A 357 -40.22 -2.87 19.04
N ARG A 358 -38.97 -3.15 19.43
CA ARG A 358 -38.20 -2.16 20.14
C ARG A 358 -38.15 -0.86 19.35
N THR A 359 -37.69 -0.96 18.11
CA THR A 359 -37.47 0.22 17.27
C THR A 359 -38.79 0.88 16.91
N ALA A 360 -39.81 0.05 16.71
CA ALA A 360 -41.14 0.57 16.45
C ALA A 360 -41.54 1.61 17.52
N VAL A 361 -41.40 1.23 18.78
CA VAL A 361 -41.96 2.00 19.86
C VAL A 361 -41.17 3.27 20.10
N ILE A 362 -39.85 3.14 20.16
CA ILE A 362 -38.97 4.31 20.31
C ILE A 362 -39.32 5.37 19.26
N ASN A 363 -39.45 4.91 18.02
CA ASN A 363 -39.77 5.80 16.93
C ASN A 363 -41.12 6.41 17.14
N ALA A 364 -42.07 5.58 17.53
CA ALA A 364 -43.43 6.05 17.80
C ALA A 364 -43.41 7.12 18.86
N ALA A 365 -42.64 6.88 19.91
CA ALA A 365 -42.62 7.76 21.08
C ALA A 365 -41.87 9.07 20.84
N SER A 366 -40.78 9.00 20.09
CA SER A 366 -39.90 10.16 19.90
C SER A 366 -40.41 11.16 18.84
N GLY A 367 -41.51 10.83 18.17
CA GLY A 367 -42.06 11.69 17.13
C GLY A 367 -41.58 11.31 15.74
N ARG A 368 -40.46 10.62 15.69
CA ARG A 368 -39.89 10.16 14.44
C ARG A 368 -40.89 9.46 13.49
N GLN A 369 -41.97 8.90 14.04
CA GLN A 369 -43.01 8.25 13.23
C GLN A 369 -44.37 8.39 13.88
N THR A 370 -45.43 8.37 13.08
CA THR A 370 -46.77 8.22 13.63
C THR A 370 -46.91 6.80 14.09
N VAL A 371 -47.82 6.56 15.02
CA VAL A 371 -48.07 5.21 15.51
C VAL A 371 -48.30 4.30 14.33
N ASP A 372 -49.21 4.70 13.45
CA ASP A 372 -49.62 3.85 12.34
C ASP A 372 -48.48 3.37 11.47
N GLU A 373 -47.58 4.26 11.09
CA GLU A 373 -46.47 3.87 10.24
C GLU A 373 -45.44 3.04 11.03
N ALA A 374 -45.19 3.41 12.27
CA ALA A 374 -44.30 2.64 13.13
C ALA A 374 -44.76 1.18 13.24
N LEU A 375 -46.06 0.99 13.50
CA LEU A 375 -46.61 -0.35 13.70
C LEU A 375 -46.75 -1.10 12.39
N LYS A 376 -47.06 -0.39 11.31
CA LYS A 376 -47.18 -1.04 10.01
C LYS A 376 -45.84 -1.65 9.57
N ASP A 377 -44.75 -0.92 9.83
CA ASP A 377 -43.39 -1.38 9.47
C ASP A 377 -42.95 -2.61 10.26
N ALA A 378 -43.43 -2.77 11.49
CA ALA A 378 -43.05 -3.94 12.29
C ALA A 378 -43.26 -5.19 11.44
N GLN A 379 -44.37 -5.21 10.69
CA GLN A 379 -44.72 -6.34 9.82
C GLN A 379 -43.61 -6.65 8.81
N THR A 380 -43.01 -5.60 8.24
CA THR A 380 -41.91 -5.72 7.28
C THR A 380 -40.60 -6.05 7.98
N ARG A 381 -40.29 -5.23 8.98
CA ARG A 381 -38.99 -5.25 9.65
C ARG A 381 -38.74 -6.50 10.47
N ILE A 382 -39.81 -7.07 11.03
CA ILE A 382 -39.76 -8.36 11.74
C ILE A 382 -39.05 -9.43 10.90
N THR A 383 -39.07 -9.29 9.59
CA THR A 383 -38.54 -10.34 8.74
C THR A 383 -37.36 -9.90 7.87
N ALA A 384 -36.98 -8.61 7.93
CA ALA A 384 -35.73 -8.09 7.35
C ALA A 384 -34.63 -9.11 7.52
N ALA A 385 -34.35 -9.38 8.80
CA ALA A 385 -33.76 -10.62 9.29
C ALA A 385 -33.67 -11.63 8.18
N ARG A 386 -34.73 -12.40 7.96
CA ARG A 386 -34.63 -13.62 7.14
C ARG A 386 -34.94 -13.43 5.67
N ASP A 387 -35.83 -12.49 5.35
CA ASP A 387 -36.05 -12.02 3.97
C ASP A 387 -34.73 -11.65 3.27
N GLY A 388 -33.84 -10.98 4.01
CA GLY A 388 -32.52 -10.62 3.53
C GLY A 388 -31.59 -11.80 3.36
N LEU A 389 -31.55 -12.68 4.35
CA LEU A 389 -30.89 -13.99 4.24
C LEU A 389 -31.44 -14.82 3.10
N ARG A 390 -32.74 -14.73 2.86
CA ARG A 390 -33.35 -15.48 1.77
C ARG A 390 -32.85 -14.99 0.41
N ALA A 391 -32.70 -13.69 0.25
CA ALA A 391 -32.12 -13.12 -0.98
C ALA A 391 -30.71 -13.60 -1.19
N VAL A 392 -29.90 -13.65 -0.14
CA VAL A 392 -28.53 -14.17 -0.28
C VAL A 392 -28.52 -15.60 -0.82
N MSE A 393 -29.50 -16.41 -0.44
CA MSE A 393 -29.49 -17.80 -0.89
C MSE A 393 -30.11 -18.04 -2.26
O MSE A 393 -29.72 -18.99 -2.93
CB MSE A 393 -30.11 -18.69 0.17
CG MSE A 393 -29.26 -18.77 1.39
SE MSE A 393 -30.20 -19.56 2.89
CE MSE A 393 -31.87 -18.52 2.92
N GLU A 394 -31.06 -17.21 -2.66
CA GLU A 394 -31.54 -17.22 -4.03
C GLU A 394 -30.39 -16.82 -4.95
N ALA A 395 -29.71 -15.74 -4.57
CA ALA A 395 -28.55 -15.24 -5.30
C ALA A 395 -27.46 -16.27 -5.38
N ARG A 396 -27.30 -17.07 -4.33
CA ARG A 396 -26.37 -18.16 -4.39
C ARG A 396 -26.69 -19.09 -5.56
N ASN A 397 -27.99 -19.42 -5.74
CA ASN A 397 -28.44 -20.32 -6.80
C ASN A 397 -28.37 -19.68 -8.18
N VAL A 398 -28.86 -18.44 -8.27
CA VAL A 398 -28.71 -17.64 -9.50
C VAL A 398 -27.27 -17.65 -10.03
N THR A 399 -26.27 -17.61 -9.16
CA THR A 399 -24.88 -17.68 -9.62
C THR A 399 -24.53 -19.04 -10.19
N HIS A 400 -24.96 -20.12 -9.56
CA HIS A 400 -24.76 -21.47 -10.14
C HIS A 400 -25.31 -21.54 -11.56
N LEU A 401 -26.51 -21.01 -11.77
CA LEU A 401 -27.15 -20.99 -13.08
C LEU A 401 -26.36 -20.13 -14.04
N LEU A 402 -26.00 -18.94 -13.57
CA LEU A 402 -25.34 -17.96 -14.42
C LEU A 402 -23.89 -18.38 -14.74
N GLN A 403 -23.34 -19.27 -13.93
CA GLN A 403 -22.07 -19.89 -14.25
C GLN A 403 -22.25 -20.92 -15.36
N GLN A 404 -23.34 -21.68 -15.34
CA GLN A 404 -23.65 -22.68 -16.38
C GLN A 404 -23.78 -21.99 -17.73
N GLU A 405 -24.54 -20.90 -17.76
CA GLU A 405 -24.71 -20.12 -18.98
C GLU A 405 -23.35 -19.62 -19.51
N LEU A 406 -22.43 -19.32 -18.60
CA LEU A 406 -21.10 -18.90 -19.03
C LEU A 406 -20.35 -20.03 -19.72
N THR A 407 -20.47 -21.26 -19.22
CA THR A 407 -19.94 -22.41 -19.97
C THR A 407 -20.53 -22.41 -21.39
N GLU A 408 -21.86 -22.39 -21.47
CA GLU A 408 -22.58 -22.39 -22.76
C GLU A 408 -22.02 -21.33 -23.70
N ALA A 409 -21.85 -20.10 -23.22
CA ALA A 409 -21.26 -19.02 -24.07
C ALA A 409 -19.83 -19.35 -24.49
N GLN A 410 -19.05 -19.88 -23.54
CA GLN A 410 -17.69 -20.35 -23.83
C GLN A 410 -17.70 -21.30 -25.02
N LYS A 411 -18.48 -22.38 -24.98
CA LYS A 411 -18.47 -23.27 -26.15
C LYS A 411 -19.15 -22.63 -27.37
N GLY A 412 -20.10 -21.74 -27.16
CA GLY A 412 -20.63 -20.95 -28.28
C GLY A 412 -19.55 -20.23 -29.09
N PHE A 413 -18.54 -19.71 -28.39
CA PHE A 413 -17.45 -19.00 -29.06
C PHE A 413 -16.43 -19.94 -29.71
N GLN A 414 -16.12 -21.06 -29.06
CA GLN A 414 -15.20 -22.01 -29.65
C GLN A 414 -15.84 -22.54 -30.94
N ASP A 415 -17.14 -22.85 -30.84
CA ASP A 415 -17.92 -23.29 -31.98
C ASP A 415 -17.79 -22.32 -33.13
N VAL A 416 -18.23 -21.08 -32.90
CA VAL A 416 -18.25 -20.06 -33.93
C VAL A 416 -16.86 -19.90 -34.58
N GLU A 417 -15.81 -20.00 -33.77
CA GLU A 417 -14.44 -19.85 -34.26
C GLU A 417 -14.06 -21.03 -35.15
N ALA A 418 -14.49 -22.22 -34.77
CA ALA A 418 -14.25 -23.42 -35.57
C ALA A 418 -15.02 -23.35 -36.86
N GLN A 419 -16.29 -22.98 -36.78
CA GLN A 419 -17.10 -22.99 -37.99
C GLN A 419 -16.84 -21.79 -38.88
N ALA A 420 -16.00 -20.86 -38.44
CA ALA A 420 -15.48 -19.84 -39.38
C ALA A 420 -14.39 -20.45 -40.28
N ALA A 421 -13.47 -21.22 -39.67
CA ALA A 421 -12.46 -21.94 -40.46
C ALA A 421 -13.13 -22.83 -41.51
N THR A 422 -14.05 -23.71 -41.12
CA THR A 422 -14.74 -24.51 -42.12
C THR A 422 -15.26 -23.56 -43.22
N ALA A 423 -16.02 -22.55 -42.88
CA ALA A 423 -16.60 -21.65 -43.93
C ALA A 423 -15.52 -21.11 -44.85
N ASN A 424 -14.44 -20.55 -44.32
CA ASN A 424 -13.39 -20.02 -45.19
C ASN A 424 -12.81 -21.06 -46.14
N HIS A 425 -12.51 -22.24 -45.60
CA HIS A 425 -11.98 -23.35 -46.42
C HIS A 425 -13.02 -23.86 -47.39
N THR A 426 -14.26 -23.97 -46.93
CA THR A 426 -15.33 -24.42 -47.81
C THR A 426 -15.54 -23.48 -49.00
N VAL A 427 -15.37 -22.18 -48.80
CA VAL A 427 -15.57 -21.25 -49.92
C VAL A 427 -14.69 -21.65 -51.10
N MSE A 428 -13.48 -22.08 -50.80
CA MSE A 428 -12.48 -22.35 -51.81
C MSE A 428 -12.62 -23.74 -52.32
O MSE A 428 -12.53 -23.97 -53.52
CB MSE A 428 -11.12 -22.09 -51.22
CG MSE A 428 -11.02 -20.69 -50.76
SE MSE A 428 -9.85 -19.61 -51.87
CE MSE A 428 -8.16 -20.29 -51.06
N ALA A 429 -12.84 -24.70 -51.44
CA ALA A 429 -13.13 -26.07 -51.88
C ALA A 429 -14.18 -26.03 -52.99
N LEU A 430 -15.28 -25.33 -52.71
CA LEU A 430 -16.37 -25.17 -53.65
C LEU A 430 -15.98 -24.51 -54.94
N MSE A 431 -15.11 -23.51 -54.87
CA MSE A 431 -14.66 -22.89 -56.13
C MSE A 431 -13.90 -23.88 -57.03
O MSE A 431 -14.10 -23.90 -58.25
CB MSE A 431 -13.81 -21.68 -55.80
CG MSE A 431 -14.67 -20.47 -55.47
SE MSE A 431 -13.65 -18.88 -54.91
CE MSE A 431 -15.09 -17.74 -54.23
N ALA A 432 -13.03 -24.67 -56.42
CA ALA A 432 -12.28 -25.70 -57.14
C ALA A 432 -13.26 -26.70 -57.68
N SER A 433 -14.17 -27.14 -56.83
CA SER A 433 -15.14 -28.12 -57.28
C SER A 433 -15.96 -27.60 -58.47
N LEU A 434 -16.33 -26.34 -58.43
CA LEU A 434 -17.11 -25.75 -59.49
C LEU A 434 -16.38 -25.90 -60.82
N ASP A 435 -15.07 -25.73 -60.79
CA ASP A 435 -14.25 -25.82 -61.98
C ASP A 435 -13.98 -27.21 -62.34
N ALA A 436 -13.71 -28.06 -61.36
CA ALA A 436 -13.60 -29.51 -61.64
C ALA A 436 -14.85 -30.04 -62.34
N GLU A 437 -15.98 -29.93 -61.66
CA GLU A 437 -17.25 -30.46 -62.21
C GLU A 437 -17.78 -29.34 -63.09
N LYS A 438 -17.46 -29.40 -64.37
CA LYS A 438 -17.69 -28.31 -65.34
C LYS A 438 -16.70 -28.57 -66.47
N ALA A 439 -15.44 -28.74 -66.08
CA ALA A 439 -14.44 -29.33 -66.94
C ALA A 439 -14.72 -30.80 -67.09
N GLN A 440 -14.94 -31.52 -65.98
CA GLN A 440 -15.34 -32.93 -66.13
C GLN A 440 -16.60 -33.00 -66.95
N GLY A 441 -17.48 -32.02 -66.74
CA GLY A 441 -18.72 -31.90 -67.49
C GLY A 441 -18.52 -31.95 -68.99
N GLN A 442 -17.84 -30.95 -69.54
CA GLN A 442 -17.68 -30.82 -71.00
C GLN A 442 -16.87 -31.94 -71.59
N LYS A 443 -15.99 -32.55 -70.81
CA LYS A 443 -15.13 -33.59 -71.32
C LYS A 443 -15.91 -34.86 -71.60
N LYS A 444 -16.87 -35.14 -70.73
CA LYS A 444 -17.81 -36.23 -70.96
C LYS A 444 -18.77 -35.90 -72.10
N VAL A 445 -19.18 -34.63 -72.18
CA VAL A 445 -20.08 -34.22 -73.24
C VAL A 445 -19.42 -34.35 -74.58
N GLU A 446 -18.20 -33.89 -74.73
CA GLU A 446 -17.62 -33.95 -76.07
C GLU A 446 -17.30 -35.41 -76.44
N GLU A 447 -16.95 -36.25 -75.47
CA GLU A 447 -16.82 -37.69 -75.74
C GLU A 447 -18.11 -38.23 -76.31
N LEU A 448 -19.20 -38.02 -75.61
CA LEU A 448 -20.50 -38.47 -76.12
C LEU A 448 -20.81 -37.85 -77.47
N GLU A 449 -20.53 -36.54 -77.60
CA GLU A 449 -20.85 -35.80 -78.83
C GLU A 449 -20.00 -36.34 -79.99
N GLY A 450 -18.86 -36.93 -79.66
CA GLY A 450 -18.02 -37.59 -80.62
C GLY A 450 -18.59 -38.93 -81.08
N GLU A 451 -19.11 -39.72 -80.14
CA GLU A 451 -19.75 -40.97 -80.48
C GLU A 451 -20.93 -40.72 -81.41
N ILE A 452 -21.61 -39.59 -81.19
CA ILE A 452 -22.74 -39.24 -82.03
C ILE A 452 -22.33 -39.06 -83.48
N THR A 453 -21.34 -38.19 -83.74
CA THR A 453 -20.95 -37.98 -85.14
C THR A 453 -20.52 -39.35 -85.76
N THR A 454 -19.76 -40.16 -85.03
CA THR A 454 -19.34 -41.45 -85.57
C THR A 454 -20.57 -42.31 -85.95
N LEU A 455 -21.60 -42.33 -85.10
CA LEU A 455 -22.81 -43.09 -85.43
C LEU A 455 -23.54 -42.39 -86.57
N ASN A 456 -23.66 -41.08 -86.50
CA ASN A 456 -24.23 -40.34 -87.62
C ASN A 456 -23.61 -40.72 -88.95
N HIS A 457 -22.29 -40.88 -88.94
CA HIS A 457 -21.58 -41.27 -90.14
C HIS A 457 -21.78 -42.74 -90.48
N LYS A 458 -21.89 -43.61 -89.49
CA LYS A 458 -22.20 -45.02 -89.79
C LYS A 458 -23.56 -45.11 -90.48
N LEU A 459 -24.58 -44.52 -89.87
CA LEU A 459 -25.93 -44.59 -90.42
C LEU A 459 -25.99 -44.00 -91.80
N GLN A 460 -25.36 -42.86 -92.00
CA GLN A 460 -25.26 -42.27 -93.34
C GLN A 460 -24.72 -43.33 -94.36
N ASP A 461 -23.68 -44.05 -93.99
CA ASP A 461 -22.97 -44.96 -94.88
C ASP A 461 -23.75 -46.23 -95.16
N ALA A 462 -24.53 -46.65 -94.18
CA ALA A 462 -25.42 -47.76 -94.36
C ALA A 462 -26.57 -47.30 -95.23
N SER A 463 -27.11 -46.13 -94.94
CA SER A 463 -28.27 -45.62 -95.66
C SER A 463 -27.94 -45.36 -97.13
N ALA A 464 -26.70 -44.95 -97.36
CA ALA A 464 -26.22 -44.72 -98.72
C ALA A 464 -26.06 -46.02 -99.46
N GLU A 465 -25.82 -47.11 -98.75
CA GLU A 465 -25.72 -48.44 -99.39
C GLU A 465 -27.08 -48.97 -99.78
N VAL A 466 -28.07 -48.92 -98.89
CA VAL A 466 -29.38 -49.45 -99.27
C VAL A 466 -29.88 -48.74 -100.51
N GLU A 467 -29.70 -47.42 -100.60
CA GLU A 467 -30.14 -46.72 -101.79
C GLU A 467 -29.45 -47.25 -103.03
N ARG A 468 -28.18 -47.60 -102.93
CA ARG A 468 -27.45 -48.16 -104.06
C ARG A 468 -28.00 -49.49 -104.46
N LEU A 469 -28.18 -50.35 -103.46
CA LEU A 469 -28.57 -51.72 -103.67
C LEU A 469 -30.04 -51.86 -104.11
N ARG A 470 -30.93 -51.05 -103.55
CA ARG A 470 -32.35 -51.12 -103.89
C ARG A 470 -32.62 -50.60 -105.32
N ARG A 471 -31.79 -49.66 -105.77
CA ARG A 471 -31.96 -49.03 -107.08
C ARG A 471 -31.55 -49.94 -108.24
N GLU B 18 4.69 -49.68 -38.48
CA GLU B 18 6.12 -49.88 -38.15
C GLU B 18 6.80 -50.79 -39.17
N GLY B 19 7.87 -50.30 -39.80
CA GLY B 19 8.56 -51.02 -40.88
C GLY B 19 8.08 -50.65 -42.27
N LYS B 20 6.96 -49.92 -42.35
CA LYS B 20 6.39 -49.45 -43.63
C LYS B 20 5.83 -48.03 -43.51
N LEU B 21 5.62 -47.37 -44.66
CA LEU B 21 5.11 -45.99 -44.71
C LEU B 21 3.71 -45.91 -45.31
N VAL B 22 2.79 -45.32 -44.57
CA VAL B 22 1.46 -45.00 -45.08
C VAL B 22 1.34 -43.49 -45.24
N ILE B 23 0.87 -43.06 -46.41
CA ILE B 23 0.80 -41.65 -46.77
C ILE B 23 -0.59 -41.22 -47.20
N TRP B 24 -1.01 -40.06 -46.71
CA TRP B 24 -2.30 -39.52 -47.05
C TRP B 24 -2.15 -38.29 -47.93
N ILE B 25 -2.83 -38.32 -49.08
CA ILE B 25 -2.91 -37.19 -49.98
C ILE B 25 -4.36 -37.03 -50.41
N ASN B 26 -4.78 -35.81 -50.76
CA ASN B 26 -6.18 -35.61 -51.13
C ASN B 26 -6.48 -36.26 -52.48
N GLY B 27 -7.76 -36.56 -52.71
CA GLY B 27 -8.21 -37.22 -53.94
C GLY B 27 -8.06 -36.45 -55.24
N ASP B 28 -7.90 -35.13 -55.15
CA ASP B 28 -7.78 -34.29 -56.35
C ASP B 28 -6.32 -34.12 -56.72
N LYS B 29 -5.44 -34.96 -56.18
CA LYS B 29 -4.01 -34.92 -56.52
C LYS B 29 -3.66 -36.20 -57.25
N GLY B 30 -2.44 -36.27 -57.75
CA GLY B 30 -1.98 -37.45 -58.47
C GLY B 30 -1.48 -38.51 -57.53
N TYR B 31 -2.41 -39.20 -56.85
CA TYR B 31 -2.05 -40.24 -55.90
C TYR B 31 -1.42 -41.46 -56.56
N ASN B 32 -1.92 -41.83 -57.74
CA ASN B 32 -1.34 -42.95 -58.48
C ASN B 32 0.09 -42.57 -58.85
N GLY B 33 0.25 -41.39 -59.43
CA GLY B 33 1.57 -40.83 -59.73
C GLY B 33 2.52 -40.92 -58.54
N LEU B 34 2.00 -40.57 -57.36
CA LEU B 34 2.77 -40.67 -56.13
C LEU B 34 3.03 -42.14 -55.72
N ALA B 35 2.04 -43.01 -55.91
CA ALA B 35 2.23 -44.45 -55.64
C ALA B 35 3.40 -45.00 -56.46
N GLU B 36 3.50 -44.57 -57.72
CA GLU B 36 4.60 -44.97 -58.60
C GLU B 36 5.92 -44.66 -57.92
N VAL B 37 6.03 -43.47 -57.35
CA VAL B 37 7.23 -43.09 -56.61
C VAL B 37 7.38 -44.00 -55.41
N GLY B 38 6.26 -44.35 -54.79
CA GLY B 38 6.23 -45.33 -53.71
C GLY B 38 6.77 -46.68 -54.10
N LYS B 39 6.45 -47.13 -55.30
CA LYS B 39 6.94 -48.41 -55.79
C LYS B 39 8.44 -48.38 -56.07
N LYS B 40 8.95 -47.24 -56.52
CA LYS B 40 10.39 -47.12 -56.80
C LYS B 40 11.15 -47.22 -55.48
N PHE B 41 10.54 -46.69 -54.44
CA PHE B 41 11.08 -46.74 -53.09
C PHE B 41 11.01 -48.15 -52.52
N GLU B 42 9.87 -48.80 -52.76
CA GLU B 42 9.62 -50.19 -52.31
C GLU B 42 10.66 -51.13 -52.91
N LYS B 43 10.97 -50.92 -54.18
CA LYS B 43 12.00 -51.70 -54.85
C LYS B 43 13.36 -51.46 -54.18
N ASP B 44 13.77 -50.20 -54.07
CA ASP B 44 15.13 -49.85 -53.65
C ASP B 44 15.48 -50.14 -52.19
N THR B 45 14.50 -50.16 -51.30
CA THR B 45 14.76 -50.43 -49.88
C THR B 45 13.94 -51.58 -49.30
N GLY B 46 13.03 -52.15 -50.07
CA GLY B 46 12.19 -53.25 -49.59
C GLY B 46 11.02 -52.82 -48.74
N ILE B 47 10.88 -51.50 -48.53
CA ILE B 47 9.83 -50.93 -47.68
C ILE B 47 8.57 -50.68 -48.50
N LYS B 48 7.48 -51.38 -48.19
CA LYS B 48 6.22 -51.18 -48.93
C LYS B 48 5.59 -49.86 -48.52
N VAL B 49 5.26 -49.05 -49.52
CA VAL B 49 4.63 -47.75 -49.29
C VAL B 49 3.18 -47.81 -49.77
N THR B 50 2.25 -47.47 -48.89
CA THR B 50 0.83 -47.46 -49.26
C THR B 50 0.37 -46.01 -49.28
N VAL B 51 -0.35 -45.63 -50.33
CA VAL B 51 -0.83 -44.25 -50.52
C VAL B 51 -2.34 -44.25 -50.43
N GLU B 52 -2.91 -43.34 -49.65
CA GLU B 52 -4.37 -43.30 -49.47
C GLU B 52 -4.94 -41.91 -49.66
N HIS B 53 -6.20 -41.86 -50.08
CA HIS B 53 -6.97 -40.62 -50.15
C HIS B 53 -8.33 -40.83 -49.50
N PRO B 54 -8.35 -40.87 -48.16
CA PRO B 54 -9.59 -41.05 -47.42
C PRO B 54 -10.44 -39.77 -47.40
N ASP B 55 -11.72 -39.91 -47.08
CA ASP B 55 -12.68 -38.81 -47.12
C ASP B 55 -12.40 -37.77 -46.02
N LYS B 56 -12.51 -36.50 -46.39
CA LYS B 56 -12.12 -35.36 -45.54
C LYS B 56 -11.04 -35.74 -44.53
N LEU B 57 -9.82 -35.88 -45.04
CA LEU B 57 -8.67 -36.33 -44.24
C LEU B 57 -8.01 -35.22 -43.43
N GLU B 58 -8.25 -33.98 -43.80
CA GLU B 58 -7.75 -32.86 -43.00
C GLU B 58 -8.45 -32.84 -41.63
N GLU B 59 -9.75 -33.14 -41.62
CA GLU B 59 -10.52 -33.25 -40.39
C GLU B 59 -10.18 -34.53 -39.65
N LYS B 60 -9.88 -35.59 -40.42
CA LYS B 60 -9.55 -36.89 -39.85
C LYS B 60 -8.16 -36.98 -39.22
N PHE B 61 -7.25 -36.12 -39.63
CA PHE B 61 -5.86 -36.24 -39.18
C PHE B 61 -5.64 -36.07 -37.66
N PRO B 62 -6.10 -34.93 -37.08
CA PRO B 62 -5.86 -34.69 -35.65
C PRO B 62 -6.45 -35.75 -34.70
N GLN B 63 -7.38 -36.55 -35.23
CA GLN B 63 -8.05 -37.58 -34.46
C GLN B 63 -7.28 -38.90 -34.42
N VAL B 64 -6.57 -39.23 -35.49
CA VAL B 64 -5.81 -40.50 -35.57
C VAL B 64 -4.33 -40.38 -35.17
N ALA B 65 -3.74 -39.20 -35.38
CA ALA B 65 -2.35 -38.96 -34.99
C ALA B 65 -2.16 -38.93 -33.47
N ALA B 66 -3.17 -38.40 -32.76
CA ALA B 66 -3.15 -38.26 -31.30
C ALA B 66 -3.37 -39.57 -30.53
N THR B 67 -3.62 -40.67 -31.26
CA THR B 67 -3.51 -42.03 -30.71
C THR B 67 -2.63 -42.88 -31.66
N GLY B 68 -1.39 -42.45 -31.82
CA GLY B 68 -0.36 -43.18 -32.55
C GLY B 68 -0.78 -43.86 -33.85
N ASP B 69 -1.87 -43.38 -34.46
CA ASP B 69 -2.43 -44.00 -35.67
C ASP B 69 -2.40 -43.11 -36.92
N GLY B 70 -3.00 -43.60 -37.99
CA GLY B 70 -3.14 -42.83 -39.20
C GLY B 70 -1.85 -42.86 -39.99
N PRO B 71 -1.60 -41.81 -40.79
CA PRO B 71 -0.51 -41.80 -41.74
C PRO B 71 0.82 -41.42 -41.13
N ASP B 72 1.89 -41.97 -41.69
CA ASP B 72 3.24 -41.57 -41.33
C ASP B 72 3.55 -40.23 -41.94
N ILE B 73 2.94 -39.95 -43.09
CA ILE B 73 3.09 -38.66 -43.72
C ILE B 73 1.80 -38.17 -44.39
N ILE B 74 1.52 -36.88 -44.26
CA ILE B 74 0.32 -36.26 -44.80
C ILE B 74 0.62 -35.06 -45.73
N PHE B 75 0.01 -35.08 -46.91
CA PHE B 75 0.12 -34.00 -47.86
C PHE B 75 -1.10 -33.11 -47.75
N TRP B 76 -0.89 -31.83 -47.51
CA TRP B 76 -2.00 -30.87 -47.45
C TRP B 76 -1.53 -29.43 -47.63
N ALA B 77 -2.49 -28.53 -47.81
CA ALA B 77 -2.21 -27.08 -47.83
C ALA B 77 -1.51 -26.67 -46.56
N HIS B 78 -0.41 -25.95 -46.69
CA HIS B 78 0.41 -25.55 -45.55
C HIS B 78 -0.32 -24.82 -44.42
N ASP B 79 -1.40 -24.13 -44.74
CA ASP B 79 -2.11 -23.36 -43.71
C ASP B 79 -2.75 -24.21 -42.58
N ARG B 80 -3.28 -25.39 -42.90
CA ARG B 80 -3.82 -26.30 -41.87
C ARG B 80 -2.74 -26.82 -40.90
N PHE B 81 -1.47 -26.65 -41.27
CA PHE B 81 -0.34 -27.24 -40.56
C PHE B 81 0.07 -26.50 -39.29
N GLY B 82 -0.10 -25.18 -39.26
CA GLY B 82 0.22 -24.43 -38.06
C GLY B 82 -0.74 -24.81 -36.94
N GLY B 83 -1.97 -25.14 -37.31
CA GLY B 83 -2.95 -25.68 -36.38
C GLY B 83 -2.54 -27.04 -35.85
N TYR B 84 -1.94 -27.87 -36.71
CA TYR B 84 -1.48 -29.19 -36.28
C TYR B 84 -0.23 -29.09 -35.40
N ALA B 85 0.67 -28.17 -35.73
CA ALA B 85 1.90 -28.00 -34.94
C ALA B 85 1.59 -27.44 -33.56
N GLN B 86 0.57 -26.60 -33.48
CA GLN B 86 0.10 -26.02 -32.22
C GLN B 86 -0.32 -27.12 -31.25
N SER B 87 -0.85 -28.21 -31.79
CA SER B 87 -1.19 -29.41 -31.03
C SER B 87 -0.03 -30.44 -31.07
N GLY B 88 1.19 -29.95 -31.23
CA GLY B 88 2.39 -30.78 -31.37
C GLY B 88 2.25 -32.06 -32.19
N LEU B 89 1.34 -32.10 -33.15
CA LEU B 89 1.03 -33.33 -33.90
C LEU B 89 2.09 -33.70 -34.93
N LEU B 90 2.86 -32.71 -35.39
CA LEU B 90 3.82 -32.94 -36.48
C LEU B 90 5.25 -33.04 -35.96
N ALA B 91 6.03 -33.92 -36.60
CA ALA B 91 7.44 -34.04 -36.31
C ALA B 91 8.19 -32.85 -36.88
N GLU B 92 9.18 -32.37 -36.13
CA GLU B 92 10.10 -31.34 -36.61
C GLU B 92 11.01 -32.00 -37.63
N ILE B 93 11.19 -31.36 -38.79
CA ILE B 93 12.01 -31.94 -39.86
C ILE B 93 13.41 -31.35 -39.88
N THR B 94 14.38 -32.16 -40.28
CA THR B 94 15.79 -31.76 -40.27
C THR B 94 16.45 -32.08 -41.60
N PRO B 95 16.38 -31.15 -42.55
CA PRO B 95 17.01 -31.24 -43.85
C PRO B 95 18.27 -30.39 -43.89
N ASP B 96 19.41 -31.00 -44.23
CA ASP B 96 20.66 -30.25 -44.28
C ASP B 96 20.56 -29.14 -45.33
N LYS B 97 21.33 -28.08 -45.13
CA LYS B 97 21.15 -26.85 -45.93
C LYS B 97 21.30 -27.10 -47.43
N ALA B 98 22.16 -28.03 -47.81
CA ALA B 98 22.28 -28.43 -49.23
C ALA B 98 20.91 -28.73 -49.80
N PHE B 99 20.12 -29.52 -49.06
CA PHE B 99 18.75 -29.81 -49.47
C PHE B 99 17.85 -28.60 -49.40
N GLN B 100 18.06 -27.72 -48.42
CA GLN B 100 17.26 -26.50 -48.33
C GLN B 100 17.45 -25.57 -49.54
N ASP B 101 18.60 -25.62 -50.18
CA ASP B 101 18.81 -24.79 -51.36
C ASP B 101 18.28 -25.40 -52.66
N LYS B 102 17.73 -26.61 -52.59
CA LYS B 102 17.08 -27.22 -53.76
C LYS B 102 15.68 -26.65 -54.02
N LEU B 103 15.04 -26.18 -52.95
CA LEU B 103 13.74 -25.52 -53.03
C LEU B 103 13.87 -23.99 -52.91
N TYR B 104 12.84 -23.29 -53.36
CA TYR B 104 12.84 -21.85 -53.28
C TYR B 104 12.76 -21.37 -51.82
N PRO B 105 13.69 -20.50 -51.43
CA PRO B 105 13.70 -19.92 -50.10
C PRO B 105 12.30 -19.67 -49.55
N PHE B 106 11.54 -18.86 -50.28
CA PHE B 106 10.26 -18.37 -49.80
C PHE B 106 9.29 -19.52 -49.47
N THR B 107 9.46 -20.68 -50.08
CA THR B 107 8.56 -21.79 -49.80
C THR B 107 8.75 -22.33 -48.40
N TRP B 108 9.98 -22.36 -47.91
CA TRP B 108 10.22 -22.79 -46.54
C TRP B 108 9.45 -21.94 -45.50
N ASP B 109 9.39 -20.63 -45.72
CA ASP B 109 8.61 -19.75 -44.83
C ASP B 109 7.17 -20.19 -44.66
N ALA B 110 6.65 -20.99 -45.58
CA ALA B 110 5.27 -21.47 -45.47
C ALA B 110 5.19 -22.71 -44.58
N VAL B 111 6.33 -23.23 -44.17
CA VAL B 111 6.38 -24.41 -43.32
C VAL B 111 7.24 -24.17 -42.07
N ARG B 112 7.03 -23.03 -41.41
CA ARG B 112 7.62 -22.77 -40.09
C ARG B 112 6.55 -22.50 -39.07
N TYR B 113 6.85 -22.84 -37.82
CA TYR B 113 5.98 -22.56 -36.67
C TYR B 113 6.90 -22.36 -35.47
N ASN B 114 6.95 -21.14 -34.95
CA ASN B 114 7.86 -20.78 -33.87
C ASN B 114 9.34 -21.06 -34.21
N GLY B 115 9.72 -20.87 -35.46
CA GLY B 115 11.09 -21.09 -35.90
C GLY B 115 11.43 -22.53 -36.24
N LYS B 116 10.55 -23.48 -35.89
CA LYS B 116 10.76 -24.89 -36.21
C LYS B 116 10.19 -25.22 -37.59
N LEU B 117 11.00 -25.83 -38.45
CA LEU B 117 10.48 -26.33 -39.73
C LEU B 117 9.68 -27.60 -39.51
N ILE B 118 8.46 -27.64 -40.02
CA ILE B 118 7.50 -28.69 -39.67
C ILE B 118 6.95 -29.51 -40.85
N ALA B 119 7.27 -29.10 -42.08
CA ALA B 119 6.89 -29.86 -43.28
C ALA B 119 7.67 -29.46 -44.53
N TYR B 120 7.67 -30.37 -45.51
CA TYR B 120 8.38 -30.19 -46.78
C TYR B 120 7.46 -29.55 -47.81
N PRO B 121 7.88 -28.42 -48.40
CA PRO B 121 7.08 -27.82 -49.45
C PRO B 121 7.12 -28.64 -50.72
N ILE B 122 5.99 -28.76 -51.41
CA ILE B 122 5.88 -29.51 -52.66
C ILE B 122 5.49 -28.61 -53.87
N ALA B 123 4.31 -28.01 -53.79
CA ALA B 123 3.73 -27.24 -54.88
C ALA B 123 3.47 -25.82 -54.42
N VAL B 124 3.32 -24.94 -55.38
CA VAL B 124 3.01 -23.57 -55.07
C VAL B 124 1.89 -23.10 -55.96
N GLU B 125 0.94 -22.41 -55.38
CA GLU B 125 -0.29 -22.00 -56.06
C GLU B 125 -0.51 -20.51 -55.79
N ALA B 126 -1.00 -19.77 -56.79
CA ALA B 126 -1.18 -18.30 -56.67
C ALA B 126 -2.01 -17.70 -57.83
N LEU B 127 -2.75 -16.65 -57.55
CA LEU B 127 -3.58 -16.07 -58.58
C LEU B 127 -2.67 -15.45 -59.60
N SER B 128 -3.19 -15.37 -60.83
CA SER B 128 -2.51 -14.75 -61.94
C SER B 128 -3.54 -14.00 -62.78
N LEU B 129 -3.06 -13.08 -63.62
CA LEU B 129 -3.94 -12.34 -64.50
C LEU B 129 -4.23 -13.26 -65.64
N ILE B 130 -5.48 -13.39 -66.03
CA ILE B 130 -5.85 -14.23 -67.17
C ILE B 130 -6.52 -13.36 -68.17
N TYR B 131 -6.15 -13.52 -69.44
CA TYR B 131 -6.61 -12.58 -70.48
C TYR B 131 -6.84 -13.26 -71.83
N ASN B 132 -7.78 -12.69 -72.58
CA ASN B 132 -8.14 -13.14 -73.92
C ASN B 132 -7.18 -12.51 -74.93
N LYS B 133 -6.32 -13.35 -75.51
CA LYS B 133 -5.34 -12.92 -76.48
C LYS B 133 -5.95 -12.18 -77.67
N ASP B 134 -7.09 -12.70 -78.15
CA ASP B 134 -7.77 -12.15 -79.33
C ASP B 134 -8.32 -10.74 -79.04
N LEU B 135 -9.03 -10.58 -77.92
CA LEU B 135 -9.55 -9.28 -77.52
C LEU B 135 -8.45 -8.34 -77.07
N LEU B 136 -7.43 -8.88 -76.42
CA LEU B 136 -6.37 -8.07 -75.84
C LEU B 136 -5.03 -8.79 -75.91
N PRO B 137 -4.30 -8.61 -77.02
CA PRO B 137 -3.04 -9.34 -77.18
C PRO B 137 -1.92 -8.85 -76.27
N ASN B 138 -2.02 -7.61 -75.77
CA ASN B 138 -1.00 -7.00 -74.89
C ASN B 138 -1.58 -6.55 -73.54
N PRO B 139 -1.83 -7.51 -72.63
CA PRO B 139 -2.48 -7.19 -71.37
C PRO B 139 -1.71 -6.12 -70.67
N PRO B 140 -2.39 -5.27 -69.87
CA PRO B 140 -1.74 -4.08 -69.28
C PRO B 140 -0.90 -4.49 -68.13
N LYS B 141 0.06 -3.66 -67.78
CA LYS B 141 0.92 -3.95 -66.64
C LYS B 141 0.49 -3.24 -65.39
N THR B 142 -0.45 -2.32 -65.49
CA THR B 142 -0.72 -1.49 -64.38
C THR B 142 -2.20 -1.32 -64.23
N TRP B 143 -2.66 -1.47 -63.00
CA TRP B 143 -4.05 -1.26 -62.65
C TRP B 143 -4.44 0.07 -63.18
N GLU B 144 -3.56 1.04 -63.05
CA GLU B 144 -3.88 2.41 -63.40
C GLU B 144 -4.45 2.59 -64.81
N GLU B 145 -3.97 1.80 -65.74
CA GLU B 145 -4.44 1.92 -67.13
C GLU B 145 -5.75 1.14 -67.42
N ILE B 146 -6.27 0.36 -66.48
CA ILE B 146 -7.50 -0.42 -66.73
C ILE B 146 -8.77 0.40 -66.98
N PRO B 147 -9.00 1.46 -66.19
CA PRO B 147 -10.14 2.31 -66.52
C PRO B 147 -10.17 2.66 -68.03
N ALA B 148 -9.17 3.40 -68.50
CA ALA B 148 -9.09 3.78 -69.92
C ALA B 148 -9.29 2.55 -70.84
N LEU B 149 -8.68 1.44 -70.51
CA LEU B 149 -8.85 0.23 -71.30
C LEU B 149 -10.29 -0.23 -71.38
N ASP B 150 -11.04 -0.08 -70.29
CA ASP B 150 -12.43 -0.50 -70.26
C ASP B 150 -13.28 0.45 -71.10
N LYS B 151 -13.04 1.75 -70.99
CA LYS B 151 -13.77 2.75 -71.80
C LYS B 151 -13.63 2.41 -73.28
N GLU B 152 -12.50 1.83 -73.64
CA GLU B 152 -12.24 1.46 -75.04
C GLU B 152 -13.07 0.29 -75.43
N LEU B 153 -12.97 -0.78 -74.64
CA LEU B 153 -13.64 -2.02 -74.94
C LEU B 153 -15.16 -1.90 -74.77
N LYS B 154 -15.61 -1.01 -73.90
CA LYS B 154 -17.04 -0.78 -73.72
C LYS B 154 -17.67 -0.25 -75.01
N ALA B 155 -16.89 0.55 -75.75
CA ALA B 155 -17.31 1.07 -77.05
C ALA B 155 -17.45 -0.02 -78.12
N LYS B 156 -16.97 -1.24 -77.85
CA LYS B 156 -17.30 -2.41 -78.68
C LYS B 156 -17.89 -3.54 -77.85
N GLY B 157 -18.69 -3.17 -76.86
CA GLY B 157 -19.53 -4.12 -76.14
C GLY B 157 -18.82 -5.16 -75.31
N LYS B 158 -17.62 -4.84 -74.83
CA LYS B 158 -16.85 -5.72 -73.97
C LYS B 158 -16.44 -4.96 -72.72
N SER B 159 -15.99 -5.72 -71.70
CA SER B 159 -15.43 -5.11 -70.49
C SER B 159 -13.97 -5.51 -70.38
N ALA B 160 -13.19 -4.64 -69.74
CA ALA B 160 -11.75 -4.88 -69.58
C ALA B 160 -11.55 -6.05 -68.61
N LEU B 161 -12.14 -5.93 -67.42
CA LEU B 161 -11.86 -6.86 -66.33
C LEU B 161 -13.10 -7.25 -65.53
N MET B 162 -13.18 -8.53 -65.21
CA MET B 162 -14.21 -9.03 -64.29
C MET B 162 -13.64 -10.19 -63.47
N PHE B 163 -13.59 -10.00 -62.17
CA PHE B 163 -13.14 -11.05 -61.27
C PHE B 163 -13.92 -10.99 -59.98
N ASN B 164 -13.76 -12.03 -59.17
CA ASN B 164 -14.57 -12.25 -57.98
C ASN B 164 -14.30 -11.23 -56.87
N LEU B 165 -15.21 -10.28 -56.66
CA LEU B 165 -15.03 -9.24 -55.67
C LEU B 165 -15.64 -9.53 -54.28
N GLN B 166 -16.50 -10.55 -54.24
CA GLN B 166 -17.15 -10.97 -53.00
C GLN B 166 -16.16 -11.50 -52.00
N GLU B 167 -15.05 -12.03 -52.47
CA GLU B 167 -14.10 -12.72 -51.60
C GLU B 167 -12.76 -11.93 -51.49
N PRO B 168 -12.14 -11.97 -50.33
CA PRO B 168 -10.94 -11.21 -50.16
C PRO B 168 -9.74 -11.85 -50.83
N TYR B 169 -9.69 -13.16 -50.83
CA TYR B 169 -8.60 -13.87 -51.51
C TYR B 169 -8.29 -13.30 -52.91
N PHE B 170 -9.33 -12.83 -53.60
CA PHE B 170 -9.21 -12.30 -54.93
C PHE B 170 -9.01 -10.80 -54.94
N THR B 171 -9.50 -10.09 -53.93
CA THR B 171 -9.36 -8.63 -53.94
C THR B 171 -8.12 -8.20 -53.21
N TRP B 172 -7.58 -9.11 -52.40
CA TRP B 172 -6.36 -8.75 -51.63
C TRP B 172 -5.20 -8.26 -52.48
N PRO B 173 -4.82 -9.02 -53.54
CA PRO B 173 -3.67 -8.67 -54.41
C PRO B 173 -3.53 -7.18 -54.67
N LEU B 174 -4.64 -6.53 -54.98
CA LEU B 174 -4.62 -5.11 -55.27
C LEU B 174 -4.54 -4.28 -54.00
N ILE B 175 -5.31 -4.71 -53.01
CA ILE B 175 -5.35 -4.01 -51.72
C ILE B 175 -3.99 -4.02 -51.04
N ALA B 176 -3.37 -5.21 -50.95
CA ALA B 176 -2.05 -5.35 -50.32
C ALA B 176 -0.90 -4.68 -51.12
N ALA B 177 -1.15 -4.41 -52.38
CA ALA B 177 -0.10 -4.00 -53.34
C ALA B 177 0.83 -2.93 -52.79
N ASP B 178 0.24 -1.85 -52.35
CA ASP B 178 1.02 -0.71 -51.98
C ASP B 178 1.48 -0.71 -50.54
N GLY B 179 0.88 -1.53 -49.70
CA GLY B 179 1.37 -1.57 -48.33
C GLY B 179 0.69 -2.50 -47.32
N GLY B 180 -0.42 -3.09 -47.70
CA GLY B 180 -1.13 -3.94 -46.76
C GLY B 180 -0.37 -5.19 -46.37
N TYR B 181 -0.72 -5.74 -45.22
CA TYR B 181 -0.34 -7.09 -44.83
C TYR B 181 -1.38 -7.69 -43.88
N ALA B 182 -1.46 -9.01 -43.84
CA ALA B 182 -2.39 -9.67 -42.88
C ALA B 182 -1.85 -9.49 -41.47
N PHE B 183 -0.84 -10.28 -41.11
CA PHE B 183 -0.16 -10.20 -39.81
C PHE B 183 1.33 -10.03 -40.03
N LYS B 184 1.98 -9.12 -39.31
CA LYS B 184 3.43 -8.94 -39.46
C LYS B 184 4.19 -10.23 -39.23
N TYR B 185 5.20 -10.48 -40.06
CA TYR B 185 6.04 -11.69 -39.98
C TYR B 185 7.48 -11.21 -39.89
N GLU B 186 8.21 -11.64 -38.87
CA GLU B 186 9.60 -11.17 -38.68
C GLU B 186 10.65 -12.30 -38.65
N ASN B 187 10.54 -13.23 -37.70
CA ASN B 187 11.62 -14.20 -37.49
C ASN B 187 11.15 -15.66 -37.55
N GLY B 188 10.36 -15.97 -38.57
CA GLY B 188 9.69 -17.27 -38.64
C GLY B 188 8.52 -17.31 -37.67
N LYS B 189 7.97 -16.12 -37.41
CA LYS B 189 6.97 -15.92 -36.36
C LYS B 189 5.99 -14.78 -36.72
N TYR B 190 4.70 -14.97 -36.42
CA TYR B 190 3.67 -13.95 -36.70
C TYR B 190 3.23 -13.21 -35.42
N ASP B 191 3.36 -11.88 -35.43
CA ASP B 191 2.82 -11.06 -34.33
C ASP B 191 1.32 -10.85 -34.51
N ILE B 192 0.54 -11.71 -33.87
CA ILE B 192 -0.92 -11.74 -34.07
C ILE B 192 -1.63 -10.47 -33.62
N LYS B 193 -0.90 -9.50 -33.09
CA LYS B 193 -1.50 -8.21 -32.71
C LYS B 193 -1.19 -7.11 -33.71
N ASP B 194 -0.29 -7.40 -34.65
CA ASP B 194 0.04 -6.45 -35.71
C ASP B 194 -0.72 -6.83 -36.98
N VAL B 195 -1.64 -5.97 -37.37
CA VAL B 195 -2.46 -6.21 -38.55
C VAL B 195 -2.42 -5.00 -39.46
N GLY B 196 -1.92 -5.19 -40.67
CA GLY B 196 -1.68 -4.10 -41.59
C GLY B 196 -2.75 -4.02 -42.63
N VAL B 197 -3.98 -3.86 -42.18
CA VAL B 197 -5.13 -3.83 -43.06
C VAL B 197 -5.71 -2.41 -43.19
N ASP B 198 -5.35 -1.52 -42.28
CA ASP B 198 -5.75 -0.13 -42.47
C ASP B 198 -4.54 0.79 -42.53
N ASN B 199 -3.45 0.29 -43.07
CA ASN B 199 -2.32 1.15 -43.35
C ASN B 199 -2.54 1.83 -44.69
N ALA B 200 -1.95 3.02 -44.84
CA ALA B 200 -2.19 3.91 -45.98
C ALA B 200 -2.13 3.23 -47.32
N GLY B 201 -1.29 2.21 -47.41
CA GLY B 201 -1.22 1.38 -48.61
C GLY B 201 -2.52 0.65 -48.89
N ALA B 202 -3.02 -0.11 -47.92
CA ALA B 202 -4.30 -0.89 -48.12
C ALA B 202 -5.46 0.02 -48.47
N LYS B 203 -5.50 1.20 -47.83
CA LYS B 203 -6.49 2.23 -48.15
C LYS B 203 -6.43 2.65 -49.62
N ALA B 204 -5.24 2.73 -50.21
CA ALA B 204 -5.08 3.13 -51.61
C ALA B 204 -5.57 2.04 -52.51
N GLY B 205 -5.11 0.83 -52.22
CA GLY B 205 -5.58 -0.37 -52.91
C GLY B 205 -7.06 -0.39 -52.98
N LEU B 206 -7.69 -0.30 -51.82
CA LEU B 206 -9.15 -0.45 -51.75
C LEU B 206 -9.93 0.70 -52.41
N THR B 207 -9.46 1.90 -52.19
CA THR B 207 -10.05 3.06 -52.84
C THR B 207 -10.12 2.83 -54.32
N PHE B 208 -8.98 2.45 -54.92
CA PHE B 208 -8.95 2.22 -56.36
C PHE B 208 -10.03 1.21 -56.72
N LEU B 209 -10.05 0.09 -55.99
CA LEU B 209 -11.00 -0.94 -56.32
C LEU B 209 -12.40 -0.37 -56.24
N VAL B 210 -12.70 0.29 -55.14
CA VAL B 210 -14.03 0.86 -55.02
C VAL B 210 -14.25 1.82 -56.17
N ASP B 211 -13.29 2.68 -56.46
CA ASP B 211 -13.46 3.67 -57.55
C ASP B 211 -13.80 2.99 -58.87
N LEU B 212 -13.18 1.85 -59.15
CA LEU B 212 -13.51 1.11 -60.37
C LEU B 212 -15.02 0.84 -60.41
N ILE B 213 -15.58 0.48 -59.26
CA ILE B 213 -17.01 0.20 -59.19
C ILE B 213 -17.82 1.47 -59.36
N LYS B 214 -17.38 2.52 -58.70
CA LYS B 214 -18.02 3.85 -58.80
C LYS B 214 -18.07 4.27 -60.26
N ASN B 215 -16.95 4.15 -60.96
CA ASN B 215 -16.89 4.59 -62.36
C ASN B 215 -17.37 3.54 -63.33
N LYS B 216 -18.11 2.56 -62.81
CA LYS B 216 -18.86 1.59 -63.63
C LYS B 216 -17.97 0.85 -64.62
N HIS B 217 -16.77 0.50 -64.16
CA HIS B 217 -15.88 -0.41 -64.88
C HIS B 217 -16.04 -1.83 -64.35
N MET B 218 -16.50 -1.97 -63.11
CA MET B 218 -16.84 -3.26 -62.54
C MET B 218 -18.15 -3.16 -61.76
N ASN B 219 -18.82 -4.32 -61.60
CA ASN B 219 -20.02 -4.42 -60.75
C ASN B 219 -19.67 -4.97 -59.38
N ALA B 220 -20.11 -4.27 -58.34
CA ALA B 220 -19.84 -4.68 -56.95
C ALA B 220 -20.46 -6.09 -56.63
N ASP B 221 -21.48 -6.47 -57.38
CA ASP B 221 -22.08 -7.75 -57.11
C ASP B 221 -21.48 -8.88 -57.94
N THR B 222 -20.29 -8.65 -58.49
CA THR B 222 -19.65 -9.67 -59.31
C THR B 222 -18.95 -10.70 -58.44
N ASP B 223 -19.35 -11.96 -58.54
CA ASP B 223 -18.77 -13.06 -57.80
C ASP B 223 -18.05 -14.03 -58.78
N TYR B 224 -17.68 -15.23 -58.30
CA TYR B 224 -16.81 -16.16 -59.03
C TYR B 224 -17.48 -16.62 -60.30
N SER B 225 -18.67 -17.20 -60.15
CA SER B 225 -19.40 -17.75 -61.28
C SER B 225 -19.66 -16.71 -62.32
N ILE B 226 -20.08 -15.51 -61.91
CA ILE B 226 -20.33 -14.41 -62.88
C ILE B 226 -19.08 -14.08 -63.64
N ALA B 227 -17.95 -13.95 -62.94
CA ALA B 227 -16.68 -13.64 -63.60
C ALA B 227 -16.33 -14.75 -64.59
N GLU B 228 -16.33 -16.00 -64.09
CA GLU B 228 -15.88 -17.10 -64.90
C GLU B 228 -16.69 -17.12 -66.19
N ALA B 229 -18.01 -17.13 -66.07
CA ALA B 229 -18.90 -17.17 -67.24
C ALA B 229 -18.54 -16.07 -68.23
N ALA B 230 -18.42 -14.83 -67.75
CA ALA B 230 -18.12 -13.67 -68.58
C ALA B 230 -16.84 -13.84 -69.37
N PHE B 231 -15.78 -14.31 -68.71
CA PHE B 231 -14.53 -14.56 -69.43
C PHE B 231 -14.67 -15.69 -70.46
N ASN B 232 -15.27 -16.80 -70.05
CA ASN B 232 -15.39 -17.93 -70.94
C ASN B 232 -16.23 -17.63 -72.18
N LYS B 233 -17.17 -16.69 -72.08
CA LYS B 233 -18.00 -16.33 -73.24
C LYS B 233 -17.39 -15.12 -74.00
N GLY B 234 -16.20 -14.72 -73.61
CA GLY B 234 -15.52 -13.65 -74.33
C GLY B 234 -16.13 -12.28 -74.13
N GLU B 235 -16.81 -12.08 -73.00
CA GLU B 235 -17.49 -10.80 -72.70
C GLU B 235 -16.53 -9.85 -71.99
N THR B 236 -15.44 -10.40 -71.47
CA THR B 236 -14.44 -9.59 -70.78
C THR B 236 -13.04 -9.98 -71.21
N ALA B 237 -12.18 -8.97 -71.28
CA ALA B 237 -10.83 -9.15 -71.79
C ALA B 237 -10.04 -9.92 -70.76
N MET B 238 -10.12 -9.50 -69.50
CA MET B 238 -9.31 -10.08 -68.43
C MET B 238 -10.12 -10.53 -67.22
N THR B 239 -9.53 -11.48 -66.49
CA THR B 239 -10.06 -11.95 -65.21
C THR B 239 -8.85 -12.33 -64.32
N ILE B 240 -9.13 -12.64 -63.04
CA ILE B 240 -8.10 -13.08 -62.10
C ILE B 240 -8.48 -14.46 -61.51
N ASN B 241 -7.57 -15.41 -61.49
CA ASN B 241 -7.91 -16.74 -61.05
C ASN B 241 -6.71 -17.70 -61.00
N GLY B 242 -6.97 -18.91 -60.53
CA GLY B 242 -5.90 -19.83 -60.23
C GLY B 242 -5.91 -21.06 -61.08
N PRO B 243 -4.85 -21.86 -60.97
CA PRO B 243 -4.61 -23.08 -61.77
C PRO B 243 -5.73 -24.09 -61.65
N TRP B 244 -6.41 -24.08 -60.52
CA TRP B 244 -7.66 -24.81 -60.38
C TRP B 244 -8.70 -24.53 -61.47
N ALA B 245 -8.53 -23.40 -62.15
CA ALA B 245 -9.49 -22.91 -63.16
C ALA B 245 -9.09 -23.20 -64.60
N TRP B 246 -7.89 -23.74 -64.83
CA TRP B 246 -7.38 -23.78 -66.20
C TRP B 246 -8.12 -24.81 -67.05
N SER B 247 -8.22 -26.04 -66.56
CA SER B 247 -8.92 -27.06 -67.34
C SER B 247 -10.37 -26.65 -67.64
N ASN B 248 -10.96 -25.78 -66.84
CA ASN B 248 -12.27 -25.22 -67.19
C ASN B 248 -12.19 -24.26 -68.37
N ILE B 249 -11.30 -23.27 -68.31
CA ILE B 249 -11.18 -22.26 -69.37
C ILE B 249 -10.72 -22.91 -70.67
N ASP B 250 -9.95 -23.98 -70.55
CA ASP B 250 -9.50 -24.77 -71.68
C ASP B 250 -10.64 -25.07 -72.62
N THR B 251 -11.76 -25.47 -72.04
CA THR B 251 -12.85 -26.00 -72.82
C THR B 251 -13.90 -24.98 -73.23
N SER B 252 -13.66 -23.72 -72.89
CA SER B 252 -14.36 -22.62 -73.56
C SER B 252 -13.75 -22.39 -74.94
N LYS B 253 -12.48 -22.75 -75.05
CA LYS B 253 -11.66 -22.39 -76.20
C LYS B 253 -11.64 -20.86 -76.51
N VAL B 254 -11.69 -20.04 -75.48
CA VAL B 254 -11.16 -18.68 -75.61
C VAL B 254 -9.66 -18.92 -75.78
N ASN B 255 -9.00 -18.03 -76.51
CA ASN B 255 -7.55 -18.07 -76.60
C ASN B 255 -6.96 -17.18 -75.50
N TYR B 256 -6.55 -17.80 -74.39
CA TYR B 256 -6.22 -17.06 -73.16
C TYR B 256 -4.76 -17.07 -72.76
N GLY B 257 -4.27 -15.89 -72.33
CA GLY B 257 -2.90 -15.68 -71.85
C GLY B 257 -2.98 -15.66 -70.33
N VAL B 258 -1.88 -16.04 -69.66
CA VAL B 258 -1.80 -16.07 -68.19
C VAL B 258 -0.51 -15.47 -67.76
N THR B 259 -0.57 -14.47 -66.92
CA THR B 259 0.62 -13.61 -66.79
C THR B 259 0.70 -12.85 -65.48
N VAL B 260 1.70 -11.99 -65.37
CA VAL B 260 1.90 -11.23 -64.14
C VAL B 260 0.72 -10.33 -63.89
N LEU B 261 0.28 -10.31 -62.63
CA LEU B 261 -0.74 -9.37 -62.21
C LEU B 261 -0.26 -7.95 -62.41
N PRO B 262 -1.18 -7.06 -62.72
CA PRO B 262 -0.79 -5.63 -62.96
C PRO B 262 -0.20 -5.03 -61.72
N THR B 263 0.69 -4.07 -61.85
CA THR B 263 1.19 -3.40 -60.66
C THR B 263 0.22 -2.34 -60.23
N PHE B 264 0.42 -1.80 -59.03
CA PHE B 264 -0.31 -0.61 -58.58
C PHE B 264 0.60 0.29 -57.88
N LYS B 265 0.52 1.57 -58.22
CA LYS B 265 1.37 2.60 -57.64
C LYS B 265 2.80 2.12 -57.64
N GLY B 266 3.19 1.51 -58.74
CA GLY B 266 4.58 1.04 -58.91
C GLY B 266 4.77 -0.36 -58.39
N GLN B 267 4.04 -0.70 -57.34
CA GLN B 267 4.30 -1.96 -56.61
C GLN B 267 3.62 -3.14 -57.25
N PRO B 268 4.22 -4.32 -57.15
CA PRO B 268 3.56 -5.56 -57.58
C PRO B 268 2.25 -5.80 -56.86
N SER B 269 1.31 -6.39 -57.55
CA SER B 269 0.19 -6.98 -56.82
C SER B 269 0.73 -8.06 -55.93
N LYS B 270 0.07 -8.29 -54.80
CA LYS B 270 0.60 -9.19 -53.78
C LYS B 270 -0.39 -10.36 -53.45
N PRO B 271 -0.62 -11.24 -54.38
CA PRO B 271 -1.65 -12.31 -54.12
C PRO B 271 -1.24 -13.30 -53.08
N PHE B 272 -2.16 -13.78 -52.29
CA PHE B 272 -1.80 -14.80 -51.29
C PHE B 272 -1.29 -16.08 -51.96
N VAL B 273 -0.38 -16.76 -51.28
CA VAL B 273 0.29 -17.90 -51.85
C VAL B 273 0.01 -19.09 -50.98
N GLY B 274 -0.32 -20.20 -51.58
CA GLY B 274 -0.58 -21.44 -50.83
C GLY B 274 0.24 -22.59 -51.33
N VAL B 275 0.71 -23.44 -50.42
CA VAL B 275 1.80 -24.37 -50.66
C VAL B 275 1.45 -25.78 -50.24
N LEU B 276 1.29 -26.66 -51.21
CA LEU B 276 1.07 -28.04 -50.90
C LEU B 276 2.31 -28.55 -50.19
N SER B 277 2.15 -29.06 -48.97
CA SER B 277 3.27 -29.51 -48.17
C SER B 277 3.05 -30.92 -47.65
N ALA B 278 4.16 -31.65 -47.53
CA ALA B 278 4.19 -32.99 -46.92
C ALA B 278 4.71 -32.89 -45.50
N GLY B 279 3.92 -33.35 -44.53
CA GLY B 279 4.32 -33.28 -43.13
C GLY B 279 4.43 -34.67 -42.55
N ILE B 280 5.23 -34.82 -41.49
CA ILE B 280 5.47 -36.11 -40.83
C ILE B 280 4.86 -36.19 -39.42
N ASN B 281 4.27 -37.35 -39.11
CA ASN B 281 3.56 -37.55 -37.84
C ASN B 281 4.54 -37.61 -36.67
N ALA B 282 4.32 -36.75 -35.67
CA ALA B 282 5.11 -36.80 -34.44
C ALA B 282 5.06 -38.20 -33.84
N ALA B 283 3.91 -38.86 -33.97
CA ALA B 283 3.69 -40.22 -33.47
C ALA B 283 4.49 -41.29 -34.23
N SER B 284 4.54 -41.19 -35.55
CA SER B 284 5.19 -42.19 -36.40
C SER B 284 6.60 -42.59 -35.91
N PRO B 285 6.94 -43.89 -35.99
CA PRO B 285 8.29 -44.39 -35.71
C PRO B 285 9.24 -44.30 -36.89
N ASN B 286 8.66 -44.14 -38.09
CA ASN B 286 9.41 -44.17 -39.33
C ASN B 286 9.83 -42.77 -39.81
N LYS B 287 10.17 -41.90 -38.86
CA LYS B 287 10.54 -40.51 -39.15
C LYS B 287 11.70 -40.35 -40.14
N GLU B 288 12.71 -41.23 -40.07
CA GLU B 288 13.90 -41.13 -40.93
C GLU B 288 13.67 -41.81 -42.28
N LEU B 289 12.77 -42.79 -42.33
CA LEU B 289 12.38 -43.41 -43.60
C LEU B 289 11.45 -42.52 -44.41
N ALA B 290 10.74 -41.63 -43.73
CA ALA B 290 9.96 -40.61 -44.41
C ALA B 290 10.89 -39.53 -44.95
N LYS B 291 11.71 -38.96 -44.06
CA LYS B 291 12.72 -37.98 -44.44
C LYS B 291 13.44 -38.42 -45.72
N GLU B 292 13.92 -39.65 -45.73
CA GLU B 292 14.46 -40.29 -46.91
C GLU B 292 13.51 -40.16 -48.11
N PHE B 293 12.34 -40.77 -48.01
CA PHE B 293 11.36 -40.84 -49.12
C PHE B 293 11.04 -39.49 -49.75
N LEU B 294 10.84 -38.48 -48.90
CA LEU B 294 10.57 -37.15 -49.38
C LEU B 294 11.81 -36.53 -50.00
N GLU B 295 12.93 -36.56 -49.28
CA GLU B 295 14.13 -35.83 -49.72
C GLU B 295 14.78 -36.42 -50.98
N ASN B 296 14.80 -37.75 -51.07
CA ASN B 296 15.58 -38.40 -52.11
C ASN B 296 14.77 -39.10 -53.19
N TYR B 297 13.46 -39.24 -53.00
CA TYR B 297 12.63 -39.88 -54.03
C TYR B 297 11.57 -38.95 -54.61
N LEU B 298 10.80 -38.26 -53.77
CA LEU B 298 9.71 -37.40 -54.27
C LEU B 298 10.19 -36.02 -54.72
N LEU B 299 10.91 -35.32 -53.84
CA LEU B 299 11.44 -34.01 -54.18
C LEU B 299 12.65 -34.11 -55.10
N THR B 300 12.45 -34.82 -56.22
CA THR B 300 13.40 -34.84 -57.33
C THR B 300 12.62 -34.72 -58.62
N ASP B 301 13.32 -34.48 -59.72
CA ASP B 301 12.70 -34.30 -61.00
C ASP B 301 11.97 -35.55 -61.39
N GLU B 302 12.59 -36.70 -61.18
CA GLU B 302 11.92 -37.98 -61.47
C GLU B 302 10.62 -38.07 -60.71
N GLY B 303 10.70 -37.81 -59.40
CA GLY B 303 9.58 -38.05 -58.48
C GLY B 303 8.40 -37.14 -58.73
N LEU B 304 8.68 -35.85 -58.86
CA LEU B 304 7.66 -34.87 -59.11
C LEU B 304 7.07 -35.09 -60.49
N GLU B 305 7.92 -35.48 -61.44
CA GLU B 305 7.43 -35.73 -62.79
C GLU B 305 6.37 -36.84 -62.78
N ALA B 306 6.62 -37.90 -62.00
CA ALA B 306 5.71 -39.02 -61.90
C ALA B 306 4.33 -38.59 -61.39
N VAL B 307 4.32 -37.82 -60.31
CA VAL B 307 3.07 -37.25 -59.78
C VAL B 307 2.47 -36.30 -60.81
N ASN B 308 3.31 -35.56 -61.51
CA ASN B 308 2.83 -34.61 -62.46
C ASN B 308 2.06 -35.32 -63.57
N LYS B 309 2.63 -36.40 -64.09
CA LYS B 309 1.96 -37.19 -65.14
C LYS B 309 0.49 -37.55 -64.79
N ASP B 310 0.27 -38.01 -63.55
CA ASP B 310 -1.08 -38.41 -63.09
C ASP B 310 -1.98 -37.20 -62.95
N LYS B 311 -1.48 -36.14 -62.31
CA LYS B 311 -2.21 -34.89 -62.25
C LYS B 311 -1.25 -33.76 -62.03
N PRO B 312 -1.27 -32.77 -62.93
CA PRO B 312 -0.31 -31.68 -62.81
C PRO B 312 -0.37 -31.06 -61.43
N LEU B 313 0.81 -30.85 -60.85
CA LEU B 313 0.99 -30.10 -59.62
C LEU B 313 0.90 -28.58 -59.80
N GLY B 314 1.01 -28.09 -61.02
CA GLY B 314 1.25 -26.65 -61.23
C GLY B 314 2.67 -26.28 -60.84
N ALA B 315 2.90 -25.02 -60.46
CA ALA B 315 4.24 -24.54 -60.17
C ALA B 315 4.76 -25.27 -58.95
N VAL B 316 6.00 -25.75 -58.97
CA VAL B 316 6.56 -26.52 -57.85
C VAL B 316 7.65 -25.78 -57.09
N ALA B 317 7.97 -26.32 -55.91
CA ALA B 317 8.91 -25.71 -54.99
C ALA B 317 10.34 -26.08 -55.35
N LEU B 318 10.49 -27.25 -56.01
CA LEU B 318 11.80 -27.77 -56.43
C LEU B 318 12.36 -26.99 -57.62
N LYS B 319 13.25 -26.05 -57.34
CA LYS B 319 13.84 -25.19 -58.36
C LYS B 319 14.14 -25.91 -59.71
N SER B 320 14.88 -27.01 -59.67
CA SER B 320 15.30 -27.72 -60.88
C SER B 320 14.14 -28.15 -61.77
N TYR B 321 13.11 -28.73 -61.17
CA TYR B 321 11.94 -29.17 -61.92
C TYR B 321 11.01 -28.02 -62.25
N GLU B 322 10.92 -27.02 -61.38
CA GLU B 322 10.16 -25.81 -61.74
C GLU B 322 10.70 -25.21 -62.99
N GLU B 323 12.02 -25.12 -63.06
CA GLU B 323 12.69 -24.53 -64.22
C GLU B 323 12.31 -25.28 -65.52
N GLU B 324 12.04 -26.59 -65.41
CA GLU B 324 11.51 -27.40 -66.54
C GLU B 324 10.07 -27.08 -66.87
N LEU B 325 9.21 -27.05 -65.86
CA LEU B 325 7.79 -26.77 -66.07
C LEU B 325 7.56 -25.34 -66.65
N ALA B 326 8.42 -24.39 -66.25
CA ALA B 326 8.33 -23.00 -66.70
C ALA B 326 8.22 -22.83 -68.23
N LYS B 327 8.48 -23.89 -69.00
CA LYS B 327 8.21 -23.85 -70.44
C LYS B 327 6.75 -23.39 -70.63
N ASP B 328 5.84 -24.02 -69.89
CA ASP B 328 4.46 -23.56 -69.83
C ASP B 328 4.40 -22.13 -69.23
N PRO B 329 4.27 -21.10 -70.08
CA PRO B 329 4.32 -19.77 -69.47
C PRO B 329 3.30 -19.55 -68.36
N ARG B 330 2.22 -20.26 -68.38
CA ARG B 330 1.21 -20.12 -67.35
C ARG B 330 1.80 -20.52 -65.99
N ILE B 331 2.59 -21.59 -66.00
CA ILE B 331 3.24 -22.02 -64.79
C ILE B 331 4.35 -21.03 -64.42
N ALA B 332 4.96 -20.45 -65.41
CA ALA B 332 5.92 -19.35 -65.16
C ALA B 332 5.26 -18.21 -64.40
N ALA B 333 4.07 -17.81 -64.86
CA ALA B 333 3.30 -16.68 -64.31
C ALA B 333 2.90 -16.91 -62.83
N THR B 334 2.25 -18.05 -62.62
CA THR B 334 1.90 -18.47 -61.29
C THR B 334 3.06 -18.25 -60.32
N MET B 335 4.22 -18.84 -60.60
CA MET B 335 5.39 -18.68 -59.69
C MET B 335 5.92 -17.25 -59.65
N GLU B 336 5.97 -16.57 -60.78
CA GLU B 336 6.35 -15.18 -60.75
C GLU B 336 5.42 -14.46 -59.78
N ASN B 337 4.11 -14.72 -59.87
CA ASN B 337 3.18 -14.05 -58.97
C ASN B 337 3.37 -14.50 -57.51
N ALA B 338 3.61 -15.79 -57.32
CA ALA B 338 3.77 -16.31 -55.97
C ALA B 338 4.97 -15.63 -55.31
N GLN B 339 6.08 -15.52 -56.02
CA GLN B 339 7.28 -14.89 -55.49
C GLN B 339 7.09 -13.42 -55.18
N LYS B 340 6.14 -12.77 -55.84
CA LYS B 340 5.79 -11.40 -55.47
C LYS B 340 4.68 -11.32 -54.43
N GLY B 341 4.14 -12.44 -53.99
CA GLY B 341 2.97 -12.46 -53.09
C GLY B 341 3.30 -12.74 -51.64
N GLU B 342 2.28 -12.88 -50.82
CA GLU B 342 2.43 -13.02 -49.38
C GLU B 342 2.00 -14.42 -49.00
N ILE B 343 2.91 -15.23 -48.46
CA ILE B 343 2.58 -16.56 -47.98
C ILE B 343 1.39 -16.43 -47.03
N MET B 344 0.49 -17.38 -47.08
CA MET B 344 -0.77 -17.26 -46.37
C MET B 344 -0.53 -17.79 -44.94
N PRO B 345 -0.64 -16.93 -43.91
CA PRO B 345 -0.23 -17.29 -42.55
C PRO B 345 -0.92 -18.52 -42.01
N ASN B 346 -0.14 -19.42 -41.40
CA ASN B 346 -0.66 -20.74 -40.95
C ASN B 346 -1.18 -20.75 -39.52
N ILE B 347 -1.70 -19.60 -39.06
CA ILE B 347 -2.12 -19.47 -37.68
C ILE B 347 -3.65 -19.37 -37.53
N PRO B 348 -4.23 -20.12 -36.58
CA PRO B 348 -5.65 -20.06 -36.25
C PRO B 348 -6.34 -18.74 -36.52
N GLN B 349 -5.68 -17.63 -36.20
CA GLN B 349 -6.30 -16.31 -36.24
C GLN B 349 -6.56 -15.80 -37.66
N MET B 350 -5.95 -16.46 -38.64
CA MET B 350 -6.10 -16.01 -40.02
C MET B 350 -7.58 -16.20 -40.43
N SER B 351 -8.32 -17.09 -39.77
CA SER B 351 -9.70 -17.25 -40.19
C SER B 351 -10.49 -16.07 -39.69
N ALA B 352 -10.05 -15.46 -38.61
CA ALA B 352 -10.70 -14.22 -38.18
C ALA B 352 -10.42 -13.13 -39.22
N PHE B 353 -9.21 -13.14 -39.75
CA PHE B 353 -8.83 -12.22 -40.80
C PHE B 353 -9.74 -12.26 -42.02
N TRP B 354 -9.96 -13.47 -42.50
CA TRP B 354 -10.79 -13.68 -43.67
C TRP B 354 -12.19 -13.16 -43.38
N TYR B 355 -12.67 -13.47 -42.18
CA TYR B 355 -14.04 -13.14 -41.82
C TYR B 355 -14.20 -11.66 -41.80
N ALA B 356 -13.29 -11.04 -41.08
CA ALA B 356 -13.34 -9.60 -40.90
C ALA B 356 -13.16 -8.98 -42.25
N VAL B 357 -12.10 -9.36 -42.96
CA VAL B 357 -11.74 -8.66 -44.22
C VAL B 357 -12.80 -8.86 -45.29
N ARG B 358 -13.43 -10.01 -45.25
CA ARG B 358 -14.48 -10.24 -46.21
C ARG B 358 -15.56 -9.18 -46.08
N THR B 359 -16.03 -8.97 -44.85
CA THR B 359 -17.13 -8.02 -44.58
C THR B 359 -16.69 -6.60 -44.81
N ALA B 360 -15.45 -6.31 -44.43
CA ALA B 360 -14.88 -5.02 -44.70
C ALA B 360 -15.06 -4.67 -46.19
N VAL B 361 -14.66 -5.58 -47.08
CA VAL B 361 -14.57 -5.22 -48.51
C VAL B 361 -15.94 -5.08 -49.15
N ILE B 362 -16.80 -6.06 -48.93
CA ILE B 362 -18.16 -6.02 -49.43
C ILE B 362 -18.81 -4.67 -49.05
N ASN B 363 -18.67 -4.27 -47.79
CA ASN B 363 -19.26 -3.03 -47.29
C ASN B 363 -18.67 -1.87 -48.04
N ALA B 364 -17.34 -1.92 -48.19
CA ALA B 364 -16.59 -0.80 -48.84
C ALA B 364 -17.09 -0.64 -50.25
N ALA B 365 -17.33 -1.78 -50.91
CA ALA B 365 -17.68 -1.84 -52.32
C ALA B 365 -19.11 -1.42 -52.57
N SER B 366 -20.02 -1.87 -51.69
CA SER B 366 -21.46 -1.71 -51.88
C SER B 366 -21.96 -0.34 -51.47
N GLY B 367 -21.09 0.52 -50.97
CA GLY B 367 -21.47 1.89 -50.61
C GLY B 367 -21.83 2.00 -49.15
N ARG B 368 -22.18 0.86 -48.56
CA ARG B 368 -22.53 0.74 -47.15
C ARG B 368 -21.53 1.41 -46.20
N GLN B 369 -20.27 1.58 -46.62
CA GLN B 369 -19.25 2.24 -45.81
C GLN B 369 -18.22 2.92 -46.69
N THR B 370 -17.62 4.03 -46.19
CA THR B 370 -16.45 4.57 -46.85
C THR B 370 -15.32 3.59 -46.61
N VAL B 371 -14.33 3.60 -47.50
CA VAL B 371 -13.14 2.78 -47.34
C VAL B 371 -12.60 2.94 -45.95
N ASP B 372 -12.38 4.19 -45.55
CA ASP B 372 -11.76 4.46 -44.28
C ASP B 372 -12.41 3.76 -43.10
N GLU B 373 -13.72 3.87 -42.99
CA GLU B 373 -14.44 3.29 -41.85
C GLU B 373 -14.46 1.77 -41.94
N ALA B 374 -14.64 1.27 -43.14
CA ALA B 374 -14.58 -0.14 -43.43
C ALA B 374 -13.27 -0.77 -42.97
N LEU B 375 -12.17 -0.09 -43.25
CA LEU B 375 -10.86 -0.63 -42.94
C LEU B 375 -10.51 -0.41 -41.47
N LYS B 376 -10.94 0.72 -40.91
CA LYS B 376 -10.70 1.02 -39.49
C LYS B 376 -11.38 -0.03 -38.59
N ASP B 377 -12.59 -0.45 -38.97
CA ASP B 377 -13.33 -1.48 -38.23
C ASP B 377 -12.69 -2.87 -38.25
N ALA B 378 -11.95 -3.21 -39.31
CA ALA B 378 -11.28 -4.52 -39.39
C ALA B 378 -10.47 -4.72 -38.11
N GLN B 379 -9.82 -3.64 -37.67
CA GLN B 379 -8.97 -3.65 -36.46
C GLN B 379 -9.76 -4.12 -35.23
N THR B 380 -11.01 -3.66 -35.12
CA THR B 380 -11.94 -4.05 -34.04
C THR B 380 -12.57 -5.41 -34.21
N ARG B 381 -13.11 -5.60 -35.40
CA ARG B 381 -13.92 -6.77 -35.73
C ARG B 381 -13.12 -8.04 -35.80
N ILE B 382 -11.88 -7.96 -36.26
CA ILE B 382 -11.01 -9.13 -36.41
C ILE B 382 -10.75 -9.81 -35.07
N THR B 383 -11.17 -9.15 -33.99
CA THR B 383 -10.92 -9.60 -32.62
C THR B 383 -12.20 -9.63 -31.82
N ALA B 384 -13.32 -9.35 -32.47
CA ALA B 384 -14.61 -9.36 -31.80
C ALA B 384 -14.86 -10.78 -31.25
N ALA B 385 -14.50 -11.77 -32.05
CA ALA B 385 -14.44 -13.17 -31.59
C ALA B 385 -13.74 -13.38 -30.26
N ARG B 386 -12.51 -12.88 -30.13
CA ARG B 386 -11.74 -13.19 -28.94
C ARG B 386 -11.98 -12.24 -27.74
N ASP B 387 -12.32 -10.98 -28.01
CA ASP B 387 -12.66 -10.04 -26.95
C ASP B 387 -13.90 -10.46 -26.22
N GLY B 388 -14.92 -10.89 -26.98
CA GLY B 388 -16.12 -11.50 -26.40
C GLY B 388 -15.83 -12.77 -25.63
N LEU B 389 -15.08 -13.68 -26.25
CA LEU B 389 -14.61 -14.84 -25.50
C LEU B 389 -13.86 -14.42 -24.27
N ARG B 390 -13.08 -13.34 -24.32
CA ARG B 390 -12.35 -12.84 -23.14
C ARG B 390 -13.30 -12.35 -22.01
N ALA B 391 -14.37 -11.66 -22.40
CA ALA B 391 -15.36 -11.20 -21.47
C ALA B 391 -16.08 -12.39 -20.83
N VAL B 392 -16.37 -13.43 -21.59
CA VAL B 392 -16.98 -14.61 -20.99
C VAL B 392 -16.09 -15.20 -19.91
N MSE B 393 -14.77 -15.12 -20.05
CA MSE B 393 -13.89 -15.73 -19.06
C MSE B 393 -13.55 -14.84 -17.86
O MSE B 393 -13.28 -15.35 -16.78
CB MSE B 393 -12.64 -16.24 -19.72
CG MSE B 393 -12.93 -17.41 -20.58
SE MSE B 393 -11.38 -17.80 -21.65
CE MSE B 393 -11.00 -16.08 -22.54
N GLU B 394 -13.55 -13.53 -18.05
CA GLU B 394 -13.48 -12.60 -16.93
C GLU B 394 -14.71 -12.79 -16.06
N ALA B 395 -15.88 -12.81 -16.72
CA ALA B 395 -17.16 -13.01 -16.07
C ALA B 395 -17.21 -14.35 -15.32
N ARG B 396 -16.57 -15.37 -15.87
CA ARG B 396 -16.44 -16.62 -15.17
C ARG B 396 -15.79 -16.41 -13.81
N ASN B 397 -14.71 -15.63 -13.77
CA ASN B 397 -14.00 -15.34 -12.53
C ASN B 397 -14.80 -14.46 -11.61
N VAL B 398 -15.32 -13.36 -12.14
CA VAL B 398 -16.20 -12.46 -11.38
C VAL B 398 -17.33 -13.22 -10.62
N THR B 399 -17.86 -14.29 -11.20
CA THR B 399 -18.84 -15.10 -10.49
C THR B 399 -18.21 -15.91 -9.36
N HIS B 400 -17.03 -16.48 -9.54
CA HIS B 400 -16.37 -17.13 -8.41
C HIS B 400 -16.25 -16.15 -7.23
N LEU B 401 -15.83 -14.92 -7.51
CA LEU B 401 -15.64 -13.88 -6.48
C LEU B 401 -16.95 -13.54 -5.86
N LEU B 402 -17.93 -13.32 -6.71
CA LEU B 402 -19.24 -12.88 -6.26
C LEU B 402 -19.98 -14.01 -5.53
N GLN B 403 -19.59 -15.25 -5.76
CA GLN B 403 -20.08 -16.36 -4.96
C GLN B 403 -19.45 -16.34 -3.56
N GLN B 404 -18.16 -15.98 -3.46
CA GLN B 404 -17.47 -15.87 -2.16
C GLN B 404 -18.15 -14.80 -1.29
N GLU B 405 -18.37 -13.63 -1.88
CA GLU B 405 -19.04 -12.56 -1.17
C GLU B 405 -20.41 -12.99 -0.65
N LEU B 406 -21.09 -13.86 -1.40
CA LEU B 406 -22.37 -14.38 -0.95
C LEU B 406 -22.20 -15.26 0.29
N THR B 407 -21.16 -16.08 0.36
CA THR B 407 -20.85 -16.79 1.62
C THR B 407 -20.70 -15.77 2.76
N GLU B 408 -19.88 -14.75 2.55
CA GLU B 408 -19.64 -13.70 3.54
C GLU B 408 -20.94 -13.06 4.04
N ALA B 409 -21.84 -12.72 3.12
CA ALA B 409 -23.14 -12.18 3.53
C ALA B 409 -23.91 -13.22 4.32
N GLN B 410 -23.92 -14.46 3.83
CA GLN B 410 -24.61 -15.55 4.53
C GLN B 410 -24.20 -15.58 5.99
N LYS B 411 -22.91 -15.66 6.29
CA LYS B 411 -22.50 -15.65 7.71
C LYS B 411 -22.70 -14.29 8.36
N GLY B 412 -22.65 -13.21 7.59
CA GLY B 412 -23.04 -11.90 8.12
C GLY B 412 -24.42 -11.91 8.73
N PHE B 413 -25.36 -12.60 8.07
CA PHE B 413 -26.73 -12.70 8.59
C PHE B 413 -26.90 -13.68 9.74
N GLN B 414 -26.17 -14.78 9.75
CA GLN B 414 -26.28 -15.73 10.86
C GLN B 414 -25.69 -15.08 12.10
N ASP B 415 -24.61 -14.33 11.89
CA ASP B 415 -23.98 -13.54 12.93
C ASP B 415 -24.95 -12.58 13.54
N VAL B 416 -25.50 -11.69 12.73
CA VAL B 416 -26.41 -10.64 13.23
C VAL B 416 -27.61 -11.23 13.97
N GLU B 417 -28.12 -12.35 13.48
CA GLU B 417 -29.24 -13.03 14.14
C GLU B 417 -28.85 -13.60 15.49
N ALA B 418 -27.64 -14.13 15.60
CA ALA B 418 -27.13 -14.62 16.86
C ALA B 418 -26.87 -13.50 17.84
N GLN B 419 -26.23 -12.42 17.38
CA GLN B 419 -25.91 -11.34 18.29
C GLN B 419 -27.10 -10.47 18.64
N ALA B 420 -28.24 -10.68 17.99
CA ALA B 420 -29.49 -10.04 18.45
C ALA B 420 -30.02 -10.73 19.70
N ALA B 421 -30.09 -12.05 19.69
CA ALA B 421 -30.45 -12.79 20.89
C ALA B 421 -29.59 -12.39 22.11
N THR B 422 -28.25 -12.41 21.97
CA THR B 422 -27.39 -11.96 23.06
C THR B 422 -27.75 -10.52 23.54
N ALA B 423 -28.00 -9.59 22.63
CA ALA B 423 -28.41 -8.25 23.05
C ALA B 423 -29.70 -8.25 23.83
N ASN B 424 -30.73 -8.91 23.31
CA ASN B 424 -32.05 -8.97 24.03
C ASN B 424 -31.99 -9.57 25.43
N HIS B 425 -31.28 -10.69 25.53
CA HIS B 425 -31.03 -11.31 26.80
C HIS B 425 -30.12 -10.47 27.69
N THR B 426 -29.08 -9.91 27.11
CA THR B 426 -28.18 -9.07 27.90
C THR B 426 -28.91 -7.88 28.50
N VAL B 427 -29.89 -7.32 27.78
CA VAL B 427 -30.57 -6.14 28.31
C VAL B 427 -31.17 -6.45 29.65
N MSE B 428 -31.66 -7.64 29.81
CA MSE B 428 -32.37 -8.02 31.01
C MSE B 428 -31.44 -8.51 32.08
O MSE B 428 -31.61 -8.17 33.24
CB MSE B 428 -33.37 -9.09 30.63
CG MSE B 428 -34.29 -8.56 29.59
SE MSE B 428 -36.02 -8.22 30.23
CE MSE B 428 -36.62 -10.11 30.27
N ALA B 429 -30.44 -9.31 31.70
CA ALA B 429 -29.41 -9.73 32.64
C ALA B 429 -28.93 -8.52 33.38
N LEU B 430 -28.58 -7.49 32.60
CA LEU B 430 -28.05 -6.24 33.17
C LEU B 430 -29.01 -5.56 34.09
N MSE B 431 -30.30 -5.62 33.78
CA MSE B 431 -31.30 -5.01 34.67
C MSE B 431 -31.34 -5.73 36.00
O MSE B 431 -31.36 -5.08 37.04
CB MSE B 431 -32.66 -5.00 34.01
CG MSE B 431 -32.80 -3.87 33.05
SE MSE B 431 -34.46 -3.95 32.09
CE MSE B 431 -34.10 -2.57 30.71
N ALA B 432 -31.35 -7.05 35.97
CA ALA B 432 -31.33 -7.82 37.21
C ALA B 432 -30.06 -7.51 37.95
N SER B 433 -28.95 -7.50 37.24
CA SER B 433 -27.68 -7.21 37.89
C SER B 433 -27.66 -5.83 38.54
N LEU B 434 -28.26 -4.85 37.89
CA LEU B 434 -28.35 -3.52 38.42
C LEU B 434 -29.04 -3.49 39.77
N ASP B 435 -30.06 -4.31 39.90
CA ASP B 435 -30.78 -4.41 41.16
C ASP B 435 -30.01 -5.25 42.18
N ALA B 436 -29.48 -6.39 41.75
CA ALA B 436 -28.66 -7.21 42.64
C ALA B 436 -27.54 -6.35 43.24
N GLU B 437 -26.69 -5.79 42.39
CA GLU B 437 -25.55 -5.00 42.88
C GLU B 437 -26.06 -3.58 43.08
N LYS B 438 -26.48 -3.27 44.29
CA LYS B 438 -27.25 -2.05 44.60
C LYS B 438 -28.03 -2.39 45.85
N ALA B 439 -28.72 -3.53 45.83
CA ALA B 439 -29.19 -4.16 47.03
C ALA B 439 -28.01 -4.77 47.78
N GLN B 440 -27.15 -5.52 47.09
CA GLN B 440 -25.95 -6.04 47.77
C GLN B 440 -25.16 -4.88 48.33
N GLY B 441 -25.09 -3.79 47.56
CA GLY B 441 -24.45 -2.54 47.94
C GLY B 441 -24.92 -2.06 49.28
N GLN B 442 -26.20 -1.67 49.39
CA GLN B 442 -26.70 -1.09 50.66
C GLN B 442 -26.61 -2.04 51.82
N LYS B 443 -26.70 -3.32 51.57
CA LYS B 443 -26.73 -4.31 52.64
C LYS B 443 -25.38 -4.42 53.32
N LYS B 444 -24.37 -4.48 52.50
CA LYS B 444 -23.01 -4.47 52.99
C LYS B 444 -22.75 -3.16 53.67
N VAL B 445 -23.25 -2.07 53.08
CA VAL B 445 -23.06 -0.75 53.67
C VAL B 445 -23.68 -0.70 55.06
N GLU B 446 -24.94 -1.10 55.19
CA GLU B 446 -25.56 -0.93 56.50
C GLU B 446 -24.90 -1.85 57.54
N GLU B 447 -24.44 -3.04 57.14
CA GLU B 447 -23.61 -3.87 58.04
C GLU B 447 -22.42 -3.07 58.54
N LEU B 448 -21.64 -2.56 57.61
CA LEU B 448 -20.50 -1.72 57.99
C LEU B 448 -20.91 -0.49 58.81
N GLU B 449 -22.01 0.13 58.43
CA GLU B 449 -22.46 1.33 59.15
C GLU B 449 -22.91 0.97 60.55
N GLY B 450 -23.30 -0.30 60.73
CA GLY B 450 -23.67 -0.83 62.02
C GLY B 450 -22.48 -1.04 62.93
N GLU B 451 -21.40 -1.57 62.37
CA GLU B 451 -20.16 -1.79 63.10
C GLU B 451 -19.64 -0.47 63.59
N ILE B 452 -19.82 0.57 62.78
CA ILE B 452 -19.36 1.88 63.16
C ILE B 452 -20.10 2.37 64.40
N THR B 453 -21.42 2.30 64.43
CA THR B 453 -22.09 2.82 65.61
C THR B 453 -21.67 2.00 66.85
N THR B 454 -21.49 0.71 66.69
CA THR B 454 -21.07 -0.07 67.84
C THR B 454 -19.70 0.41 68.30
N LEU B 455 -18.76 0.63 67.40
CA LEU B 455 -17.42 1.11 67.80
C LEU B 455 -17.52 2.51 68.34
N ASN B 456 -18.32 3.35 67.69
CA ASN B 456 -18.57 4.68 68.23
C ASN B 456 -19.01 4.63 69.68
N HIS B 457 -19.86 3.67 70.00
CA HIS B 457 -20.32 3.51 71.37
C HIS B 457 -19.26 2.90 72.30
N LYS B 458 -18.39 2.02 71.77
CA LYS B 458 -17.30 1.49 72.60
C LYS B 458 -16.34 2.61 72.97
N LEU B 459 -15.93 3.39 71.99
CA LEU B 459 -15.01 4.49 72.23
C LEU B 459 -15.62 5.54 73.17
N GLN B 460 -16.87 5.87 72.96
CA GLN B 460 -17.61 6.76 73.87
C GLN B 460 -17.58 6.25 75.33
N ASP B 461 -17.76 4.94 75.51
CA ASP B 461 -17.79 4.32 76.84
C ASP B 461 -16.40 4.23 77.50
N ALA B 462 -15.35 4.05 76.71
CA ALA B 462 -13.99 4.02 77.22
C ALA B 462 -13.56 5.43 77.55
N SER B 463 -13.92 6.38 76.70
CA SER B 463 -13.55 7.76 76.88
C SER B 463 -14.22 8.34 78.10
N ALA B 464 -15.44 7.89 78.35
CA ALA B 464 -16.20 8.33 79.49
C ALA B 464 -15.57 7.78 80.76
N GLU B 465 -14.91 6.63 80.68
CA GLU B 465 -14.27 6.04 81.85
C GLU B 465 -13.00 6.79 82.18
N VAL B 466 -12.15 7.06 81.20
CA VAL B 466 -10.91 7.77 81.50
C VAL B 466 -11.22 9.09 82.19
N GLU B 467 -12.23 9.81 81.71
CA GLU B 467 -12.56 11.06 82.37
C GLU B 467 -12.94 10.84 83.82
N ARG B 468 -13.62 9.75 84.12
CA ARG B 468 -13.96 9.44 85.50
C ARG B 468 -12.74 9.18 86.33
N LEU B 469 -11.89 8.32 85.80
CA LEU B 469 -10.73 7.84 86.53
C LEU B 469 -9.64 8.90 86.70
N ARG B 470 -9.44 9.72 85.68
CA ARG B 470 -8.44 10.78 85.75
C ARG B 470 -8.84 11.90 86.72
N ARG B 471 -10.14 12.13 86.84
CA ARG B 471 -10.67 13.20 87.68
C ARG B 471 -10.59 12.87 89.17
N GLU C 18 -46.63 -27.13 4.84
CA GLU C 18 -47.27 -28.29 5.53
C GLU C 18 -48.66 -27.90 6.07
N GLY C 19 -49.70 -28.14 5.27
CA GLY C 19 -51.07 -27.73 5.62
C GLY C 19 -51.34 -26.25 5.40
N LYS C 20 -50.77 -25.70 4.33
CA LYS C 20 -50.98 -24.28 3.94
C LYS C 20 -50.60 -24.11 2.47
N LEU C 21 -51.31 -23.23 1.75
CA LEU C 21 -51.09 -23.08 0.31
C LEU C 21 -50.66 -21.68 -0.08
N VAL C 22 -49.45 -21.54 -0.61
CA VAL C 22 -48.97 -20.24 -1.06
C VAL C 22 -48.94 -20.21 -2.59
N ILE C 23 -49.41 -19.10 -3.16
CA ILE C 23 -49.57 -18.97 -4.61
C ILE C 23 -48.88 -17.72 -5.17
N TRP C 24 -48.19 -17.90 -6.29
CA TRP C 24 -47.60 -16.78 -7.02
C TRP C 24 -48.40 -16.54 -8.28
N ILE C 25 -48.63 -15.26 -8.55
CA ILE C 25 -49.35 -14.80 -9.74
C ILE C 25 -48.88 -13.38 -9.98
N ASN C 26 -48.58 -13.05 -11.22
CA ASN C 26 -48.09 -11.74 -11.59
C ASN C 26 -49.06 -10.65 -11.06
N GLY C 27 -48.50 -9.47 -10.80
CA GLY C 27 -49.25 -8.35 -10.26
C GLY C 27 -50.37 -7.79 -11.13
N ASP C 28 -50.18 -7.75 -12.45
CA ASP C 28 -51.20 -7.16 -13.33
C ASP C 28 -52.41 -8.08 -13.47
N LYS C 29 -52.37 -9.26 -12.85
CA LYS C 29 -53.53 -10.16 -12.78
C LYS C 29 -54.44 -9.84 -11.60
N GLY C 30 -55.64 -10.42 -11.63
CA GLY C 30 -56.63 -10.17 -10.60
C GLY C 30 -56.34 -11.00 -9.36
N TYR C 31 -55.33 -10.58 -8.59
CA TYR C 31 -54.89 -11.36 -7.42
C TYR C 31 -55.80 -11.18 -6.19
N ASN C 32 -56.44 -10.01 -6.06
CA ASN C 32 -57.41 -9.80 -4.97
C ASN C 32 -58.65 -10.64 -5.20
N GLY C 33 -58.97 -10.88 -6.47
CA GLY C 33 -60.00 -11.86 -6.83
C GLY C 33 -59.60 -13.29 -6.47
N LEU C 34 -58.37 -13.66 -6.81
CA LEU C 34 -57.85 -15.01 -6.52
C LEU C 34 -57.81 -15.27 -5.01
N ALA C 35 -57.49 -14.22 -4.24
CA ALA C 35 -57.53 -14.24 -2.78
C ALA C 35 -58.95 -14.54 -2.29
N GLU C 36 -59.94 -13.92 -2.91
CA GLU C 36 -61.34 -14.23 -2.61
C GLU C 36 -61.61 -15.73 -2.81
N VAL C 37 -61.06 -16.32 -3.88
CA VAL C 37 -61.19 -17.77 -4.12
C VAL C 37 -60.50 -18.64 -3.04
N GLY C 38 -59.40 -18.14 -2.49
CA GLY C 38 -58.69 -18.80 -1.41
C GLY C 38 -59.40 -18.72 -0.06
N LYS C 39 -60.21 -17.68 0.13
CA LYS C 39 -60.98 -17.53 1.36
C LYS C 39 -62.22 -18.42 1.33
N LYS C 40 -62.84 -18.54 0.17
CA LYS C 40 -63.90 -19.55 -0.02
C LYS C 40 -63.34 -20.97 0.17
N PHE C 41 -62.06 -21.15 -0.16
CA PHE C 41 -61.35 -22.41 0.03
C PHE C 41 -60.98 -22.62 1.52
N GLU C 42 -60.45 -21.57 2.15
CA GLU C 42 -60.08 -21.59 3.59
C GLU C 42 -61.27 -21.86 4.48
N LYS C 43 -62.45 -21.42 4.05
CA LYS C 43 -63.67 -21.62 4.81
C LYS C 43 -64.10 -23.09 4.78
N ASP C 44 -64.27 -23.62 3.57
CA ASP C 44 -64.83 -24.95 3.35
C ASP C 44 -63.90 -26.12 3.71
N THR C 45 -62.60 -25.85 3.84
CA THR C 45 -61.65 -26.85 4.34
C THR C 45 -61.08 -26.37 5.68
N GLY C 46 -60.29 -25.29 5.63
CA GLY C 46 -59.57 -24.81 6.80
C GLY C 46 -58.10 -24.57 6.55
N ILE C 47 -57.68 -24.74 5.28
CA ILE C 47 -56.30 -24.52 4.84
C ILE C 47 -56.10 -23.09 4.33
N LYS C 48 -55.28 -22.31 5.03
CA LYS C 48 -55.06 -20.91 4.67
C LYS C 48 -54.37 -20.82 3.30
N VAL C 49 -54.79 -19.85 2.49
CA VAL C 49 -54.25 -19.67 1.15
C VAL C 49 -53.86 -18.23 0.92
N THR C 50 -52.56 -18.00 0.72
CA THR C 50 -52.01 -16.65 0.53
C THR C 50 -51.65 -16.44 -0.94
N VAL C 51 -52.02 -15.28 -1.47
CA VAL C 51 -51.62 -14.89 -2.81
C VAL C 51 -50.64 -13.72 -2.72
N GLU C 52 -49.53 -13.85 -3.45
CA GLU C 52 -48.53 -12.82 -3.55
C GLU C 52 -48.26 -12.53 -5.01
N HIS C 53 -47.57 -11.42 -5.25
CA HIS C 53 -47.21 -11.00 -6.59
C HIS C 53 -45.79 -10.39 -6.54
N PRO C 54 -44.81 -11.23 -6.19
CA PRO C 54 -43.42 -10.81 -6.16
C PRO C 54 -42.97 -10.33 -7.53
N ASP C 55 -42.21 -9.24 -7.56
CA ASP C 55 -41.66 -8.75 -8.81
C ASP C 55 -40.76 -9.82 -9.48
N LYS C 56 -40.76 -9.83 -10.81
CA LYS C 56 -39.88 -10.71 -11.59
C LYS C 56 -39.94 -12.12 -11.00
N LEU C 57 -41.16 -12.67 -10.90
CA LEU C 57 -41.40 -13.93 -10.19
C LEU C 57 -41.14 -15.16 -11.05
N GLU C 58 -41.32 -15.02 -12.37
CA GLU C 58 -40.95 -16.05 -13.33
C GLU C 58 -39.47 -16.46 -13.25
N GLU C 59 -38.60 -15.44 -13.14
CA GLU C 59 -37.16 -15.62 -13.03
C GLU C 59 -36.80 -16.08 -11.61
N LYS C 60 -37.62 -15.66 -10.64
CA LYS C 60 -37.44 -16.01 -9.23
C LYS C 60 -37.71 -17.48 -8.96
N PHE C 61 -38.74 -18.02 -9.59
CA PHE C 61 -39.22 -19.36 -9.28
C PHE C 61 -38.18 -20.49 -9.40
N PRO C 62 -37.36 -20.52 -10.48
CA PRO C 62 -36.35 -21.59 -10.62
C PRO C 62 -35.29 -21.64 -9.50
N GLN C 63 -35.11 -20.51 -8.81
CA GLN C 63 -34.19 -20.39 -7.68
C GLN C 63 -34.84 -20.72 -6.32
N VAL C 64 -36.14 -20.47 -6.18
CA VAL C 64 -36.87 -20.77 -4.92
C VAL C 64 -37.43 -22.20 -4.87
N ALA C 65 -37.79 -22.74 -6.02
CA ALA C 65 -38.26 -24.12 -6.13
C ALA C 65 -37.17 -25.10 -5.71
N ALA C 66 -35.95 -24.76 -6.17
CA ALA C 66 -34.72 -25.58 -6.01
C ALA C 66 -34.00 -25.42 -4.65
N THR C 67 -34.71 -24.84 -3.67
CA THR C 67 -34.34 -24.89 -2.23
C THR C 67 -35.57 -25.18 -1.32
N GLY C 68 -36.56 -25.91 -1.84
CA GLY C 68 -37.75 -26.23 -1.06
C GLY C 68 -38.48 -25.03 -0.45
N ASP C 69 -38.35 -23.86 -1.08
CA ASP C 69 -39.09 -22.63 -0.69
C ASP C 69 -40.04 -22.15 -1.82
N GLY C 70 -40.64 -20.97 -1.63
CA GLY C 70 -41.48 -20.40 -2.69
C GLY C 70 -42.87 -21.03 -2.73
N PRO C 71 -43.56 -20.96 -3.87
CA PRO C 71 -44.98 -21.30 -3.93
C PRO C 71 -45.31 -22.77 -4.21
N ASP C 72 -46.46 -23.19 -3.65
CA ASP C 72 -47.16 -24.45 -4.02
C ASP C 72 -47.74 -24.47 -5.45
N ILE C 73 -48.38 -23.37 -5.88
CA ILE C 73 -48.77 -23.15 -7.30
C ILE C 73 -48.29 -21.80 -7.92
N ILE C 74 -47.87 -21.85 -9.19
CA ILE C 74 -47.39 -20.66 -9.92
C ILE C 74 -48.27 -20.37 -11.16
N PHE C 75 -48.72 -19.12 -11.30
CA PHE C 75 -49.54 -18.62 -12.44
C PHE C 75 -48.77 -17.77 -13.48
N TRP C 76 -48.67 -18.29 -14.70
CA TRP C 76 -47.92 -17.61 -15.75
C TRP C 76 -48.27 -18.11 -17.14
N ALA C 77 -47.89 -17.32 -18.15
CA ALA C 77 -47.92 -17.75 -19.56
C ALA C 77 -47.22 -19.09 -19.71
N HIS C 78 -47.85 -19.98 -20.46
CA HIS C 78 -47.43 -21.38 -20.58
C HIS C 78 -46.05 -21.62 -21.20
N ASP C 79 -45.50 -20.65 -21.92
CA ASP C 79 -44.17 -20.83 -22.55
C ASP C 79 -43.04 -21.00 -21.49
N ARG C 80 -43.05 -20.15 -20.46
CA ARG C 80 -42.07 -20.25 -19.39
C ARG C 80 -42.04 -21.61 -18.70
N PHE C 81 -43.13 -22.38 -18.83
CA PHE C 81 -43.30 -23.65 -18.12
C PHE C 81 -42.57 -24.83 -18.75
N GLY C 82 -42.25 -24.73 -20.04
CA GLY C 82 -41.40 -25.71 -20.70
C GLY C 82 -39.98 -25.68 -20.14
N GLY C 83 -39.45 -24.48 -19.91
CA GLY C 83 -38.18 -24.33 -19.22
C GLY C 83 -38.19 -25.03 -17.87
N TYR C 84 -39.27 -24.80 -17.09
CA TYR C 84 -39.37 -25.33 -15.73
C TYR C 84 -39.49 -26.84 -15.77
N ALA C 85 -40.38 -27.34 -16.62
CA ALA C 85 -40.59 -28.80 -16.78
C ALA C 85 -39.26 -29.52 -17.07
N GLN C 86 -38.50 -28.97 -18.01
CA GLN C 86 -37.20 -29.52 -18.42
C GLN C 86 -36.19 -29.65 -17.29
N SER C 87 -36.31 -28.79 -16.27
CA SER C 87 -35.48 -28.87 -15.07
C SER C 87 -36.14 -29.74 -14.01
N GLY C 88 -37.31 -30.29 -14.33
CA GLY C 88 -38.06 -31.18 -13.42
C GLY C 88 -38.75 -30.47 -12.26
N LEU C 89 -38.88 -29.14 -12.36
CA LEU C 89 -39.38 -28.32 -11.26
C LEU C 89 -40.90 -28.41 -11.12
N LEU C 90 -41.58 -28.98 -12.11
CA LEU C 90 -43.04 -29.04 -12.09
C LEU C 90 -43.61 -30.46 -11.89
N ALA C 91 -44.69 -30.53 -11.12
CA ALA C 91 -45.37 -31.78 -10.84
C ALA C 91 -46.31 -32.11 -11.99
N GLU C 92 -46.35 -33.38 -12.39
CA GLU C 92 -47.25 -33.80 -13.47
C GLU C 92 -48.68 -33.84 -12.95
N ILE C 93 -49.56 -33.05 -13.55
CA ILE C 93 -50.94 -32.99 -13.09
C ILE C 93 -51.71 -34.20 -13.63
N THR C 94 -52.59 -34.76 -12.80
CA THR C 94 -53.35 -35.96 -13.15
C THR C 94 -54.85 -35.71 -12.97
N PRO C 95 -55.50 -35.03 -13.93
CA PRO C 95 -56.94 -34.83 -13.87
C PRO C 95 -57.67 -35.91 -14.65
N ASP C 96 -58.84 -36.33 -14.16
CA ASP C 96 -59.68 -37.29 -14.88
C ASP C 96 -60.19 -36.71 -16.21
N LYS C 97 -60.59 -37.57 -17.14
CA LYS C 97 -61.09 -37.11 -18.44
C LYS C 97 -62.50 -36.52 -18.31
N ALA C 98 -63.14 -36.72 -17.16
CA ALA C 98 -64.36 -36.01 -16.81
C ALA C 98 -64.05 -34.53 -16.65
N PHE C 99 -62.92 -34.22 -16.02
CA PHE C 99 -62.47 -32.84 -15.89
C PHE C 99 -61.89 -32.29 -17.18
N GLN C 100 -60.92 -32.99 -17.76
CA GLN C 100 -60.30 -32.56 -19.02
C GLN C 100 -61.32 -31.97 -20.00
N ASP C 101 -62.48 -32.62 -20.11
CA ASP C 101 -63.52 -32.23 -21.04
C ASP C 101 -64.23 -30.93 -20.69
N LYS C 102 -64.10 -30.47 -19.44
CA LYS C 102 -64.62 -29.15 -19.07
C LYS C 102 -63.84 -28.00 -19.71
N LEU C 103 -62.61 -28.29 -20.17
CA LEU C 103 -61.75 -27.29 -20.81
C LEU C 103 -61.58 -27.56 -22.31
N TYR C 104 -61.42 -26.49 -23.07
CA TYR C 104 -61.29 -26.58 -24.53
C TYR C 104 -60.05 -27.40 -24.94
N PRO C 105 -60.25 -28.51 -25.69
CA PRO C 105 -59.22 -29.47 -26.06
C PRO C 105 -57.81 -28.91 -26.25
N PHE C 106 -57.72 -27.81 -26.99
CA PHE C 106 -56.42 -27.23 -27.39
C PHE C 106 -55.69 -26.46 -26.27
N THR C 107 -56.36 -26.14 -25.16
CA THR C 107 -55.68 -25.51 -24.03
C THR C 107 -54.70 -26.51 -23.38
N TRP C 108 -55.01 -27.79 -23.47
CA TRP C 108 -54.12 -28.83 -22.96
C TRP C 108 -52.88 -29.07 -23.84
N ASP C 109 -52.90 -28.61 -25.10
CA ASP C 109 -51.71 -28.66 -25.99
C ASP C 109 -50.63 -27.63 -25.60
N ALA C 110 -51.02 -26.59 -24.86
CA ALA C 110 -50.09 -25.54 -24.44
C ALA C 110 -49.48 -25.86 -23.07
N VAL C 111 -49.95 -26.94 -22.44
CA VAL C 111 -49.42 -27.36 -21.14
C VAL C 111 -48.89 -28.80 -21.18
N ARG C 112 -48.16 -29.11 -22.27
CA ARG C 112 -47.50 -30.41 -22.45
C ARG C 112 -45.99 -30.24 -22.69
N TYR C 113 -45.20 -31.11 -22.05
CA TYR C 113 -43.75 -31.16 -22.25
C TYR C 113 -43.32 -32.62 -22.22
N ASN C 114 -42.72 -33.08 -23.32
CA ASN C 114 -42.44 -34.51 -23.51
C ASN C 114 -43.66 -35.39 -23.22
N GLY C 115 -44.80 -35.03 -23.81
CA GLY C 115 -46.03 -35.82 -23.65
C GLY C 115 -46.81 -35.61 -22.36
N LYS C 116 -46.11 -35.22 -21.29
CA LYS C 116 -46.70 -35.13 -19.95
C LYS C 116 -47.38 -33.79 -19.72
N LEU C 117 -48.58 -33.81 -19.14
CA LEU C 117 -49.26 -32.57 -18.77
C LEU C 117 -48.59 -31.98 -17.53
N ILE C 118 -48.19 -30.73 -17.60
CA ILE C 118 -47.39 -30.11 -16.53
C ILE C 118 -48.05 -28.89 -15.84
N ALA C 119 -49.28 -28.56 -16.22
CA ALA C 119 -50.04 -27.48 -15.59
C ALA C 119 -51.48 -27.39 -16.11
N TYR C 120 -52.30 -26.65 -15.36
CA TYR C 120 -53.68 -26.35 -15.73
C TYR C 120 -53.79 -25.08 -16.59
N PRO C 121 -54.52 -25.18 -17.72
CA PRO C 121 -54.93 -23.98 -18.43
C PRO C 121 -55.97 -23.13 -17.69
N ILE C 122 -55.84 -21.81 -17.80
CA ILE C 122 -56.74 -20.86 -17.14
C ILE C 122 -57.33 -19.82 -18.09
N ALA C 123 -56.52 -19.28 -18.98
CA ALA C 123 -56.98 -18.17 -19.83
C ALA C 123 -56.24 -18.16 -21.17
N VAL C 124 -56.89 -17.58 -22.17
CA VAL C 124 -56.40 -17.67 -23.51
C VAL C 124 -56.38 -16.29 -24.09
N GLU C 125 -55.27 -15.97 -24.73
CA GLU C 125 -54.99 -14.63 -25.22
C GLU C 125 -54.43 -14.74 -26.62
N ALA C 126 -54.94 -13.90 -27.51
CA ALA C 126 -54.47 -13.87 -28.89
C ALA C 126 -54.72 -12.48 -29.44
N LEU C 127 -54.02 -12.13 -30.51
CA LEU C 127 -54.30 -10.86 -31.19
C LEU C 127 -55.65 -11.01 -31.88
N SER C 128 -56.38 -9.90 -31.97
CA SER C 128 -57.64 -9.81 -32.68
C SER C 128 -57.59 -8.56 -33.56
N LEU C 129 -58.54 -8.49 -34.49
CA LEU C 129 -58.66 -7.33 -35.37
C LEU C 129 -59.61 -6.37 -34.72
N ILE C 130 -59.12 -5.13 -34.56
CA ILE C 130 -59.89 -4.09 -33.96
C ILE C 130 -60.17 -2.98 -34.97
N TYR C 131 -61.40 -2.49 -35.01
CA TYR C 131 -61.81 -1.54 -36.03
C TYR C 131 -62.81 -0.56 -35.54
N ASN C 132 -62.75 0.60 -36.20
CA ASN C 132 -63.53 1.76 -35.88
C ASN C 132 -64.77 1.80 -36.76
N LYS C 133 -65.93 1.76 -36.14
CA LYS C 133 -67.17 1.52 -36.88
C LYS C 133 -67.65 2.80 -37.53
N ASP C 134 -67.33 3.95 -36.93
CA ASP C 134 -67.63 5.26 -37.53
C ASP C 134 -66.75 5.61 -38.72
N LEU C 135 -65.68 4.84 -38.94
CA LEU C 135 -64.86 4.94 -40.16
C LEU C 135 -65.00 3.73 -41.04
N LEU C 136 -65.47 2.63 -40.47
CA LEU C 136 -65.52 1.37 -41.16
C LEU C 136 -66.45 0.53 -40.38
N PRO C 137 -67.75 0.58 -40.74
CA PRO C 137 -68.78 -0.15 -40.00
C PRO C 137 -68.69 -1.63 -40.26
N ASN C 138 -68.20 -1.99 -41.43
CA ASN C 138 -68.09 -3.37 -41.82
C ASN C 138 -66.60 -3.67 -42.02
N PRO C 139 -66.02 -4.46 -41.12
CA PRO C 139 -64.61 -4.81 -41.26
C PRO C 139 -64.39 -5.89 -42.33
N PRO C 140 -63.29 -5.80 -43.08
CA PRO C 140 -63.00 -6.76 -44.15
C PRO C 140 -62.72 -8.17 -43.66
N LYS C 141 -62.97 -9.17 -44.50
CA LYS C 141 -62.73 -10.57 -44.14
C LYS C 141 -61.42 -11.14 -44.67
N THR C 142 -60.65 -10.34 -45.41
CA THR C 142 -59.41 -10.82 -46.02
C THR C 142 -58.33 -9.78 -46.14
N TRP C 143 -57.10 -10.21 -45.95
CA TRP C 143 -55.97 -9.30 -46.09
C TRP C 143 -55.91 -8.65 -47.46
N GLU C 144 -56.32 -9.42 -48.47
CA GLU C 144 -56.09 -9.06 -49.86
C GLU C 144 -56.84 -7.80 -50.23
N GLU C 145 -57.95 -7.50 -49.53
CA GLU C 145 -58.79 -6.33 -49.87
C GLU C 145 -58.34 -5.00 -49.22
N ILE C 146 -57.29 -5.08 -48.42
CA ILE C 146 -56.78 -3.96 -47.63
C ILE C 146 -56.14 -2.85 -48.45
N PRO C 147 -55.26 -3.19 -49.40
CA PRO C 147 -54.79 -2.13 -50.28
C PRO C 147 -55.95 -1.41 -50.93
N ALA C 148 -56.82 -2.14 -51.62
CA ALA C 148 -58.04 -1.55 -52.20
C ALA C 148 -58.75 -0.59 -51.23
N LEU C 149 -58.86 -1.01 -49.97
CA LEU C 149 -59.56 -0.28 -48.92
C LEU C 149 -58.75 0.91 -48.39
N ASP C 150 -57.43 0.80 -48.41
CA ASP C 150 -56.54 1.89 -47.99
C ASP C 150 -56.60 3.05 -48.98
N LYS C 151 -56.68 2.75 -50.28
CA LYS C 151 -56.84 3.77 -51.32
C LYS C 151 -58.07 4.62 -51.06
N GLU C 152 -59.21 3.94 -50.94
CA GLU C 152 -60.49 4.54 -50.52
C GLU C 152 -60.37 5.47 -49.32
N LEU C 153 -59.52 5.10 -48.37
CA LEU C 153 -59.43 5.81 -47.11
C LEU C 153 -58.42 6.92 -47.15
N LYS C 154 -57.29 6.68 -47.81
CA LYS C 154 -56.28 7.71 -47.99
C LYS C 154 -56.95 8.91 -48.65
N ALA C 155 -57.88 8.66 -49.56
CA ALA C 155 -58.63 9.71 -50.27
C ALA C 155 -59.23 10.76 -49.36
N LYS C 156 -59.69 10.33 -48.18
CA LYS C 156 -60.23 11.23 -47.16
C LYS C 156 -59.29 11.34 -45.96
N GLY C 157 -57.99 11.23 -46.22
CA GLY C 157 -56.95 11.54 -45.24
C GLY C 157 -56.93 10.61 -44.06
N LYS C 158 -57.18 9.33 -44.32
CA LYS C 158 -57.15 8.31 -43.28
C LYS C 158 -56.52 6.99 -43.79
N SER C 159 -55.89 6.24 -42.91
CA SER C 159 -55.23 4.97 -43.26
C SER C 159 -56.06 3.75 -42.88
N ALA C 160 -56.00 2.71 -43.68
CA ALA C 160 -56.79 1.51 -43.41
C ALA C 160 -56.29 0.82 -42.14
N LEU C 161 -55.02 0.44 -42.12
CA LEU C 161 -54.46 -0.37 -41.03
C LEU C 161 -53.11 0.15 -40.52
N MET C 162 -52.92 -0.04 -39.21
CA MET C 162 -51.69 0.30 -38.49
C MET C 162 -51.58 -0.63 -37.27
N PHE C 163 -50.41 -1.25 -37.10
CA PHE C 163 -50.12 -2.10 -35.95
C PHE C 163 -48.63 -2.34 -35.87
N ASN C 164 -48.18 -2.95 -34.79
CA ASN C 164 -46.74 -3.04 -34.50
C ASN C 164 -46.01 -3.90 -35.53
N LEU C 165 -45.33 -3.23 -36.46
CA LEU C 165 -44.50 -3.92 -37.46
C LEU C 165 -43.11 -4.32 -36.93
N GLN C 166 -42.57 -3.56 -35.97
CA GLN C 166 -41.28 -3.87 -35.34
C GLN C 166 -41.22 -5.25 -34.70
N GLU C 167 -42.31 -5.65 -34.08
CA GLU C 167 -42.31 -6.87 -33.31
C GLU C 167 -42.94 -8.04 -34.11
N PRO C 168 -42.25 -9.21 -34.14
CA PRO C 168 -42.73 -10.37 -34.93
C PRO C 168 -44.02 -10.98 -34.39
N TYR C 169 -44.14 -11.02 -33.08
CA TYR C 169 -45.36 -11.43 -32.43
C TYR C 169 -46.60 -10.86 -33.14
N PHE C 170 -46.50 -9.60 -33.57
CA PHE C 170 -47.61 -8.95 -34.29
C PHE C 170 -47.62 -9.35 -35.75
N THR C 171 -46.44 -9.38 -36.37
CA THR C 171 -46.38 -9.56 -37.82
C THR C 171 -46.55 -11.01 -38.19
N TRP C 172 -46.32 -11.89 -37.24
CA TRP C 172 -46.47 -13.31 -37.45
C TRP C 172 -47.83 -13.72 -38.04
N PRO C 173 -48.92 -13.32 -37.38
CA PRO C 173 -50.25 -13.67 -37.85
C PRO C 173 -50.45 -13.71 -39.37
N LEU C 174 -50.02 -12.65 -40.05
CA LEU C 174 -50.08 -12.57 -41.50
C LEU C 174 -49.07 -13.52 -42.15
N ILE C 175 -47.82 -13.52 -41.70
CA ILE C 175 -46.79 -14.36 -42.28
C ILE C 175 -47.15 -15.85 -42.22
N ALA C 176 -47.58 -16.29 -41.05
CA ALA C 176 -47.87 -17.69 -40.80
C ALA C 176 -49.19 -18.14 -41.43
N ALA C 177 -50.04 -17.18 -41.80
CA ALA C 177 -51.39 -17.47 -42.29
C ALA C 177 -51.53 -18.69 -43.16
N ASP C 178 -50.81 -18.67 -44.28
CA ASP C 178 -51.01 -19.66 -45.32
C ASP C 178 -50.14 -20.90 -45.13
N GLY C 179 -50.22 -21.53 -43.95
CA GLY C 179 -49.54 -22.80 -43.67
C GLY C 179 -48.17 -22.70 -43.02
N GLY C 180 -47.77 -21.48 -42.66
CA GLY C 180 -46.54 -21.29 -41.88
C GLY C 180 -46.63 -21.75 -40.42
N TYR C 181 -45.46 -21.99 -39.83
CA TYR C 181 -45.34 -22.35 -38.42
C TYR C 181 -43.89 -22.23 -37.89
N ALA C 182 -43.75 -22.11 -36.56
CA ALA C 182 -42.42 -22.07 -35.93
C ALA C 182 -41.82 -23.49 -35.96
N PHE C 183 -42.21 -24.35 -34.99
CA PHE C 183 -41.72 -25.73 -34.90
C PHE C 183 -42.90 -26.71 -34.96
N LYS C 184 -42.71 -27.85 -35.62
CA LYS C 184 -43.80 -28.82 -35.80
C LYS C 184 -44.17 -29.46 -34.46
N TYR C 185 -45.45 -29.37 -34.09
CA TYR C 185 -45.98 -30.02 -32.89
C TYR C 185 -46.48 -31.37 -33.37
N GLU C 186 -46.08 -32.44 -32.69
CA GLU C 186 -46.20 -33.81 -33.22
C GLU C 186 -47.19 -34.65 -32.43
N ASN C 187 -47.04 -34.67 -31.10
CA ASN C 187 -47.80 -35.58 -30.25
C ASN C 187 -48.05 -34.92 -28.91
N GLY C 188 -46.95 -34.69 -28.19
CA GLY C 188 -46.93 -33.80 -27.04
C GLY C 188 -45.66 -32.96 -26.98
N LYS C 189 -44.84 -33.00 -28.03
CA LYS C 189 -43.58 -32.22 -28.06
C LYS C 189 -43.41 -31.45 -29.37
N TYR C 190 -42.18 -30.98 -29.62
CA TYR C 190 -41.79 -30.31 -30.87
C TYR C 190 -40.51 -30.93 -31.46
N ASP C 191 -40.54 -31.26 -32.75
CA ASP C 191 -39.33 -31.63 -33.48
C ASP C 191 -38.54 -30.34 -33.63
N ILE C 192 -37.67 -30.11 -32.65
CA ILE C 192 -36.75 -28.95 -32.59
C ILE C 192 -36.05 -28.55 -33.91
N LYS C 193 -36.02 -29.48 -34.87
CA LYS C 193 -35.35 -29.30 -36.17
C LYS C 193 -36.32 -29.23 -37.37
N ASP C 194 -37.62 -29.39 -37.10
CA ASP C 194 -38.64 -29.24 -38.14
C ASP C 194 -39.22 -27.83 -37.96
N VAL C 195 -39.12 -27.02 -39.02
CA VAL C 195 -39.36 -25.59 -38.92
C VAL C 195 -40.12 -25.10 -40.14
N GLY C 196 -41.18 -24.35 -39.94
CA GLY C 196 -41.99 -23.89 -41.06
C GLY C 196 -41.73 -22.47 -41.51
N VAL C 197 -40.56 -21.95 -41.20
CA VAL C 197 -40.32 -20.51 -41.33
C VAL C 197 -40.00 -20.04 -42.77
N ASP C 198 -39.42 -20.91 -43.60
CA ASP C 198 -39.37 -20.65 -45.06
C ASP C 198 -39.90 -21.85 -45.89
N ASN C 199 -41.03 -22.39 -45.44
CA ASN C 199 -41.89 -23.18 -46.29
C ASN C 199 -42.61 -22.25 -47.29
N ALA C 200 -43.49 -22.84 -48.11
CA ALA C 200 -44.25 -22.08 -49.12
C ALA C 200 -45.08 -20.91 -48.50
N GLY C 201 -45.67 -21.17 -47.32
CA GLY C 201 -46.61 -20.26 -46.68
C GLY C 201 -46.00 -18.97 -46.18
N ALA C 202 -44.91 -19.12 -45.46
CA ALA C 202 -44.20 -17.99 -44.85
C ALA C 202 -43.80 -16.95 -45.88
N LYS C 203 -43.12 -17.40 -46.92
CA LYS C 203 -42.61 -16.53 -48.00
C LYS C 203 -43.74 -15.66 -48.59
N ALA C 204 -44.84 -16.31 -48.95
CA ALA C 204 -46.02 -15.62 -49.52
C ALA C 204 -46.57 -14.54 -48.58
N GLY C 205 -46.57 -14.82 -47.28
CA GLY C 205 -47.07 -13.89 -46.29
C GLY C 205 -46.13 -12.71 -46.05
N LEU C 206 -44.87 -13.02 -45.75
CA LEU C 206 -43.93 -11.96 -45.58
C LEU C 206 -43.94 -11.09 -46.83
N THR C 207 -44.02 -11.74 -48.00
CA THR C 207 -44.03 -11.03 -49.29
C THR C 207 -45.16 -10.02 -49.36
N PHE C 208 -46.33 -10.43 -48.90
CA PHE C 208 -47.45 -9.51 -48.83
C PHE C 208 -47.21 -8.36 -47.85
N LEU C 209 -46.61 -8.66 -46.71
CA LEU C 209 -46.29 -7.64 -45.72
C LEU C 209 -45.30 -6.62 -46.25
N VAL C 210 -44.34 -7.11 -47.04
CA VAL C 210 -43.36 -6.22 -47.65
C VAL C 210 -44.03 -5.34 -48.72
N ASP C 211 -44.90 -5.95 -49.53
CA ASP C 211 -45.61 -5.23 -50.59
C ASP C 211 -46.45 -4.07 -50.04
N LEU C 212 -47.15 -4.33 -48.94
CA LEU C 212 -47.95 -3.31 -48.26
C LEU C 212 -47.10 -2.09 -47.90
N ILE C 213 -45.84 -2.33 -47.52
CA ILE C 213 -44.95 -1.27 -47.14
C ILE C 213 -44.45 -0.55 -48.40
N LYS C 214 -44.09 -1.34 -49.41
CA LYS C 214 -43.63 -0.82 -50.74
C LYS C 214 -44.66 0.14 -51.36
N ASN C 215 -45.92 -0.28 -51.34
CA ASN C 215 -46.99 0.47 -51.99
C ASN C 215 -47.53 1.58 -51.09
N LYS C 216 -46.78 1.93 -50.04
CA LYS C 216 -47.12 3.03 -49.13
C LYS C 216 -48.42 2.83 -48.34
N HIS C 217 -48.86 1.58 -48.19
CA HIS C 217 -50.05 1.28 -47.39
C HIS C 217 -49.75 1.20 -45.89
N MET C 218 -48.48 0.98 -45.56
CA MET C 218 -47.97 1.03 -44.19
C MET C 218 -46.60 1.72 -44.14
N ASN C 219 -46.22 2.16 -42.95
CA ASN C 219 -44.89 2.68 -42.70
C ASN C 219 -44.04 1.56 -42.10
N ALA C 220 -42.77 1.49 -42.54
CA ALA C 220 -41.86 0.44 -42.11
C ALA C 220 -41.60 0.57 -40.63
N ASP C 221 -41.57 1.78 -40.13
CA ASP C 221 -41.19 2.01 -38.72
C ASP C 221 -42.42 2.35 -37.87
N THR C 222 -43.49 1.55 -38.02
CA THR C 222 -44.67 1.66 -37.16
C THR C 222 -44.47 0.70 -36.00
N ASP C 223 -44.35 1.23 -34.78
CA ASP C 223 -44.20 0.39 -33.57
C ASP C 223 -45.51 0.38 -32.78
N TYR C 224 -45.52 -0.22 -31.59
CA TYR C 224 -46.74 -0.29 -30.78
C TYR C 224 -47.30 1.08 -30.39
N SER C 225 -46.45 1.89 -29.80
CA SER C 225 -46.87 3.20 -29.28
C SER C 225 -47.63 4.03 -30.33
N ILE C 226 -47.05 4.07 -31.53
CA ILE C 226 -47.59 4.82 -32.65
C ILE C 226 -48.97 4.27 -33.07
N ALA C 227 -49.00 2.96 -33.33
CA ALA C 227 -50.24 2.26 -33.74
C ALA C 227 -51.42 2.43 -32.77
N GLU C 228 -51.14 2.30 -31.47
CA GLU C 228 -52.19 2.55 -30.49
C GLU C 228 -52.72 3.99 -30.68
N ALA C 229 -51.85 4.99 -30.51
CA ALA C 229 -52.25 6.41 -30.58
C ALA C 229 -52.98 6.77 -31.86
N ALA C 230 -52.52 6.22 -32.98
CA ALA C 230 -53.21 6.34 -34.26
C ALA C 230 -54.64 5.83 -34.16
N PHE C 231 -54.80 4.56 -33.82
CA PHE C 231 -56.13 4.01 -33.82
C PHE C 231 -56.99 4.71 -32.80
N ASN C 232 -56.42 4.97 -31.63
CA ASN C 232 -57.19 5.51 -30.51
C ASN C 232 -57.66 6.93 -30.74
N LYS C 233 -56.99 7.65 -31.63
CA LYS C 233 -57.41 9.02 -32.00
C LYS C 233 -58.11 9.09 -33.38
N GLY C 234 -58.49 7.94 -33.92
CA GLY C 234 -59.33 7.85 -35.13
C GLY C 234 -58.65 8.17 -36.44
N GLU C 235 -57.32 8.00 -36.50
CA GLU C 235 -56.52 8.31 -37.71
C GLU C 235 -56.43 7.12 -38.65
N THR C 236 -56.77 5.95 -38.15
CA THR C 236 -56.70 4.72 -38.93
C THR C 236 -57.91 3.91 -38.61
N ALA C 237 -58.44 3.23 -39.62
CA ALA C 237 -59.68 2.45 -39.49
C ALA C 237 -59.49 1.26 -38.59
N MET C 238 -58.28 0.70 -38.62
CA MET C 238 -58.01 -0.58 -37.97
C MET C 238 -56.63 -0.66 -37.33
N THR C 239 -56.56 -1.59 -36.38
CA THR C 239 -55.34 -1.91 -35.70
C THR C 239 -55.43 -3.38 -35.34
N ILE C 240 -54.31 -3.96 -34.97
CA ILE C 240 -54.23 -5.35 -34.55
C ILE C 240 -53.67 -5.37 -33.15
N ASN C 241 -54.40 -6.02 -32.23
CA ASN C 241 -54.05 -5.94 -30.81
C ASN C 241 -54.89 -6.80 -29.86
N GLY C 242 -54.35 -7.02 -28.68
CA GLY C 242 -54.95 -7.88 -27.70
C GLY C 242 -55.88 -7.21 -26.70
N PRO C 243 -56.44 -7.99 -25.78
CA PRO C 243 -57.32 -7.47 -24.74
C PRO C 243 -56.70 -6.32 -23.96
N TRP C 244 -55.42 -6.47 -23.64
CA TRP C 244 -54.68 -5.49 -22.88
C TRP C 244 -54.78 -4.05 -23.39
N ALA C 245 -55.11 -3.87 -24.66
CA ALA C 245 -55.16 -2.50 -25.21
C ALA C 245 -56.53 -1.90 -25.21
N TRP C 246 -57.54 -2.70 -24.84
CA TRP C 246 -58.94 -2.29 -24.91
C TRP C 246 -59.24 -1.14 -23.98
N SER C 247 -58.87 -1.26 -22.71
CA SER C 247 -59.30 -0.25 -21.74
C SER C 247 -58.82 1.14 -22.13
N ASN C 248 -57.67 1.21 -22.80
CA ASN C 248 -57.16 2.46 -23.34
C ASN C 248 -58.03 3.06 -24.45
N ILE C 249 -58.71 2.19 -25.20
CA ILE C 249 -59.64 2.58 -26.27
C ILE C 249 -60.98 2.98 -25.66
N ASP C 250 -61.43 2.20 -24.68
CA ASP C 250 -62.62 2.56 -23.93
C ASP C 250 -62.59 4.02 -23.60
N THR C 251 -61.49 4.48 -23.00
CA THR C 251 -61.34 5.89 -22.58
C THR C 251 -61.27 6.87 -23.74
N SER C 252 -60.57 6.51 -24.81
CA SER C 252 -60.47 7.40 -25.97
C SER C 252 -61.84 7.63 -26.59
N LYS C 253 -62.75 6.68 -26.30
CA LYS C 253 -64.15 6.70 -26.71
C LYS C 253 -64.40 6.45 -28.22
N VAL C 254 -63.38 6.06 -28.97
CA VAL C 254 -63.62 5.58 -30.32
C VAL C 254 -64.67 4.48 -30.25
N ASN C 255 -65.55 4.42 -31.25
CA ASN C 255 -66.64 3.42 -31.29
C ASN C 255 -66.18 2.14 -31.99
N TYR C 256 -65.65 1.20 -31.22
CA TYR C 256 -64.84 0.14 -31.81
C TYR C 256 -65.40 -1.24 -31.66
N GLY C 257 -65.17 -2.03 -32.70
CA GLY C 257 -65.56 -3.43 -32.73
C GLY C 257 -64.33 -4.32 -32.72
N VAL C 258 -64.50 -5.55 -32.24
CA VAL C 258 -63.42 -6.54 -32.19
C VAL C 258 -63.88 -7.82 -32.88
N THR C 259 -63.07 -8.31 -33.83
CA THR C 259 -63.49 -9.38 -34.69
C THR C 259 -62.36 -10.31 -35.12
N VAL C 260 -62.71 -11.40 -35.82
CA VAL C 260 -61.71 -12.32 -36.40
C VAL C 260 -60.69 -11.51 -37.21
N LEU C 261 -59.44 -11.97 -37.23
CA LEU C 261 -58.45 -11.38 -38.10
C LEU C 261 -58.73 -11.90 -39.53
N PRO C 262 -58.42 -11.06 -40.55
CA PRO C 262 -58.73 -11.42 -41.94
C PRO C 262 -57.89 -12.60 -42.47
N THR C 263 -58.48 -13.33 -43.42
CA THR C 263 -57.84 -14.47 -44.04
C THR C 263 -56.79 -14.02 -45.06
N PHE C 264 -55.76 -14.84 -45.23
CA PHE C 264 -54.83 -14.72 -46.35
C PHE C 264 -54.90 -16.00 -47.16
N LYS C 265 -54.91 -15.87 -48.49
CA LYS C 265 -55.13 -17.01 -49.41
C LYS C 265 -56.18 -17.98 -48.87
N GLY C 266 -57.32 -17.43 -48.44
CA GLY C 266 -58.41 -18.22 -47.87
C GLY C 266 -58.08 -18.95 -46.58
N GLN C 267 -56.95 -18.60 -45.97
CA GLN C 267 -56.52 -19.25 -44.74
C GLN C 267 -56.59 -18.28 -43.55
N PRO C 268 -57.09 -18.77 -42.40
CA PRO C 268 -57.27 -17.88 -41.25
C PRO C 268 -55.93 -17.40 -40.78
N SER C 269 -55.85 -16.16 -40.31
CA SER C 269 -54.56 -15.69 -39.78
C SER C 269 -54.17 -16.61 -38.63
N LYS C 270 -52.85 -16.69 -38.41
CA LYS C 270 -52.24 -17.63 -37.48
C LYS C 270 -51.50 -16.77 -36.43
N PRO C 271 -52.26 -16.15 -35.52
CA PRO C 271 -51.64 -15.38 -34.48
C PRO C 271 -51.24 -16.29 -33.31
N PHE C 272 -50.23 -15.85 -32.55
CA PHE C 272 -49.79 -16.61 -31.39
C PHE C 272 -50.82 -16.51 -30.26
N VAL C 273 -51.21 -17.70 -29.79
CA VAL C 273 -52.08 -17.93 -28.67
C VAL C 273 -51.22 -18.04 -27.44
N GLY C 274 -51.60 -17.37 -26.36
CA GLY C 274 -50.95 -17.55 -25.07
C GLY C 274 -51.96 -18.00 -24.05
N VAL C 275 -51.67 -19.13 -23.40
CA VAL C 275 -52.51 -19.67 -22.34
C VAL C 275 -51.89 -19.42 -20.97
N LEU C 276 -52.53 -18.56 -20.16
CA LEU C 276 -52.16 -18.40 -18.75
C LEU C 276 -52.40 -19.72 -18.10
N SER C 277 -51.37 -20.29 -17.48
CA SER C 277 -51.45 -21.64 -16.89
C SER C 277 -51.06 -21.65 -15.40
N ALA C 278 -51.64 -22.60 -14.67
CA ALA C 278 -51.39 -22.78 -13.23
C ALA C 278 -50.56 -24.04 -12.97
N GLY C 279 -49.29 -23.87 -12.62
CA GLY C 279 -48.39 -25.00 -12.37
C GLY C 279 -48.18 -25.27 -10.89
N ILE C 280 -47.77 -26.51 -10.60
CA ILE C 280 -47.54 -27.01 -9.23
C ILE C 280 -46.08 -27.46 -9.00
N ASN C 281 -45.48 -26.98 -7.91
CA ASN C 281 -44.08 -27.24 -7.55
C ASN C 281 -43.81 -28.73 -7.44
N ALA C 282 -42.75 -29.21 -8.07
CA ALA C 282 -42.40 -30.64 -8.10
C ALA C 282 -42.40 -31.28 -6.70
N ALA C 283 -41.68 -30.67 -5.75
CA ALA C 283 -41.55 -31.21 -4.38
C ALA C 283 -42.44 -30.46 -3.37
N SER C 284 -43.69 -30.17 -3.77
CA SER C 284 -44.61 -29.44 -2.90
C SER C 284 -45.26 -30.40 -1.94
N PRO C 285 -45.20 -30.10 -0.62
CA PRO C 285 -45.76 -31.00 0.38
C PRO C 285 -47.25 -31.24 0.16
N ASN C 286 -47.92 -30.20 -0.35
CA ASN C 286 -49.34 -30.27 -0.64
C ASN C 286 -49.55 -30.59 -2.12
N LYS C 287 -49.51 -31.88 -2.43
CA LYS C 287 -49.75 -32.39 -3.78
C LYS C 287 -51.26 -32.36 -4.13
N GLU C 288 -52.03 -33.21 -3.44
CA GLU C 288 -53.48 -33.37 -3.70
C GLU C 288 -54.30 -32.15 -3.28
N LEU C 289 -53.77 -31.34 -2.36
CA LEU C 289 -54.46 -30.13 -1.93
C LEU C 289 -54.45 -29.05 -3.01
N ALA C 290 -53.32 -28.88 -3.70
CA ALA C 290 -53.21 -27.86 -4.77
C ALA C 290 -54.14 -28.23 -5.93
N LYS C 291 -54.04 -29.47 -6.40
CA LYS C 291 -54.99 -30.04 -7.38
C LYS C 291 -56.45 -29.73 -6.97
N GLU C 292 -56.78 -30.06 -5.73
CA GLU C 292 -58.11 -29.81 -5.12
C GLU C 292 -58.57 -28.36 -5.24
N PHE C 293 -57.67 -27.41 -4.99
CA PHE C 293 -57.97 -25.96 -5.14
C PHE C 293 -58.26 -25.50 -6.58
N LEU C 294 -57.41 -25.93 -7.51
CA LEU C 294 -57.61 -25.60 -8.93
C LEU C 294 -58.84 -26.34 -9.51
N GLU C 295 -58.81 -27.67 -9.55
CA GLU C 295 -59.92 -28.45 -10.13
C GLU C 295 -61.35 -28.14 -9.60
N ASN C 296 -61.48 -27.91 -8.30
CA ASN C 296 -62.81 -27.81 -7.69
C ASN C 296 -63.19 -26.40 -7.21
N TYR C 297 -62.27 -25.44 -7.27
CA TYR C 297 -62.53 -24.08 -6.77
C TYR C 297 -62.25 -22.93 -7.74
N LEU C 298 -61.08 -22.93 -8.38
CA LEU C 298 -60.74 -21.89 -9.36
C LEU C 298 -61.36 -22.15 -10.73
N LEU C 299 -61.06 -23.31 -11.32
CA LEU C 299 -61.58 -23.65 -12.64
C LEU C 299 -63.06 -24.05 -12.59
N THR C 300 -63.88 -23.04 -12.26
CA THR C 300 -65.33 -23.15 -12.09
C THR C 300 -65.93 -21.75 -12.19
N ASP C 301 -67.16 -21.66 -12.67
CA ASP C 301 -67.81 -20.37 -12.98
C ASP C 301 -67.60 -19.34 -11.86
N GLU C 302 -67.80 -19.77 -10.61
CA GLU C 302 -67.73 -18.86 -9.45
C GLU C 302 -66.31 -18.35 -9.23
N GLY C 303 -65.35 -19.30 -9.19
CA GLY C 303 -63.94 -19.00 -8.98
C GLY C 303 -63.40 -18.02 -10.01
N LEU C 304 -63.56 -18.39 -11.29
CA LEU C 304 -63.12 -17.55 -12.40
C LEU C 304 -63.82 -16.19 -12.41
N GLU C 305 -65.08 -16.16 -11.97
CA GLU C 305 -65.83 -14.90 -11.87
C GLU C 305 -65.18 -13.93 -10.89
N ALA C 306 -64.83 -14.45 -9.72
CA ALA C 306 -64.19 -13.64 -8.69
C ALA C 306 -62.95 -12.97 -9.27
N VAL C 307 -62.13 -13.77 -9.94
CA VAL C 307 -60.90 -13.27 -10.57
C VAL C 307 -61.16 -12.28 -11.72
N ASN C 308 -62.11 -12.62 -12.58
CA ASN C 308 -62.49 -11.76 -13.72
C ASN C 308 -63.09 -10.40 -13.26
N LYS C 309 -63.79 -10.39 -12.12
CA LYS C 309 -64.33 -9.16 -11.53
C LYS C 309 -63.22 -8.22 -11.03
N ASP C 310 -62.09 -8.77 -10.59
CA ASP C 310 -60.99 -7.95 -10.14
C ASP C 310 -60.30 -7.38 -11.35
N LYS C 311 -59.83 -8.27 -12.23
CA LYS C 311 -59.27 -7.88 -13.54
C LYS C 311 -59.66 -8.89 -14.64
N PRO C 312 -60.23 -8.38 -15.75
CA PRO C 312 -60.62 -9.25 -16.84
C PRO C 312 -59.51 -10.21 -17.23
N LEU C 313 -59.86 -11.49 -17.34
CA LEU C 313 -58.94 -12.54 -17.81
C LEU C 313 -58.94 -12.71 -19.33
N GLY C 314 -59.93 -12.15 -20.00
CA GLY C 314 -60.12 -12.36 -21.42
C GLY C 314 -60.80 -13.69 -21.66
N ALA C 315 -60.43 -14.37 -22.74
CA ALA C 315 -60.93 -15.71 -22.97
C ALA C 315 -60.55 -16.58 -21.80
N VAL C 316 -61.36 -17.59 -21.51
CA VAL C 316 -61.05 -18.54 -20.45
C VAL C 316 -61.09 -19.98 -20.99
N ALA C 317 -60.25 -20.85 -20.44
CA ALA C 317 -60.15 -22.24 -20.92
C ALA C 317 -61.35 -23.10 -20.53
N LEU C 318 -62.13 -22.63 -19.56
CA LEU C 318 -63.30 -23.34 -19.09
C LEU C 318 -64.46 -23.05 -20.03
N LYS C 319 -65.05 -24.12 -20.59
CA LYS C 319 -66.21 -24.03 -21.46
C LYS C 319 -67.40 -23.34 -20.79
N SER C 320 -67.86 -23.87 -19.66
CA SER C 320 -69.02 -23.32 -18.95
C SER C 320 -68.96 -21.78 -18.75
N TYR C 321 -67.79 -21.24 -18.49
CA TYR C 321 -67.68 -19.79 -18.29
C TYR C 321 -67.28 -18.99 -19.54
N GLU C 322 -66.76 -19.66 -20.56
CA GLU C 322 -66.36 -18.97 -21.80
C GLU C 322 -67.60 -18.58 -22.59
N GLU C 323 -68.57 -19.49 -22.61
CA GLU C 323 -69.88 -19.25 -23.25
C GLU C 323 -70.63 -18.13 -22.54
N GLU C 324 -70.39 -17.95 -21.23
CA GLU C 324 -70.89 -16.78 -20.53
C GLU C 324 -70.16 -15.51 -20.98
N LEU C 325 -68.84 -15.47 -20.82
CA LEU C 325 -68.08 -14.26 -21.21
C LEU C 325 -68.19 -13.92 -22.70
N ALA C 326 -68.44 -14.94 -23.53
CA ALA C 326 -68.54 -14.76 -24.98
C ALA C 326 -69.78 -13.98 -25.42
N LYS C 327 -70.73 -13.78 -24.49
CA LYS C 327 -71.81 -12.80 -24.71
C LYS C 327 -71.20 -11.43 -24.98
N ASP C 328 -69.95 -11.25 -24.58
CA ASP C 328 -69.20 -10.12 -25.04
C ASP C 328 -68.58 -10.53 -26.36
N PRO C 329 -69.04 -9.90 -27.46
CA PRO C 329 -68.51 -10.29 -28.77
C PRO C 329 -66.99 -10.24 -28.81
N ARG C 330 -66.41 -9.25 -28.14
CA ARG C 330 -64.96 -9.09 -28.10
C ARG C 330 -64.28 -10.39 -27.61
N ILE C 331 -64.72 -10.88 -26.46
CA ILE C 331 -64.18 -12.10 -25.88
C ILE C 331 -64.33 -13.33 -26.82
N ALA C 332 -65.52 -13.48 -27.40
CA ALA C 332 -65.73 -14.52 -28.40
C ALA C 332 -64.74 -14.38 -29.58
N ALA C 333 -64.50 -13.12 -30.00
CA ALA C 333 -63.56 -12.83 -31.08
C ALA C 333 -62.14 -13.27 -30.74
N THR C 334 -61.72 -13.01 -29.51
CA THR C 334 -60.39 -13.40 -29.09
C THR C 334 -60.31 -14.90 -29.05
N MET C 335 -61.34 -15.54 -28.50
CA MET C 335 -61.36 -16.99 -28.53
C MET C 335 -61.32 -17.58 -29.96
N GLU C 336 -62.02 -16.95 -30.89
CA GLU C 336 -62.01 -17.47 -32.24
C GLU C 336 -60.62 -17.41 -32.86
N ASN C 337 -59.95 -16.27 -32.71
CA ASN C 337 -58.58 -16.12 -33.19
C ASN C 337 -57.58 -16.95 -32.42
N ALA C 338 -57.98 -17.44 -31.24
CA ALA C 338 -57.17 -18.38 -30.44
C ALA C 338 -57.15 -19.69 -31.17
N GLN C 339 -58.35 -20.22 -31.38
CA GLN C 339 -58.55 -21.53 -31.94
C GLN C 339 -57.88 -21.58 -33.30
N LYS C 340 -58.06 -20.53 -34.07
CA LYS C 340 -57.42 -20.43 -35.37
C LYS C 340 -55.93 -20.04 -35.32
N GLY C 341 -55.32 -20.01 -34.12
CA GLY C 341 -53.93 -19.55 -33.96
C GLY C 341 -52.91 -20.59 -33.49
N GLU C 342 -51.66 -20.12 -33.33
CA GLU C 342 -50.53 -20.99 -32.99
C GLU C 342 -50.20 -20.90 -31.50
N ILE C 343 -50.29 -22.03 -30.79
CA ILE C 343 -49.88 -22.07 -29.39
C ILE C 343 -48.39 -21.83 -29.33
N MET C 344 -47.93 -21.02 -28.38
CA MET C 344 -46.50 -20.69 -28.29
C MET C 344 -45.70 -21.96 -27.92
N PRO C 345 -44.68 -22.30 -28.73
CA PRO C 345 -43.87 -23.42 -28.31
C PRO C 345 -43.22 -23.12 -26.96
N ASN C 346 -43.40 -24.07 -26.02
CA ASN C 346 -42.78 -23.98 -24.68
C ASN C 346 -41.34 -24.54 -24.62
N ILE C 347 -40.54 -24.24 -25.64
CA ILE C 347 -39.18 -24.78 -25.73
C ILE C 347 -38.17 -23.64 -25.77
N PRO C 348 -37.00 -23.84 -25.13
CA PRO C 348 -35.97 -22.81 -25.08
C PRO C 348 -35.61 -22.23 -26.44
N GLN C 349 -35.52 -23.08 -27.45
CA GLN C 349 -35.05 -22.68 -28.79
C GLN C 349 -35.84 -21.48 -29.37
N MET C 350 -37.07 -21.29 -28.88
CA MET C 350 -38.00 -20.25 -29.36
C MET C 350 -37.54 -18.82 -29.21
N SER C 351 -36.52 -18.58 -28.41
CA SER C 351 -36.03 -17.23 -28.23
C SER C 351 -35.17 -16.81 -29.42
N ALA C 352 -34.58 -17.77 -30.11
CA ALA C 352 -33.87 -17.44 -31.33
C ALA C 352 -34.88 -16.83 -32.31
N PHE C 353 -36.00 -17.54 -32.50
CA PHE C 353 -37.12 -17.06 -33.32
C PHE C 353 -37.43 -15.54 -33.24
N TRP C 354 -37.67 -15.04 -32.04
CA TRP C 354 -38.11 -13.67 -31.91
C TRP C 354 -37.06 -12.75 -32.52
N TYR C 355 -35.80 -13.12 -32.33
CA TYR C 355 -34.67 -12.35 -32.83
C TYR C 355 -34.52 -12.46 -34.32
N ALA C 356 -34.36 -13.70 -34.78
CA ALA C 356 -34.08 -13.98 -36.17
C ALA C 356 -35.14 -13.31 -36.98
N VAL C 357 -36.39 -13.61 -36.63
CA VAL C 357 -37.48 -13.06 -37.38
C VAL C 357 -37.54 -11.52 -37.27
N ARG C 358 -37.31 -10.98 -36.07
CA ARG C 358 -37.36 -9.54 -35.90
C ARG C 358 -36.47 -8.87 -36.94
N THR C 359 -35.22 -9.31 -37.01
CA THR C 359 -34.30 -8.81 -38.03
C THR C 359 -34.78 -9.15 -39.44
N ALA C 360 -35.25 -10.37 -39.64
CA ALA C 360 -35.70 -10.80 -40.96
C ALA C 360 -36.69 -9.79 -41.51
N VAL C 361 -37.65 -9.43 -40.66
CA VAL C 361 -38.72 -8.54 -41.07
C VAL C 361 -38.18 -7.13 -41.38
N ILE C 362 -37.35 -6.60 -40.49
CA ILE C 362 -36.73 -5.31 -40.75
C ILE C 362 -36.02 -5.38 -42.11
N ASN C 363 -35.12 -6.35 -42.25
CA ASN C 363 -34.31 -6.46 -43.46
C ASN C 363 -35.15 -6.55 -44.71
N ALA C 364 -36.16 -7.43 -44.71
CA ALA C 364 -37.04 -7.58 -45.86
C ALA C 364 -37.85 -6.31 -46.09
N ALA C 365 -38.24 -5.63 -45.02
CA ALA C 365 -38.99 -4.38 -45.12
C ALA C 365 -38.13 -3.25 -45.73
N SER C 366 -37.08 -2.86 -45.02
CA SER C 366 -36.20 -1.77 -45.44
C SER C 366 -35.36 -2.09 -46.68
N GLY C 367 -35.42 -3.33 -47.14
CA GLY C 367 -34.83 -3.71 -48.43
C GLY C 367 -33.40 -4.23 -48.39
N ARG C 368 -32.86 -4.41 -47.19
CA ARG C 368 -31.47 -4.87 -47.02
C ARG C 368 -31.30 -6.37 -47.39
N GLN C 369 -32.41 -7.11 -47.41
CA GLN C 369 -32.43 -8.46 -47.96
C GLN C 369 -33.73 -8.66 -48.70
N THR C 370 -33.77 -9.68 -49.55
CA THR C 370 -35.04 -10.12 -50.14
C THR C 370 -35.79 -11.04 -49.14
N VAL C 371 -37.07 -11.28 -49.43
CA VAL C 371 -37.89 -12.19 -48.62
C VAL C 371 -37.32 -13.62 -48.56
N ASP C 372 -36.82 -14.13 -49.70
CA ASP C 372 -36.28 -15.50 -49.74
C ASP C 372 -35.03 -15.67 -48.87
N GLU C 373 -34.08 -14.74 -48.98
CA GLU C 373 -32.80 -14.87 -48.27
C GLU C 373 -32.93 -14.48 -46.81
N ALA C 374 -33.86 -13.60 -46.51
CA ALA C 374 -34.10 -13.21 -45.13
C ALA C 374 -34.69 -14.42 -44.35
N LEU C 375 -35.67 -15.09 -44.94
CA LEU C 375 -36.32 -16.22 -44.26
C LEU C 375 -35.46 -17.48 -44.24
N LYS C 376 -34.41 -17.51 -45.06
CA LYS C 376 -33.47 -18.62 -45.07
C LYS C 376 -32.53 -18.44 -43.90
N ASP C 377 -32.16 -17.20 -43.61
CA ASP C 377 -31.29 -16.92 -42.47
C ASP C 377 -31.99 -17.22 -41.12
N ALA C 378 -33.30 -16.94 -41.03
CA ALA C 378 -34.10 -17.39 -39.88
C ALA C 378 -34.09 -18.94 -39.76
N GLN C 379 -34.32 -19.61 -40.90
CA GLN C 379 -34.24 -21.09 -41.00
C GLN C 379 -32.95 -21.69 -40.40
N THR C 380 -31.81 -21.07 -40.71
CA THR C 380 -30.50 -21.55 -40.24
C THR C 380 -30.27 -21.28 -38.76
N ARG C 381 -30.50 -20.04 -38.29
CA ARG C 381 -30.15 -19.64 -36.90
C ARG C 381 -30.76 -20.58 -35.82
N ILE C 382 -31.27 -21.73 -36.23
CA ILE C 382 -31.80 -22.77 -35.33
C ILE C 382 -31.35 -24.21 -35.81
N THR C 383 -30.29 -24.85 -35.26
CA THR C 383 -29.35 -24.39 -34.18
C THR C 383 -28.16 -23.54 -34.73
N ALA C 384 -26.88 -23.91 -34.49
CA ALA C 384 -25.65 -23.21 -35.03
C ALA C 384 -24.80 -22.30 -34.06
N ALA C 385 -25.00 -20.96 -34.11
CA ALA C 385 -24.16 -19.93 -33.40
C ALA C 385 -24.79 -19.28 -32.13
N ARG C 386 -26.12 -19.12 -32.20
CA ARG C 386 -26.97 -18.56 -31.13
C ARG C 386 -27.41 -19.61 -30.05
N ASP C 387 -26.68 -20.72 -29.97
CA ASP C 387 -26.46 -21.42 -28.72
C ASP C 387 -25.94 -20.33 -27.77
N GLY C 388 -24.70 -19.93 -27.97
CA GLY C 388 -23.96 -19.16 -27.00
C GLY C 388 -24.60 -17.83 -26.72
N LEU C 389 -25.05 -17.17 -27.78
CA LEU C 389 -25.57 -15.81 -27.66
C LEU C 389 -26.80 -15.79 -26.81
N ARG C 390 -27.64 -16.80 -26.94
CA ARG C 390 -28.79 -16.91 -26.06
C ARG C 390 -28.40 -17.01 -24.60
N ALA C 391 -27.41 -17.87 -24.32
CA ALA C 391 -26.90 -18.08 -22.96
C ALA C 391 -26.33 -16.81 -22.39
N VAL C 392 -25.70 -16.01 -23.23
CA VAL C 392 -25.21 -14.70 -22.80
C VAL C 392 -26.39 -13.82 -22.40
N MSE C 393 -27.47 -13.88 -23.18
CA MSE C 393 -28.62 -13.02 -22.90
C MSE C 393 -29.51 -13.49 -21.77
O MSE C 393 -30.24 -12.68 -21.21
CB MSE C 393 -29.47 -12.87 -24.11
CG MSE C 393 -28.72 -12.32 -25.26
SE MSE C 393 -29.96 -11.74 -26.58
CE MSE C 393 -31.47 -13.02 -26.19
N GLU C 394 -29.52 -14.78 -21.50
CA GLU C 394 -30.16 -15.28 -20.33
C GLU C 394 -29.33 -14.94 -19.13
N ALA C 395 -27.99 -14.90 -19.27
CA ALA C 395 -27.14 -14.36 -18.22
C ALA C 395 -27.47 -12.88 -17.96
N ARG C 396 -27.66 -12.14 -19.03
CA ARG C 396 -27.96 -10.71 -18.95
C ARG C 396 -29.22 -10.40 -18.13
N ASN C 397 -30.24 -11.23 -18.27
CA ASN C 397 -31.48 -11.02 -17.48
C ASN C 397 -31.40 -11.54 -16.04
N VAL C 398 -30.71 -12.67 -15.86
CA VAL C 398 -30.40 -13.22 -14.56
C VAL C 398 -29.70 -12.21 -13.67
N THR C 399 -28.78 -11.41 -14.23
CA THR C 399 -28.09 -10.44 -13.38
C THR C 399 -29.04 -9.34 -12.91
N HIS C 400 -30.13 -9.11 -13.64
CA HIS C 400 -31.13 -8.14 -13.19
C HIS C 400 -31.84 -8.66 -11.96
N LEU C 401 -32.13 -9.96 -11.95
CA LEU C 401 -32.70 -10.64 -10.78
C LEU C 401 -31.70 -10.65 -9.68
N LEU C 402 -30.46 -11.02 -10.01
CA LEU C 402 -29.37 -10.95 -9.04
C LEU C 402 -29.23 -9.55 -8.40
N GLN C 403 -29.34 -8.49 -9.17
CA GLN C 403 -29.25 -7.14 -8.61
C GLN C 403 -30.42 -6.82 -7.66
N GLN C 404 -31.60 -7.40 -7.90
CA GLN C 404 -32.78 -7.18 -7.03
C GLN C 404 -32.55 -7.90 -5.73
N GLU C 405 -31.85 -9.02 -5.81
CA GLU C 405 -31.63 -9.85 -4.65
C GLU C 405 -30.68 -9.16 -3.74
N LEU C 406 -29.57 -8.74 -4.33
CA LEU C 406 -28.57 -8.02 -3.57
C LEU C 406 -29.21 -6.78 -2.98
N THR C 407 -30.03 -6.06 -3.75
CA THR C 407 -30.79 -4.96 -3.17
C THR C 407 -31.52 -5.37 -1.89
N GLU C 408 -32.34 -6.40 -1.99
CA GLU C 408 -33.08 -6.92 -0.85
C GLU C 408 -32.17 -7.24 0.35
N ALA C 409 -31.05 -7.94 0.11
CA ALA C 409 -30.08 -8.18 1.20
C ALA C 409 -29.57 -6.82 1.75
N GLN C 410 -29.10 -5.94 0.90
CA GLN C 410 -28.62 -4.66 1.44
C GLN C 410 -29.61 -3.90 2.34
N LYS C 411 -30.89 -3.87 2.01
CA LYS C 411 -31.80 -3.19 2.92
C LYS C 411 -32.22 -4.12 4.07
N GLY C 412 -31.95 -5.42 3.90
CA GLY C 412 -32.08 -6.35 5.02
C GLY C 412 -31.05 -6.02 6.08
N PHE C 413 -29.78 -5.99 5.70
CA PHE C 413 -28.74 -5.59 6.65
C PHE C 413 -29.05 -4.22 7.22
N GLN C 414 -29.31 -3.23 6.38
CA GLN C 414 -29.44 -1.87 6.90
C GLN C 414 -30.57 -1.75 7.95
N ASP C 415 -31.57 -2.59 7.79
CA ASP C 415 -32.68 -2.61 8.72
C ASP C 415 -32.19 -3.16 10.05
N VAL C 416 -31.63 -4.37 10.01
CA VAL C 416 -31.17 -4.96 11.26
C VAL C 416 -30.09 -4.10 11.92
N GLU C 417 -29.16 -3.61 11.16
CA GLU C 417 -28.18 -2.63 11.68
C GLU C 417 -28.86 -1.51 12.47
N ALA C 418 -29.90 -0.95 11.87
CA ALA C 418 -30.68 0.07 12.55
C ALA C 418 -31.23 -0.44 13.85
N GLN C 419 -31.91 -1.60 13.82
CA GLN C 419 -32.51 -2.10 15.05
C GLN C 419 -31.48 -2.62 16.07
N ALA C 420 -30.38 -3.19 15.59
CA ALA C 420 -29.26 -3.54 16.48
C ALA C 420 -28.76 -2.31 17.22
N ALA C 421 -28.62 -1.18 16.51
CA ALA C 421 -28.13 0.07 17.11
C ALA C 421 -28.96 0.52 18.33
N THR C 422 -30.28 0.32 18.23
CA THR C 422 -31.13 0.76 19.28
C THR C 422 -31.01 -0.16 20.48
N ALA C 423 -30.93 -1.48 20.28
CA ALA C 423 -30.74 -2.41 21.41
C ALA C 423 -29.44 -2.14 22.13
N ASN C 424 -28.40 -1.89 21.38
CA ASN C 424 -27.17 -1.44 22.00
C ASN C 424 -27.34 -0.17 22.84
N HIS C 425 -28.12 0.76 22.34
CA HIS C 425 -28.41 1.93 23.13
C HIS C 425 -28.81 1.57 24.57
N THR C 426 -29.80 0.69 24.72
CA THR C 426 -30.18 0.22 26.03
C THR C 426 -29.00 -0.44 26.70
N VAL C 427 -28.34 -1.35 26.00
CA VAL C 427 -27.28 -2.11 26.64
C VAL C 427 -26.19 -1.23 27.22
N MSE C 428 -25.77 -0.19 26.51
CA MSE C 428 -24.72 0.67 27.05
C MSE C 428 -25.16 1.57 28.19
O MSE C 428 -24.54 1.57 29.26
CB MSE C 428 -24.14 1.52 25.97
CG MSE C 428 -23.42 0.69 24.97
SE MSE C 428 -23.02 1.79 23.45
CE MSE C 428 -24.81 2.45 23.00
N ALA C 429 -26.25 2.30 28.01
CA ALA C 429 -26.89 2.97 29.14
C ALA C 429 -26.88 2.10 30.40
N LEU C 430 -27.28 0.81 30.29
CA LEU C 430 -27.38 -0.07 31.48
C LEU C 430 -26.02 -0.33 32.04
N MSE C 431 -25.11 -0.81 31.19
CA MSE C 431 -23.71 -0.99 31.61
C MSE C 431 -23.09 0.28 32.23
O MSE C 431 -22.34 0.17 33.19
CB MSE C 431 -22.86 -1.45 30.43
CG MSE C 431 -22.60 -2.94 30.42
SE MSE C 431 -21.74 -3.44 28.73
CE MSE C 431 -21.06 -5.20 29.28
N ALA C 432 -23.40 1.46 31.70
CA ALA C 432 -22.98 2.70 32.35
C ALA C 432 -23.52 2.74 33.78
N SER C 433 -24.85 2.69 33.92
CA SER C 433 -25.47 2.73 35.24
C SER C 433 -24.92 1.68 36.18
N LEU C 434 -24.68 0.48 35.65
CA LEU C 434 -24.14 -0.58 36.47
C LEU C 434 -22.74 -0.21 36.91
N ASP C 435 -21.92 0.29 35.98
CA ASP C 435 -20.55 0.68 36.34
C ASP C 435 -20.56 1.83 37.34
N ALA C 436 -21.48 2.77 37.17
CA ALA C 436 -21.57 3.89 38.10
C ALA C 436 -21.93 3.43 39.51
N GLU C 437 -22.85 2.46 39.57
CA GLU C 437 -23.33 1.91 40.84
C GLU C 437 -22.22 1.12 41.55
N LYS C 438 -21.48 0.31 40.80
CA LYS C 438 -20.31 -0.37 41.33
C LYS C 438 -19.26 0.60 41.86
N ALA C 439 -19.03 1.70 41.13
CA ALA C 439 -18.06 2.71 41.58
C ALA C 439 -18.56 3.33 42.82
N GLN C 440 -19.75 3.93 42.74
CA GLN C 440 -20.33 4.68 43.84
C GLN C 440 -20.23 3.89 45.13
N GLY C 441 -20.62 2.63 45.07
CA GLY C 441 -20.68 1.78 46.23
C GLY C 441 -19.33 1.38 46.78
N GLN C 442 -18.40 1.11 45.88
CA GLN C 442 -17.09 0.65 46.29
C GLN C 442 -16.32 1.74 47.03
N LYS C 443 -16.58 3.00 46.66
CA LYS C 443 -15.99 4.17 47.32
C LYS C 443 -16.64 4.35 48.69
N LYS C 444 -17.90 3.98 48.82
CA LYS C 444 -18.58 3.91 50.11
C LYS C 444 -17.99 2.81 50.98
N VAL C 445 -17.94 1.57 50.51
CA VAL C 445 -17.41 0.49 51.33
C VAL C 445 -16.01 0.76 51.81
N GLU C 446 -15.11 1.23 50.96
CA GLU C 446 -13.77 1.59 51.51
C GLU C 446 -13.79 2.76 52.44
N GLU C 447 -14.69 3.72 52.23
CA GLU C 447 -14.81 4.93 53.09
C GLU C 447 -15.12 4.52 54.53
N LEU C 448 -16.07 3.60 54.67
CA LEU C 448 -16.46 3.05 55.94
C LEU C 448 -15.35 2.23 56.51
N GLU C 449 -14.77 1.34 55.73
CA GLU C 449 -13.68 0.51 56.26
C GLU C 449 -12.58 1.36 56.81
N GLY C 450 -12.43 2.56 56.26
CA GLY C 450 -11.50 3.54 56.78
C GLY C 450 -11.90 3.92 58.19
N GLU C 451 -13.14 4.38 58.33
CA GLU C 451 -13.63 4.78 59.65
C GLU C 451 -13.38 3.64 60.63
N ILE C 452 -13.82 2.42 60.29
CA ILE C 452 -13.70 1.27 61.18
C ILE C 452 -12.29 1.02 61.69
N THR C 453 -11.30 1.07 60.80
CA THR C 453 -9.90 0.98 61.26
C THR C 453 -9.41 2.29 61.93
N THR C 454 -10.06 3.42 61.68
CA THR C 454 -9.67 4.64 62.45
C THR C 454 -10.20 4.53 63.88
N LEU C 455 -11.41 3.98 64.00
CA LEU C 455 -12.06 3.90 65.31
C LEU C 455 -11.35 2.83 66.14
N ASN C 456 -11.08 1.71 65.53
CA ASN C 456 -10.33 0.68 66.21
C ASN C 456 -9.09 1.24 66.87
N HIS C 457 -8.35 2.09 66.17
CA HIS C 457 -7.10 2.62 66.68
C HIS C 457 -7.38 3.55 67.85
N LYS C 458 -8.32 4.49 67.67
CA LYS C 458 -8.70 5.42 68.74
C LYS C 458 -9.17 4.63 69.96
N LEU C 459 -10.02 3.63 69.73
CA LEU C 459 -10.45 2.76 70.81
C LEU C 459 -9.24 2.08 71.41
N GLN C 460 -8.43 1.43 70.58
CA GLN C 460 -7.26 0.70 71.11
C GLN C 460 -6.45 1.56 72.10
N ASP C 461 -6.25 2.85 71.77
CA ASP C 461 -5.54 3.84 72.63
C ASP C 461 -6.26 4.06 73.96
N ALA C 462 -7.48 4.62 73.88
CA ALA C 462 -8.35 4.81 75.04
C ALA C 462 -8.42 3.57 75.91
N SER C 463 -8.71 2.42 75.29
CA SER C 463 -8.85 1.15 76.00
C SER C 463 -7.51 0.74 76.61
N ALA C 464 -6.45 0.76 75.81
CA ALA C 464 -5.11 0.44 76.31
C ALA C 464 -4.68 1.37 77.45
N GLU C 465 -5.41 2.48 77.62
CA GLU C 465 -5.07 3.47 78.62
C GLU C 465 -6.07 3.62 79.76
N VAL C 466 -7.00 2.68 79.86
CA VAL C 466 -7.66 2.39 81.14
C VAL C 466 -6.89 1.22 81.76
N GLU C 467 -6.56 0.20 80.95
CA GLU C 467 -5.91 -1.02 81.44
C GLU C 467 -4.58 -0.72 82.08
N ARG C 468 -3.70 -0.01 81.37
CA ARG C 468 -2.45 0.45 81.96
C ARG C 468 -2.78 1.53 82.95
N LEU C 469 -2.70 2.79 82.51
CA LEU C 469 -2.92 3.88 83.43
C LEU C 469 -4.19 3.57 84.11
N ARG C 470 -4.03 2.99 85.30
CA ARG C 470 -5.05 3.03 86.31
C ARG C 470 -5.59 1.65 86.78
N ARG C 471 -6.88 1.37 86.57
CA ARG C 471 -7.64 0.30 87.25
C ARG C 471 -7.98 0.68 88.69
N GLU D 18 -11.10 -44.54 18.41
CA GLU D 18 -10.72 -45.30 19.64
C GLU D 18 -9.74 -46.43 19.33
N GLY D 19 -8.46 -46.09 19.27
CA GLY D 19 -7.41 -47.05 18.94
C GLY D 19 -7.25 -47.31 17.45
N LYS D 20 -7.40 -46.25 16.65
CA LYS D 20 -7.22 -46.32 15.19
C LYS D 20 -7.03 -44.91 14.60
N LEU D 21 -6.09 -44.77 13.66
CA LEU D 21 -5.66 -43.45 13.12
C LEU D 21 -5.98 -43.21 11.65
N VAL D 22 -6.97 -42.37 11.38
CA VAL D 22 -7.38 -42.07 10.01
C VAL D 22 -6.76 -40.73 9.60
N ILE D 23 -6.13 -40.71 8.44
CA ILE D 23 -5.36 -39.55 7.99
C ILE D 23 -5.82 -39.11 6.62
N TRP D 24 -5.97 -37.80 6.48
CA TRP D 24 -6.39 -37.20 5.23
C TRP D 24 -5.22 -36.50 4.62
N ILE D 25 -5.06 -36.70 3.32
CA ILE D 25 -3.99 -36.08 2.57
C ILE D 25 -4.42 -36.02 1.11
N ASN D 26 -4.17 -34.89 0.46
CA ASN D 26 -4.64 -34.69 -0.90
C ASN D 26 -4.12 -35.76 -1.90
N GLY D 27 -4.89 -35.98 -2.97
CA GLY D 27 -4.61 -37.04 -3.94
C GLY D 27 -3.27 -36.95 -4.65
N ASP D 28 -2.83 -35.71 -4.94
CA ASP D 28 -1.60 -35.47 -5.69
C ASP D 28 -0.36 -35.53 -4.81
N LYS D 29 -0.55 -35.89 -3.55
CA LYS D 29 0.57 -36.17 -2.69
C LYS D 29 0.88 -37.63 -2.79
N GLY D 30 1.93 -38.04 -2.10
CA GLY D 30 2.36 -39.43 -2.07
C GLY D 30 1.64 -40.07 -0.92
N TYR D 31 0.46 -40.59 -1.19
CA TYR D 31 -0.35 -41.22 -0.16
C TYR D 31 -0.09 -42.73 -0.01
N ASN D 32 0.40 -43.38 -1.07
CA ASN D 32 0.84 -44.79 -0.98
C ASN D 32 2.15 -44.85 -0.21
N GLY D 33 2.95 -43.80 -0.34
CA GLY D 33 4.13 -43.65 0.47
C GLY D 33 3.68 -43.59 1.92
N LEU D 34 2.85 -42.59 2.23
CA LEU D 34 2.40 -42.37 3.61
C LEU D 34 1.82 -43.66 4.18
N ALA D 35 1.06 -44.37 3.35
CA ALA D 35 0.49 -45.69 3.68
C ALA D 35 1.56 -46.64 4.16
N GLU D 36 2.71 -46.61 3.51
CA GLU D 36 3.86 -47.40 3.95
C GLU D 36 4.36 -46.97 5.34
N VAL D 37 4.36 -45.66 5.63
CA VAL D 37 4.79 -45.19 6.95
C VAL D 37 3.80 -45.64 7.99
N GLY D 38 2.51 -45.63 7.64
CA GLY D 38 1.45 -46.10 8.52
C GLY D 38 1.44 -47.60 8.78
N LYS D 39 2.08 -48.37 7.91
CA LYS D 39 2.24 -49.82 8.13
C LYS D 39 3.46 -50.12 9.01
N LYS D 40 4.55 -49.36 8.81
CA LYS D 40 5.70 -49.42 9.72
C LYS D 40 5.31 -49.00 11.15
N PHE D 41 4.24 -48.20 11.25
CA PHE D 41 3.67 -47.78 12.53
C PHE D 41 2.69 -48.80 13.10
N GLU D 42 1.86 -49.34 12.21
CA GLU D 42 0.92 -50.39 12.56
C GLU D 42 1.67 -51.63 13.05
N LYS D 43 2.88 -51.82 12.53
CA LYS D 43 3.74 -52.93 12.95
C LYS D 43 4.22 -52.67 14.37
N ASP D 44 4.99 -51.60 14.56
CA ASP D 44 5.74 -51.36 15.80
C ASP D 44 4.86 -50.99 17.03
N THR D 45 3.58 -50.70 16.80
CA THR D 45 2.64 -50.53 17.91
C THR D 45 1.53 -51.58 17.80
N GLY D 46 0.75 -51.50 16.72
CA GLY D 46 -0.45 -52.32 16.56
C GLY D 46 -1.73 -51.52 16.32
N ILE D 47 -1.57 -50.22 16.07
CA ILE D 47 -2.69 -49.32 15.77
C ILE D 47 -2.82 -49.18 14.26
N LYS D 48 -3.96 -49.60 13.71
CA LYS D 48 -4.17 -49.53 12.27
C LYS D 48 -4.27 -48.07 11.80
N VAL D 49 -3.58 -47.78 10.69
CA VAL D 49 -3.60 -46.45 10.10
C VAL D 49 -4.08 -46.60 8.66
N THR D 50 -5.11 -45.83 8.32
CA THR D 50 -5.69 -45.82 6.98
C THR D 50 -5.51 -44.40 6.45
N VAL D 51 -4.96 -44.29 5.24
CA VAL D 51 -4.81 -43.01 4.56
C VAL D 51 -5.88 -42.93 3.47
N GLU D 52 -6.44 -41.75 3.29
CA GLU D 52 -7.43 -41.49 2.25
C GLU D 52 -7.06 -40.18 1.58
N HIS D 53 -7.74 -39.85 0.50
CA HIS D 53 -7.46 -38.61 -0.23
C HIS D 53 -8.74 -38.04 -0.81
N PRO D 54 -9.79 -37.96 0.02
CA PRO D 54 -11.12 -37.48 -0.40
C PRO D 54 -11.07 -36.21 -1.21
N ASP D 55 -11.93 -36.10 -2.19
CA ASP D 55 -11.98 -34.91 -3.00
C ASP D 55 -12.41 -33.72 -2.15
N LYS D 56 -11.89 -32.55 -2.53
CA LYS D 56 -12.26 -31.26 -1.96
C LYS D 56 -12.21 -31.35 -0.42
N LEU D 57 -11.11 -31.92 0.08
CA LEU D 57 -11.01 -32.29 1.50
C LEU D 57 -10.68 -31.14 2.43
N GLU D 58 -10.17 -30.05 1.87
CA GLU D 58 -10.03 -28.83 2.66
C GLU D 58 -11.41 -28.27 3.06
N GLU D 59 -12.36 -28.38 2.14
CA GLU D 59 -13.74 -27.89 2.33
C GLU D 59 -14.62 -28.95 3.02
N LYS D 60 -14.20 -30.20 3.00
CA LYS D 60 -14.89 -31.22 3.77
C LYS D 60 -14.54 -31.22 5.24
N PHE D 61 -13.30 -30.87 5.56
CA PHE D 61 -12.83 -31.00 6.93
C PHE D 61 -13.67 -30.25 8.00
N PRO D 62 -13.97 -28.94 7.80
CA PRO D 62 -14.77 -28.20 8.79
C PRO D 62 -16.16 -28.80 9.08
N GLN D 63 -16.74 -29.51 8.13
CA GLN D 63 -18.05 -30.17 8.28
C GLN D 63 -17.95 -31.52 9.02
N VAL D 64 -16.89 -32.26 8.75
CA VAL D 64 -16.72 -33.57 9.36
C VAL D 64 -16.17 -33.47 10.79
N ALA D 65 -15.25 -32.54 11.02
CA ALA D 65 -14.63 -32.33 12.34
C ALA D 65 -15.66 -31.88 13.36
N ALA D 66 -16.63 -31.08 12.89
CA ALA D 66 -17.66 -30.50 13.76
C ALA D 66 -18.78 -31.47 14.17
N THR D 67 -18.69 -32.73 13.78
CA THR D 67 -19.65 -33.74 14.26
C THR D 67 -18.92 -34.93 14.88
N GLY D 68 -17.64 -34.73 15.25
CA GLY D 68 -16.81 -35.79 15.82
C GLY D 68 -16.31 -36.82 14.81
N ASP D 69 -16.53 -36.55 13.53
CA ASP D 69 -16.19 -37.48 12.47
C ASP D 69 -14.98 -36.95 11.75
N GLY D 70 -14.51 -37.68 10.75
CA GLY D 70 -13.35 -37.26 10.00
C GLY D 70 -12.03 -37.48 10.73
N PRO D 71 -10.94 -36.96 10.14
CA PRO D 71 -9.62 -37.48 10.36
C PRO D 71 -9.00 -37.05 11.68
N ASP D 72 -8.15 -37.91 12.21
CA ASP D 72 -7.29 -37.58 13.36
C ASP D 72 -6.21 -36.59 12.91
N ILE D 73 -5.61 -36.85 11.75
CA ILE D 73 -4.66 -35.90 11.20
C ILE D 73 -5.06 -35.50 9.77
N ILE D 74 -4.78 -34.23 9.43
CA ILE D 74 -5.12 -33.66 8.14
C ILE D 74 -3.94 -32.91 7.53
N PHE D 75 -3.53 -33.33 6.34
CA PHE D 75 -2.40 -32.74 5.66
C PHE D 75 -2.86 -31.66 4.67
N TRP D 76 -2.37 -30.43 4.79
CA TRP D 76 -2.72 -29.41 3.79
C TRP D 76 -1.84 -28.21 3.84
N ALA D 77 -1.84 -27.45 2.75
CA ALA D 77 -1.17 -26.14 2.65
C ALA D 77 -1.58 -25.30 3.82
N HIS D 78 -0.57 -24.74 4.50
CA HIS D 78 -0.78 -24.16 5.83
C HIS D 78 -1.79 -23.01 5.90
N ASP D 79 -2.04 -22.30 4.79
CA ASP D 79 -2.90 -21.11 4.84
C ASP D 79 -4.35 -21.41 5.22
N ARG D 80 -4.84 -22.59 4.84
CA ARG D 80 -6.17 -23.07 5.24
C ARG D 80 -6.32 -23.30 6.75
N PHE D 81 -5.18 -23.50 7.42
CA PHE D 81 -5.18 -23.92 8.80
C PHE D 81 -5.47 -22.75 9.73
N GLY D 82 -5.33 -21.53 9.22
CA GLY D 82 -5.75 -20.35 9.96
C GLY D 82 -7.26 -20.37 10.12
N GLY D 83 -7.94 -20.68 9.02
CA GLY D 83 -9.38 -20.76 9.03
C GLY D 83 -9.85 -21.76 10.06
N TYR D 84 -9.18 -22.92 10.07
CA TYR D 84 -9.56 -24.03 10.96
C TYR D 84 -9.30 -23.65 12.41
N ALA D 85 -8.08 -23.20 12.69
CA ALA D 85 -7.69 -22.81 14.04
C ALA D 85 -8.71 -21.84 14.63
N GLN D 86 -9.06 -20.81 13.86
CA GLN D 86 -9.97 -19.75 14.30
C GLN D 86 -11.32 -20.29 14.69
N SER D 87 -11.73 -21.37 14.05
CA SER D 87 -12.95 -22.05 14.41
C SER D 87 -12.70 -23.02 15.57
N GLY D 88 -11.45 -23.11 16.04
CA GLY D 88 -11.10 -23.99 17.15
C GLY D 88 -11.19 -25.46 16.80
N LEU D 89 -10.94 -25.76 15.53
CA LEU D 89 -11.02 -27.13 15.03
C LEU D 89 -9.71 -27.89 15.22
N LEU D 90 -8.61 -27.17 15.45
CA LEU D 90 -7.28 -27.78 15.50
C LEU D 90 -6.71 -27.83 16.91
N ALA D 91 -6.10 -28.96 17.25
CA ALA D 91 -5.44 -29.14 18.53
C ALA D 91 -4.09 -28.43 18.51
N GLU D 92 -3.69 -27.86 19.66
CA GLU D 92 -2.37 -27.26 19.79
C GLU D 92 -1.31 -28.33 20.00
N ILE D 93 -0.35 -28.41 19.07
CA ILE D 93 0.74 -29.36 19.17
C ILE D 93 1.76 -28.87 20.21
N THR D 94 2.30 -29.82 20.98
CA THR D 94 3.26 -29.53 22.05
C THR D 94 4.54 -30.36 21.85
N PRO D 95 5.38 -29.97 20.87
CA PRO D 95 6.65 -30.67 20.70
C PRO D 95 7.74 -30.02 21.54
N ASP D 96 8.67 -30.83 22.07
CA ASP D 96 9.81 -30.29 22.84
C ASP D 96 10.73 -29.48 21.94
N LYS D 97 11.61 -28.67 22.55
CA LYS D 97 12.56 -27.85 21.78
C LYS D 97 13.73 -28.69 21.24
N ALA D 98 13.85 -29.93 21.70
CA ALA D 98 14.72 -30.92 21.07
C ALA D 98 14.18 -31.27 19.69
N PHE D 99 12.86 -31.45 19.60
CA PHE D 99 12.23 -31.72 18.32
C PHE D 99 12.25 -30.46 17.45
N GLN D 100 11.69 -29.36 17.96
CA GLN D 100 11.63 -28.08 17.23
C GLN D 100 12.92 -27.73 16.46
N ASP D 101 14.07 -28.07 17.03
CA ASP D 101 15.35 -27.78 16.40
C ASP D 101 15.69 -28.70 15.22
N LYS D 102 14.99 -29.83 15.09
CA LYS D 102 15.15 -30.72 13.92
C LYS D 102 14.55 -30.13 12.64
N LEU D 103 13.69 -29.12 12.78
CA LEU D 103 13.09 -28.44 11.62
C LEU D 103 13.63 -27.03 11.49
N TYR D 104 13.52 -26.47 10.30
CA TYR D 104 14.02 -25.15 10.02
C TYR D 104 13.16 -24.07 10.70
N PRO D 105 13.80 -23.16 11.47
CA PRO D 105 13.11 -22.18 12.33
C PRO D 105 11.83 -21.59 11.74
N PHE D 106 11.93 -21.12 10.49
CA PHE D 106 10.82 -20.43 9.83
C PHE D 106 9.62 -21.34 9.44
N THR D 107 9.83 -22.65 9.33
CA THR D 107 8.69 -23.52 9.04
C THR D 107 7.66 -23.47 10.19
N TRP D 108 8.11 -23.09 11.39
CA TRP D 108 7.17 -22.88 12.51
C TRP D 108 6.35 -21.60 12.37
N ASP D 109 6.91 -20.56 11.76
CA ASP D 109 6.16 -19.29 11.56
C ASP D 109 4.92 -19.41 10.70
N ALA D 110 4.87 -20.43 9.85
CA ALA D 110 3.72 -20.66 9.00
C ALA D 110 2.66 -21.57 9.64
N VAL D 111 2.93 -22.08 10.85
CA VAL D 111 1.94 -22.89 11.57
C VAL D 111 1.60 -22.28 12.94
N ARG D 112 1.46 -20.95 12.97
CA ARG D 112 1.07 -20.23 14.19
C ARG D 112 -0.23 -19.48 13.99
N TYR D 113 -1.09 -19.52 15.00
CA TYR D 113 -2.30 -18.70 15.02
C TYR D 113 -2.46 -18.20 16.42
N ASN D 114 -2.51 -16.88 16.57
CA ASN D 114 -2.54 -16.24 17.89
C ASN D 114 -1.48 -16.82 18.81
N GLY D 115 -0.22 -16.77 18.37
CA GLY D 115 0.91 -17.23 19.17
C GLY D 115 1.08 -18.75 19.23
N LYS D 116 -0.03 -19.48 19.16
CA LYS D 116 -0.06 -20.93 19.39
C LYS D 116 0.36 -21.70 18.14
N LEU D 117 1.18 -22.74 18.33
CA LEU D 117 1.53 -23.65 17.24
C LEU D 117 0.38 -24.61 17.01
N ILE D 118 -0.11 -24.68 15.78
CA ILE D 118 -1.34 -25.44 15.48
C ILE D 118 -1.13 -26.66 14.57
N ALA D 119 0.06 -26.74 13.96
CA ALA D 119 0.37 -27.86 13.05
C ALA D 119 1.87 -28.07 12.86
N TYR D 120 2.21 -29.26 12.37
CA TYR D 120 3.58 -29.66 12.06
C TYR D 120 3.92 -29.35 10.59
N PRO D 121 4.96 -28.54 10.37
CA PRO D 121 5.51 -28.36 9.02
C PRO D 121 6.10 -29.64 8.45
N ILE D 122 5.89 -29.87 7.16
CA ILE D 122 6.39 -31.08 6.50
C ILE D 122 7.20 -30.78 5.24
N ALA D 123 6.67 -29.94 4.35
CA ALA D 123 7.34 -29.62 3.09
C ALA D 123 7.23 -28.15 2.85
N VAL D 124 8.10 -27.66 1.98
CA VAL D 124 8.23 -26.24 1.69
C VAL D 124 8.30 -26.02 0.19
N GLU D 125 7.70 -24.90 -0.27
CA GLU D 125 7.43 -24.64 -1.68
C GLU D 125 7.56 -23.17 -2.02
N ALA D 126 8.18 -22.89 -3.15
CA ALA D 126 8.35 -21.51 -3.55
C ALA D 126 8.74 -21.45 -5.02
N LEU D 127 8.39 -20.34 -5.64
CA LEU D 127 8.78 -20.14 -7.00
C LEU D 127 10.27 -20.09 -6.99
N SER D 128 10.86 -20.42 -8.12
CA SER D 128 12.26 -20.35 -8.30
C SER D 128 12.45 -19.91 -9.72
N LEU D 129 13.65 -19.46 -10.04
CA LEU D 129 13.96 -18.92 -11.36
C LEU D 129 14.56 -20.03 -12.16
N ILE D 130 13.93 -20.37 -13.28
CA ILE D 130 14.27 -21.58 -14.05
C ILE D 130 14.83 -21.11 -15.35
N TYR D 131 15.83 -21.83 -15.88
CA TYR D 131 16.48 -21.35 -17.11
C TYR D 131 17.04 -22.45 -18.02
N ASN D 132 17.06 -22.13 -19.31
CA ASN D 132 17.59 -22.98 -20.37
C ASN D 132 19.06 -22.68 -20.60
N LYS D 133 19.90 -23.68 -20.32
CA LYS D 133 21.35 -23.50 -20.25
C LYS D 133 21.97 -23.35 -21.63
N ASP D 134 21.38 -24.03 -22.60
CA ASP D 134 21.84 -23.99 -23.99
C ASP D 134 21.56 -22.61 -24.60
N LEU D 135 20.56 -21.91 -24.07
CA LEU D 135 20.27 -20.54 -24.51
C LEU D 135 20.83 -19.51 -23.53
N LEU D 136 21.12 -19.94 -22.30
CA LEU D 136 21.67 -19.06 -21.29
C LEU D 136 22.32 -19.90 -20.20
N PRO D 137 23.65 -20.02 -20.25
CA PRO D 137 24.34 -20.93 -19.36
C PRO D 137 24.59 -20.34 -17.96
N ASN D 138 24.75 -19.02 -17.90
CA ASN D 138 24.96 -18.32 -16.64
C ASN D 138 23.78 -17.41 -16.39
N PRO D 139 22.86 -17.82 -15.51
CA PRO D 139 21.67 -17.01 -15.27
C PRO D 139 22.02 -15.70 -14.56
N PRO D 140 21.21 -14.64 -14.75
CA PRO D 140 21.48 -13.35 -14.11
C PRO D 140 21.13 -13.34 -12.62
N LYS D 141 21.84 -12.50 -11.86
CA LYS D 141 21.63 -12.38 -10.41
C LYS D 141 20.84 -11.13 -10.04
N THR D 142 20.46 -10.32 -11.02
CA THR D 142 19.63 -9.14 -10.74
C THR D 142 18.54 -8.99 -11.78
N TRP D 143 17.36 -8.53 -11.35
CA TRP D 143 16.29 -8.19 -12.29
C TRP D 143 16.78 -7.16 -13.31
N GLU D 144 17.58 -6.22 -12.82
CA GLU D 144 17.88 -4.99 -13.53
C GLU D 144 18.61 -5.27 -14.84
N GLU D 145 19.31 -6.40 -14.92
CA GLU D 145 20.06 -6.75 -16.13
C GLU D 145 19.21 -7.45 -17.20
N ILE D 146 17.93 -7.71 -16.94
CA ILE D 146 17.08 -8.46 -17.89
C ILE D 146 16.75 -7.71 -19.20
N PRO D 147 16.34 -6.44 -19.10
CA PRO D 147 16.14 -5.72 -20.37
C PRO D 147 17.37 -5.84 -21.28
N ALA D 148 18.54 -5.45 -20.77
CA ALA D 148 19.80 -5.57 -21.52
C ALA D 148 19.95 -6.95 -22.15
N LEU D 149 19.55 -7.98 -21.39
CA LEU D 149 19.65 -9.37 -21.83
C LEU D 149 18.57 -9.76 -22.85
N ASP D 150 17.39 -9.15 -22.74
CA ASP D 150 16.30 -9.44 -23.69
C ASP D 150 16.66 -8.94 -25.09
N LYS D 151 17.25 -7.75 -25.16
CA LYS D 151 17.71 -7.17 -26.43
C LYS D 151 18.67 -8.13 -27.15
N GLU D 152 19.68 -8.58 -26.43
CA GLU D 152 20.61 -9.60 -26.91
C GLU D 152 19.89 -10.81 -27.52
N LEU D 153 18.81 -11.24 -26.87
CA LEU D 153 18.09 -12.47 -27.25
C LEU D 153 17.08 -12.25 -28.37
N LYS D 154 16.34 -11.14 -28.31
CA LYS D 154 15.42 -10.77 -29.38
C LYS D 154 16.15 -10.69 -30.72
N ALA D 155 17.42 -10.31 -30.68
CA ALA D 155 18.27 -10.27 -31.88
C ALA D 155 18.35 -11.63 -32.60
N LYS D 156 18.32 -12.71 -31.83
CA LYS D 156 18.28 -14.07 -32.40
C LYS D 156 16.89 -14.71 -32.16
N GLY D 157 15.85 -13.87 -32.18
CA GLY D 157 14.46 -14.32 -32.23
C GLY D 157 13.98 -15.14 -31.06
N LYS D 158 14.51 -14.83 -29.87
CA LYS D 158 14.10 -15.49 -28.66
C LYS D 158 13.78 -14.42 -27.64
N SER D 159 13.09 -14.80 -26.57
CA SER D 159 12.80 -13.86 -25.50
C SER D 159 13.60 -14.20 -24.25
N ALA D 160 13.82 -13.17 -23.41
CA ALA D 160 14.56 -13.32 -22.16
C ALA D 160 13.78 -14.11 -21.09
N LEU D 161 12.59 -13.61 -20.75
CA LEU D 161 11.80 -14.15 -19.65
C LEU D 161 10.33 -14.22 -19.96
N MET D 162 9.67 -15.29 -19.52
CA MET D 162 8.24 -15.46 -19.68
C MET D 162 7.67 -16.28 -18.55
N PHE D 163 6.66 -15.73 -17.87
CA PHE D 163 6.01 -16.35 -16.72
C PHE D 163 4.68 -15.68 -16.44
N ASN D 164 3.77 -16.43 -15.83
CA ASN D 164 2.38 -16.01 -15.68
C ASN D 164 2.21 -14.62 -15.05
N LEU D 165 1.88 -13.64 -15.89
CA LEU D 165 1.69 -12.25 -15.44
C LEU D 165 0.29 -12.01 -14.86
N GLN D 166 -0.69 -12.76 -15.37
CA GLN D 166 -2.08 -12.65 -14.90
C GLN D 166 -2.14 -12.77 -13.38
N GLU D 167 -1.62 -13.89 -12.87
CA GLU D 167 -1.76 -14.24 -11.47
C GLU D 167 -0.72 -13.51 -10.63
N PRO D 168 -1.15 -12.91 -9.50
CA PRO D 168 -0.26 -12.21 -8.57
C PRO D 168 0.79 -13.13 -7.93
N TYR D 169 0.36 -14.33 -7.55
CA TYR D 169 1.27 -15.31 -6.97
C TYR D 169 2.63 -15.34 -7.68
N PHE D 170 2.60 -15.13 -8.99
CA PHE D 170 3.80 -15.12 -9.81
C PHE D 170 4.46 -13.74 -9.87
N THR D 171 3.64 -12.69 -9.91
CA THR D 171 4.19 -11.35 -10.04
C THR D 171 4.75 -10.85 -8.69
N TRP D 172 4.16 -11.29 -7.59
CA TRP D 172 4.52 -10.81 -6.25
C TRP D 172 6.04 -10.78 -6.00
N PRO D 173 6.73 -11.92 -6.20
CA PRO D 173 8.17 -12.00 -5.97
C PRO D 173 8.96 -10.78 -6.35
N LEU D 174 8.66 -10.24 -7.53
CA LEU D 174 9.30 -9.02 -8.00
C LEU D 174 8.85 -7.82 -7.20
N ILE D 175 7.53 -7.67 -7.09
CA ILE D 175 6.93 -6.49 -6.48
C ILE D 175 7.41 -6.30 -5.04
N ALA D 176 7.21 -7.32 -4.22
CA ALA D 176 7.51 -7.22 -2.79
C ALA D 176 9.01 -7.24 -2.50
N ALA D 177 9.83 -7.58 -3.49
CA ALA D 177 11.30 -7.72 -3.31
C ALA D 177 11.94 -6.61 -2.46
N ASP D 178 11.76 -5.35 -2.83
CA ASP D 178 12.49 -4.27 -2.17
C ASP D 178 11.80 -3.77 -0.89
N GLY D 179 11.45 -4.68 0.02
CA GLY D 179 10.90 -4.30 1.32
C GLY D 179 9.39 -4.29 1.41
N GLY D 180 8.72 -4.76 0.36
CA GLY D 180 7.26 -4.93 0.36
C GLY D 180 6.86 -6.19 1.09
N TYR D 181 5.57 -6.26 1.47
CA TYR D 181 4.94 -7.41 2.15
C TYR D 181 3.40 -7.35 2.15
N ALA D 182 2.77 -8.47 2.48
CA ALA D 182 1.32 -8.53 2.59
C ALA D 182 0.92 -7.88 3.92
N PHE D 183 0.88 -8.67 4.99
CA PHE D 183 0.52 -8.16 6.31
C PHE D 183 1.68 -8.40 7.25
N LYS D 184 1.96 -7.41 8.10
CA LYS D 184 3.08 -7.48 9.04
C LYS D 184 2.92 -8.64 10.05
N TYR D 185 3.94 -9.49 10.14
CA TYR D 185 3.97 -10.62 11.09
C TYR D 185 4.74 -10.19 12.33
N GLU D 186 4.09 -10.22 13.49
CA GLU D 186 4.58 -9.51 14.68
C GLU D 186 5.24 -10.38 15.75
N ASN D 187 4.64 -11.52 16.05
CA ASN D 187 5.09 -12.37 17.15
C ASN D 187 4.65 -13.81 16.87
N GLY D 188 3.34 -14.02 16.83
CA GLY D 188 2.73 -15.22 16.27
C GLY D 188 1.45 -14.92 15.51
N LYS D 189 1.22 -13.65 15.18
CA LYS D 189 0.06 -13.25 14.42
C LYS D 189 0.42 -12.09 13.50
N TYR D 190 -0.60 -11.60 12.80
CA TYR D 190 -0.46 -10.49 11.86
C TYR D 190 -1.33 -9.39 12.39
N ASP D 191 -0.88 -8.13 12.32
CA ASP D 191 -1.84 -7.07 12.54
C ASP D 191 -2.57 -6.87 11.18
N ILE D 192 -3.84 -7.25 11.21
CA ILE D 192 -4.74 -7.19 10.06
C ILE D 192 -4.90 -5.81 9.37
N LYS D 193 -4.34 -4.75 9.98
CA LYS D 193 -4.43 -3.39 9.43
C LYS D 193 -3.08 -2.74 9.06
N ASP D 194 -1.96 -3.45 9.28
CA ASP D 194 -0.63 -3.01 8.82
C ASP D 194 -0.23 -3.84 7.59
N VAL D 195 -0.04 -3.15 6.47
CA VAL D 195 0.03 -3.75 5.16
C VAL D 195 1.17 -3.12 4.36
N GLY D 196 1.96 -3.96 3.68
CA GLY D 196 3.08 -3.48 2.90
C GLY D 196 2.87 -3.52 1.39
N VAL D 197 1.68 -3.11 0.94
CA VAL D 197 1.31 -3.14 -0.48
C VAL D 197 1.56 -1.82 -1.26
N ASP D 198 1.51 -0.66 -0.58
CA ASP D 198 1.94 0.59 -1.23
C ASP D 198 2.88 1.43 -0.32
N ASN D 199 3.76 0.70 0.37
CA ASN D 199 4.97 1.27 0.97
C ASN D 199 6.01 1.51 -0.13
N ALA D 200 7.17 2.02 0.24
CA ALA D 200 8.22 2.34 -0.74
C ALA D 200 8.52 1.16 -1.67
N GLY D 201 8.67 -0.03 -1.12
CA GLY D 201 9.13 -1.18 -1.90
C GLY D 201 8.25 -1.63 -3.06
N ALA D 202 6.96 -1.79 -2.78
CA ALA D 202 6.01 -2.36 -3.75
C ALA D 202 5.82 -1.47 -4.97
N LYS D 203 5.77 -0.16 -4.75
CA LYS D 203 5.62 0.80 -5.85
C LYS D 203 6.75 0.66 -6.86
N ALA D 204 7.98 0.69 -6.35
CA ALA D 204 9.17 0.58 -7.19
C ALA D 204 9.15 -0.69 -8.00
N GLY D 205 8.85 -1.81 -7.34
CA GLY D 205 8.83 -3.12 -7.97
C GLY D 205 7.80 -3.17 -9.08
N LEU D 206 6.56 -2.85 -8.74
CA LEU D 206 5.47 -2.86 -9.71
C LEU D 206 5.76 -1.92 -10.88
N THR D 207 6.41 -0.79 -10.60
CA THR D 207 6.85 0.14 -11.64
C THR D 207 7.75 -0.56 -12.64
N PHE D 208 8.65 -1.38 -12.14
CA PHE D 208 9.56 -2.14 -12.98
C PHE D 208 8.83 -3.20 -13.83
N LEU D 209 7.88 -3.92 -13.23
CA LEU D 209 7.08 -4.92 -13.96
C LEU D 209 6.29 -4.27 -15.11
N VAL D 210 5.75 -3.09 -14.87
CA VAL D 210 5.05 -2.34 -15.91
C VAL D 210 6.02 -1.86 -17.01
N ASP D 211 7.21 -1.43 -16.60
CA ASP D 211 8.23 -0.97 -17.57
C ASP D 211 8.63 -2.07 -18.55
N LEU D 212 8.83 -3.28 -18.03
CA LEU D 212 9.15 -4.45 -18.87
C LEU D 212 8.08 -4.67 -19.94
N ILE D 213 6.82 -4.50 -19.57
CA ILE D 213 5.72 -4.64 -20.52
C ILE D 213 5.69 -3.44 -21.45
N LYS D 214 5.89 -2.24 -20.90
CA LYS D 214 5.99 -1.02 -21.72
C LYS D 214 7.08 -1.12 -22.80
N ASN D 215 8.25 -1.63 -22.40
CA ASN D 215 9.41 -1.73 -23.31
C ASN D 215 9.45 -3.04 -24.12
N LYS D 216 8.28 -3.68 -24.28
CA LYS D 216 8.08 -4.85 -25.14
C LYS D 216 8.89 -6.11 -24.76
N HIS D 217 9.44 -6.13 -23.55
CA HIS D 217 10.21 -7.30 -23.11
C HIS D 217 9.29 -8.44 -22.68
N MET D 218 8.06 -8.09 -22.30
CA MET D 218 7.04 -9.08 -21.96
C MET D 218 5.68 -8.67 -22.54
N ASN D 219 4.82 -9.66 -22.72
CA ASN D 219 3.44 -9.42 -23.17
C ASN D 219 2.53 -9.30 -21.95
N ALA D 220 1.57 -8.37 -22.02
CA ALA D 220 0.68 -8.11 -20.89
C ALA D 220 -0.22 -9.30 -20.55
N ASP D 221 -0.59 -10.09 -21.54
CA ASP D 221 -1.50 -11.22 -21.34
C ASP D 221 -0.79 -12.57 -21.43
N THR D 222 0.39 -12.67 -20.80
CA THR D 222 1.12 -13.93 -20.69
C THR D 222 0.62 -14.70 -19.46
N ASP D 223 -0.05 -15.83 -19.69
CA ASP D 223 -0.57 -16.65 -18.59
C ASP D 223 0.35 -17.85 -18.29
N TYR D 224 -0.10 -18.73 -17.39
CA TYR D 224 0.65 -19.93 -17.06
C TYR D 224 0.83 -20.74 -18.33
N SER D 225 -0.27 -21.15 -18.94
CA SER D 225 -0.24 -22.15 -20.04
C SER D 225 0.71 -21.76 -21.18
N ILE D 226 0.70 -20.48 -21.52
CA ILE D 226 1.57 -19.92 -22.55
C ILE D 226 3.03 -20.06 -22.11
N ALA D 227 3.33 -19.47 -20.95
CA ALA D 227 4.70 -19.40 -20.43
C ALA D 227 5.35 -20.78 -20.28
N GLU D 228 4.55 -21.81 -19.99
CA GLU D 228 5.07 -23.18 -19.89
C GLU D 228 5.47 -23.68 -21.26
N ALA D 229 4.55 -23.53 -22.22
CA ALA D 229 4.82 -23.98 -23.61
C ALA D 229 5.99 -23.21 -24.22
N ALA D 230 6.07 -21.91 -23.98
CA ALA D 230 7.17 -21.09 -24.51
C ALA D 230 8.52 -21.62 -24.05
N PHE D 231 8.68 -21.76 -22.74
CA PHE D 231 9.93 -22.27 -22.18
C PHE D 231 10.20 -23.70 -22.62
N ASN D 232 9.20 -24.56 -22.44
CA ASN D 232 9.36 -26.01 -22.67
C ASN D 232 9.64 -26.40 -24.13
N LYS D 233 9.46 -25.44 -25.05
CA LYS D 233 9.85 -25.65 -26.44
C LYS D 233 11.01 -24.74 -26.87
N GLY D 234 11.70 -24.16 -25.88
CA GLY D 234 12.92 -23.40 -26.11
C GLY D 234 12.77 -22.11 -26.90
N GLU D 235 11.64 -21.42 -26.73
CA GLU D 235 11.44 -20.12 -27.33
C GLU D 235 12.00 -19.01 -26.42
N THR D 236 12.08 -19.29 -25.12
CA THR D 236 12.46 -18.29 -24.14
C THR D 236 13.54 -18.83 -23.19
N ALA D 237 14.43 -17.94 -22.78
CA ALA D 237 15.58 -18.31 -21.98
C ALA D 237 15.20 -18.62 -20.54
N MET D 238 14.13 -17.99 -20.04
CA MET D 238 13.77 -18.14 -18.62
C MET D 238 12.27 -18.09 -18.33
N THR D 239 11.88 -18.77 -17.27
CA THR D 239 10.52 -18.77 -16.79
C THR D 239 10.63 -18.63 -15.28
N ILE D 240 9.49 -18.57 -14.59
CA ILE D 240 9.45 -18.53 -13.13
C ILE D 240 8.39 -19.52 -12.66
N ASN D 241 8.76 -20.49 -11.83
CA ASN D 241 7.81 -21.58 -11.56
C ASN D 241 8.25 -22.58 -10.51
N GLY D 242 7.24 -23.32 -10.04
CA GLY D 242 7.40 -24.23 -8.91
C GLY D 242 7.82 -25.62 -9.29
N PRO D 243 8.06 -26.48 -8.28
CA PRO D 243 8.38 -27.92 -8.44
C PRO D 243 7.33 -28.73 -9.19
N TRP D 244 6.07 -28.31 -9.09
CA TRP D 244 5.01 -28.88 -9.89
C TRP D 244 5.24 -28.81 -11.38
N ALA D 245 6.01 -27.80 -11.83
CA ALA D 245 6.21 -27.55 -13.28
C ALA D 245 7.42 -28.24 -13.89
N TRP D 246 8.21 -28.93 -13.06
CA TRP D 246 9.43 -29.60 -13.51
C TRP D 246 9.19 -30.81 -14.37
N SER D 247 8.39 -31.77 -13.91
CA SER D 247 8.29 -33.07 -14.64
C SER D 247 7.84 -32.85 -16.07
N ASN D 248 7.09 -31.78 -16.30
CA ASN D 248 6.74 -31.38 -17.67
C ASN D 248 7.93 -30.89 -18.48
N ILE D 249 8.96 -30.36 -17.83
CA ILE D 249 10.17 -29.93 -18.54
C ILE D 249 11.01 -31.17 -18.78
N ASP D 250 11.08 -32.04 -17.77
CA ASP D 250 11.82 -33.29 -17.89
C ASP D 250 11.50 -34.03 -19.19
N THR D 251 10.20 -34.13 -19.51
CA THR D 251 9.75 -34.76 -20.75
C THR D 251 10.04 -33.94 -22.00
N SER D 252 10.01 -32.61 -21.90
CA SER D 252 10.39 -31.76 -23.06
C SER D 252 11.89 -31.86 -23.36
N LYS D 253 12.68 -32.26 -22.36
CA LYS D 253 14.12 -32.48 -22.53
C LYS D 253 14.95 -31.20 -22.77
N VAL D 254 14.37 -30.02 -22.55
CA VAL D 254 15.16 -28.79 -22.53
C VAL D 254 16.24 -28.97 -21.45
N ASN D 255 17.44 -28.46 -21.71
CA ASN D 255 18.49 -28.56 -20.71
C ASN D 255 18.35 -27.40 -19.78
N TYR D 256 17.65 -27.62 -18.66
CA TYR D 256 17.26 -26.53 -17.78
C TYR D 256 17.96 -26.56 -16.44
N GLY D 257 18.04 -25.39 -15.83
CA GLY D 257 18.62 -25.25 -14.52
C GLY D 257 17.63 -24.48 -13.65
N VAL D 258 17.79 -24.62 -12.34
CA VAL D 258 16.92 -23.95 -11.35
C VAL D 258 17.70 -23.22 -10.26
N THR D 259 17.38 -21.96 -10.03
CA THR D 259 18.23 -21.18 -9.17
C THR D 259 17.53 -20.08 -8.39
N VAL D 260 18.32 -19.32 -7.65
CA VAL D 260 17.81 -18.21 -6.88
C VAL D 260 17.20 -17.23 -7.83
N LEU D 261 16.04 -16.68 -7.45
CA LEU D 261 15.40 -15.61 -8.20
C LEU D 261 16.30 -14.39 -8.10
N PRO D 262 16.32 -13.55 -9.14
CA PRO D 262 17.24 -12.42 -9.14
C PRO D 262 16.96 -11.45 -8.00
N THR D 263 17.94 -10.59 -7.72
CA THR D 263 17.72 -9.51 -6.76
C THR D 263 17.16 -8.28 -7.47
N PHE D 264 16.34 -7.51 -6.74
CA PHE D 264 15.89 -6.20 -7.18
C PHE D 264 16.32 -5.17 -6.12
N LYS D 265 16.97 -4.11 -6.57
CA LYS D 265 17.62 -3.13 -5.68
C LYS D 265 18.39 -3.90 -4.59
N GLY D 266 19.25 -4.81 -5.03
CA GLY D 266 20.12 -5.57 -4.14
C GLY D 266 19.43 -6.51 -3.18
N GLN D 267 18.10 -6.45 -3.13
CA GLN D 267 17.33 -7.26 -2.22
C GLN D 267 16.80 -8.48 -2.94
N PRO D 268 16.72 -9.61 -2.23
CA PRO D 268 16.22 -10.87 -2.83
C PRO D 268 14.76 -10.76 -3.25
N SER D 269 14.36 -11.49 -4.28
CA SER D 269 12.94 -11.54 -4.63
C SER D 269 12.21 -12.26 -3.52
N LYS D 270 10.96 -11.85 -3.31
CA LYS D 270 10.22 -12.19 -2.10
C LYS D 270 9.00 -13.00 -2.53
N PRO D 271 9.24 -14.25 -2.97
CA PRO D 271 8.13 -15.04 -3.42
C PRO D 271 7.36 -15.61 -2.22
N PHE D 272 6.11 -15.99 -2.46
CA PHE D 272 5.33 -16.59 -1.42
C PHE D 272 5.87 -17.97 -1.11
N VAL D 273 5.76 -18.34 0.15
CA VAL D 273 6.08 -19.69 0.58
C VAL D 273 4.82 -20.40 1.02
N GLY D 274 4.69 -21.64 0.56
CA GLY D 274 3.60 -22.50 1.00
C GLY D 274 4.25 -23.69 1.63
N VAL D 275 3.77 -24.04 2.82
CA VAL D 275 4.34 -25.09 3.63
C VAL D 275 3.29 -26.08 3.94
N LEU D 276 3.41 -27.27 3.35
CA LEU D 276 2.50 -28.38 3.62
C LEU D 276 2.63 -28.71 5.08
N SER D 277 1.55 -28.49 5.84
CA SER D 277 1.54 -28.80 7.25
C SER D 277 0.61 -29.97 7.54
N ALA D 278 0.87 -30.65 8.66
CA ALA D 278 0.02 -31.72 9.19
C ALA D 278 -0.62 -31.26 10.52
N GLY D 279 -1.93 -31.05 10.52
CA GLY D 279 -2.66 -30.63 11.73
C GLY D 279 -3.44 -31.76 12.37
N ILE D 280 -3.81 -31.56 13.64
CA ILE D 280 -4.54 -32.58 14.45
C ILE D 280 -5.91 -32.09 14.97
N ASN D 281 -6.95 -32.91 14.76
CA ASN D 281 -8.35 -32.56 15.05
C ASN D 281 -8.53 -32.22 16.53
N ALA D 282 -9.23 -31.11 16.81
CA ALA D 282 -9.38 -30.63 18.18
C ALA D 282 -9.89 -31.73 19.09
N ALA D 283 -11.06 -32.28 18.78
CA ALA D 283 -11.64 -33.35 19.59
C ALA D 283 -11.36 -34.72 18.98
N SER D 284 -10.09 -35.01 18.76
CA SER D 284 -9.67 -36.35 18.34
C SER D 284 -9.43 -37.20 19.58
N PRO D 285 -9.92 -38.46 19.58
CA PRO D 285 -9.67 -39.33 20.74
C PRO D 285 -8.18 -39.60 20.95
N ASN D 286 -7.49 -39.86 19.84
CA ASN D 286 -6.08 -40.20 19.88
C ASN D 286 -5.17 -38.95 19.80
N LYS D 287 -5.02 -38.27 20.95
CA LYS D 287 -4.19 -37.07 21.04
C LYS D 287 -2.68 -37.37 20.96
N GLU D 288 -2.19 -38.13 21.95
CA GLU D 288 -0.76 -38.48 22.03
C GLU D 288 -0.34 -39.41 20.90
N LEU D 289 -1.23 -40.31 20.48
CA LEU D 289 -0.93 -41.25 19.39
C LEU D 289 -0.67 -40.54 18.06
N ALA D 290 -1.40 -39.46 17.79
CA ALA D 290 -1.20 -38.69 16.56
C ALA D 290 0.17 -38.00 16.60
N LYS D 291 0.38 -37.16 17.62
CA LYS D 291 1.68 -36.56 17.89
C LYS D 291 2.80 -37.60 17.66
N GLU D 292 2.64 -38.79 18.26
CA GLU D 292 3.59 -39.91 18.17
C GLU D 292 3.96 -40.30 16.73
N PHE D 293 2.95 -40.40 15.87
CA PHE D 293 3.15 -40.82 14.49
C PHE D 293 3.98 -39.80 13.74
N LEU D 294 3.57 -38.55 13.85
CA LEU D 294 4.25 -37.47 13.15
C LEU D 294 5.67 -37.30 13.67
N GLU D 295 5.81 -37.09 14.97
CA GLU D 295 7.11 -36.81 15.58
C GLU D 295 8.13 -37.95 15.48
N ASN D 296 7.69 -39.20 15.59
CA ASN D 296 8.63 -40.31 15.62
C ASN D 296 8.65 -41.20 14.37
N TYR D 297 7.71 -41.01 13.45
CA TYR D 297 7.63 -41.89 12.26
C TYR D 297 7.65 -41.19 10.90
N LEU D 298 6.87 -40.13 10.72
CA LEU D 298 6.89 -39.40 9.46
C LEU D 298 8.07 -38.43 9.38
N LEU D 299 8.17 -37.53 10.36
CA LEU D 299 9.23 -36.51 10.36
C LEU D 299 10.58 -37.11 10.77
N THR D 300 11.03 -38.03 9.94
CA THR D 300 12.31 -38.69 10.07
C THR D 300 12.73 -39.03 8.66
N ASP D 301 14.02 -39.23 8.47
CA ASP D 301 14.54 -39.50 7.13
C ASP D 301 13.80 -40.65 6.44
N GLU D 302 13.47 -41.70 7.20
CA GLU D 302 12.85 -42.91 6.62
C GLU D 302 11.39 -42.68 6.21
N GLY D 303 10.64 -41.98 7.04
CA GLY D 303 9.25 -41.68 6.73
C GLY D 303 9.12 -40.78 5.52
N LEU D 304 9.80 -39.64 5.58
CA LEU D 304 9.77 -38.70 4.48
C LEU D 304 10.24 -39.37 3.17
N GLU D 305 11.26 -40.24 3.25
CA GLU D 305 11.75 -40.94 2.06
C GLU D 305 10.65 -41.79 1.39
N ALA D 306 9.98 -42.63 2.18
CA ALA D 306 8.90 -43.48 1.70
C ALA D 306 7.87 -42.66 0.90
N VAL D 307 7.42 -41.57 1.51
CA VAL D 307 6.58 -40.60 0.83
C VAL D 307 7.25 -40.07 -0.44
N ASN D 308 8.45 -39.51 -0.28
CA ASN D 308 9.16 -38.90 -1.40
C ASN D 308 9.31 -39.85 -2.58
N LYS D 309 9.54 -41.13 -2.28
CA LYS D 309 9.67 -42.15 -3.33
C LYS D 309 8.36 -42.37 -4.07
N ASP D 310 7.23 -42.10 -3.41
CA ASP D 310 5.93 -42.19 -4.06
C ASP D 310 5.70 -40.94 -4.90
N LYS D 311 5.77 -39.76 -4.29
CA LYS D 311 5.78 -38.50 -5.04
C LYS D 311 6.66 -37.43 -4.36
N PRO D 312 7.55 -36.78 -5.15
CA PRO D 312 8.50 -35.80 -4.62
C PRO D 312 7.84 -34.66 -3.82
N LEU D 313 8.23 -34.51 -2.56
CA LEU D 313 7.69 -33.47 -1.71
C LEU D 313 8.36 -32.13 -2.00
N GLY D 314 9.45 -32.13 -2.76
CA GLY D 314 10.21 -30.88 -2.95
C GLY D 314 11.00 -30.68 -1.69
N ALA D 315 11.33 -29.45 -1.37
CA ALA D 315 12.14 -29.18 -0.20
C ALA D 315 11.31 -29.68 0.96
N VAL D 316 11.96 -30.15 2.01
CA VAL D 316 11.27 -30.58 3.24
C VAL D 316 11.73 -29.73 4.43
N ALA D 317 10.91 -29.69 5.49
CA ALA D 317 11.21 -28.87 6.68
C ALA D 317 12.24 -29.53 7.63
N LEU D 318 12.33 -30.87 7.58
CA LEU D 318 13.28 -31.64 8.38
C LEU D 318 14.73 -31.41 7.93
N LYS D 319 15.56 -30.80 8.79
CA LYS D 319 16.94 -30.50 8.42
C LYS D 319 17.67 -31.71 7.89
N SER D 320 17.74 -32.76 8.71
CA SER D 320 18.40 -34.01 8.35
C SER D 320 18.13 -34.44 6.89
N TYR D 321 16.87 -34.48 6.47
CA TYR D 321 16.53 -34.93 5.12
C TYR D 321 16.62 -33.84 4.02
N GLU D 322 16.52 -32.58 4.38
CA GLU D 322 16.66 -31.49 3.40
C GLU D 322 18.09 -31.41 2.90
N GLU D 323 19.03 -31.73 3.78
CA GLU D 323 20.43 -31.76 3.39
C GLU D 323 20.71 -32.95 2.45
N GLU D 324 19.90 -34.02 2.54
CA GLU D 324 20.02 -35.14 1.59
C GLU D 324 19.47 -34.80 0.21
N LEU D 325 18.23 -34.32 0.19
CA LEU D 325 17.57 -33.92 -1.05
C LEU D 325 18.25 -32.72 -1.75
N ALA D 326 18.82 -31.78 -0.97
CA ALA D 326 19.44 -30.56 -1.54
C ALA D 326 20.72 -30.84 -2.34
N LYS D 327 21.17 -32.11 -2.30
CA LYS D 327 22.17 -32.59 -3.25
C LYS D 327 21.64 -32.40 -4.70
N ASP D 328 20.33 -32.23 -4.80
CA ASP D 328 19.66 -31.89 -6.03
C ASP D 328 19.57 -30.37 -6.07
N PRO D 329 20.41 -29.74 -6.89
CA PRO D 329 20.54 -28.28 -6.84
C PRO D 329 19.23 -27.54 -7.02
N ARG D 330 18.25 -28.23 -7.61
CA ARG D 330 16.90 -27.69 -7.76
C ARG D 330 16.16 -27.59 -6.44
N ILE D 331 16.18 -28.69 -5.67
CA ILE D 331 15.54 -28.71 -4.36
C ILE D 331 16.23 -27.74 -3.39
N ALA D 332 17.55 -27.68 -3.47
CA ALA D 332 18.32 -26.66 -2.75
C ALA D 332 17.90 -25.25 -3.16
N ALA D 333 17.70 -25.01 -4.44
CA ALA D 333 17.27 -23.68 -4.92
C ALA D 333 15.91 -23.30 -4.40
N THR D 334 14.98 -24.26 -4.41
CA THR D 334 13.61 -23.94 -4.00
C THR D 334 13.67 -23.50 -2.55
N MET D 335 14.44 -24.22 -1.74
CA MET D 335 14.55 -23.92 -0.30
C MET D 335 15.24 -22.58 -0.05
N GLU D 336 16.21 -22.22 -0.88
CA GLU D 336 16.86 -20.93 -0.72
C GLU D 336 15.79 -19.84 -0.91
N ASN D 337 15.20 -19.79 -2.10
CA ASN D 337 14.12 -18.86 -2.37
C ASN D 337 13.04 -18.81 -1.28
N ALA D 338 12.76 -19.97 -0.69
CA ALA D 338 11.75 -20.07 0.35
C ALA D 338 12.19 -19.29 1.58
N GLN D 339 13.42 -19.52 2.06
CA GLN D 339 14.02 -18.80 3.22
C GLN D 339 14.11 -17.31 2.94
N LYS D 340 14.32 -16.96 1.68
CA LYS D 340 14.34 -15.58 1.24
C LYS D 340 12.96 -15.02 0.88
N GLY D 341 11.90 -15.79 1.13
CA GLY D 341 10.54 -15.44 0.70
C GLY D 341 9.53 -15.23 1.81
N GLU D 342 8.29 -14.93 1.43
CA GLU D 342 7.22 -14.55 2.38
C GLU D 342 6.26 -15.70 2.70
N ILE D 343 6.14 -16.07 3.96
CA ILE D 343 5.17 -17.08 4.32
C ILE D 343 3.79 -16.55 3.94
N MET D 344 2.89 -17.45 3.53
CA MET D 344 1.51 -17.04 3.21
C MET D 344 0.75 -16.81 4.49
N PRO D 345 0.29 -15.58 4.72
CA PRO D 345 -0.51 -15.36 5.91
C PRO D 345 -1.71 -16.30 5.97
N ASN D 346 -1.89 -16.97 7.10
CA ASN D 346 -3.04 -17.86 7.28
C ASN D 346 -4.21 -17.13 7.95
N ILE D 347 -4.62 -16.02 7.33
CA ILE D 347 -5.70 -15.19 7.86
C ILE D 347 -6.73 -14.93 6.78
N PRO D 348 -8.02 -14.91 7.15
CA PRO D 348 -9.07 -14.79 6.14
C PRO D 348 -8.86 -13.59 5.23
N GLN D 349 -8.39 -12.49 5.80
CA GLN D 349 -8.30 -11.21 5.08
C GLN D 349 -7.51 -11.33 3.78
N MET D 350 -6.63 -12.32 3.73
CA MET D 350 -5.72 -12.50 2.60
C MET D 350 -6.40 -12.76 1.24
N SER D 351 -7.64 -13.23 1.26
CA SER D 351 -8.32 -13.60 0.00
C SER D 351 -8.82 -12.39 -0.80
N ALA D 352 -8.81 -11.20 -0.20
CA ALA D 352 -9.05 -9.96 -0.96
C ALA D 352 -7.76 -9.55 -1.66
N PHE D 353 -6.63 -9.86 -1.03
CA PHE D 353 -5.28 -9.64 -1.59
C PHE D 353 -5.16 -10.15 -3.02
N TRP D 354 -5.51 -11.42 -3.23
CA TRP D 354 -5.36 -12.05 -4.52
C TRP D 354 -6.12 -11.28 -5.59
N TYR D 355 -7.36 -10.94 -5.27
CA TYR D 355 -8.25 -10.19 -6.16
C TYR D 355 -7.81 -8.77 -6.40
N ALA D 356 -7.58 -8.05 -5.30
CA ALA D 356 -7.13 -6.65 -5.34
C ALA D 356 -5.86 -6.52 -6.17
N VAL D 357 -4.94 -7.45 -5.95
CA VAL D 357 -3.66 -7.41 -6.65
C VAL D 357 -3.76 -7.97 -8.05
N ARG D 358 -4.67 -8.92 -8.29
CA ARG D 358 -4.85 -9.43 -9.65
C ARG D 358 -5.33 -8.34 -10.59
N THR D 359 -6.29 -7.52 -10.14
CA THR D 359 -6.76 -6.43 -10.97
C THR D 359 -5.77 -5.27 -11.00
N ALA D 360 -5.11 -5.01 -9.87
CA ALA D 360 -4.10 -3.94 -9.78
C ALA D 360 -3.04 -4.15 -10.86
N VAL D 361 -2.60 -5.40 -10.98
CA VAL D 361 -1.62 -5.80 -11.99
C VAL D 361 -2.12 -5.49 -13.41
N ILE D 362 -3.30 -5.99 -13.76
CA ILE D 362 -3.86 -5.77 -15.09
C ILE D 362 -4.05 -4.28 -15.36
N ASN D 363 -4.62 -3.56 -14.38
CA ASN D 363 -4.89 -2.12 -14.52
C ASN D 363 -3.63 -1.28 -14.76
N ALA D 364 -2.58 -1.56 -13.99
CA ALA D 364 -1.29 -0.88 -14.16
C ALA D 364 -0.62 -1.30 -15.47
N ALA D 365 -0.76 -2.58 -15.82
CA ALA D 365 -0.14 -3.13 -17.03
C ALA D 365 -0.77 -2.56 -18.30
N SER D 366 -2.05 -2.83 -18.51
CA SER D 366 -2.77 -2.34 -19.69
C SER D 366 -2.99 -0.83 -19.67
N GLY D 367 -2.67 -0.17 -18.55
CA GLY D 367 -2.64 1.29 -18.48
C GLY D 367 -3.94 1.96 -18.07
N ARG D 368 -4.89 1.19 -17.54
CA ARG D 368 -6.17 1.74 -17.10
C ARG D 368 -6.00 2.54 -15.80
N GLN D 369 -4.94 2.23 -15.06
CA GLN D 369 -4.54 3.01 -13.88
C GLN D 369 -3.03 3.22 -13.90
N THR D 370 -2.56 4.20 -13.13
CA THR D 370 -1.12 4.33 -12.86
C THR D 370 -0.75 3.45 -11.66
N VAL D 371 0.54 3.25 -11.45
CA VAL D 371 1.04 2.35 -10.40
C VAL D 371 0.64 2.84 -8.99
N ASP D 372 0.75 4.15 -8.74
CA ASP D 372 0.43 4.69 -7.42
C ASP D 372 -1.03 4.46 -7.05
N GLU D 373 -1.94 4.77 -7.98
CA GLU D 373 -3.36 4.67 -7.71
C GLU D 373 -3.86 3.22 -7.75
N ALA D 374 -3.21 2.37 -8.53
CA ALA D 374 -3.56 0.94 -8.55
C ALA D 374 -3.22 0.27 -7.21
N LEU D 375 -2.14 0.70 -6.56
CA LEU D 375 -1.72 0.12 -5.27
C LEU D 375 -2.40 0.77 -4.07
N LYS D 376 -2.97 1.94 -4.29
CA LYS D 376 -3.74 2.63 -3.26
C LYS D 376 -5.11 1.96 -3.11
N ASP D 377 -5.67 1.50 -4.22
CA ASP D 377 -6.97 0.79 -4.20
C ASP D 377 -6.79 -0.59 -3.61
N ALA D 378 -5.63 -1.20 -3.85
CA ALA D 378 -5.26 -2.41 -3.14
C ALA D 378 -5.19 -2.11 -1.64
N GLN D 379 -4.36 -1.13 -1.28
CA GLN D 379 -4.25 -0.67 0.10
C GLN D 379 -5.64 -0.66 0.77
N THR D 380 -6.62 -0.04 0.11
CA THR D 380 -7.96 0.16 0.70
C THR D 380 -8.78 -1.12 0.82
N ARG D 381 -8.98 -1.83 -0.29
CA ARG D 381 -9.84 -3.03 -0.30
C ARG D 381 -9.35 -4.09 0.69
N ILE D 382 -8.03 -4.17 0.86
CA ILE D 382 -7.41 -5.05 1.83
C ILE D 382 -7.84 -4.64 3.22
N THR D 383 -7.46 -3.43 3.61
CA THR D 383 -7.60 -2.98 4.99
C THR D 383 -8.84 -2.16 5.20
N ALA D 384 -9.75 -2.61 6.07
CA ALA D 384 -9.76 -3.96 6.63
C ALA D 384 -11.06 -4.59 6.15
N ALA D 385 -11.53 -5.64 6.84
CA ALA D 385 -12.86 -6.21 6.62
C ALA D 385 -13.84 -5.21 7.24
N ARG D 386 -14.70 -5.51 8.23
CA ARG D 386 -15.06 -6.83 8.75
C ARG D 386 -16.16 -7.46 7.87
N ASP D 387 -16.38 -6.86 6.69
CA ASP D 387 -17.41 -7.28 5.72
C ASP D 387 -18.82 -7.50 6.37
N GLY D 388 -19.62 -8.40 5.81
CA GLY D 388 -21.01 -8.59 6.22
C GLY D 388 -21.94 -7.90 5.24
N LEU D 389 -22.21 -6.63 5.49
CA LEU D 389 -23.04 -5.77 4.64
C LEU D 389 -22.18 -5.18 3.59
N ARG D 390 -20.91 -4.99 3.89
CA ARG D 390 -19.98 -4.52 2.90
C ARG D 390 -19.81 -5.49 1.75
N ALA D 391 -19.66 -6.76 2.11
CA ALA D 391 -19.61 -7.83 1.15
C ALA D 391 -20.74 -7.63 0.16
N VAL D 392 -21.93 -7.35 0.66
CA VAL D 392 -23.12 -7.21 -0.20
C VAL D 392 -23.05 -6.02 -1.13
N MSE D 393 -22.43 -4.93 -0.70
CA MSE D 393 -22.28 -3.76 -1.55
C MSE D 393 -21.17 -3.96 -2.57
O MSE D 393 -21.26 -3.45 -3.68
CB MSE D 393 -21.97 -2.54 -0.72
CG MSE D 393 -22.98 -2.25 0.36
SE MSE D 393 -22.45 -0.69 1.42
CE MSE D 393 -20.49 -0.74 1.19
N GLU D 394 -20.11 -4.67 -2.18
CA GLU D 394 -19.05 -5.03 -3.12
C GLU D 394 -19.61 -5.98 -4.19
N ALA D 395 -20.63 -6.77 -3.88
CA ALA D 395 -21.32 -7.57 -4.87
C ALA D 395 -22.10 -6.67 -5.81
N ARG D 396 -22.82 -5.74 -5.23
CA ARG D 396 -23.57 -4.75 -6.00
C ARG D 396 -22.74 -4.08 -7.09
N ASN D 397 -21.48 -3.75 -6.80
CA ASN D 397 -20.58 -3.13 -7.80
C ASN D 397 -19.99 -4.14 -8.76
N VAL D 398 -19.57 -5.28 -8.23
CA VAL D 398 -19.16 -6.40 -9.04
C VAL D 398 -20.19 -6.62 -10.12
N THR D 399 -21.48 -6.72 -9.78
CA THR D 399 -22.47 -7.04 -10.82
C THR D 399 -22.64 -5.95 -11.89
N HIS D 400 -22.26 -4.70 -11.62
CA HIS D 400 -22.21 -3.69 -12.71
C HIS D 400 -21.10 -4.10 -13.68
N LEU D 401 -19.95 -4.51 -13.16
CA LEU D 401 -18.83 -5.01 -13.96
C LEU D 401 -19.21 -6.30 -14.74
N LEU D 402 -19.73 -7.27 -14.05
CA LEU D 402 -20.32 -8.42 -14.73
C LEU D 402 -21.24 -8.03 -15.88
N GLN D 403 -22.08 -7.02 -15.66
CA GLN D 403 -23.04 -6.61 -16.68
C GLN D 403 -22.22 -6.16 -17.91
N GLN D 404 -21.21 -5.30 -17.70
CA GLN D 404 -20.38 -4.74 -18.80
C GLN D 404 -19.77 -5.87 -19.67
N GLU D 405 -19.45 -6.98 -19.03
CA GLU D 405 -18.78 -8.05 -19.69
C GLU D 405 -19.76 -8.89 -20.48
N LEU D 406 -20.86 -9.25 -19.83
CA LEU D 406 -21.94 -9.89 -20.57
C LEU D 406 -22.38 -9.03 -21.74
N THR D 407 -22.24 -7.69 -21.63
CA THR D 407 -22.50 -6.82 -22.78
C THR D 407 -21.47 -7.07 -23.86
N GLU D 408 -20.22 -6.93 -23.49
CA GLU D 408 -19.12 -7.12 -24.42
C GLU D 408 -19.30 -8.51 -25.10
N ALA D 409 -19.44 -9.57 -24.32
CA ALA D 409 -19.68 -10.92 -24.93
C ALA D 409 -20.85 -10.92 -25.87
N GLN D 410 -21.93 -10.26 -25.48
CA GLN D 410 -23.09 -10.15 -26.36
C GLN D 410 -22.75 -9.47 -27.67
N LYS D 411 -22.07 -8.31 -27.66
CA LYS D 411 -21.80 -7.69 -28.96
C LYS D 411 -20.66 -8.37 -29.70
N GLY D 412 -19.83 -9.09 -28.96
CA GLY D 412 -18.88 -10.01 -29.60
C GLY D 412 -19.55 -11.03 -30.49
N PHE D 413 -20.50 -11.78 -29.94
CA PHE D 413 -21.27 -12.76 -30.73
C PHE D 413 -21.98 -12.09 -31.90
N GLN D 414 -22.64 -10.97 -31.63
CA GLN D 414 -23.40 -10.29 -32.69
C GLN D 414 -22.53 -9.83 -33.90
N ASP D 415 -21.28 -9.48 -33.63
CA ASP D 415 -20.33 -9.10 -34.67
C ASP D 415 -19.90 -10.32 -35.49
N VAL D 416 -19.41 -11.36 -34.79
CA VAL D 416 -19.05 -12.64 -35.45
C VAL D 416 -20.23 -13.19 -36.26
N GLU D 417 -21.40 -13.18 -35.67
CA GLU D 417 -22.62 -13.62 -36.33
C GLU D 417 -22.86 -12.85 -37.65
N ALA D 418 -22.67 -11.53 -37.63
CA ALA D 418 -22.85 -10.73 -38.82
C ALA D 418 -21.82 -11.11 -39.88
N GLN D 419 -20.56 -11.23 -39.45
CA GLN D 419 -19.50 -11.60 -40.37
C GLN D 419 -19.57 -13.06 -40.77
N ALA D 420 -19.93 -13.95 -39.84
CA ALA D 420 -20.30 -15.37 -40.23
C ALA D 420 -21.42 -15.42 -41.21
N ALA D 421 -22.39 -14.49 -41.12
CA ALA D 421 -23.50 -14.45 -42.10
C ALA D 421 -23.03 -14.18 -43.53
N THR D 422 -21.91 -13.52 -43.65
CA THR D 422 -21.47 -13.10 -44.96
C THR D 422 -20.63 -14.14 -45.61
N ALA D 423 -19.89 -14.93 -44.84
CA ALA D 423 -19.25 -16.07 -45.45
C ALA D 423 -20.33 -17.09 -45.84
N ASN D 424 -21.39 -17.18 -45.09
CA ASN D 424 -22.41 -18.11 -45.49
C ASN D 424 -23.17 -17.73 -46.77
N HIS D 425 -23.19 -16.43 -47.03
CA HIS D 425 -23.81 -15.88 -48.26
C HIS D 425 -23.12 -16.47 -49.50
N THR D 426 -21.81 -16.19 -49.58
CA THR D 426 -20.94 -16.82 -50.54
C THR D 426 -21.14 -18.36 -50.60
N VAL D 427 -21.07 -19.05 -49.48
CA VAL D 427 -21.07 -20.53 -49.47
C VAL D 427 -22.32 -21.21 -50.08
N MSE D 428 -23.48 -20.62 -49.82
CA MSE D 428 -24.71 -21.08 -50.41
C MSE D 428 -24.84 -20.70 -51.87
O MSE D 428 -25.40 -21.47 -52.65
CB MSE D 428 -25.90 -20.49 -49.69
CG MSE D 428 -26.06 -20.95 -48.28
SE MSE D 428 -27.48 -19.87 -47.48
CE MSE D 428 -26.70 -18.08 -47.64
N ALA D 429 -24.36 -19.51 -52.22
CA ALA D 429 -24.23 -19.07 -53.61
C ALA D 429 -23.44 -20.07 -54.44
N LEU D 430 -22.26 -20.47 -53.97
CA LEU D 430 -21.44 -21.43 -54.68
C LEU D 430 -22.11 -22.78 -54.68
N MSE D 431 -22.59 -23.22 -53.53
CA MSE D 431 -23.26 -24.52 -53.44
C MSE D 431 -24.42 -24.60 -54.42
O MSE D 431 -24.74 -25.71 -54.96
CB MSE D 431 -23.74 -24.80 -52.01
CG MSE D 431 -22.92 -25.89 -51.31
SE MSE D 431 -23.39 -26.16 -49.43
CE MSE D 431 -22.77 -28.03 -49.23
N ALA D 432 -25.05 -23.43 -54.62
CA ALA D 432 -26.17 -23.27 -55.54
C ALA D 432 -25.70 -23.54 -56.95
N SER D 433 -24.72 -22.75 -57.36
CA SER D 433 -24.09 -22.88 -58.65
C SER D 433 -23.56 -24.29 -58.84
N LEU D 434 -22.90 -24.85 -57.85
CA LEU D 434 -22.45 -26.21 -58.00
C LEU D 434 -23.62 -27.18 -58.27
N ASP D 435 -24.68 -27.07 -57.49
CA ASP D 435 -25.81 -27.96 -57.67
C ASP D 435 -26.45 -27.74 -59.05
N ALA D 436 -26.45 -26.49 -59.50
CA ALA D 436 -27.01 -26.10 -60.79
C ALA D 436 -26.16 -26.67 -61.90
N GLU D 437 -24.86 -26.47 -61.77
CA GLU D 437 -23.95 -26.99 -62.76
C GLU D 437 -24.16 -28.49 -62.92
N LYS D 438 -24.17 -29.24 -61.83
CA LYS D 438 -24.36 -30.71 -61.87
C LYS D 438 -25.68 -31.07 -62.53
N ALA D 439 -26.72 -30.28 -62.28
CA ALA D 439 -28.04 -30.56 -62.83
C ALA D 439 -28.02 -30.42 -64.35
N GLN D 440 -27.53 -29.27 -64.79
CA GLN D 440 -27.40 -28.92 -66.22
C GLN D 440 -26.59 -29.95 -66.99
N GLY D 441 -25.43 -30.30 -66.43
CA GLY D 441 -24.55 -31.26 -67.03
C GLY D 441 -25.13 -32.64 -67.13
N GLN D 442 -25.80 -33.09 -66.09
CA GLN D 442 -26.29 -34.48 -66.02
C GLN D 442 -27.51 -34.65 -66.92
N LYS D 443 -28.20 -33.54 -67.18
CA LYS D 443 -29.33 -33.52 -68.11
C LYS D 443 -28.83 -33.51 -69.54
N LYS D 444 -27.91 -32.60 -69.83
CA LYS D 444 -27.24 -32.61 -71.13
C LYS D 444 -26.74 -34.03 -71.47
N VAL D 445 -26.15 -34.72 -70.50
CA VAL D 445 -25.63 -36.04 -70.75
C VAL D 445 -26.73 -37.03 -71.09
N GLU D 446 -27.88 -36.96 -70.42
CA GLU D 446 -28.97 -37.89 -70.77
C GLU D 446 -29.60 -37.55 -72.13
N GLU D 447 -29.59 -36.27 -72.50
CA GLU D 447 -30.08 -35.82 -73.81
C GLU D 447 -29.26 -36.50 -74.88
N LEU D 448 -27.94 -36.49 -74.72
CA LEU D 448 -27.05 -37.12 -75.69
C LEU D 448 -27.18 -38.65 -75.73
N GLU D 449 -27.28 -39.25 -74.56
CA GLU D 449 -27.39 -40.68 -74.46
C GLU D 449 -28.69 -41.16 -75.08
N GLY D 450 -29.66 -40.24 -75.14
CA GLY D 450 -30.87 -40.47 -75.92
C GLY D 450 -30.53 -40.49 -77.39
N GLU D 451 -29.95 -39.37 -77.87
CA GLU D 451 -29.55 -39.28 -79.26
C GLU D 451 -28.82 -40.54 -79.66
N ILE D 452 -27.99 -41.09 -78.78
CA ILE D 452 -27.19 -42.27 -79.11
C ILE D 452 -28.06 -43.54 -79.22
N THR D 453 -28.93 -43.77 -78.26
CA THR D 453 -29.77 -44.95 -78.28
C THR D 453 -30.68 -44.88 -79.50
N THR D 454 -31.08 -43.66 -79.85
CA THR D 454 -31.91 -43.44 -81.03
C THR D 454 -31.14 -43.88 -82.25
N LEU D 455 -30.01 -43.20 -82.47
CA LEU D 455 -29.16 -43.46 -83.62
C LEU D 455 -28.78 -44.91 -83.66
N ASN D 456 -28.36 -45.47 -82.53
CA ASN D 456 -28.05 -46.92 -82.48
C ASN D 456 -29.15 -47.80 -83.06
N HIS D 457 -30.40 -47.41 -82.83
CA HIS D 457 -31.57 -48.15 -83.36
C HIS D 457 -31.74 -47.96 -84.86
N LYS D 458 -31.76 -46.70 -85.27
CA LYS D 458 -31.86 -46.35 -86.68
C LYS D 458 -30.79 -47.07 -87.50
N LEU D 459 -29.55 -47.05 -87.01
CA LEU D 459 -28.46 -47.79 -87.61
C LEU D 459 -28.67 -49.31 -87.58
N GLN D 460 -29.15 -49.84 -86.46
CA GLN D 460 -29.47 -51.26 -86.39
C GLN D 460 -30.40 -51.70 -87.52
N ASP D 461 -31.41 -50.89 -87.79
CA ASP D 461 -32.35 -51.14 -88.88
C ASP D 461 -31.63 -51.09 -90.21
N ALA D 462 -31.17 -49.91 -90.60
CA ALA D 462 -30.39 -49.79 -91.82
C ALA D 462 -29.40 -50.97 -91.94
N SER D 463 -28.56 -51.11 -90.93
CA SER D 463 -27.53 -52.13 -90.95
C SER D 463 -28.13 -53.50 -91.19
N ALA D 464 -29.07 -53.91 -90.32
CA ALA D 464 -29.74 -55.21 -90.45
C ALA D 464 -30.51 -55.36 -91.77
N GLU D 465 -30.67 -54.26 -92.51
CA GLU D 465 -31.29 -54.33 -93.83
C GLU D 465 -30.39 -54.09 -95.03
N VAL D 466 -29.07 -53.96 -94.82
CA VAL D 466 -28.13 -54.25 -95.91
C VAL D 466 -27.77 -55.74 -95.83
N GLU D 467 -27.51 -56.24 -94.62
CA GLU D 467 -27.08 -57.62 -94.38
C GLU D 467 -28.10 -58.62 -94.89
N ARG D 468 -29.37 -58.41 -94.53
CA ARG D 468 -30.46 -59.24 -95.06
C ARG D 468 -30.74 -58.73 -96.44
N LEU D 469 -31.79 -57.92 -96.58
CA LEU D 469 -32.20 -57.48 -97.89
C LEU D 469 -30.93 -57.00 -98.53
N ARG D 470 -30.29 -57.89 -99.28
CA ARG D 470 -29.26 -57.48 -100.19
C ARG D 470 -27.85 -57.98 -99.81
N ARG D 471 -26.94 -58.02 -100.78
CA ARG D 471 -25.47 -58.28 -100.65
C ARG D 471 -24.90 -58.54 -102.06
N GLU E 18 66.22 27.03 36.91
CA GLU E 18 66.91 28.32 36.61
C GLU E 18 68.24 28.44 37.35
N GLY E 19 69.32 28.64 36.58
CA GLY E 19 70.69 28.67 37.14
C GLY E 19 71.41 27.33 37.09
N LYS E 20 70.66 26.25 36.80
CA LYS E 20 71.23 24.90 36.67
C LYS E 20 70.58 24.12 35.52
N LEU E 21 71.24 23.05 35.09
CA LEU E 21 70.76 22.21 33.97
C LEU E 21 70.34 20.81 34.42
N VAL E 22 69.09 20.46 34.12
CA VAL E 22 68.60 19.09 34.32
C VAL E 22 68.44 18.43 32.95
N ILE E 23 68.97 17.21 32.82
CA ILE E 23 69.02 16.49 31.54
C ILE E 23 68.42 15.11 31.63
N TRP E 24 67.63 14.75 30.64
CA TRP E 24 67.00 13.45 30.59
C TRP E 24 67.59 12.60 29.48
N ILE E 25 68.02 11.41 29.83
CA ILE E 25 68.51 10.43 28.87
C ILE E 25 67.90 9.10 29.26
N ASN E 26 67.76 8.18 28.32
CA ASN E 26 67.15 6.90 28.64
C ASN E 26 68.08 6.03 29.48
N GLY E 27 67.51 5.07 30.20
CA GLY E 27 68.27 4.20 31.10
C GLY E 27 69.25 3.23 30.46
N ASP E 28 69.09 2.99 29.15
CA ASP E 28 69.96 2.06 28.44
C ASP E 28 71.15 2.79 27.84
N LYS E 29 71.38 4.03 28.28
CA LYS E 29 72.53 4.77 27.82
C LYS E 29 73.49 4.96 29.00
N GLY E 30 74.66 5.51 28.70
CA GLY E 30 75.66 5.76 29.73
C GLY E 30 75.40 7.05 30.48
N TYR E 31 74.39 7.03 31.34
CA TYR E 31 74.02 8.24 32.10
C TYR E 31 75.10 8.65 33.12
N ASN E 32 75.74 7.68 33.75
CA ASN E 32 76.84 7.97 34.66
C ASN E 32 77.96 8.62 33.88
N GLY E 33 78.35 7.97 32.79
CA GLY E 33 79.32 8.54 31.86
C GLY E 33 79.01 10.00 31.53
N LEU E 34 77.74 10.26 31.25
CA LEU E 34 77.28 11.61 30.96
C LEU E 34 77.35 12.52 32.19
N ALA E 35 77.01 11.98 33.36
CA ALA E 35 77.11 12.73 34.61
C ALA E 35 78.54 13.23 34.82
N GLU E 36 79.52 12.37 34.51
CA GLU E 36 80.94 12.73 34.63
C GLU E 36 81.21 13.98 33.82
N VAL E 37 80.68 14.03 32.60
CA VAL E 37 80.81 15.22 31.77
C VAL E 37 80.11 16.39 32.46
N GLY E 38 78.97 16.10 33.09
CA GLY E 38 78.26 17.08 33.90
C GLY E 38 79.09 17.69 35.03
N LYS E 39 79.87 16.83 35.69
CA LYS E 39 80.73 17.26 36.78
C LYS E 39 81.88 18.14 36.28
N LYS E 40 82.38 17.85 35.09
CA LYS E 40 83.49 18.62 34.50
C LYS E 40 82.98 20.04 34.21
N PHE E 41 81.71 20.10 33.81
CA PHE E 41 81.03 21.35 33.55
C PHE E 41 80.76 22.10 34.85
N GLU E 42 80.29 21.36 35.86
CA GLU E 42 80.00 21.91 37.18
C GLU E 42 81.23 22.56 37.79
N LYS E 43 82.38 21.92 37.61
CA LYS E 43 83.65 22.46 38.07
C LYS E 43 83.96 23.76 37.32
N ASP E 44 83.92 23.72 36.00
CA ASP E 44 84.42 24.83 35.18
C ASP E 44 83.58 26.10 35.22
N THR E 45 82.27 25.97 35.44
CA THR E 45 81.39 27.15 35.46
C THR E 45 80.59 27.33 36.76
N GLY E 46 80.67 26.36 37.67
CA GLY E 46 79.94 26.42 38.93
C GLY E 46 78.47 26.01 38.82
N ILE E 47 78.05 25.63 37.61
CA ILE E 47 76.66 25.25 37.35
C ILE E 47 76.45 23.75 37.60
N LYS E 48 75.63 23.41 38.59
CA LYS E 48 75.39 21.99 38.90
C LYS E 48 74.51 21.38 37.83
N VAL E 49 74.94 20.25 37.28
CA VAL E 49 74.19 19.54 36.25
C VAL E 49 73.68 18.24 36.84
N THR E 50 72.37 18.01 36.73
CA THR E 50 71.76 16.79 37.21
C THR E 50 71.29 15.97 36.01
N VAL E 51 71.59 14.68 36.00
CA VAL E 51 71.24 13.80 34.90
C VAL E 51 70.21 12.79 35.40
N GLU E 52 69.13 12.59 34.66
CA GLU E 52 68.06 11.66 35.09
C GLU E 52 67.61 10.69 34.00
N HIS E 53 67.17 9.52 34.42
CA HIS E 53 66.57 8.55 33.51
C HIS E 53 65.25 8.08 34.11
N PRO E 54 64.21 8.92 34.00
CA PRO E 54 62.89 8.58 34.50
C PRO E 54 62.15 7.61 33.59
N ASP E 55 61.12 6.96 34.13
CA ASP E 55 60.41 5.90 33.42
C ASP E 55 59.61 6.46 32.25
N LYS E 56 59.65 5.75 31.13
CA LYS E 56 59.07 6.20 29.85
C LYS E 56 59.02 7.72 29.71
N LEU E 57 60.20 8.31 29.51
CA LEU E 57 60.38 9.76 29.48
C LEU E 57 59.99 10.38 28.15
N GLU E 58 59.98 9.59 27.09
CA GLU E 58 59.53 10.08 25.78
C GLU E 58 58.05 10.44 25.81
N GLU E 59 57.26 9.65 26.55
CA GLU E 59 55.84 9.91 26.78
C GLU E 59 55.68 11.03 27.78
N LYS E 60 56.59 11.08 28.74
CA LYS E 60 56.53 12.08 29.80
C LYS E 60 56.93 13.49 29.35
N PHE E 61 57.72 13.60 28.29
CA PHE E 61 58.27 14.90 27.90
C PHE E 61 57.24 15.95 27.50
N PRO E 62 56.33 15.64 26.55
CA PRO E 62 55.36 16.66 26.09
C PRO E 62 54.41 17.16 27.18
N GLN E 63 54.33 16.44 28.29
CA GLN E 63 53.46 16.79 29.40
C GLN E 63 54.10 17.78 30.38
N VAL E 64 55.42 17.71 30.56
CA VAL E 64 56.11 18.58 31.51
C VAL E 64 56.69 19.84 30.87
N ALA E 65 57.10 19.75 29.60
CA ALA E 65 57.65 20.91 28.88
C ALA E 65 56.59 21.99 28.63
N ALA E 66 55.35 21.55 28.39
CA ALA E 66 54.21 22.44 28.11
C ALA E 66 53.67 23.19 29.34
N THR E 67 54.23 22.92 30.51
CA THR E 67 54.07 23.79 31.68
C THR E 67 55.44 24.08 32.29
N GLY E 68 56.31 24.70 31.48
CA GLY E 68 57.63 25.18 31.91
C GLY E 68 58.45 24.27 32.81
N ASP E 69 58.17 22.97 32.79
CA ASP E 69 58.82 22.01 33.69
C ASP E 69 59.65 20.95 32.98
N GLY E 70 60.16 20.00 33.75
CA GLY E 70 60.91 18.89 33.17
C GLY E 70 62.33 19.31 32.85
N PRO E 71 62.95 18.64 31.86
CA PRO E 71 64.37 18.81 31.60
C PRO E 71 64.67 20.02 30.75
N ASP E 72 65.85 20.60 30.97
CA ASP E 72 66.37 21.65 30.11
C ASP E 72 66.84 21.06 28.79
N ILE E 73 67.29 19.81 28.83
CA ILE E 73 67.71 19.11 27.62
C ILE E 73 67.36 17.63 27.68
N ILE E 74 66.92 17.10 26.54
CA ILE E 74 66.47 15.70 26.43
C ILE E 74 67.19 14.92 25.32
N PHE E 75 67.71 13.75 25.66
CA PHE E 75 68.39 12.88 24.70
C PHE E 75 67.42 11.83 24.26
N TRP E 76 67.18 11.74 22.95
CA TRP E 76 66.31 10.68 22.40
C TRP E 76 66.52 10.45 20.90
N ALA E 77 65.96 9.34 20.41
CA ALA E 77 65.93 9.05 18.98
C ALA E 77 65.35 10.23 18.22
N HIS E 78 66.05 10.70 17.20
CA HIS E 78 65.62 11.87 16.44
C HIS E 78 64.21 11.83 15.90
N ASP E 79 63.65 10.65 15.67
CA ASP E 79 62.32 10.54 15.06
C ASP E 79 61.19 11.07 15.94
N ARG E 80 61.27 10.88 17.26
CA ARG E 80 60.26 11.46 18.16
C ARG E 80 60.26 12.98 18.18
N PHE E 81 61.31 13.60 17.64
CA PHE E 81 61.55 15.06 17.78
C PHE E 81 60.76 15.93 16.80
N GLY E 82 60.42 15.40 15.63
CA GLY E 82 59.58 16.15 14.68
C GLY E 82 58.18 16.29 15.24
N GLY E 83 57.74 15.28 16.00
CA GLY E 83 56.48 15.37 16.74
C GLY E 83 56.52 16.44 17.82
N TYR E 84 57.66 16.57 18.51
CA TYR E 84 57.80 17.58 19.55
C TYR E 84 57.90 18.98 18.95
N ALA E 85 58.59 19.11 17.82
CA ALA E 85 58.75 20.42 17.20
C ALA E 85 57.43 20.92 16.62
N GLN E 86 56.61 19.97 16.17
CA GLN E 86 55.26 20.25 15.65
C GLN E 86 54.40 20.92 16.71
N SER E 87 54.63 20.56 17.97
CA SER E 87 53.99 21.19 19.11
C SER E 87 54.89 22.29 19.69
N GLY E 88 55.74 22.88 18.83
CA GLY E 88 56.71 23.90 19.24
C GLY E 88 57.43 23.70 20.56
N LEU E 89 57.60 22.45 20.99
CA LEU E 89 58.15 22.16 22.32
C LEU E 89 59.68 22.37 22.41
N LEU E 90 60.37 22.31 21.27
CA LEU E 90 61.83 22.37 21.28
C LEU E 90 62.34 23.69 20.82
N ALA E 91 63.42 24.13 21.46
CA ALA E 91 64.10 25.37 21.09
C ALA E 91 64.82 25.15 19.78
N GLU E 92 64.84 26.18 18.96
CA GLU E 92 65.64 26.19 17.75
C GLU E 92 67.08 26.41 18.17
N ILE E 93 68.00 25.60 17.63
CA ILE E 93 69.41 25.68 18.02
C ILE E 93 70.23 26.43 16.98
N THR E 94 71.25 27.14 17.46
CA THR E 94 72.08 28.03 16.63
C THR E 94 73.55 27.72 16.86
N PRO E 95 74.11 26.78 16.08
CA PRO E 95 75.52 26.43 16.10
C PRO E 95 76.24 27.02 14.90
N ASP E 96 77.30 27.79 15.13
CA ASP E 96 78.03 28.41 14.01
C ASP E 96 78.60 27.34 13.10
N LYS E 97 78.76 27.65 11.82
CA LYS E 97 79.10 26.66 10.82
C LYS E 97 80.39 25.89 11.14
N ALA E 98 81.35 26.56 11.79
CA ALA E 98 82.57 25.88 12.29
C ALA E 98 82.17 24.63 13.09
N PHE E 99 81.22 24.80 14.01
CA PHE E 99 80.72 23.67 14.76
C PHE E 99 79.96 22.68 13.90
N GLN E 100 79.20 23.17 12.92
CA GLN E 100 78.46 22.27 12.03
C GLN E 100 79.36 21.30 11.25
N ASP E 101 80.58 21.72 10.97
CA ASP E 101 81.50 20.86 10.22
C ASP E 101 82.28 19.88 11.10
N LYS E 102 82.04 19.92 12.40
CA LYS E 102 82.62 18.91 13.31
C LYS E 102 81.84 17.59 13.24
N LEU E 103 80.56 17.66 12.92
CA LEU E 103 79.71 16.48 12.75
C LEU E 103 79.50 16.17 11.27
N TYR E 104 79.08 14.96 11.00
CA TYR E 104 78.82 14.54 9.63
C TYR E 104 77.58 15.22 9.08
N PRO E 105 77.74 15.93 7.95
CA PRO E 105 76.66 16.57 7.23
C PRO E 105 75.34 15.84 7.36
N PHE E 106 75.33 14.57 6.97
CA PHE E 106 74.07 13.84 6.87
C PHE E 106 73.37 13.67 8.21
N THR E 107 74.10 13.81 9.33
CA THR E 107 73.45 13.68 10.64
C THR E 107 72.56 14.89 10.92
N TRP E 108 72.98 16.06 10.47
CA TRP E 108 72.15 17.24 10.67
C TRP E 108 70.76 17.09 10.05
N ASP E 109 70.69 16.48 8.87
CA ASP E 109 69.38 16.23 8.20
C ASP E 109 68.39 15.43 9.07
N ALA E 110 68.90 14.75 10.10
CA ALA E 110 68.05 14.03 11.03
C ALA E 110 67.45 14.95 12.10
N VAL E 111 67.93 16.17 12.17
CA VAL E 111 67.46 17.12 13.18
C VAL E 111 67.02 18.44 12.52
N ARG E 112 66.25 18.35 11.44
CA ARG E 112 65.57 19.52 10.88
C ARG E 112 64.06 19.32 10.91
N TYR E 113 63.34 20.43 10.99
CA TYR E 113 61.88 20.46 10.87
C TYR E 113 61.53 21.80 10.26
N ASN E 114 60.98 21.77 9.05
CA ASN E 114 60.68 23.00 8.30
C ASN E 114 61.90 23.91 8.11
N GLY E 115 63.08 23.32 7.95
CA GLY E 115 64.30 24.08 7.74
C GLY E 115 64.97 24.54 9.01
N LYS E 116 64.28 24.46 10.15
CA LYS E 116 64.85 24.84 11.44
C LYS E 116 65.59 23.66 12.09
N LEU E 117 66.83 23.87 12.48
CA LEU E 117 67.57 22.87 13.24
C LEU E 117 67.04 22.90 14.67
N ILE E 118 66.70 21.72 15.17
CA ILE E 118 65.99 21.60 16.44
C ILE E 118 66.68 20.74 17.50
N ALA E 119 67.77 20.05 17.13
CA ALA E 119 68.54 19.26 18.09
C ALA E 119 69.95 18.94 17.60
N TYR E 120 70.81 18.60 18.55
CA TYR E 120 72.19 18.20 18.28
C TYR E 120 72.30 16.67 18.08
N PRO E 121 72.87 16.22 16.94
CA PRO E 121 73.12 14.80 16.74
C PRO E 121 74.22 14.26 17.66
N ILE E 122 74.02 13.04 18.20
CA ILE E 122 75.02 12.44 19.08
C ILE E 122 75.58 11.14 18.54
N ALA E 123 74.70 10.16 18.35
CA ALA E 123 75.08 8.82 17.92
C ALA E 123 74.36 8.48 16.64
N VAL E 124 74.85 7.48 15.92
CA VAL E 124 74.24 7.04 14.69
C VAL E 124 74.15 5.52 14.68
N GLU E 125 72.99 5.00 14.30
CA GLU E 125 72.68 3.58 14.41
C GLU E 125 72.13 3.10 13.07
N ALA E 126 72.45 1.88 12.67
CA ALA E 126 72.04 1.36 11.34
C ALA E 126 72.33 -0.14 11.18
N LEU E 127 71.54 -0.82 10.39
CA LEU E 127 71.78 -2.23 10.21
C LEU E 127 73.07 -2.43 9.43
N SER E 128 73.67 -3.60 9.63
CA SER E 128 74.85 -4.01 8.90
C SER E 128 74.69 -5.50 8.63
N LEU E 129 75.56 -6.01 7.76
CA LEU E 129 75.61 -7.43 7.44
C LEU E 129 76.46 -8.09 8.49
N ILE E 130 75.97 -9.18 9.09
CA ILE E 130 76.69 -9.90 10.12
C ILE E 130 76.92 -11.30 9.63
N TYR E 131 78.16 -11.77 9.74
CA TYR E 131 78.54 -13.05 9.16
C TYR E 131 79.51 -13.87 9.99
N ASN E 132 79.43 -15.18 9.82
CA ASN E 132 80.26 -16.14 10.51
C ASN E 132 81.57 -16.32 9.74
N LYS E 133 82.65 -15.84 10.33
CA LYS E 133 83.96 -15.85 9.65
C LYS E 133 84.39 -17.28 9.30
N ASP E 134 84.08 -18.21 10.19
CA ASP E 134 84.49 -19.61 10.05
C ASP E 134 83.74 -20.27 8.91
N LEU E 135 82.43 -20.09 8.86
CA LEU E 135 81.62 -20.62 7.75
C LEU E 135 81.82 -19.88 6.43
N LEU E 136 82.08 -18.58 6.51
CA LEU E 136 82.17 -17.72 5.34
C LEU E 136 83.16 -16.59 5.59
N PRO E 137 84.43 -16.84 5.31
CA PRO E 137 85.44 -15.82 5.59
C PRO E 137 85.44 -14.63 4.64
N ASN E 138 84.78 -14.77 3.48
CA ASN E 138 84.64 -13.68 2.50
C ASN E 138 83.17 -13.40 2.14
N PRO E 139 82.48 -12.61 2.98
CA PRO E 139 81.07 -12.36 2.74
C PRO E 139 80.84 -11.73 1.38
N PRO E 140 79.70 -12.04 0.75
CA PRO E 140 79.46 -11.56 -0.59
C PRO E 140 79.14 -10.09 -0.59
N LYS E 141 79.39 -9.44 -1.72
CA LYS E 141 79.13 -8.01 -1.85
C LYS E 141 77.81 -7.72 -2.51
N THR E 142 77.18 -8.77 -3.06
CA THR E 142 75.99 -8.52 -3.85
C THR E 142 74.92 -9.50 -3.50
N TRP E 143 73.73 -8.97 -3.28
CA TRP E 143 72.56 -9.83 -3.09
C TRP E 143 72.51 -10.91 -4.18
N GLU E 144 72.79 -10.50 -5.41
CA GLU E 144 72.67 -11.39 -6.54
C GLU E 144 73.36 -12.74 -6.36
N GLU E 145 74.49 -12.77 -5.66
CA GLU E 145 75.27 -14.02 -5.48
C GLU E 145 74.79 -14.92 -4.32
N ILE E 146 73.87 -14.43 -3.51
CA ILE E 146 73.39 -15.17 -2.35
C ILE E 146 72.68 -16.48 -2.70
N PRO E 147 71.78 -16.46 -3.69
CA PRO E 147 71.15 -17.75 -4.04
C PRO E 147 72.20 -18.87 -4.22
N ALA E 148 73.15 -18.68 -5.14
CA ALA E 148 74.20 -19.64 -5.38
C ALA E 148 74.91 -20.02 -4.07
N LEU E 149 75.20 -19.00 -3.27
CA LEU E 149 75.93 -19.24 -2.04
C LEU E 149 75.15 -20.19 -1.13
N ASP E 150 73.84 -20.05 -1.15
CA ASP E 150 72.98 -20.84 -0.30
C ASP E 150 72.94 -22.27 -0.82
N LYS E 151 72.87 -22.43 -2.13
CA LYS E 151 72.87 -23.77 -2.72
C LYS E 151 74.14 -24.50 -2.30
N GLU E 152 75.24 -23.77 -2.13
CA GLU E 152 76.50 -24.35 -1.69
C GLU E 152 76.43 -24.82 -0.27
N LEU E 153 76.05 -23.90 0.62
CA LEU E 153 76.03 -24.16 2.05
C LEU E 153 74.95 -25.15 2.43
N LYS E 154 73.88 -25.21 1.66
CA LYS E 154 72.82 -26.19 1.90
C LYS E 154 73.35 -27.63 1.73
N ALA E 155 74.32 -27.78 0.81
CA ALA E 155 74.97 -29.07 0.58
C ALA E 155 75.89 -29.49 1.75
N LYS E 156 76.11 -28.61 2.71
CA LYS E 156 76.69 -29.00 4.01
C LYS E 156 75.85 -28.49 5.16
N GLY E 157 74.53 -28.57 5.00
CA GLY E 157 73.59 -28.40 6.10
C GLY E 157 73.60 -27.04 6.75
N LYS E 158 73.93 -26.01 5.97
CA LYS E 158 73.86 -24.61 6.44
C LYS E 158 73.03 -23.75 5.49
N SER E 159 72.61 -22.59 5.93
CA SER E 159 71.96 -21.62 5.07
C SER E 159 72.89 -20.42 4.91
N ALA E 160 72.75 -19.73 3.80
CA ALA E 160 73.53 -18.53 3.54
C ALA E 160 73.10 -17.40 4.46
N LEU E 161 71.78 -17.14 4.49
CA LEU E 161 71.23 -15.95 5.12
C LEU E 161 69.90 -16.18 5.81
N MET E 162 69.76 -15.62 7.01
CA MET E 162 68.48 -15.62 7.73
C MET E 162 68.43 -14.30 8.47
N PHE E 163 67.42 -13.49 8.14
CA PHE E 163 67.17 -12.26 8.90
C PHE E 163 65.69 -11.98 8.99
N ASN E 164 65.32 -11.06 9.86
CA ASN E 164 63.92 -10.81 10.20
C ASN E 164 63.14 -10.23 9.02
N LEU E 165 62.26 -11.04 8.44
CA LEU E 165 61.43 -10.62 7.30
C LEU E 165 60.05 -10.03 7.69
N GLN E 166 59.58 -10.34 8.90
CA GLN E 166 58.28 -9.86 9.38
C GLN E 166 58.20 -8.35 9.47
N GLU E 167 59.33 -7.70 9.65
CA GLU E 167 59.35 -6.28 9.90
C GLU E 167 60.00 -5.55 8.73
N PRO E 168 59.56 -4.30 8.45
CA PRO E 168 60.07 -3.62 7.27
C PRO E 168 61.41 -3.02 7.54
N TYR E 169 61.63 -2.59 8.77
CA TYR E 169 62.92 -2.00 9.14
C TYR E 169 64.10 -2.85 8.67
N PHE E 170 63.89 -4.16 8.60
CA PHE E 170 64.92 -5.07 8.18
C PHE E 170 64.87 -5.36 6.72
N THR E 171 63.69 -5.34 6.11
CA THR E 171 63.59 -5.73 4.69
C THR E 171 63.73 -4.53 3.79
N TRP E 172 63.56 -3.33 4.33
CA TRP E 172 63.70 -2.11 3.54
C TRP E 172 65.03 -1.98 2.81
N PRO E 173 66.14 -2.20 3.52
CA PRO E 173 67.46 -1.99 2.91
C PRO E 173 67.58 -2.55 1.50
N LEU E 174 67.03 -3.75 1.27
CA LEU E 174 67.08 -4.39 -0.04
C LEU E 174 66.04 -3.82 -0.97
N ILE E 175 64.86 -3.55 -0.44
CA ILE E 175 63.77 -2.98 -1.24
C ILE E 175 64.11 -1.58 -1.77
N ALA E 176 64.59 -0.72 -0.89
CA ALA E 176 64.88 0.65 -1.26
C ALA E 176 66.13 0.74 -2.10
N ALA E 177 66.88 -0.36 -2.16
CA ALA E 177 68.22 -0.36 -2.76
C ALA E 177 68.30 0.36 -4.10
N ASP E 178 67.48 -0.11 -5.02
CA ASP E 178 67.56 0.31 -6.40
C ASP E 178 66.80 1.59 -6.69
N GLY E 179 65.82 1.94 -5.85
CA GLY E 179 65.06 3.14 -6.11
C GLY E 179 63.99 3.59 -5.14
N GLY E 180 63.66 2.79 -4.15
CA GLY E 180 62.59 3.17 -3.23
C GLY E 180 62.92 4.36 -2.34
N TYR E 181 61.89 5.00 -1.82
CA TYR E 181 62.02 5.91 -0.69
C TYR E 181 60.74 5.98 0.11
N ALA E 182 60.84 6.32 1.40
CA ALA E 182 59.64 6.53 2.24
C ALA E 182 58.88 7.75 1.78
N PHE E 183 59.35 8.95 2.14
CA PHE E 183 58.76 10.22 1.71
C PHE E 183 59.84 11.09 1.07
N LYS E 184 59.56 11.69 -0.08
CA LYS E 184 60.55 12.57 -0.74
C LYS E 184 61.01 13.67 0.22
N TYR E 185 62.32 13.93 0.21
CA TYR E 185 62.95 14.96 1.03
C TYR E 185 63.73 15.89 0.10
N GLU E 186 63.45 17.19 0.14
CA GLU E 186 64.11 18.13 -0.78
C GLU E 186 64.89 19.23 -0.07
N ASN E 187 64.24 20.06 0.73
CA ASN E 187 64.89 21.27 1.26
C ASN E 187 64.87 21.36 2.78
N GLY E 188 65.19 20.25 3.45
CA GLY E 188 64.99 20.16 4.89
C GLY E 188 63.52 19.97 5.20
N LYS E 189 62.81 19.36 4.25
CA LYS E 189 61.35 19.25 4.29
C LYS E 189 60.86 17.96 3.60
N TYR E 190 59.83 17.34 4.17
CA TYR E 190 59.25 16.11 3.60
C TYR E 190 57.90 16.37 2.93
N ASP E 191 57.79 16.03 1.64
CA ASP E 191 56.51 16.08 0.93
C ASP E 191 55.73 14.83 1.28
N ILE E 192 54.84 14.95 2.26
CA ILE E 192 54.06 13.80 2.78
C ILE E 192 53.05 13.19 1.78
N LYS E 193 52.98 13.73 0.57
CA LYS E 193 52.15 13.13 -0.47
C LYS E 193 53.00 12.33 -1.47
N ASP E 194 54.32 12.51 -1.43
CA ASP E 194 55.21 11.78 -2.33
C ASP E 194 55.77 10.56 -1.60
N VAL E 195 55.37 9.38 -2.05
CA VAL E 195 55.81 8.13 -1.43
C VAL E 195 56.34 7.20 -2.50
N GLY E 196 57.61 6.83 -2.36
CA GLY E 196 58.31 6.08 -3.38
C GLY E 196 58.39 4.64 -2.99
N VAL E 197 57.24 4.02 -2.79
CA VAL E 197 57.21 2.67 -2.32
C VAL E 197 56.77 1.71 -3.43
N ASP E 198 56.17 2.24 -4.50
CA ASP E 198 55.86 1.40 -5.66
C ASP E 198 56.52 1.92 -6.92
N ASN E 199 57.70 2.52 -6.77
CA ASN E 199 58.50 2.86 -7.93
C ASN E 199 59.28 1.61 -8.37
N ALA E 200 59.59 1.56 -9.66
CA ALA E 200 60.22 0.41 -10.30
C ALA E 200 61.35 -0.21 -9.46
N GLY E 201 62.11 0.66 -8.79
CA GLY E 201 63.20 0.21 -7.92
C GLY E 201 62.74 -0.64 -6.76
N ALA E 202 61.78 -0.14 -6.00
CA ALA E 202 61.22 -0.89 -4.90
C ALA E 202 60.61 -2.25 -5.36
N LYS E 203 59.95 -2.25 -6.51
CA LYS E 203 59.42 -3.48 -7.09
C LYS E 203 60.52 -4.53 -7.34
N ALA E 204 61.68 -4.08 -7.80
CA ALA E 204 62.80 -4.99 -8.05
C ALA E 204 63.28 -5.57 -6.73
N GLY E 205 63.57 -4.67 -5.80
CA GLY E 205 63.99 -5.08 -4.46
C GLY E 205 63.09 -6.16 -3.89
N LEU E 206 61.80 -5.90 -3.89
CA LEU E 206 60.87 -6.81 -3.25
C LEU E 206 60.74 -8.12 -3.98
N THR E 207 60.74 -8.03 -5.31
CA THR E 207 60.68 -9.21 -6.15
C THR E 207 61.80 -10.14 -5.75
N PHE E 208 63.01 -9.59 -5.70
CA PHE E 208 64.19 -10.40 -5.38
C PHE E 208 63.95 -11.08 -4.06
N LEU E 209 63.53 -10.31 -3.07
CA LEU E 209 63.31 -10.87 -1.76
C LEU E 209 62.29 -12.00 -1.86
N VAL E 210 61.14 -11.73 -2.45
CA VAL E 210 60.13 -12.75 -2.57
C VAL E 210 60.69 -13.96 -3.32
N ASP E 211 61.44 -13.71 -4.40
CA ASP E 211 62.04 -14.82 -5.12
C ASP E 211 62.92 -15.70 -4.21
N LEU E 212 63.73 -15.08 -3.36
CA LEU E 212 64.54 -15.84 -2.44
C LEU E 212 63.62 -16.85 -1.72
N ILE E 213 62.47 -16.38 -1.28
CA ILE E 213 61.57 -17.24 -0.52
C ILE E 213 61.01 -18.31 -1.44
N LYS E 214 60.64 -17.91 -2.66
CA LYS E 214 60.13 -18.85 -3.64
C LYS E 214 61.13 -19.96 -3.90
N ASN E 215 62.39 -19.59 -4.09
CA ASN E 215 63.45 -20.57 -4.36
C ASN E 215 64.05 -21.19 -3.10
N LYS E 216 63.33 -21.09 -2.00
CA LYS E 216 63.60 -21.83 -0.77
C LYS E 216 64.98 -21.59 -0.19
N HIS E 217 65.45 -20.34 -0.33
CA HIS E 217 66.69 -19.90 0.27
C HIS E 217 66.44 -19.24 1.61
N MET E 218 65.22 -18.74 1.81
CA MET E 218 64.76 -18.18 3.09
C MET E 218 63.35 -18.67 3.34
N ASN E 219 62.93 -18.61 4.61
CA ASN E 219 61.54 -18.87 5.00
C ASN E 219 60.77 -17.60 5.22
N ALA E 220 59.59 -17.51 4.60
CA ALA E 220 58.74 -16.34 4.73
C ALA E 220 58.31 -16.09 6.16
N ASP E 221 58.27 -17.13 6.99
CA ASP E 221 57.87 -16.95 8.39
C ASP E 221 59.04 -16.70 9.34
N THR E 222 60.18 -16.27 8.81
CA THR E 222 61.36 -16.03 9.65
C THR E 222 61.34 -14.62 10.27
N ASP E 223 61.32 -14.61 11.59
CA ASP E 223 61.28 -13.37 12.38
C ASP E 223 62.60 -13.14 13.12
N TYR E 224 62.63 -12.20 14.06
CA TYR E 224 63.87 -11.82 14.77
C TYR E 224 64.49 -12.92 15.60
N SER E 225 63.69 -13.51 16.47
CA SER E 225 64.18 -14.57 17.33
C SER E 225 64.65 -15.76 16.54
N ILE E 226 63.91 -16.14 15.51
CA ILE E 226 64.35 -17.27 14.68
C ILE E 226 65.70 -17.02 14.00
N ALA E 227 65.85 -15.85 13.43
CA ALA E 227 67.10 -15.46 12.83
C ALA E 227 68.21 -15.50 13.89
N GLU E 228 67.99 -14.77 14.96
CA GLU E 228 69.04 -14.60 15.95
C GLU E 228 69.51 -15.97 16.38
N ALA E 229 68.60 -16.84 16.79
CA ALA E 229 68.98 -18.19 17.21
C ALA E 229 69.83 -18.85 16.13
N ALA E 230 69.31 -18.93 14.91
CA ALA E 230 70.03 -19.63 13.81
C ALA E 230 71.46 -19.11 13.67
N PHE E 231 71.66 -17.81 13.68
CA PHE E 231 73.02 -17.29 13.54
C PHE E 231 73.91 -17.63 14.73
N ASN E 232 73.35 -17.49 15.93
CA ASN E 232 74.09 -17.79 17.14
C ASN E 232 74.47 -19.25 17.27
N LYS E 233 73.65 -20.16 16.71
CA LYS E 233 73.99 -21.60 16.75
C LYS E 233 74.82 -22.06 15.54
N GLY E 234 75.21 -21.12 14.69
CA GLY E 234 76.02 -21.42 13.55
C GLY E 234 75.29 -22.17 12.44
N GLU E 235 73.97 -22.02 12.37
CA GLU E 235 73.15 -22.66 11.34
C GLU E 235 73.08 -21.82 10.07
N THR E 236 73.48 -20.56 10.14
CA THR E 236 73.41 -19.67 8.97
C THR E 236 74.68 -18.84 8.90
N ALA E 237 75.10 -18.59 7.69
CA ALA E 237 76.35 -17.93 7.44
C ALA E 237 76.22 -16.44 7.75
N MET E 238 75.12 -15.84 7.31
CA MET E 238 74.89 -14.42 7.51
C MET E 238 73.54 -14.08 8.09
N THR E 239 73.48 -12.90 8.71
CA THR E 239 72.24 -12.29 9.16
C THR E 239 72.38 -10.77 9.06
N ILE E 240 71.27 -10.08 9.34
CA ILE E 240 71.22 -8.64 9.29
C ILE E 240 70.74 -8.14 10.63
N ASN E 241 71.44 -7.19 11.24
CA ASN E 241 71.04 -6.70 12.57
C ASN E 241 71.88 -5.53 13.00
N GLY E 242 71.60 -4.99 14.17
CA GLY E 242 72.23 -3.76 14.61
C GLY E 242 73.08 -3.89 15.84
N PRO E 243 73.69 -2.79 16.24
CA PRO E 243 74.54 -2.74 17.42
C PRO E 243 73.88 -3.23 18.73
N TRP E 244 72.61 -2.95 18.88
CA TRP E 244 71.85 -3.47 20.00
C TRP E 244 72.02 -5.00 20.15
N ALA E 245 72.46 -5.66 19.10
CA ALA E 245 72.54 -7.13 19.07
C ALA E 245 73.92 -7.70 19.34
N TRP E 246 74.93 -6.84 19.49
CA TRP E 246 76.30 -7.35 19.47
C TRP E 246 76.57 -8.11 20.75
N SER E 247 76.32 -7.47 21.89
CA SER E 247 76.68 -8.10 23.16
C SER E 247 75.96 -9.42 23.32
N ASN E 248 74.85 -9.60 22.60
CA ASN E 248 74.22 -10.92 22.56
C ASN E 248 75.03 -11.93 21.75
N ILE E 249 75.43 -11.55 20.54
CA ILE E 249 76.15 -12.48 19.67
C ILE E 249 77.50 -12.82 20.28
N ASP E 250 78.07 -11.82 20.97
CA ASP E 250 79.33 -11.95 21.67
C ASP E 250 79.39 -13.23 22.42
N THR E 251 78.29 -13.56 23.09
CA THR E 251 78.26 -14.66 24.04
C THR E 251 77.74 -15.99 23.47
N SER E 252 77.50 -16.00 22.18
CA SER E 252 77.40 -17.25 21.46
C SER E 252 78.81 -17.73 21.17
N LYS E 253 79.74 -16.78 21.09
CA LYS E 253 81.09 -17.07 20.59
C LYS E 253 81.09 -17.83 19.22
N VAL E 254 80.16 -17.49 18.34
CA VAL E 254 80.44 -17.62 16.92
C VAL E 254 81.50 -16.59 16.64
N ASN E 255 82.37 -16.84 15.66
CA ASN E 255 83.36 -15.84 15.26
C ASN E 255 82.77 -15.02 14.12
N TYR E 256 82.32 -13.80 14.45
CA TYR E 256 81.46 -13.05 13.54
C TYR E 256 82.09 -11.78 13.03
N GLY E 257 81.83 -11.48 11.77
CA GLY E 257 82.28 -10.25 11.16
C GLY E 257 81.09 -9.32 11.05
N VAL E 258 81.35 -8.01 10.92
CA VAL E 258 80.30 -7.05 10.67
C VAL E 258 80.74 -6.09 9.59
N THR E 259 79.95 -5.97 8.53
CA THR E 259 80.44 -5.28 7.32
C THR E 259 79.38 -4.60 6.47
N VAL E 260 79.76 -4.17 5.28
CA VAL E 260 78.84 -3.49 4.40
C VAL E 260 77.75 -4.42 3.91
N LEU E 261 76.54 -3.90 3.88
CA LEU E 261 75.45 -4.65 3.33
C LEU E 261 75.72 -4.92 1.85
N PRO E 262 75.25 -6.06 1.36
CA PRO E 262 75.44 -6.37 -0.04
C PRO E 262 74.76 -5.39 -0.94
N THR E 263 75.32 -5.13 -2.13
CA THR E 263 74.64 -4.24 -3.07
C THR E 263 73.58 -5.00 -3.83
N PHE E 264 72.68 -4.26 -4.45
CA PHE E 264 71.68 -4.82 -5.35
C PHE E 264 71.61 -3.99 -6.60
N LYS E 265 71.71 -4.68 -7.75
CA LYS E 265 71.64 -4.09 -9.07
C LYS E 265 72.60 -2.91 -9.13
N GLY E 266 73.77 -3.12 -8.56
CA GLY E 266 74.81 -2.10 -8.57
C GLY E 266 74.72 -1.22 -7.37
N GLN E 267 73.52 -1.00 -6.86
CA GLN E 267 73.28 0.04 -5.87
C GLN E 267 73.53 -0.46 -4.45
N PRO E 268 73.95 0.44 -3.54
CA PRO E 268 74.08 0.11 -2.12
C PRO E 268 72.78 -0.24 -1.56
N SER E 269 72.72 -1.20 -0.63
CA SER E 269 71.54 -1.38 0.19
C SER E 269 71.33 -0.07 0.95
N LYS E 270 70.09 0.25 1.31
CA LYS E 270 69.76 1.53 1.90
C LYS E 270 68.99 1.28 3.21
N PRO E 271 69.69 0.90 4.27
CA PRO E 271 69.03 0.71 5.53
C PRO E 271 68.63 2.05 6.14
N PHE E 272 67.57 2.06 6.96
CA PHE E 272 67.17 3.27 7.69
C PHE E 272 68.18 3.59 8.74
N VAL E 273 68.33 4.87 9.03
CA VAL E 273 69.33 5.35 9.96
C VAL E 273 68.63 6.10 11.06
N GLY E 274 69.01 5.86 12.30
CA GLY E 274 68.44 6.53 13.46
C GLY E 274 69.53 7.21 14.25
N VAL E 275 69.22 8.34 14.86
CA VAL E 275 70.24 9.25 15.39
C VAL E 275 69.90 9.74 16.78
N LEU E 276 70.66 9.30 17.77
CA LEU E 276 70.43 9.78 19.12
C LEU E 276 70.75 11.25 19.10
N SER E 277 69.79 12.06 19.54
CA SER E 277 69.96 13.50 19.47
C SER E 277 69.58 14.15 20.77
N ALA E 278 70.29 15.24 21.09
CA ALA E 278 70.06 16.04 22.30
C ALA E 278 69.32 17.30 21.90
N GLY E 279 68.12 17.48 22.46
CA GLY E 279 67.27 18.62 22.17
C GLY E 279 67.06 19.51 23.38
N ILE E 280 66.77 20.79 23.14
CA ILE E 280 66.63 21.79 24.21
C ILE E 280 65.19 22.27 24.34
N ASN E 281 64.73 22.41 25.58
CA ASN E 281 63.35 22.79 25.86
C ASN E 281 63.08 24.24 25.48
N ALA E 282 62.05 24.46 24.65
CA ALA E 282 61.61 25.82 24.32
C ALA E 282 61.33 26.62 25.58
N ALA E 283 60.79 25.92 26.59
CA ALA E 283 60.45 26.52 27.90
C ALA E 283 61.68 26.93 28.71
N SER E 284 62.71 26.11 28.72
CA SER E 284 63.91 26.35 29.53
C SER E 284 64.48 27.78 29.39
N PRO E 285 64.93 28.37 30.51
CA PRO E 285 65.63 29.66 30.51
C PRO E 285 67.13 29.54 30.20
N ASN E 286 67.66 28.33 30.37
CA ASN E 286 69.09 28.07 30.28
C ASN E 286 69.52 27.63 28.88
N LYS E 287 68.89 28.20 27.86
CA LYS E 287 69.15 27.85 26.46
C LYS E 287 70.61 27.98 26.03
N GLU E 288 71.31 29.01 26.52
CA GLU E 288 72.70 29.27 26.11
C GLU E 288 73.72 28.49 26.96
N LEU E 289 73.32 28.12 28.18
CA LEU E 289 74.14 27.22 29.02
C LEU E 289 74.05 25.75 28.56
N ALA E 290 72.94 25.40 27.91
CA ALA E 290 72.84 24.08 27.27
C ALA E 290 73.69 24.06 26.01
N LYS E 291 73.44 25.02 25.11
CA LYS E 291 74.22 25.19 23.90
C LYS E 291 75.69 24.99 24.23
N GLU E 292 76.19 25.77 25.18
CA GLU E 292 77.52 25.61 25.74
C GLU E 292 77.81 24.14 26.06
N PHE E 293 77.07 23.55 26.99
CA PHE E 293 77.33 22.18 27.49
C PHE E 293 77.43 21.13 26.41
N LEU E 294 76.51 21.20 25.45
CA LEU E 294 76.53 20.26 24.34
C LEU E 294 77.72 20.57 23.42
N GLU E 295 77.85 21.83 23.00
CA GLU E 295 78.85 22.17 21.98
C GLU E 295 80.30 22.01 22.43
N ASN E 296 80.57 22.38 23.68
CA ASN E 296 81.96 22.50 24.13
C ASN E 296 82.39 21.42 25.14
N TYR E 297 81.45 20.66 25.68
CA TYR E 297 81.79 19.66 26.69
C TYR E 297 81.41 18.24 26.25
N LEU E 298 80.18 18.03 25.80
CA LEU E 298 79.75 16.67 25.37
C LEU E 298 80.24 16.31 23.98
N LEU E 299 79.90 17.13 22.99
CA LEU E 299 80.32 16.86 21.62
C LEU E 299 81.81 17.18 21.41
N THR E 300 82.64 16.53 22.22
CA THR E 300 84.08 16.50 22.02
C THR E 300 84.54 15.08 22.30
N ASP E 301 85.78 14.79 21.94
CA ASP E 301 86.34 13.46 22.11
C ASP E 301 86.32 13.08 23.60
N GLU E 302 86.75 14.02 24.45
CA GLU E 302 86.73 13.81 25.90
C GLU E 302 85.33 13.40 26.34
N GLY E 303 84.36 14.21 25.96
CA GLY E 303 83.00 14.09 26.47
C GLY E 303 82.36 12.79 26.05
N LEU E 304 82.43 12.52 24.75
CA LEU E 304 81.83 11.33 24.19
C LEU E 304 82.56 10.11 24.74
N GLU E 305 83.87 10.25 24.90
CA GLU E 305 84.65 9.13 25.41
C GLU E 305 84.12 8.74 26.78
N ALA E 306 83.83 9.76 27.60
CA ALA E 306 83.33 9.54 28.96
C ALA E 306 82.04 8.75 28.94
N VAL E 307 81.09 9.19 28.11
CA VAL E 307 79.84 8.46 27.95
C VAL E 307 80.09 7.04 27.43
N ASN E 308 81.03 6.95 26.50
CA ASN E 308 81.35 5.69 25.85
C ASN E 308 81.85 4.68 26.88
N LYS E 309 82.70 5.12 27.80
CA LYS E 309 83.20 4.24 28.87
C LYS E 309 82.07 3.55 29.66
N ASP E 310 81.03 4.32 30.00
CA ASP E 310 79.90 3.78 30.79
C ASP E 310 79.06 2.86 29.94
N LYS E 311 78.73 3.31 28.72
CA LYS E 311 78.04 2.45 27.75
C LYS E 311 78.29 2.88 26.33
N PRO E 312 78.84 1.96 25.51
CA PRO E 312 79.24 2.34 24.16
C PRO E 312 78.06 2.97 23.39
N LEU E 313 78.33 4.10 22.78
CA LEU E 313 77.38 4.80 21.93
C LEU E 313 77.21 4.13 20.57
N GLY E 314 78.17 3.28 20.18
CA GLY E 314 78.27 2.86 18.78
C GLY E 314 78.78 4.01 17.91
N ALA E 315 78.52 3.96 16.61
CA ALA E 315 79.06 4.97 15.68
C ALA E 315 78.54 6.33 16.08
N VAL E 316 79.42 7.33 16.14
CA VAL E 316 79.01 8.68 16.58
C VAL E 316 78.90 9.69 15.44
N ALA E 317 78.35 10.85 15.76
CA ALA E 317 78.19 11.92 14.78
C ALA E 317 79.45 12.77 14.70
N LEU E 318 80.19 12.85 15.80
CA LEU E 318 81.40 13.69 15.85
C LEU E 318 82.55 13.06 15.07
N LYS E 319 82.77 13.58 13.87
CA LYS E 319 83.81 13.10 12.95
C LYS E 319 85.09 12.65 13.68
N SER E 320 85.69 13.56 14.44
CA SER E 320 86.99 13.32 15.11
C SER E 320 86.97 12.08 15.98
N TYR E 321 85.95 11.96 16.82
CA TYR E 321 85.86 10.78 17.68
C TYR E 321 85.41 9.52 16.91
N GLU E 322 84.52 9.69 15.94
CA GLU E 322 84.14 8.56 15.12
C GLU E 322 85.37 7.95 14.50
N GLU E 323 86.24 8.80 13.97
CA GLU E 323 87.45 8.34 13.30
C GLU E 323 88.32 7.51 14.25
N GLU E 324 88.25 7.78 15.55
CA GLU E 324 88.89 6.94 16.58
C GLU E 324 88.18 5.62 16.69
N LEU E 325 86.88 5.66 16.94
CA LEU E 325 86.12 4.43 17.21
C LEU E 325 86.21 3.45 16.05
N ALA E 326 86.38 3.99 14.83
CA ALA E 326 86.47 3.18 13.60
C ALA E 326 87.48 2.02 13.65
N LYS E 327 88.43 2.09 14.57
CA LYS E 327 89.36 1.00 14.77
C LYS E 327 88.54 -0.28 14.87
N ASP E 328 87.47 -0.23 15.65
CA ASP E 328 86.52 -1.33 15.71
C ASP E 328 85.83 -1.40 14.36
N PRO E 329 86.19 -2.37 13.52
CA PRO E 329 85.60 -2.36 12.18
C PRO E 329 84.10 -2.41 12.18
N ARG E 330 83.51 -3.00 13.21
CA ARG E 330 82.03 -3.11 13.32
C ARG E 330 81.40 -1.75 13.38
N ILE E 331 82.05 -0.85 14.11
CA ILE E 331 81.59 0.51 14.18
C ILE E 331 81.89 1.25 12.87
N ALA E 332 82.94 0.84 12.17
CA ALA E 332 83.18 1.38 10.82
C ALA E 332 82.04 0.93 9.86
N ALA E 333 81.61 -0.31 9.94
CA ALA E 333 80.58 -0.82 9.03
C ALA E 333 79.31 -0.05 9.27
N THR E 334 78.90 0.01 10.53
CA THR E 334 77.66 0.68 10.93
C THR E 334 77.55 2.02 10.25
N MET E 335 78.56 2.87 10.43
CA MET E 335 78.59 4.21 9.80
C MET E 335 78.67 4.17 8.28
N GLU E 336 79.53 3.32 7.73
CA GLU E 336 79.55 3.15 6.28
C GLU E 336 78.11 2.83 5.79
N ASN E 337 77.40 1.88 6.43
CA ASN E 337 76.00 1.61 6.08
C ASN E 337 75.05 2.76 6.33
N ALA E 338 75.25 3.46 7.44
CA ALA E 338 74.42 4.64 7.72
C ALA E 338 74.58 5.72 6.61
N GLN E 339 75.81 5.97 6.17
CA GLN E 339 76.06 7.00 5.15
C GLN E 339 75.48 6.60 3.81
N LYS E 340 75.25 5.31 3.61
CA LYS E 340 74.59 4.84 2.40
C LYS E 340 73.09 4.62 2.60
N GLY E 341 72.59 4.93 3.79
CA GLY E 341 71.19 4.68 4.13
C GLY E 341 70.34 5.95 4.08
N GLU E 342 69.09 5.83 4.54
CA GLU E 342 68.07 6.90 4.44
C GLU E 342 67.64 7.29 5.85
N ILE E 343 67.95 8.52 6.24
CA ILE E 343 67.58 9.02 7.54
C ILE E 343 66.08 8.77 7.72
N MET E 344 65.70 8.34 8.90
CA MET E 344 64.35 7.89 9.15
C MET E 344 63.50 9.14 9.42
N PRO E 345 62.54 9.44 8.53
CA PRO E 345 61.77 10.69 8.62
C PRO E 345 61.09 10.95 9.96
N ASN E 346 61.25 12.17 10.46
CA ASN E 346 60.78 12.53 11.81
C ASN E 346 59.34 13.04 11.86
N ILE E 347 58.53 12.59 10.92
CA ILE E 347 57.19 13.13 10.80
C ILE E 347 56.11 12.11 11.20
N PRO E 348 55.12 12.54 12.02
CA PRO E 348 53.95 11.75 12.37
C PRO E 348 53.52 10.66 11.38
N GLN E 349 53.56 10.99 10.09
CA GLN E 349 52.98 10.13 9.06
C GLN E 349 53.83 8.90 8.82
N MET E 350 55.04 8.89 9.34
CA MET E 350 55.96 7.75 9.17
C MET E 350 55.42 6.49 9.86
N SER E 351 54.59 6.64 10.87
CA SER E 351 54.03 5.46 11.50
C SER E 351 52.96 4.85 10.60
N ALA E 352 52.32 5.66 9.76
CA ALA E 352 51.43 5.10 8.74
C ALA E 352 52.24 4.26 7.77
N PHE E 353 53.42 4.78 7.45
CA PHE E 353 54.33 4.12 6.52
C PHE E 353 54.74 2.74 7.00
N TRP E 354 55.14 2.67 8.27
CA TRP E 354 55.50 1.41 8.90
C TRP E 354 54.32 0.44 8.81
N TYR E 355 53.16 0.91 9.21
CA TYR E 355 51.97 0.08 9.28
C TYR E 355 51.67 -0.49 7.90
N ALA E 356 51.65 0.41 6.91
CA ALA E 356 51.28 0.06 5.56
C ALA E 356 52.29 -0.89 4.98
N VAL E 357 53.56 -0.48 5.05
CA VAL E 357 54.65 -1.21 4.42
C VAL E 357 54.83 -2.58 5.08
N ARG E 358 54.55 -2.65 6.38
CA ARG E 358 54.66 -3.90 7.08
C ARG E 358 53.74 -4.94 6.44
N THR E 359 52.47 -4.55 6.30
CA THR E 359 51.47 -5.45 5.75
C THR E 359 51.77 -5.74 4.28
N ALA E 360 52.25 -4.71 3.57
CA ALA E 360 52.59 -4.88 2.17
C ALA E 360 53.57 -6.04 1.97
N VAL E 361 54.63 -6.07 2.78
CA VAL E 361 55.71 -7.03 2.57
C VAL E 361 55.34 -8.45 3.01
N ILE E 362 54.72 -8.56 4.19
CA ILE E 362 54.21 -9.85 4.66
C ILE E 362 53.35 -10.50 3.57
N ASN E 363 52.42 -9.71 3.04
CA ASN E 363 51.51 -10.21 2.02
C ASN E 363 52.29 -10.63 0.80
N ALA E 364 53.22 -9.78 0.42
CA ALA E 364 54.03 -10.07 -0.76
C ALA E 364 54.73 -11.42 -0.56
N ALA E 365 55.30 -11.59 0.62
CA ALA E 365 56.18 -12.72 0.91
C ALA E 365 55.39 -14.02 1.03
N SER E 366 54.22 -13.95 1.65
CA SER E 366 53.47 -15.14 1.98
C SER E 366 52.70 -15.69 0.80
N GLY E 367 52.75 -15.01 -0.34
CA GLY E 367 52.00 -15.44 -1.52
C GLY E 367 50.65 -14.77 -1.66
N ARG E 368 50.11 -14.33 -0.51
CA ARG E 368 48.80 -13.66 -0.44
C ARG E 368 48.60 -12.59 -1.52
N GLN E 369 49.68 -12.02 -2.03
CA GLN E 369 49.61 -10.99 -3.09
C GLN E 369 50.84 -11.04 -3.99
N THR E 370 50.69 -10.64 -5.24
CA THR E 370 51.84 -10.40 -6.08
C THR E 370 52.51 -9.15 -5.57
N VAL E 371 53.81 -9.03 -5.85
CA VAL E 371 54.57 -7.84 -5.46
C VAL E 371 53.81 -6.61 -5.91
N ASP E 372 53.45 -6.57 -7.18
CA ASP E 372 52.83 -5.40 -7.79
C ASP E 372 51.60 -4.93 -7.05
N GLU E 373 50.69 -5.83 -6.74
CA GLU E 373 49.46 -5.42 -6.07
C GLU E 373 49.74 -5.01 -4.64
N ALA E 374 50.61 -5.75 -3.97
CA ALA E 374 51.00 -5.41 -2.61
C ALA E 374 51.60 -4.01 -2.54
N LEU E 375 52.44 -3.66 -3.50
CA LEU E 375 53.11 -2.36 -3.48
C LEU E 375 52.18 -1.24 -3.96
N LYS E 376 51.29 -1.57 -4.91
CA LYS E 376 50.32 -0.58 -5.38
C LYS E 376 49.35 -0.14 -4.26
N ASP E 377 48.93 -1.09 -3.44
CA ASP E 377 48.04 -0.82 -2.32
C ASP E 377 48.67 0.05 -1.23
N ALA E 378 49.99 -0.02 -1.04
CA ALA E 378 50.64 0.81 -0.03
C ALA E 378 50.23 2.27 -0.23
N GLN E 379 50.12 2.68 -1.50
CA GLN E 379 49.72 4.05 -1.87
C GLN E 379 48.35 4.44 -1.30
N THR E 380 47.43 3.49 -1.34
CA THR E 380 46.07 3.65 -0.79
C THR E 380 46.07 3.53 0.72
N ARG E 381 46.65 2.43 1.20
CA ARG E 381 46.57 2.06 2.59
C ARG E 381 47.28 3.01 3.54
N ILE E 382 48.31 3.71 3.09
CA ILE E 382 48.95 4.75 3.91
C ILE E 382 47.97 5.83 4.36
N THR E 383 46.96 6.06 3.54
CA THR E 383 46.10 7.23 3.64
C THR E 383 44.83 6.93 4.42
N ALA E 384 44.44 5.66 4.49
CA ALA E 384 43.16 5.26 5.13
C ALA E 384 43.12 5.70 6.58
N ALA E 385 44.23 5.47 7.27
CA ALA E 385 44.53 6.18 8.49
C ALA E 385 43.84 7.57 8.51
N ARG E 386 44.36 8.53 7.74
CA ARG E 386 43.87 9.91 7.80
C ARG E 386 42.55 10.14 7.06
N ASP E 387 42.26 9.31 6.06
CA ASP E 387 41.04 9.49 5.24
C ASP E 387 39.78 9.13 6.01
N GLY E 388 39.86 8.09 6.82
CA GLY E 388 38.82 7.83 7.81
C GLY E 388 38.63 9.06 8.67
N LEU E 389 39.71 9.61 9.20
CA LEU E 389 39.61 10.81 10.00
C LEU E 389 39.03 11.98 9.23
N ARG E 390 39.39 12.15 7.97
CA ARG E 390 38.87 13.28 7.17
C ARG E 390 37.35 13.15 6.94
N ALA E 391 36.89 11.92 6.70
CA ALA E 391 35.47 11.66 6.54
C ALA E 391 34.71 11.95 7.83
N VAL E 392 35.26 11.58 8.98
CA VAL E 392 34.63 11.93 10.25
C VAL E 392 34.44 13.44 10.41
N MSE E 393 35.37 14.25 9.92
CA MSE E 393 35.26 15.70 10.11
C MSE E 393 34.41 16.40 9.05
O MSE E 393 33.84 17.45 9.33
CB MSE E 393 36.62 16.32 10.21
CG MSE E 393 37.33 15.92 11.47
SE MSE E 393 39.24 16.37 11.44
CE MSE E 393 39.81 15.62 9.73
N GLU E 394 34.34 15.84 7.86
CA GLU E 394 33.37 16.31 6.87
C GLU E 394 31.99 16.03 7.42
N ALA E 395 31.77 14.80 7.89
CA ALA E 395 30.49 14.39 8.47
C ALA E 395 30.11 15.26 9.66
N ARG E 396 31.11 15.69 10.42
CA ARG E 396 30.86 16.62 11.52
C ARG E 396 30.20 17.91 11.01
N ASN E 397 30.69 18.42 9.89
CA ASN E 397 30.13 19.64 9.28
C ASN E 397 28.77 19.40 8.63
N VAL E 398 28.66 18.32 7.85
CA VAL E 398 27.39 17.91 7.26
C VAL E 398 26.26 17.87 8.29
N THR E 399 26.56 17.43 9.51
CA THR E 399 25.54 17.44 10.56
C THR E 399 25.13 18.84 10.99
N HIS E 400 26.10 19.75 11.16
CA HIS E 400 25.78 21.15 11.45
C HIS E 400 24.81 21.70 10.40
N LEU E 401 25.07 21.43 9.12
CA LEU E 401 24.22 21.88 8.01
C LEU E 401 22.86 21.24 8.10
N LEU E 402 22.87 19.94 8.31
CA LEU E 402 21.64 19.14 8.31
C LEU E 402 20.79 19.45 9.54
N GLN E 403 21.42 19.96 10.60
CA GLN E 403 20.68 20.47 11.75
C GLN E 403 19.99 21.82 11.41
N GLN E 404 20.68 22.67 10.63
CA GLN E 404 20.10 23.95 10.19
C GLN E 404 18.85 23.71 9.35
N GLU E 405 18.96 22.81 8.38
CA GLU E 405 17.80 22.43 7.55
C GLU E 405 16.64 21.90 8.40
N LEU E 406 16.94 21.21 9.49
CA LEU E 406 15.88 20.76 10.38
C LEU E 406 15.16 21.93 11.05
N THR E 407 15.90 22.98 11.43
CA THR E 407 15.24 24.22 11.90
C THR E 407 14.29 24.74 10.81
N GLU E 408 14.81 24.89 9.60
CA GLU E 408 14.03 25.34 8.45
C GLU E 408 12.74 24.56 8.28
N ALA E 409 12.82 23.23 8.34
CA ALA E 409 11.61 22.40 8.24
C ALA E 409 10.69 22.66 9.41
N GLN E 410 11.25 22.76 10.61
CA GLN E 410 10.46 23.04 11.81
C GLN E 410 9.58 24.27 11.59
N LYS E 411 10.17 25.40 11.19
CA LYS E 411 9.35 26.60 10.93
C LYS E 411 8.50 26.47 9.67
N GLY E 412 8.94 25.67 8.70
CA GLY E 412 8.08 25.31 7.57
C GLY E 412 6.75 24.70 8.00
N PHE E 413 6.77 23.87 9.05
CA PHE E 413 5.56 23.25 9.57
C PHE E 413 4.71 24.16 10.45
N GLN E 414 5.34 25.01 11.25
CA GLN E 414 4.59 25.95 12.08
C GLN E 414 3.91 26.94 11.17
N ASP E 415 4.61 27.34 10.11
CA ASP E 415 4.06 28.22 9.08
C ASP E 415 2.81 27.62 8.45
N VAL E 416 2.96 26.45 7.86
CA VAL E 416 1.87 25.77 7.17
C VAL E 416 0.66 25.57 8.06
N GLU E 417 0.91 25.27 9.34
CA GLU E 417 -0.17 25.10 10.32
C GLU E 417 -0.91 26.40 10.62
N ALA E 418 -0.14 27.49 10.68
CA ALA E 418 -0.71 28.83 10.87
C ALA E 418 -1.50 29.27 9.65
N GLN E 419 -0.92 29.10 8.47
CA GLN E 419 -1.60 29.55 7.26
C GLN E 419 -2.71 28.60 6.79
N ALA E 420 -2.89 27.48 7.48
CA ALA E 420 -4.15 26.74 7.35
C ALA E 420 -5.31 27.44 8.09
N ALA E 421 -5.06 27.99 9.30
CA ALA E 421 -6.04 28.80 10.02
C ALA E 421 -6.45 30.04 9.20
N THR E 422 -5.49 30.84 8.76
CA THR E 422 -5.84 31.99 7.92
C THR E 422 -6.69 31.54 6.72
N ALA E 423 -6.27 30.50 6.02
CA ALA E 423 -7.04 29.99 4.87
C ALA E 423 -8.48 29.58 5.23
N ASN E 424 -8.65 28.80 6.30
CA ASN E 424 -9.98 28.38 6.71
C ASN E 424 -10.91 29.52 7.07
N HIS E 425 -10.38 30.50 7.81
CA HIS E 425 -11.11 31.72 8.15
C HIS E 425 -11.33 32.61 6.94
N THR E 426 -10.31 32.76 6.10
CA THR E 426 -10.45 33.57 4.90
C THR E 426 -11.54 33.01 3.98
N VAL E 427 -11.69 31.69 3.89
CA VAL E 427 -12.71 31.12 3.01
C VAL E 427 -14.05 31.74 3.34
N MSE E 428 -14.32 31.88 4.63
CA MSE E 428 -15.62 32.31 5.09
C MSE E 428 -15.77 33.80 5.10
O MSE E 428 -16.84 34.29 4.79
CB MSE E 428 -15.84 31.75 6.47
CG MSE E 428 -15.76 30.27 6.47
SE MSE E 428 -17.47 29.43 6.81
CE MSE E 428 -17.48 29.70 8.75
N ALA E 429 -14.72 34.52 5.49
CA ALA E 429 -14.72 35.97 5.36
C ALA E 429 -15.13 36.36 3.93
N LEU E 430 -14.49 35.72 2.96
CA LEU E 430 -14.76 35.99 1.56
C LEU E 430 -16.18 35.67 1.17
N MSE E 431 -16.74 34.59 1.70
CA MSE E 431 -18.13 34.26 1.39
C MSE E 431 -19.08 35.34 1.90
O MSE E 431 -20.00 35.73 1.19
CB MSE E 431 -18.52 32.92 1.97
CG MSE E 431 -18.04 31.80 1.11
SE MSE E 431 -18.44 30.07 1.85
CE MSE E 431 -17.31 28.94 0.69
N ALA E 432 -18.87 35.80 3.12
CA ALA E 432 -19.66 36.87 3.68
C ALA E 432 -19.46 38.13 2.81
N SER E 433 -18.22 38.45 2.48
CA SER E 433 -17.94 39.65 1.67
C SER E 433 -18.63 39.59 0.31
N LEU E 434 -18.64 38.38 -0.28
CA LEU E 434 -19.30 38.17 -1.57
C LEU E 434 -20.75 38.59 -1.49
N ASP E 435 -21.40 38.28 -0.38
CA ASP E 435 -22.78 38.63 -0.19
C ASP E 435 -22.94 40.08 0.17
N ALA E 436 -22.09 40.60 1.02
CA ALA E 436 -22.15 42.02 1.37
C ALA E 436 -22.01 42.84 0.10
N GLU E 437 -20.89 42.69 -0.59
CA GLU E 437 -20.65 43.44 -1.81
C GLU E 437 -21.35 42.67 -2.93
N LYS E 438 -22.59 43.03 -3.22
CA LYS E 438 -23.49 42.30 -4.11
C LYS E 438 -24.87 42.79 -3.68
N ALA E 439 -25.14 42.68 -2.39
CA ALA E 439 -26.27 43.33 -1.80
C ALA E 439 -26.01 44.83 -1.75
N GLN E 440 -24.84 45.25 -1.30
CA GLN E 440 -24.49 46.68 -1.38
C GLN E 440 -24.55 47.14 -2.83
N GLY E 441 -24.13 46.25 -3.72
CA GLY E 441 -24.20 46.48 -5.16
C GLY E 441 -25.59 46.89 -5.63
N GLN E 442 -26.56 45.97 -5.54
CA GLN E 442 -27.89 46.21 -6.07
C GLN E 442 -28.62 47.32 -5.35
N LYS E 443 -28.30 47.55 -4.08
CA LYS E 443 -28.99 48.60 -3.31
C LYS E 443 -28.56 49.92 -3.89
N LYS E 444 -27.36 49.90 -4.45
CA LYS E 444 -26.86 51.08 -5.10
C LYS E 444 -27.43 51.20 -6.51
N VAL E 445 -27.47 50.11 -7.25
CA VAL E 445 -27.96 50.16 -8.61
C VAL E 445 -29.42 50.54 -8.63
N GLU E 446 -30.25 49.93 -7.80
CA GLU E 446 -31.67 50.26 -7.88
C GLU E 446 -31.94 51.67 -7.34
N GLU E 447 -31.15 52.14 -6.37
CA GLU E 447 -31.21 53.56 -5.98
C GLU E 447 -30.97 54.47 -7.18
N LEU E 448 -29.87 54.24 -7.87
CA LEU E 448 -29.55 55.01 -9.06
C LEU E 448 -30.61 54.82 -10.12
N GLU E 449 -31.06 53.60 -10.32
CA GLU E 449 -32.07 53.32 -11.34
C GLU E 449 -33.40 53.99 -10.99
N GLY E 450 -33.59 54.28 -9.70
CA GLY E 450 -34.74 55.01 -9.22
C GLY E 450 -34.65 56.48 -9.52
N GLU E 451 -33.47 57.05 -9.34
CA GLU E 451 -33.23 58.46 -9.68
C GLU E 451 -33.44 58.70 -11.15
N ILE E 452 -33.13 57.69 -11.96
CA ILE E 452 -33.33 57.80 -13.40
C ILE E 452 -34.80 57.94 -13.75
N THR E 453 -35.64 57.04 -13.26
CA THR E 453 -37.06 57.14 -13.60
C THR E 453 -37.60 58.51 -13.14
N THR E 454 -37.19 58.97 -11.96
CA THR E 454 -37.67 60.28 -11.48
C THR E 454 -37.27 61.37 -12.45
N LEU E 455 -36.02 61.37 -12.91
CA LEU E 455 -35.59 62.38 -13.87
C LEU E 455 -36.29 62.15 -15.20
N ASN E 456 -36.37 60.91 -15.64
CA ASN E 456 -37.12 60.62 -16.85
C ASN E 456 -38.50 61.23 -16.80
N HIS E 457 -39.15 61.17 -15.64
CA HIS E 457 -40.49 61.76 -15.48
C HIS E 457 -40.46 63.29 -15.38
N LYS E 458 -39.40 63.87 -14.81
CA LYS E 458 -39.27 65.32 -14.78
C LYS E 458 -39.14 65.86 -16.20
N LEU E 459 -38.22 65.28 -16.97
CA LEU E 459 -38.00 65.72 -18.34
C LEU E 459 -39.26 65.54 -19.17
N GLN E 460 -39.93 64.41 -19.01
CA GLN E 460 -41.20 64.17 -19.69
C GLN E 460 -42.21 65.27 -19.41
N ASP E 461 -42.27 65.71 -18.16
CA ASP E 461 -43.22 66.74 -17.71
C ASP E 461 -42.87 68.16 -18.15
N ALA E 462 -41.59 68.45 -18.25
CA ALA E 462 -41.11 69.73 -18.76
C ALA E 462 -41.31 69.75 -20.27
N SER E 463 -41.01 68.63 -20.93
CA SER E 463 -41.12 68.54 -22.39
C SER E 463 -42.58 68.63 -22.83
N ALA E 464 -43.47 68.10 -22.00
CA ALA E 464 -44.89 68.16 -22.28
C ALA E 464 -45.39 69.58 -22.13
N GLU E 465 -44.73 70.38 -21.26
CA GLU E 465 -45.13 71.77 -21.08
C GLU E 465 -44.70 72.65 -22.24
N VAL E 466 -43.46 72.52 -22.71
CA VAL E 466 -43.05 73.33 -23.84
C VAL E 466 -43.96 73.08 -25.04
N GLU E 467 -44.33 71.83 -25.30
CA GLU E 467 -45.23 71.58 -26.42
C GLU E 467 -46.55 72.33 -26.24
N ARG E 468 -47.05 72.39 -25.00
CA ARG E 468 -48.28 73.12 -24.75
C ARG E 468 -48.11 74.59 -25.02
N LEU E 469 -47.05 75.14 -24.46
CA LEU E 469 -46.83 76.57 -24.49
C LEU E 469 -46.45 77.06 -25.88
N ARG E 470 -45.64 76.29 -26.60
CA ARG E 470 -45.22 76.69 -27.96
C ARG E 470 -46.37 76.63 -28.97
N ARG E 471 -47.32 75.74 -28.73
CA ARG E 471 -48.44 75.52 -29.64
C ARG E 471 -49.50 76.63 -29.54
N GLU F 18 -7.94 52.29 32.63
CA GLU F 18 -8.35 52.23 34.07
C GLU F 18 -9.38 53.32 34.41
N GLY F 19 -10.53 52.88 34.92
CA GLY F 19 -11.65 53.80 35.20
C GLY F 19 -12.66 53.90 34.08
N LYS F 20 -12.31 53.37 32.90
CA LYS F 20 -13.20 53.37 31.72
C LYS F 20 -13.11 52.05 30.94
N LEU F 21 -14.10 51.78 30.09
CA LEU F 21 -14.14 50.54 29.28
C LEU F 21 -13.97 50.81 27.78
N VAL F 22 -12.97 50.15 27.18
CA VAL F 22 -12.80 50.14 25.72
C VAL F 22 -13.17 48.77 25.18
N ILE F 23 -13.99 48.74 24.14
CA ILE F 23 -14.53 47.50 23.59
C ILE F 23 -14.29 47.39 22.10
N TRP F 24 -13.89 46.20 21.67
CA TRP F 24 -13.64 45.95 20.27
C TRP F 24 -14.69 45.00 19.69
N ILE F 25 -15.31 45.45 18.61
CA ILE F 25 -16.26 44.63 17.85
C ILE F 25 -15.94 44.81 16.39
N ASN F 26 -16.28 43.83 15.57
CA ASN F 26 -15.94 43.91 14.15
C ASN F 26 -16.80 44.95 13.44
N GLY F 27 -16.31 45.43 12.31
CA GLY F 27 -16.98 46.47 11.53
C GLY F 27 -18.29 46.10 10.87
N ASP F 28 -18.56 44.80 10.73
CA ASP F 28 -19.79 44.31 10.10
C ASP F 28 -20.89 44.07 11.12
N LYS F 29 -20.70 44.60 12.33
CA LYS F 29 -21.71 44.51 13.38
C LYS F 29 -22.24 45.90 13.65
N GLY F 30 -23.26 45.97 14.49
CA GLY F 30 -23.86 47.24 14.85
C GLY F 30 -23.10 47.92 15.98
N TYR F 31 -21.94 48.47 15.66
CA TYR F 31 -21.10 49.14 16.67
C TYR F 31 -21.73 50.41 17.20
N ASN F 32 -22.42 51.17 16.34
CA ASN F 32 -23.14 52.39 16.79
C ASN F 32 -24.26 51.99 17.75
N GLY F 33 -25.05 51.00 17.33
CA GLY F 33 -26.06 50.39 18.18
C GLY F 33 -25.50 50.04 19.54
N LEU F 34 -24.32 49.42 19.55
CA LEU F 34 -23.61 49.07 20.79
C LEU F 34 -23.13 50.30 21.56
N ALA F 35 -22.62 51.30 20.84
CA ALA F 35 -22.22 52.57 21.45
C ALA F 35 -23.39 53.23 22.22
N GLU F 36 -24.59 53.15 21.65
CA GLU F 36 -25.81 53.65 22.31
C GLU F 36 -25.98 52.99 23.69
N VAL F 37 -25.77 51.68 23.75
CA VAL F 37 -25.82 50.95 25.02
C VAL F 37 -24.70 51.45 25.92
N GLY F 38 -23.54 51.73 25.32
CA GLY F 38 -22.42 52.34 26.03
C GLY F 38 -22.75 53.69 26.66
N LYS F 39 -23.52 54.52 25.95
CA LYS F 39 -23.95 55.82 26.46
C LYS F 39 -24.94 55.71 27.61
N LYS F 40 -25.79 54.69 27.57
CA LYS F 40 -26.78 54.45 28.63
C LYS F 40 -26.02 54.06 29.91
N PHE F 41 -24.94 53.33 29.72
CA PHE F 41 -24.06 52.93 30.81
C PHE F 41 -23.27 54.12 31.34
N GLU F 42 -22.76 54.95 30.42
CA GLU F 42 -22.02 56.16 30.75
C GLU F 42 -22.85 57.12 31.60
N LYS F 43 -24.12 57.23 31.25
CA LYS F 43 -25.06 58.04 32.02
C LYS F 43 -25.23 57.48 33.42
N ASP F 44 -25.55 56.18 33.51
CA ASP F 44 -25.94 55.56 34.78
C ASP F 44 -24.84 55.39 35.83
N THR F 45 -23.58 55.25 35.38
CA THR F 45 -22.46 55.05 36.31
C THR F 45 -21.33 56.09 36.17
N GLY F 46 -21.42 56.96 35.17
CA GLY F 46 -20.39 57.97 34.93
C GLY F 46 -19.16 57.44 34.21
N ILE F 47 -19.17 56.16 33.86
CA ILE F 47 -18.03 55.50 33.20
C ILE F 47 -18.14 55.65 31.70
N LYS F 48 -17.20 56.36 31.07
CA LYS F 48 -17.24 56.55 29.62
C LYS F 48 -16.84 55.24 28.93
N VAL F 49 -17.67 54.82 27.98
CA VAL F 49 -17.41 53.60 27.23
C VAL F 49 -17.09 53.98 25.80
N THR F 50 -15.95 53.51 25.30
CA THR F 50 -15.56 53.77 23.92
C THR F 50 -15.63 52.44 23.15
N VAL F 51 -16.24 52.46 21.98
CA VAL F 51 -16.40 51.27 21.13
C VAL F 51 -15.58 51.43 19.86
N GLU F 52 -14.81 50.42 19.50
CA GLU F 52 -13.93 50.51 18.32
C GLU F 52 -14.06 49.30 17.41
N HIS F 53 -13.80 49.52 16.12
CA HIS F 53 -13.71 48.46 15.14
C HIS F 53 -12.44 48.64 14.31
N PRO F 54 -11.28 48.30 14.91
CA PRO F 54 -10.00 48.40 14.22
C PRO F 54 -9.80 47.28 13.19
N ASP F 55 -8.86 47.50 12.27
CA ASP F 55 -8.64 46.58 11.16
C ASP F 55 -8.04 45.24 11.64
N LYS F 56 -8.55 44.15 11.07
CA LYS F 56 -8.25 42.77 11.51
C LYS F 56 -7.85 42.69 13.00
N LEU F 57 -8.87 42.84 13.84
CA LEU F 57 -8.67 42.90 15.31
C LEU F 57 -8.50 41.55 15.96
N GLU F 58 -8.96 40.49 15.28
CA GLU F 58 -8.76 39.15 15.80
C GLU F 58 -7.27 38.82 15.81
N GLU F 59 -6.55 39.25 14.78
CA GLU F 59 -5.10 39.09 14.70
C GLU F 59 -4.40 40.06 15.65
N LYS F 60 -4.98 41.23 15.81
CA LYS F 60 -4.42 42.27 16.66
C LYS F 60 -4.56 41.99 18.14
N PHE F 61 -5.55 41.20 18.53
CA PHE F 61 -5.83 41.01 19.96
C PHE F 61 -4.69 40.38 20.79
N PRO F 62 -4.18 39.20 20.37
CA PRO F 62 -3.15 38.53 21.18
C PRO F 62 -1.86 39.33 21.34
N GLN F 63 -1.69 40.36 20.52
CA GLN F 63 -0.50 41.20 20.54
C GLN F 63 -0.60 42.35 21.55
N VAL F 64 -1.80 42.87 21.77
CA VAL F 64 -1.99 44.02 22.68
C VAL F 64 -2.39 43.61 24.10
N ALA F 65 -3.11 42.48 24.23
CA ALA F 65 -3.52 41.98 25.54
C ALA F 65 -2.34 41.47 26.37
N ALA F 66 -1.35 40.89 25.70
CA ALA F 66 -0.15 40.34 26.34
C ALA F 66 0.86 41.39 26.83
N THR F 67 0.60 42.67 26.56
CA THR F 67 1.26 43.78 27.25
C THR F 67 0.20 44.76 27.78
N GLY F 68 -0.66 44.25 28.66
CA GLY F 68 -1.66 45.04 29.37
C GLY F 68 -2.42 46.11 28.60
N ASP F 69 -2.49 45.96 27.28
CA ASP F 69 -3.10 46.97 26.39
C ASP F 69 -4.32 46.47 25.64
N GLY F 70 -4.84 47.32 24.76
CA GLY F 70 -5.96 46.96 23.91
C GLY F 70 -7.28 47.05 24.65
N PRO F 71 -8.27 46.24 24.25
CA PRO F 71 -9.62 46.38 24.77
C PRO F 71 -9.82 45.68 26.09
N ASP F 72 -10.73 46.24 26.90
CA ASP F 72 -11.17 45.59 28.13
C ASP F 72 -12.10 44.43 27.76
N ILE F 73 -12.82 44.57 26.65
CA ILE F 73 -13.69 43.51 26.19
C ILE F 73 -13.75 43.40 24.65
N ILE F 74 -13.75 42.16 24.16
CA ILE F 74 -13.70 41.88 22.74
C ILE F 74 -14.84 40.97 22.26
N PHE F 75 -15.53 41.40 21.21
CA PHE F 75 -16.62 40.64 20.61
C PHE F 75 -16.12 39.92 19.39
N TRP F 76 -16.25 38.60 19.38
CA TRP F 76 -15.82 37.80 18.23
C TRP F 76 -16.48 36.43 18.22
N ALA F 77 -16.33 35.74 17.09
CA ALA F 77 -16.75 34.36 16.96
C ALA F 77 -16.09 33.51 18.03
N HIS F 78 -16.89 32.72 18.72
CA HIS F 78 -16.42 31.92 19.84
C HIS F 78 -15.26 31.00 19.55
N ASP F 79 -15.09 30.59 18.30
CA ASP F 79 -14.00 29.63 17.96
C ASP F 79 -12.58 30.17 18.15
N ARG F 80 -12.36 31.44 17.83
CA ARG F 80 -11.05 32.07 18.06
C ARG F 80 -10.68 32.16 19.54
N PHE F 81 -11.66 31.95 20.42
CA PHE F 81 -11.49 32.19 21.87
C PHE F 81 -10.78 31.08 22.62
N GLY F 82 -10.88 29.84 22.14
CA GLY F 82 -10.16 28.73 22.76
C GLY F 82 -8.67 28.89 22.54
N GLY F 83 -8.31 29.47 21.40
CA GLY F 83 -6.93 29.83 21.09
C GLY F 83 -6.44 30.91 22.02
N TYR F 84 -7.29 31.88 22.35
CA TYR F 84 -6.91 32.94 23.29
C TYR F 84 -6.80 32.44 24.73
N ALA F 85 -7.71 31.55 25.13
CA ALA F 85 -7.71 31.02 26.50
C ALA F 85 -6.51 30.13 26.74
N GLN F 86 -6.08 29.44 25.68
CA GLN F 86 -4.88 28.59 25.70
C GLN F 86 -3.62 29.40 26.04
N SER F 87 -3.62 30.66 25.62
CA SER F 87 -2.58 31.62 25.98
C SER F 87 -2.99 32.45 27.19
N GLY F 88 -3.85 31.89 28.04
CA GLY F 88 -4.41 32.58 29.21
C GLY F 88 -4.79 34.04 29.04
N LEU F 89 -5.15 34.46 27.83
CA LEU F 89 -5.39 35.87 27.54
C LEU F 89 -6.72 36.40 28.06
N LEU F 90 -7.68 35.51 28.28
CA LEU F 90 -9.04 35.91 28.67
C LEU F 90 -9.30 35.68 30.15
N ALA F 91 -10.07 36.60 30.75
CA ALA F 91 -10.50 36.48 32.13
C ALA F 91 -11.57 35.41 32.23
N GLU F 92 -11.52 34.63 33.30
CA GLU F 92 -12.57 33.67 33.60
C GLU F 92 -13.75 34.49 34.08
N ILE F 93 -14.94 34.20 33.57
CA ILE F 93 -16.14 34.95 33.93
C ILE F 93 -16.98 34.21 34.97
N THR F 94 -17.65 34.98 35.83
CA THR F 94 -18.43 34.45 36.95
C THR F 94 -19.83 35.08 36.97
N PRO F 95 -20.79 34.46 36.24
CA PRO F 95 -22.17 34.85 36.24
C PRO F 95 -23.01 33.91 37.09
N ASP F 96 -23.74 34.44 38.07
CA ASP F 96 -24.55 33.58 38.94
C ASP F 96 -25.59 32.83 38.11
N LYS F 97 -26.01 31.67 38.60
CA LYS F 97 -26.83 30.76 37.80
C LYS F 97 -28.12 31.41 37.29
N ALA F 98 -28.70 32.32 38.09
CA ALA F 98 -29.87 33.08 37.66
C ALA F 98 -29.60 33.71 36.31
N PHE F 99 -28.43 34.33 36.16
CA PHE F 99 -28.05 34.88 34.86
C PHE F 99 -27.80 33.82 33.80
N GLN F 100 -27.22 32.70 34.20
CA GLN F 100 -26.98 31.60 33.26
C GLN F 100 -28.28 31.06 32.63
N ASP F 101 -29.39 31.14 33.34
CA ASP F 101 -30.65 30.64 32.81
C ASP F 101 -31.37 31.66 31.93
N LYS F 102 -30.80 32.86 31.78
CA LYS F 102 -31.35 33.87 30.85
C LYS F 102 -30.97 33.56 29.41
N LEU F 103 -29.84 32.89 29.23
CA LEU F 103 -29.38 32.44 27.90
C LEU F 103 -29.61 30.95 27.70
N TYR F 104 -29.61 30.53 26.44
CA TYR F 104 -29.84 29.12 26.11
C TYR F 104 -28.65 28.30 26.60
N PRO F 105 -28.92 27.25 27.38
CA PRO F 105 -27.94 26.28 27.83
C PRO F 105 -26.83 26.02 26.81
N PHE F 106 -27.22 25.57 25.63
CA PHE F 106 -26.28 25.11 24.64
C PHE F 106 -25.31 26.22 24.23
N THR F 107 -25.70 27.49 24.36
CA THR F 107 -24.78 28.56 23.96
C THR F 107 -23.57 28.61 24.88
N TRP F 108 -23.79 28.35 26.17
CA TRP F 108 -22.68 28.37 27.13
C TRP F 108 -21.59 27.38 26.74
N ASP F 109 -21.96 26.20 26.27
CA ASP F 109 -20.98 25.20 25.79
C ASP F 109 -20.03 25.74 24.71
N ALA F 110 -20.40 26.85 24.05
CA ALA F 110 -19.53 27.45 23.04
C ALA F 110 -18.48 28.35 23.67
N VAL F 111 -18.61 28.61 24.96
CA VAL F 111 -17.69 29.49 25.66
C VAL F 111 -17.10 28.78 26.90
N ARG F 112 -16.70 27.52 26.75
CA ARG F 112 -15.93 26.82 27.79
C ARG F 112 -14.56 26.44 27.25
N TYR F 113 -13.59 26.37 28.16
CA TYR F 113 -12.25 25.86 27.89
C TYR F 113 -11.74 25.23 29.18
N ASN F 114 -11.56 23.92 29.16
CA ASN F 114 -11.17 23.13 30.34
C ASN F 114 -12.13 23.31 31.53
N GLY F 115 -13.42 23.47 31.22
CA GLY F 115 -14.44 23.63 32.25
C GLY F 115 -14.62 25.06 32.75
N LYS F 116 -13.70 25.96 32.39
CA LYS F 116 -13.80 27.37 32.77
C LYS F 116 -14.60 28.16 31.75
N LEU F 117 -15.62 28.89 32.20
CA LEU F 117 -16.35 29.78 31.30
C LEU F 117 -15.50 31.01 31.04
N ILE F 118 -15.33 31.36 29.77
CA ILE F 118 -14.36 32.37 29.36
C ILE F 118 -14.93 33.55 28.56
N ALA F 119 -16.22 33.47 28.18
CA ALA F 119 -16.89 34.57 27.48
C ALA F 119 -18.42 34.48 27.51
N TYR F 120 -19.06 35.63 27.27
CA TYR F 120 -20.52 35.73 27.26
C TYR F 120 -21.06 35.53 25.84
N PRO F 121 -21.94 34.55 25.65
CA PRO F 121 -22.60 34.40 24.35
C PRO F 121 -23.54 35.55 24.01
N ILE F 122 -23.54 35.97 22.75
CA ILE F 122 -24.38 37.07 22.30
C ILE F 122 -25.38 36.60 21.22
N ALA F 123 -24.85 36.19 20.07
CA ALA F 123 -25.65 35.83 18.90
C ALA F 123 -25.36 34.40 18.52
N VAL F 124 -26.26 33.81 17.75
CA VAL F 124 -26.13 32.42 17.31
C VAL F 124 -26.41 32.35 15.83
N GLU F 125 -25.54 31.65 15.10
CA GLU F 125 -25.57 31.60 13.64
C GLU F 125 -25.58 30.13 13.21
N ALA F 126 -26.27 29.81 12.12
CA ALA F 126 -26.36 28.40 11.68
C ALA F 126 -27.03 28.24 10.31
N LEU F 127 -26.64 27.24 9.53
CA LEU F 127 -27.23 27.12 8.21
C LEU F 127 -28.69 26.74 8.37
N SER F 128 -29.48 27.10 7.37
CA SER F 128 -30.87 26.70 7.30
C SER F 128 -31.18 26.36 5.84
N LEU F 129 -32.32 25.67 5.63
CA LEU F 129 -32.78 25.31 4.30
C LEU F 129 -33.46 26.54 3.76
N ILE F 130 -33.08 26.95 2.55
CA ILE F 130 -33.69 28.13 1.92
C ILE F 130 -34.39 27.66 0.67
N TYR F 131 -35.63 28.12 0.47
CA TYR F 131 -36.44 27.64 -0.63
C TYR F 131 -37.31 28.71 -1.25
N ASN F 132 -37.60 28.49 -2.53
CA ASN F 132 -38.46 29.33 -3.35
C ASN F 132 -39.93 28.92 -3.15
N LYS F 133 -40.68 29.78 -2.47
CA LYS F 133 -42.08 29.51 -2.16
C LYS F 133 -42.90 29.23 -3.43
N ASP F 134 -42.63 29.98 -4.50
CA ASP F 134 -43.39 29.88 -5.75
C ASP F 134 -43.16 28.54 -6.43
N LEU F 135 -41.90 28.16 -6.54
CA LEU F 135 -41.55 26.86 -7.13
C LEU F 135 -41.91 25.69 -6.22
N LEU F 136 -41.76 25.90 -4.91
CA LEU F 136 -41.95 24.83 -3.95
C LEU F 136 -42.54 25.39 -2.67
N PRO F 137 -43.87 25.44 -2.59
CA PRO F 137 -44.49 26.04 -1.40
C PRO F 137 -44.39 25.16 -0.15
N ASN F 138 -44.14 23.87 -0.33
CA ASN F 138 -44.01 22.90 0.78
C ASN F 138 -42.67 22.18 0.73
N PRO F 139 -41.61 22.84 1.22
CA PRO F 139 -40.29 22.23 1.20
C PRO F 139 -40.30 20.89 1.91
N PRO F 140 -39.44 19.96 1.46
CA PRO F 140 -39.46 18.60 2.00
C PRO F 140 -38.80 18.57 3.34
N LYS F 141 -39.16 17.57 4.13
CA LYS F 141 -38.63 17.40 5.48
C LYS F 141 -37.49 16.42 5.52
N THR F 142 -37.29 15.68 4.44
CA THR F 142 -36.35 14.61 4.47
C THR F 142 -35.48 14.66 3.22
N TRP F 143 -34.18 14.53 3.43
CA TRP F 143 -33.25 14.35 2.34
C TRP F 143 -33.74 13.27 1.39
N GLU F 144 -34.24 12.18 1.97
CA GLU F 144 -34.66 11.01 1.21
C GLU F 144 -35.59 11.33 0.05
N GLU F 145 -36.49 12.30 0.22
CA GLU F 145 -37.47 12.63 -0.85
C GLU F 145 -36.93 13.56 -1.94
N ILE F 146 -35.73 14.11 -1.75
CA ILE F 146 -35.18 15.08 -2.70
C ILE F 146 -34.86 14.55 -4.11
N PRO F 147 -34.35 13.31 -4.20
CA PRO F 147 -34.17 12.75 -5.55
C PRO F 147 -35.47 12.83 -6.36
N ALA F 148 -36.53 12.19 -5.87
CA ALA F 148 -37.84 12.21 -6.54
C ALA F 148 -38.26 13.65 -6.87
N LEU F 149 -38.10 14.54 -5.90
CA LEU F 149 -38.46 15.94 -6.09
C LEU F 149 -37.71 16.58 -7.26
N ASP F 150 -36.44 16.22 -7.42
CA ASP F 150 -35.65 16.77 -8.48
C ASP F 150 -36.08 16.22 -9.84
N LYS F 151 -36.39 14.93 -9.90
CA LYS F 151 -36.89 14.31 -11.14
C LYS F 151 -38.14 15.05 -11.61
N GLU F 152 -38.93 15.52 -10.65
CA GLU F 152 -40.16 16.25 -10.97
C GLU F 152 -39.82 17.59 -11.59
N LEU F 153 -39.01 18.36 -10.87
CA LEU F 153 -38.70 19.73 -11.27
C LEU F 153 -37.83 19.77 -12.52
N LYS F 154 -37.03 18.73 -12.73
CA LYS F 154 -36.23 18.61 -13.94
C LYS F 154 -37.13 18.55 -15.19
N ALA F 155 -38.28 17.90 -15.04
CA ALA F 155 -39.27 17.83 -16.12
C ALA F 155 -39.91 19.18 -16.47
N LYS F 156 -39.68 20.21 -15.64
CA LYS F 156 -39.99 21.60 -16.01
C LYS F 156 -38.77 22.52 -15.88
N GLY F 157 -37.60 21.98 -16.19
CA GLY F 157 -36.39 22.77 -16.35
C GLY F 157 -35.84 23.43 -15.10
N LYS F 158 -36.12 22.83 -13.95
CA LYS F 158 -35.60 23.33 -12.67
C LYS F 158 -34.85 22.22 -11.94
N SER F 159 -34.11 22.59 -10.90
CA SER F 159 -33.47 21.62 -10.02
C SER F 159 -34.05 21.77 -8.62
N ALA F 160 -34.06 20.66 -7.87
CA ALA F 160 -34.59 20.65 -6.52
C ALA F 160 -33.68 21.45 -5.60
N LEU F 161 -32.39 21.13 -5.65
CA LEU F 161 -31.41 21.64 -4.68
C LEU F 161 -30.04 21.92 -5.27
N MET F 162 -29.48 23.07 -4.90
CA MET F 162 -28.09 23.38 -5.24
C MET F 162 -27.48 24.14 -4.09
N PHE F 163 -26.43 23.59 -3.51
CA PHE F 163 -25.69 24.28 -2.47
C PHE F 163 -24.21 23.94 -2.55
N ASN F 164 -23.42 24.69 -1.80
CA ASN F 164 -21.96 24.66 -1.89
C ASN F 164 -21.39 23.35 -1.41
N LEU F 165 -20.96 22.50 -2.34
CA LEU F 165 -20.36 21.19 -2.01
C LEU F 165 -18.84 21.16 -1.82
N GLN F 166 -18.15 22.23 -2.27
CA GLN F 166 -16.68 22.34 -2.16
C GLN F 166 -16.21 22.51 -0.74
N GLU F 167 -17.07 23.00 0.14
CA GLU F 167 -16.68 23.29 1.50
C GLU F 167 -17.43 22.38 2.47
N PRO F 168 -16.76 21.97 3.56
CA PRO F 168 -17.39 21.03 4.49
C PRO F 168 -18.44 21.68 5.40
N TYR F 169 -18.21 22.93 5.78
CA TYR F 169 -19.20 23.66 6.56
C TYR F 169 -20.61 23.49 6.04
N PHE F 170 -20.75 23.35 4.72
CA PHE F 170 -22.06 23.20 4.09
C PHE F 170 -22.45 21.75 3.92
N THR F 171 -21.49 20.84 3.74
CA THR F 171 -21.85 19.44 3.51
C THR F 171 -21.99 18.66 4.80
N TRP F 172 -21.37 19.15 5.86
CA TRP F 172 -21.38 18.47 7.16
C TRP F 172 -22.78 18.15 7.64
N PRO F 173 -23.70 19.15 7.65
CA PRO F 173 -25.07 18.95 8.19
C PRO F 173 -25.68 17.60 7.83
N LEU F 174 -25.51 17.20 6.57
CA LEU F 174 -26.04 15.93 6.09
C LEU F 174 -25.18 14.79 6.54
N ILE F 175 -23.86 14.98 6.45
CA ILE F 175 -22.89 13.95 6.82
C ILE F 175 -23.00 13.57 8.29
N ALA F 176 -22.99 14.59 9.16
CA ALA F 176 -23.07 14.38 10.61
C ALA F 176 -24.44 13.87 11.08
N ALA F 177 -25.45 14.00 10.20
CA ALA F 177 -26.85 13.79 10.54
C ALA F 177 -27.08 12.53 11.33
N ASP F 178 -26.63 11.41 10.79
CA ASP F 178 -26.95 10.12 11.36
C ASP F 178 -26.01 9.66 12.45
N GLY F 179 -24.81 10.23 12.50
CA GLY F 179 -23.86 9.81 13.53
C GLY F 179 -22.52 10.46 13.65
N GLY F 180 -22.13 11.27 12.67
CA GLY F 180 -20.81 11.88 12.68
C GLY F 180 -20.62 12.83 13.84
N TYR F 181 -19.35 13.10 14.16
CA TYR F 181 -18.96 14.27 14.97
C TYR F 181 -17.53 14.70 14.67
N ALA F 182 -17.20 15.96 14.96
CA ALA F 182 -15.83 16.44 14.78
C ALA F 182 -14.91 15.79 15.83
N PHE F 183 -14.96 16.33 17.04
CA PHE F 183 -14.21 15.80 18.19
C PHE F 183 -15.17 15.49 19.32
N LYS F 184 -15.06 14.32 19.97
CA LYS F 184 -15.93 14.01 21.10
C LYS F 184 -15.86 15.08 22.18
N TYR F 185 -17.01 15.45 22.73
CA TYR F 185 -17.13 16.48 23.77
C TYR F 185 -17.88 15.82 24.93
N GLU F 186 -17.29 15.84 26.13
CA GLU F 186 -17.93 15.18 27.29
C GLU F 186 -18.21 16.10 28.47
N ASN F 187 -17.18 16.73 29.05
CA ASN F 187 -17.35 17.46 30.30
C ASN F 187 -16.88 18.91 30.23
N GLY F 188 -17.31 19.62 29.18
CA GLY F 188 -16.79 20.94 28.88
C GLY F 188 -15.37 20.81 28.34
N LYS F 189 -15.11 19.68 27.69
CA LYS F 189 -13.77 19.32 27.24
C LYS F 189 -13.80 18.46 25.96
N TYR F 190 -12.87 18.71 25.04
CA TYR F 190 -12.78 17.97 23.78
C TYR F 190 -11.65 16.96 23.82
N ASP F 191 -11.94 15.68 23.59
CA ASP F 191 -10.90 14.65 23.41
C ASP F 191 -10.33 14.69 21.99
N ILE F 192 -9.24 15.43 21.81
CA ILE F 192 -8.67 15.69 20.48
C ILE F 192 -8.17 14.44 19.75
N LYS F 193 -8.27 13.27 20.38
CA LYS F 193 -7.91 12.03 19.71
C LYS F 193 -9.15 11.29 19.21
N ASP F 194 -10.33 11.68 19.69
CA ASP F 194 -11.57 11.02 19.27
C ASP F 194 -12.20 11.82 18.14
N VAL F 195 -12.22 11.24 16.96
CA VAL F 195 -12.78 11.89 15.80
C VAL F 195 -13.80 10.98 15.14
N GLY F 196 -15.04 11.46 15.06
CA GLY F 196 -16.16 10.65 14.59
C GLY F 196 -16.52 10.96 13.16
N VAL F 197 -15.54 10.84 12.28
CA VAL F 197 -15.69 11.23 10.89
C VAL F 197 -15.80 10.03 9.98
N ASP F 198 -15.37 8.87 10.46
CA ASP F 198 -15.58 7.64 9.69
C ASP F 198 -16.40 6.63 10.51
N ASN F 199 -17.33 7.13 11.31
CA ASN F 199 -18.29 6.24 11.95
C ASN F 199 -19.46 6.01 10.98
N ALA F 200 -20.09 4.85 11.12
CA ALA F 200 -21.11 4.35 10.17
C ALA F 200 -22.14 5.40 9.77
N GLY F 201 -22.47 6.29 10.70
CA GLY F 201 -23.35 7.42 10.42
C GLY F 201 -22.80 8.39 9.38
N ALA F 202 -21.59 8.88 9.58
CA ALA F 202 -20.96 9.78 8.61
C ALA F 202 -20.88 9.12 7.24
N LYS F 203 -20.53 7.83 7.22
CA LYS F 203 -20.48 7.08 5.97
C LYS F 203 -21.82 7.14 5.23
N ALA F 204 -22.92 7.00 5.96
CA ALA F 204 -24.25 7.02 5.35
C ALA F 204 -24.56 8.42 4.81
N GLY F 205 -24.34 9.43 5.62
CA GLY F 205 -24.50 10.83 5.17
C GLY F 205 -23.79 11.07 3.84
N LEU F 206 -22.50 10.80 3.81
CA LEU F 206 -21.68 11.10 2.65
C LEU F 206 -22.09 10.27 1.44
N THR F 207 -22.37 8.98 1.65
CA THR F 207 -22.83 8.12 0.57
C THR F 207 -23.99 8.81 -0.12
N PHE F 208 -24.98 9.18 0.68
CA PHE F 208 -26.19 9.79 0.14
C PHE F 208 -25.82 10.98 -0.72
N LEU F 209 -25.00 11.87 -0.16
CA LEU F 209 -24.57 13.05 -0.87
C LEU F 209 -23.91 12.64 -2.18
N VAL F 210 -22.90 11.79 -2.11
CA VAL F 210 -22.25 11.31 -3.32
C VAL F 210 -23.27 10.71 -4.30
N ASP F 211 -24.18 9.88 -3.80
CA ASP F 211 -25.22 9.29 -4.66
C ASP F 211 -26.06 10.34 -5.38
N LEU F 212 -26.40 11.44 -4.69
CA LEU F 212 -27.11 12.54 -5.36
C LEU F 212 -26.33 12.99 -6.60
N ILE F 213 -25.01 13.09 -6.47
CA ILE F 213 -24.17 13.51 -7.59
C ILE F 213 -24.16 12.44 -8.66
N LYS F 214 -24.01 11.18 -8.24
CA LYS F 214 -24.04 10.05 -9.15
C LYS F 214 -25.32 10.03 -9.97
N ASN F 215 -26.45 10.23 -9.30
CA ASN F 215 -27.73 10.21 -9.99
C ASN F 215 -28.13 11.55 -10.58
N LYS F 216 -27.13 12.42 -10.75
CA LYS F 216 -27.26 13.67 -11.53
C LYS F 216 -28.36 14.62 -11.04
N HIS F 217 -28.51 14.65 -9.72
CA HIS F 217 -29.41 15.60 -9.06
C HIS F 217 -28.62 16.83 -8.61
N MET F 218 -27.31 16.67 -8.42
CA MET F 218 -26.41 17.78 -8.13
C MET F 218 -25.13 17.61 -8.95
N ASN F 219 -24.41 18.72 -9.14
CA ASN F 219 -23.09 18.71 -9.75
C ASN F 219 -22.00 18.78 -8.71
N ALA F 220 -21.05 17.84 -8.76
CA ALA F 220 -19.93 17.79 -7.82
C ALA F 220 -19.08 19.08 -7.84
N ASP F 221 -19.06 19.79 -8.96
CA ASP F 221 -18.30 21.02 -9.03
C ASP F 221 -19.11 22.25 -8.61
N THR F 222 -20.20 22.07 -7.88
CA THR F 222 -21.03 23.21 -7.47
C THR F 222 -20.46 23.88 -6.23
N ASP F 223 -20.12 25.16 -6.34
CA ASP F 223 -19.56 25.94 -5.22
C ASP F 223 -20.56 27.02 -4.77
N TYR F 224 -20.11 27.95 -3.91
CA TYR F 224 -20.98 28.96 -3.32
C TYR F 224 -21.61 29.87 -4.35
N SER F 225 -20.76 30.48 -5.20
CA SER F 225 -21.24 31.42 -6.19
C SER F 225 -22.20 30.80 -7.16
N ILE F 226 -21.89 29.58 -7.60
CA ILE F 226 -22.80 28.85 -8.49
C ILE F 226 -24.16 28.61 -7.83
N ALA F 227 -24.14 28.15 -6.59
CA ALA F 227 -25.39 27.90 -5.87
C ALA F 227 -26.19 29.18 -5.73
N GLU F 228 -25.54 30.21 -5.22
CA GLU F 228 -26.22 31.46 -4.96
C GLU F 228 -26.90 31.98 -6.23
N ALA F 229 -26.12 32.09 -7.30
CA ALA F 229 -26.66 32.53 -8.59
C ALA F 229 -27.90 31.73 -8.99
N ALA F 230 -27.78 30.39 -9.01
CA ALA F 230 -28.88 29.52 -9.40
C ALA F 230 -30.15 29.82 -8.60
N PHE F 231 -30.02 29.91 -7.27
CA PHE F 231 -31.19 30.18 -6.46
C PHE F 231 -31.79 31.54 -6.75
N ASN F 232 -30.93 32.54 -6.85
CA ASN F 232 -31.38 33.91 -7.07
C ASN F 232 -32.06 34.12 -8.42
N LYS F 233 -31.70 33.31 -9.42
CA LYS F 233 -32.34 33.38 -10.73
C LYS F 233 -33.52 32.41 -10.88
N GLY F 234 -33.88 31.74 -9.78
CA GLY F 234 -35.02 30.85 -9.77
C GLY F 234 -34.80 29.58 -10.58
N GLU F 235 -33.55 29.15 -10.69
CA GLU F 235 -33.20 27.91 -11.40
C GLU F 235 -33.26 26.68 -10.48
N THR F 236 -33.27 26.92 -9.18
CA THR F 236 -33.34 25.84 -8.21
C THR F 236 -34.32 26.14 -7.09
N ALA F 237 -35.02 25.09 -6.65
CA ALA F 237 -36.09 25.24 -5.69
C ALA F 237 -35.52 25.56 -4.31
N MET F 238 -34.45 24.83 -3.93
CA MET F 238 -33.82 24.99 -2.62
C MET F 238 -32.30 25.15 -2.66
N THR F 239 -31.82 25.82 -1.61
CA THR F 239 -30.40 25.96 -1.34
C THR F 239 -30.19 25.97 0.16
N ILE F 240 -28.92 25.90 0.56
CA ILE F 240 -28.52 25.88 1.97
C ILE F 240 -27.55 27.04 2.25
N ASN F 241 -27.81 27.83 3.26
CA ASN F 241 -26.99 29.01 3.50
C ASN F 241 -27.38 29.74 4.79
N GLY F 242 -26.64 30.77 5.13
CA GLY F 242 -26.80 31.42 6.41
C GLY F 242 -27.29 32.85 6.32
N PRO F 243 -27.49 33.49 7.48
CA PRO F 243 -28.02 34.83 7.62
C PRO F 243 -27.20 35.88 6.91
N TRP F 244 -25.91 35.69 6.86
CA TRP F 244 -25.04 36.53 6.07
C TRP F 244 -25.52 36.71 4.61
N ALA F 245 -26.39 35.80 4.15
CA ALA F 245 -26.81 35.74 2.77
C ALA F 245 -28.17 36.35 2.53
N TRP F 246 -28.87 36.75 3.58
CA TRP F 246 -30.27 37.12 3.40
C TRP F 246 -30.42 38.38 2.61
N SER F 247 -29.76 39.45 3.06
CA SER F 247 -29.90 40.74 2.38
C SER F 247 -29.51 40.63 0.90
N ASN F 248 -28.71 39.64 0.52
CA ASN F 248 -28.43 39.36 -0.89
C ASN F 248 -29.66 38.80 -1.60
N ILE F 249 -30.26 37.75 -1.02
CA ILE F 249 -31.42 37.08 -1.64
C ILE F 249 -32.61 38.01 -1.70
N ASP F 250 -32.70 38.88 -0.71
CA ASP F 250 -33.74 39.90 -0.66
C ASP F 250 -33.89 40.58 -1.98
N THR F 251 -32.76 40.93 -2.58
CA THR F 251 -32.75 41.81 -3.76
C THR F 251 -32.72 41.05 -5.09
N SER F 252 -32.82 39.74 -5.04
CA SER F 252 -33.25 38.98 -6.20
C SER F 252 -34.75 39.10 -6.34
N LYS F 253 -35.43 39.29 -5.22
CA LYS F 253 -36.87 39.20 -5.13
C LYS F 253 -37.42 37.86 -5.65
N VAL F 254 -36.69 36.77 -5.43
CA VAL F 254 -37.33 35.46 -5.32
C VAL F 254 -38.14 35.51 -4.03
N ASN F 255 -39.28 34.85 -4.03
CA ASN F 255 -40.08 34.75 -2.83
C ASN F 255 -39.58 33.51 -2.08
N TYR F 256 -38.76 33.73 -1.07
CA TYR F 256 -38.01 32.62 -0.41
C TYR F 256 -38.38 32.37 1.04
N GLY F 257 -38.46 31.08 1.37
CA GLY F 257 -38.78 30.64 2.72
C GLY F 257 -37.48 30.25 3.35
N VAL F 258 -37.41 30.24 4.67
CA VAL F 258 -36.23 29.77 5.41
C VAL F 258 -36.68 28.88 6.55
N THR F 259 -36.18 27.65 6.59
CA THR F 259 -36.78 26.66 7.47
C THR F 259 -35.83 25.56 7.91
N VAL F 260 -36.40 24.58 8.62
CA VAL F 260 -35.60 23.50 9.20
C VAL F 260 -34.96 22.71 8.09
N LEU F 261 -33.71 22.33 8.32
CA LEU F 261 -33.03 21.47 7.38
C LEU F 261 -33.71 20.10 7.34
N PRO F 262 -33.70 19.47 6.18
CA PRO F 262 -34.33 18.18 6.06
C PRO F 262 -33.66 17.19 7.00
N THR F 263 -34.42 16.20 7.46
CA THR F 263 -33.85 15.13 8.24
C THR F 263 -33.24 14.08 7.32
N PHE F 264 -32.41 13.22 7.89
CA PHE F 264 -31.85 12.09 7.19
C PHE F 264 -31.91 10.90 8.09
N LYS F 265 -32.42 9.79 7.56
CA LYS F 265 -32.56 8.53 8.30
C LYS F 265 -33.22 8.78 9.65
N GLY F 266 -34.25 9.61 9.64
CA GLY F 266 -34.94 9.97 10.87
C GLY F 266 -34.30 11.15 11.60
N GLN F 267 -32.98 11.27 11.53
CA GLN F 267 -32.26 12.19 12.39
C GLN F 267 -32.25 13.57 11.79
N PRO F 268 -32.23 14.63 12.64
CA PRO F 268 -32.01 16.00 12.19
C PRO F 268 -30.72 16.13 11.45
N SER F 269 -30.67 17.01 10.47
CA SER F 269 -29.39 17.51 9.99
C SER F 269 -28.71 18.24 11.13
N LYS F 270 -27.38 18.26 11.12
CA LYS F 270 -26.59 18.75 12.26
C LYS F 270 -25.61 19.82 11.80
N PRO F 271 -26.09 20.99 11.44
CA PRO F 271 -25.16 22.04 10.94
C PRO F 271 -24.28 22.62 12.02
N PHE F 272 -23.08 23.03 11.68
CA PHE F 272 -22.22 23.64 12.70
C PHE F 272 -22.85 24.94 13.14
N VAL F 273 -22.59 25.29 14.40
CA VAL F 273 -23.16 26.46 15.02
C VAL F 273 -22.02 27.36 15.48
N GLY F 274 -22.12 28.66 15.18
CA GLY F 274 -21.12 29.64 15.59
C GLY F 274 -21.79 30.71 16.40
N VAL F 275 -21.06 31.25 17.39
CA VAL F 275 -21.65 32.09 18.44
C VAL F 275 -20.86 33.37 18.71
N LEU F 276 -21.42 34.50 18.31
CA LEU F 276 -20.75 35.76 18.59
C LEU F 276 -20.68 35.88 20.10
N SER F 277 -19.47 36.07 20.63
CA SER F 277 -19.28 36.12 22.08
C SER F 277 -18.43 37.30 22.49
N ALA F 278 -18.73 37.81 23.68
CA ALA F 278 -17.99 38.91 24.28
C ALA F 278 -17.10 38.32 25.35
N GLY F 279 -15.80 38.57 25.23
CA GLY F 279 -14.81 38.08 26.19
C GLY F 279 -14.10 39.24 26.86
N ILE F 280 -13.56 38.99 28.05
CA ILE F 280 -12.90 40.01 28.88
C ILE F 280 -11.40 39.74 29.00
N ASN F 281 -10.62 40.82 28.92
CA ASN F 281 -9.17 40.73 28.96
C ASN F 281 -8.66 40.33 30.35
N ALA F 282 -7.86 39.26 30.40
CA ALA F 282 -7.20 38.86 31.65
C ALA F 282 -6.40 40.03 32.23
N ALA F 283 -5.82 40.84 31.34
CA ALA F 283 -5.02 42.01 31.72
C ALA F 283 -5.83 43.16 32.33
N SER F 284 -7.02 43.42 31.76
CA SER F 284 -7.86 44.55 32.18
C SER F 284 -8.10 44.62 33.70
N PRO F 285 -8.07 45.84 34.27
CA PRO F 285 -8.40 46.05 35.68
C PRO F 285 -9.90 46.17 35.92
N ASN F 286 -10.65 46.44 34.85
CA ASN F 286 -12.09 46.74 34.94
C ASN F 286 -12.96 45.50 34.76
N LYS F 287 -12.50 44.36 35.26
CA LYS F 287 -13.19 43.07 35.11
C LYS F 287 -14.64 43.07 35.62
N GLU F 288 -14.91 43.76 36.72
CA GLU F 288 -16.26 43.77 37.33
C GLU F 288 -17.18 44.83 36.70
N LEU F 289 -16.58 45.88 36.14
CA LEU F 289 -17.33 46.89 35.38
C LEU F 289 -17.73 46.37 33.98
N ALA F 290 -16.95 45.41 33.45
CA ALA F 290 -17.33 44.75 32.23
C ALA F 290 -18.47 43.79 32.54
N LYS F 291 -18.23 42.89 33.49
CA LYS F 291 -19.24 41.92 33.96
C LYS F 291 -20.59 42.63 34.08
N GLU F 292 -20.60 43.73 34.81
CA GLU F 292 -21.75 44.62 34.90
C GLU F 292 -22.31 44.95 33.51
N PHE F 293 -21.51 45.64 32.71
CA PHE F 293 -21.96 46.14 31.40
C PHE F 293 -22.57 45.08 30.51
N LEU F 294 -21.94 43.91 30.47
CA LEU F 294 -22.47 42.82 29.68
C LEU F 294 -23.73 42.26 30.30
N GLU F 295 -23.68 41.95 31.60
CA GLU F 295 -24.79 41.23 32.25
C GLU F 295 -26.06 42.09 32.39
N ASN F 296 -25.90 43.37 32.69
CA ASN F 296 -27.06 44.20 33.07
C ASN F 296 -27.47 45.26 32.05
N TYR F 297 -26.63 45.51 31.05
CA TYR F 297 -26.95 46.50 30.03
C TYR F 297 -27.07 45.91 28.61
N LEU F 298 -26.11 45.11 28.16
CA LEU F 298 -26.14 44.56 26.79
C LEU F 298 -27.04 43.34 26.67
N LEU F 299 -26.79 42.34 27.50
CA LEU F 299 -27.60 41.12 27.48
C LEU F 299 -28.96 41.33 28.13
N THR F 300 -29.66 42.34 27.64
CA THR F 300 -31.06 42.56 27.95
C THR F 300 -31.80 42.89 26.65
N ASP F 301 -33.12 42.88 26.70
CA ASP F 301 -33.93 43.15 25.53
C ASP F 301 -33.66 44.55 25.01
N GLU F 302 -33.56 45.53 25.92
CA GLU F 302 -33.22 46.92 25.55
C GLU F 302 -31.90 46.95 24.83
N GLY F 303 -30.90 46.32 25.42
CA GLY F 303 -29.52 46.41 24.95
C GLY F 303 -29.30 45.75 23.61
N LEU F 304 -29.81 44.53 23.48
CA LEU F 304 -29.71 43.79 22.23
C LEU F 304 -30.55 44.45 21.15
N GLU F 305 -31.68 45.01 21.54
CA GLU F 305 -32.53 45.69 20.58
C GLU F 305 -31.78 46.86 19.96
N ALA F 306 -31.03 47.60 20.79
CA ALA F 306 -30.27 48.76 20.31
C ALA F 306 -29.26 48.35 19.26
N VAL F 307 -28.48 47.32 19.55
CA VAL F 307 -27.52 46.80 18.59
C VAL F 307 -28.27 46.32 17.34
N ASN F 308 -29.39 45.65 17.56
CA ASN F 308 -30.17 45.07 16.48
C ASN F 308 -30.63 46.16 15.50
N LYS F 309 -31.08 47.31 16.02
CA LYS F 309 -31.49 48.44 15.17
C LYS F 309 -30.41 48.87 14.18
N ASP F 310 -29.15 48.95 14.64
CA ASP F 310 -28.03 49.37 13.80
C ASP F 310 -27.71 48.27 12.78
N LYS F 311 -27.61 47.04 13.26
CA LYS F 311 -27.44 45.90 12.37
C LYS F 311 -27.97 44.64 13.01
N PRO F 312 -28.91 43.97 12.34
CA PRO F 312 -29.51 42.79 12.95
C PRO F 312 -28.45 41.79 13.35
N LEU F 313 -28.58 41.27 14.57
CA LEU F 313 -27.73 40.22 15.10
C LEU F 313 -28.09 38.85 14.57
N GLY F 314 -29.30 38.69 14.02
CA GLY F 314 -29.86 37.36 13.76
C GLY F 314 -30.27 36.72 15.08
N ALA F 315 -30.36 35.39 15.11
CA ALA F 315 -30.88 34.68 16.29
C ALA F 315 -29.96 34.94 17.48
N VAL F 316 -30.52 35.28 18.64
CA VAL F 316 -29.70 35.62 19.80
C VAL F 316 -29.68 34.55 20.88
N ALA F 317 -28.78 34.72 21.84
CA ALA F 317 -28.62 33.77 22.93
C ALA F 317 -29.57 34.06 24.06
N LEU F 318 -29.96 35.33 24.19
CA LEU F 318 -30.84 35.77 25.26
C LEU F 318 -32.27 35.32 25.01
N LYS F 319 -32.65 34.24 25.68
CA LYS F 319 -33.99 33.64 25.52
C LYS F 319 -35.13 34.66 25.31
N SER F 320 -35.26 35.61 26.23
CA SER F 320 -36.35 36.59 26.23
C SER F 320 -36.42 37.36 24.93
N TYR F 321 -35.29 37.87 24.47
CA TYR F 321 -35.27 38.66 23.25
C TYR F 321 -35.31 37.78 22.01
N GLU F 322 -34.72 36.59 22.07
CA GLU F 322 -34.88 35.64 20.96
C GLU F 322 -36.35 35.33 20.74
N GLU F 323 -37.07 35.11 21.81
CA GLU F 323 -38.50 34.81 21.73
C GLU F 323 -39.29 35.92 21.03
N GLU F 324 -38.82 37.16 21.14
CA GLU F 324 -39.34 38.30 20.35
C GLU F 324 -38.96 38.21 18.86
N LEU F 325 -37.67 38.03 18.58
CA LEU F 325 -37.18 38.02 17.21
C LEU F 325 -37.81 36.89 16.40
N ALA F 326 -38.14 35.79 17.08
CA ALA F 326 -38.78 34.62 16.45
C ALA F 326 -40.03 34.90 15.61
N LYS F 327 -40.62 36.08 15.75
CA LYS F 327 -41.69 36.49 14.87
C LYS F 327 -41.24 36.30 13.43
N ASP F 328 -40.02 36.75 13.14
CA ASP F 328 -39.36 36.51 11.86
C ASP F 328 -39.05 35.02 11.74
N PRO F 329 -39.85 34.25 10.98
CA PRO F 329 -39.66 32.81 10.98
C PRO F 329 -38.28 32.37 10.53
N ARG F 330 -37.60 33.21 9.77
CA ARG F 330 -36.23 32.90 9.34
C ARG F 330 -35.32 32.82 10.53
N ILE F 331 -35.51 33.74 11.47
CA ILE F 331 -34.71 33.74 12.70
C ILE F 331 -35.11 32.57 13.58
N ALA F 332 -36.40 32.19 13.54
CA ALA F 332 -36.87 30.98 14.22
C ALA F 332 -36.13 29.76 13.66
N ALA F 333 -36.03 29.69 12.34
CA ALA F 333 -35.41 28.53 11.69
C ALA F 333 -33.93 28.41 12.08
N THR F 334 -33.21 29.51 11.93
CA THR F 334 -31.82 29.55 12.30
C THR F 334 -31.60 28.88 13.65
N MET F 335 -32.30 29.36 14.67
CA MET F 335 -32.14 28.83 16.05
C MET F 335 -32.63 27.40 16.16
N GLU F 336 -33.76 27.08 15.54
CA GLU F 336 -34.19 25.69 15.51
C GLU F 336 -33.07 24.79 14.95
N ASN F 337 -32.46 25.20 13.85
CA ASN F 337 -31.31 24.47 13.30
C ASN F 337 -30.09 24.47 14.25
N ALA F 338 -29.81 25.62 14.86
CA ALA F 338 -28.67 25.73 15.78
C ALA F 338 -28.84 24.77 16.95
N GLN F 339 -30.04 24.71 17.51
CA GLN F 339 -30.28 23.81 18.63
C GLN F 339 -30.20 22.33 18.25
N LYS F 340 -30.35 22.01 16.97
CA LYS F 340 -30.17 20.64 16.51
C LYS F 340 -28.76 20.41 15.99
N GLY F 341 -27.91 21.45 16.01
CA GLY F 341 -26.58 21.38 15.41
C GLY F 341 -25.47 21.17 16.43
N GLU F 342 -24.23 21.22 15.95
CA GLU F 342 -23.05 20.89 16.76
C GLU F 342 -22.20 22.14 16.90
N ILE F 343 -22.08 22.65 18.13
CA ILE F 343 -21.23 23.82 18.40
C ILE F 343 -19.86 23.58 17.82
N MET F 344 -19.29 24.60 17.21
CA MET F 344 -18.09 24.43 16.43
C MET F 344 -16.90 24.51 17.38
N PRO F 345 -16.16 23.40 17.59
CA PRO F 345 -15.11 23.31 18.60
C PRO F 345 -14.06 24.42 18.55
N ASN F 346 -13.76 25.00 19.71
CA ASN F 346 -12.89 26.17 19.81
C ASN F 346 -11.44 25.83 20.00
N ILE F 347 -11.03 24.68 19.48
CA ILE F 347 -9.66 24.21 19.71
C ILE F 347 -8.80 24.28 18.44
N PRO F 348 -7.56 24.78 18.56
CA PRO F 348 -6.58 24.79 17.49
C PRO F 348 -6.69 23.67 16.45
N GLN F 349 -6.97 22.46 16.89
CA GLN F 349 -6.95 21.28 16.03
C GLN F 349 -8.14 21.21 15.06
N MET F 350 -9.15 22.05 15.28
CA MET F 350 -10.29 22.11 14.39
C MET F 350 -9.88 22.60 12.98
N SER F 351 -8.80 23.36 12.86
CA SER F 351 -8.42 23.77 11.52
C SER F 351 -7.79 22.61 10.77
N ALA F 352 -7.24 21.65 11.48
CA ALA F 352 -6.80 20.42 10.83
C ALA F 352 -8.03 19.66 10.31
N PHE F 353 -9.08 19.66 11.13
CA PHE F 353 -10.32 19.01 10.78
C PHE F 353 -10.86 19.55 9.46
N TRP F 354 -10.92 20.88 9.35
CA TRP F 354 -11.46 21.52 8.16
C TRP F 354 -10.62 21.10 6.97
N TYR F 355 -9.30 21.10 7.16
CA TYR F 355 -8.37 20.83 6.08
C TYR F 355 -8.54 19.40 5.60
N ALA F 356 -8.58 18.48 6.55
CA ALA F 356 -8.71 17.08 6.21
C ALA F 356 -10.06 16.78 5.59
N VAL F 357 -11.11 17.22 6.27
CA VAL F 357 -12.46 16.86 5.87
C VAL F 357 -12.75 17.48 4.53
N ARG F 358 -12.23 18.68 4.30
CA ARG F 358 -12.46 19.35 3.01
C ARG F 358 -12.02 18.45 1.88
N THR F 359 -10.79 18.00 1.95
CA THR F 359 -10.21 17.13 0.92
C THR F 359 -10.92 15.78 0.86
N ALA F 360 -11.26 15.25 2.02
CA ALA F 360 -12.03 14.01 2.07
C ALA F 360 -13.26 14.09 1.16
N VAL F 361 -14.06 15.16 1.32
CA VAL F 361 -15.36 15.24 0.66
C VAL F 361 -15.24 15.49 -0.83
N ILE F 362 -14.44 16.49 -1.21
CA ILE F 362 -14.16 16.73 -2.62
C ILE F 362 -13.80 15.41 -3.32
N ASN F 363 -12.85 14.67 -2.73
CA ASN F 363 -12.37 13.42 -3.32
C ASN F 363 -13.50 12.44 -3.43
N ALA F 364 -14.29 12.37 -2.36
CA ALA F 364 -15.43 11.48 -2.28
C ALA F 364 -16.40 11.79 -3.42
N ALA F 365 -16.64 13.08 -3.61
CA ALA F 365 -17.63 13.57 -4.57
C ALA F 365 -17.20 13.46 -6.02
N SER F 366 -15.93 13.75 -6.29
CA SER F 366 -15.42 13.78 -7.65
C SER F 366 -15.13 12.40 -8.24
N GLY F 367 -15.31 11.33 -7.46
CA GLY F 367 -15.03 9.96 -7.92
C GLY F 367 -13.63 9.49 -7.57
N ARG F 368 -12.73 10.43 -7.36
CA ARG F 368 -11.33 10.18 -7.01
C ARG F 368 -11.16 9.13 -5.90
N GLN F 369 -12.18 8.97 -5.05
CA GLN F 369 -12.13 7.98 -3.98
C GLN F 369 -13.53 7.46 -3.65
N THR F 370 -13.62 6.22 -3.19
CA THR F 370 -14.87 5.72 -2.61
C THR F 370 -15.06 6.45 -1.29
N VAL F 371 -16.30 6.51 -0.83
CA VAL F 371 -16.61 7.14 0.45
C VAL F 371 -15.71 6.57 1.53
N ASP F 372 -15.71 5.24 1.61
CA ASP F 372 -15.00 4.51 2.64
C ASP F 372 -13.54 4.89 2.76
N GLU F 373 -12.82 4.91 1.64
CA GLU F 373 -11.39 5.24 1.70
C GLU F 373 -11.17 6.74 2.00
N ALA F 374 -12.02 7.58 1.42
CA ALA F 374 -11.98 9.01 1.69
C ALA F 374 -12.15 9.32 3.17
N LEU F 375 -13.10 8.64 3.81
CA LEU F 375 -13.38 8.86 5.23
C LEU F 375 -12.36 8.18 6.15
N LYS F 376 -11.87 7.02 5.74
CA LYS F 376 -10.85 6.31 6.52
C LYS F 376 -9.56 7.15 6.61
N ASP F 377 -9.18 7.80 5.50
CA ASP F 377 -7.98 8.65 5.45
C ASP F 377 -8.06 9.92 6.31
N ALA F 378 -9.26 10.43 6.55
CA ALA F 378 -9.39 11.61 7.41
C ALA F 378 -8.66 11.32 8.72
N GLN F 379 -8.84 10.10 9.24
CA GLN F 379 -8.22 9.67 10.51
C GLN F 379 -6.69 9.84 10.51
N THR F 380 -6.08 9.53 9.37
CA THR F 380 -4.63 9.68 9.16
C THR F 380 -4.24 11.12 8.86
N ARG F 381 -4.94 11.71 7.91
CA ARG F 381 -4.61 13.04 7.38
C ARG F 381 -4.82 14.17 8.35
N ILE F 382 -5.90 14.12 9.13
CA ILE F 382 -6.08 15.05 10.24
C ILE F 382 -4.83 15.05 11.09
N THR F 383 -4.41 13.84 11.46
CA THR F 383 -3.18 13.62 12.24
C THR F 383 -1.89 13.87 11.46
N ALA F 384 -1.94 13.71 10.14
CA ALA F 384 -0.72 13.74 9.32
C ALA F 384 -0.33 15.15 8.94
N ALA F 385 0.56 15.73 9.75
CA ALA F 385 1.00 17.14 9.69
C ALA F 385 1.79 17.39 10.97
N ARG F 386 1.13 17.18 12.10
CA ARG F 386 1.80 17.03 13.38
C ARG F 386 2.67 15.78 13.36
N ASP F 387 2.13 14.67 12.84
CA ASP F 387 2.91 13.44 12.60
C ASP F 387 4.21 13.81 11.89
N GLY F 388 4.10 14.58 10.82
CA GLY F 388 5.26 15.02 10.04
C GLY F 388 6.20 15.87 10.86
N LEU F 389 5.69 16.98 11.35
CA LEU F 389 6.43 17.78 12.31
C LEU F 389 7.10 16.91 13.37
N ARG F 390 6.48 15.82 13.79
CA ARG F 390 7.06 14.94 14.81
C ARG F 390 8.35 14.29 14.31
N ALA F 391 8.35 13.86 13.05
CA ALA F 391 9.55 13.30 12.43
C ALA F 391 10.66 14.34 12.37
N VAL F 392 10.35 15.58 12.02
CA VAL F 392 11.38 16.61 12.03
C VAL F 392 12.04 16.76 13.39
N MSE F 393 11.29 16.53 14.47
CA MSE F 393 11.88 16.72 15.79
C MSE F 393 12.56 15.49 16.38
O MSE F 393 13.47 15.61 17.22
CB MSE F 393 10.83 17.25 16.76
CG MSE F 393 10.42 18.65 16.42
SE MSE F 393 8.84 19.16 17.45
CE MSE F 393 7.59 17.72 17.00
N GLU F 394 12.15 14.30 15.96
CA GLU F 394 12.90 13.09 16.26
C GLU F 394 14.25 13.18 15.57
N ALA F 395 14.22 13.56 14.29
CA ALA F 395 15.42 13.72 13.47
C ALA F 395 16.34 14.79 14.03
N ARG F 396 15.76 15.81 14.66
CA ARG F 396 16.57 16.80 15.37
C ARG F 396 17.41 16.14 16.47
N ASN F 397 16.79 15.23 17.21
CA ASN F 397 17.49 14.51 18.29
C ASN F 397 18.48 13.49 17.75
N VAL F 398 18.04 12.67 16.81
CA VAL F 398 18.93 11.73 16.13
C VAL F 398 20.23 12.37 15.65
N THR F 399 20.17 13.62 15.19
CA THR F 399 21.40 14.33 14.82
C THR F 399 22.27 14.68 16.02
N HIS F 400 21.69 15.15 17.11
CA HIS F 400 22.49 15.35 18.33
C HIS F 400 23.27 14.08 18.68
N LEU F 401 22.60 12.92 18.63
CA LEU F 401 23.21 11.62 18.95
C LEU F 401 24.30 11.27 17.97
N LEU F 402 23.96 11.43 16.71
CA LEU F 402 24.86 11.05 15.64
C LEU F 402 26.08 11.99 15.58
N GLN F 403 25.93 13.21 16.10
CA GLN F 403 27.07 14.11 16.25
C GLN F 403 27.97 13.61 17.39
N GLN F 404 27.38 13.09 18.47
CA GLN F 404 28.16 12.53 19.60
C GLN F 404 29.02 11.36 19.12
N GLU F 405 28.40 10.43 18.41
CA GLU F 405 29.11 9.28 17.85
C GLU F 405 30.27 9.73 16.96
N LEU F 406 30.10 10.85 16.26
CA LEU F 406 31.18 11.39 15.43
C LEU F 406 32.36 11.86 16.27
N THR F 407 32.11 12.48 17.43
CA THR F 407 33.19 12.76 18.39
C THR F 407 33.91 11.44 18.74
N GLU F 408 33.12 10.43 19.14
CA GLU F 408 33.65 9.14 19.52
C GLU F 408 34.57 8.60 18.45
N ALA F 409 34.11 8.61 17.20
CA ALA F 409 34.95 8.14 16.09
C ALA F 409 36.21 9.01 15.96
N GLN F 410 36.05 10.32 16.06
CA GLN F 410 37.20 11.23 15.99
C GLN F 410 38.27 10.80 16.96
N LYS F 411 37.95 10.63 18.23
CA LYS F 411 38.99 10.16 19.18
C LYS F 411 39.41 8.70 18.91
N GLY F 412 38.51 7.88 18.39
CA GLY F 412 38.88 6.53 17.94
C GLY F 412 40.04 6.55 16.97
N PHE F 413 40.07 7.53 16.09
CA PHE F 413 41.14 7.66 15.10
C PHE F 413 42.41 8.29 15.62
N GLN F 414 42.30 9.24 16.54
CA GLN F 414 43.48 9.81 17.14
C GLN F 414 44.13 8.75 18.01
N ASP F 415 43.31 7.97 18.70
CA ASP F 415 43.78 6.84 19.51
C ASP F 415 44.58 5.86 18.67
N VAL F 416 43.93 5.30 17.66
CA VAL F 416 44.56 4.32 16.79
C VAL F 416 45.87 4.83 16.19
N GLU F 417 45.88 6.11 15.82
CA GLU F 417 47.08 6.72 15.27
C GLU F 417 48.21 6.83 16.31
N ALA F 418 47.84 7.13 17.55
CA ALA F 418 48.81 7.17 18.65
C ALA F 418 49.33 5.76 18.99
N GLN F 419 48.42 4.79 19.08
CA GLN F 419 48.85 3.47 19.49
C GLN F 419 49.51 2.69 18.38
N ALA F 420 49.50 3.22 17.16
CA ALA F 420 50.37 2.70 16.08
C ALA F 420 51.86 3.06 16.29
N ALA F 421 52.13 4.36 16.44
CA ALA F 421 53.45 4.81 16.84
C ALA F 421 53.95 3.98 18.03
N THR F 422 53.17 3.89 19.08
CA THR F 422 53.61 3.03 20.18
C THR F 422 53.96 1.61 19.71
N ALA F 423 53.15 0.98 18.87
CA ALA F 423 53.47 -0.37 18.38
C ALA F 423 54.81 -0.39 17.64
N ASN F 424 54.99 0.51 16.69
CA ASN F 424 56.24 0.55 15.92
C ASN F 424 57.48 0.71 16.79
N HIS F 425 57.41 1.64 17.73
CA HIS F 425 58.51 1.88 18.67
C HIS F 425 58.65 0.72 19.63
N THR F 426 57.54 0.20 20.13
CA THR F 426 57.61 -0.96 21.00
C THR F 426 58.27 -2.16 20.30
N VAL F 427 58.08 -2.35 19.00
CA VAL F 427 58.66 -3.52 18.33
C VAL F 427 60.13 -3.53 18.53
N MSE F 428 60.73 -2.35 18.48
CA MSE F 428 62.17 -2.20 18.55
C MSE F 428 62.68 -2.13 19.95
O MSE F 428 63.70 -2.71 20.27
CB MSE F 428 62.54 -0.95 17.80
CG MSE F 428 62.06 -1.02 16.38
SE MSE F 428 63.52 -1.13 15.15
CE MSE F 428 64.07 0.75 15.16
N ALA F 429 61.99 -1.40 20.82
CA ALA F 429 62.35 -1.44 22.22
C ALA F 429 62.53 -2.90 22.61
N LEU F 430 61.50 -3.72 22.32
CA LEU F 430 61.49 -5.13 22.70
C LEU F 430 62.60 -5.94 22.12
N MSE F 431 63.03 -5.59 20.91
CA MSE F 431 64.19 -6.25 20.32
C MSE F 431 65.47 -5.94 21.09
O MSE F 431 66.24 -6.83 21.43
CB MSE F 431 64.34 -5.87 18.86
CG MSE F 431 63.40 -6.66 17.98
SE MSE F 431 63.38 -6.05 16.10
CE MSE F 431 61.84 -7.08 15.46
N ALA F 432 65.70 -4.68 21.38
CA ALA F 432 66.86 -4.32 22.17
C ALA F 432 66.75 -5.06 23.52
N SER F 433 65.60 -4.97 24.16
CA SER F 433 65.44 -5.62 25.46
C SER F 433 65.79 -7.12 25.39
N LEU F 434 65.34 -7.77 24.33
CA LEU F 434 65.60 -9.17 24.16
C LEU F 434 67.08 -9.46 24.15
N ASP F 435 67.86 -8.57 23.58
CA ASP F 435 69.31 -8.71 23.59
C ASP F 435 69.90 -8.31 24.92
N ALA F 436 69.45 -7.21 25.49
CA ALA F 436 69.93 -6.82 26.80
C ALA F 436 69.74 -7.96 27.78
N GLU F 437 68.51 -8.36 28.01
CA GLU F 437 68.22 -9.40 28.99
C GLU F 437 68.41 -10.67 28.24
N LYS F 438 69.59 -11.24 28.34
CA LYS F 438 70.05 -12.39 27.51
C LYS F 438 71.57 -12.32 27.56
N ALA F 439 72.10 -11.15 27.20
CA ALA F 439 73.45 -10.79 27.55
C ALA F 439 73.57 -10.63 29.06
N GLN F 440 72.71 -9.82 29.69
CA GLN F 440 72.74 -9.70 31.14
C GLN F 440 72.60 -11.08 31.74
N GLY F 441 71.74 -11.89 31.14
CA GLY F 441 71.54 -13.28 31.54
C GLY F 441 72.81 -14.07 31.66
N GLN F 442 73.50 -14.28 30.54
CA GLN F 442 74.71 -15.13 30.54
C GLN F 442 75.80 -14.52 31.41
N LYS F 443 75.83 -13.21 31.55
CA LYS F 443 76.87 -12.56 32.34
C LYS F 443 76.66 -12.74 33.88
N LYS F 444 75.45 -12.46 34.43
CA LYS F 444 75.08 -12.75 35.84
C LYS F 444 75.35 -14.22 36.10
N VAL F 445 74.99 -15.06 35.13
CA VAL F 445 75.19 -16.48 35.30
C VAL F 445 76.66 -16.76 35.46
N GLU F 446 77.51 -16.20 34.60
CA GLU F 446 78.91 -16.57 34.69
C GLU F 446 79.54 -16.00 35.96
N GLU F 447 79.05 -14.84 36.43
CA GLU F 447 79.46 -14.34 37.75
C GLU F 447 79.19 -15.36 38.82
N LEU F 448 77.94 -15.80 38.89
CA LEU F 448 77.55 -16.83 39.86
C LEU F 448 78.37 -18.10 39.66
N GLU F 449 78.52 -18.51 38.41
CA GLU F 449 79.22 -19.76 38.11
C GLU F 449 80.66 -19.64 38.56
N GLY F 450 81.16 -18.40 38.57
CA GLY F 450 82.52 -18.11 39.03
C GLY F 450 82.67 -18.25 40.53
N GLU F 451 81.67 -17.76 41.27
CA GLU F 451 81.65 -17.91 42.71
C GLU F 451 81.59 -19.37 43.09
N ILE F 452 80.92 -20.18 42.27
CA ILE F 452 80.88 -21.62 42.53
C ILE F 452 82.28 -22.25 42.44
N THR F 453 83.01 -22.04 41.34
CA THR F 453 84.31 -22.70 41.24
C THR F 453 85.16 -22.26 42.43
N THR F 454 85.13 -20.97 42.79
CA THR F 454 85.95 -20.49 43.92
C THR F 454 85.55 -21.24 45.20
N LEU F 455 84.26 -21.40 45.46
CA LEU F 455 83.83 -22.15 46.63
C LEU F 455 84.26 -23.61 46.46
N ASN F 456 84.00 -24.18 45.29
CA ASN F 456 84.43 -25.54 45.05
C ASN F 456 85.88 -25.74 45.41
N HIS F 457 86.71 -24.76 45.09
CA HIS F 457 88.13 -24.83 45.41
C HIS F 457 88.43 -24.57 46.88
N LYS F 458 87.62 -23.75 47.57
CA LYS F 458 87.79 -23.58 49.02
C LYS F 458 87.49 -24.90 49.72
N LEU F 459 86.34 -25.50 49.41
CA LEU F 459 85.93 -26.74 50.05
C LEU F 459 86.93 -27.84 49.79
N GLN F 460 87.38 -27.95 48.55
CA GLN F 460 88.44 -28.91 48.19
C GLN F 460 89.67 -28.74 49.10
N ASP F 461 90.09 -27.48 49.32
CA ASP F 461 91.28 -27.15 50.10
C ASP F 461 91.13 -27.38 51.61
N ALA F 462 89.92 -27.18 52.11
CA ALA F 462 89.60 -27.50 53.51
C ALA F 462 89.51 -29.01 53.71
N SER F 463 88.89 -29.67 52.74
CA SER F 463 88.69 -31.11 52.81
C SER F 463 90.03 -31.83 52.70
N ALA F 464 90.93 -31.26 51.92
CA ALA F 464 92.26 -31.82 51.76
C ALA F 464 93.06 -31.64 53.04
N GLU F 465 92.73 -30.62 53.84
CA GLU F 465 93.44 -30.40 55.09
C GLU F 465 92.97 -31.39 56.16
N VAL F 466 91.66 -31.57 56.31
CA VAL F 466 91.17 -32.52 57.33
C VAL F 466 91.76 -33.91 57.10
N GLU F 467 91.83 -34.35 55.84
CA GLU F 467 92.43 -35.65 55.57
C GLU F 467 93.88 -35.70 56.05
N ARG F 468 94.61 -34.60 55.87
CA ARG F 468 95.99 -34.54 56.35
C ARG F 468 96.05 -34.65 57.85
N LEU F 469 95.24 -33.82 58.50
CA LEU F 469 95.30 -33.68 59.94
C LEU F 469 94.77 -34.92 60.68
N ARG F 470 93.70 -35.51 60.14
CA ARG F 470 93.11 -36.71 60.76
C ARG F 470 94.02 -37.93 60.63
N ARG F 471 94.79 -37.99 59.56
CA ARG F 471 95.65 -39.13 59.29
C ARG F 471 96.90 -39.17 60.18
N GLU G 18 50.13 26.36 0.39
CA GLU G 18 51.28 27.32 0.38
C GLU G 18 52.29 26.98 -0.73
N GLY G 19 52.13 27.61 -1.89
CA GLY G 19 53.04 27.39 -3.02
C GLY G 19 52.76 26.09 -3.78
N LYS G 20 51.48 25.72 -3.85
CA LYS G 20 51.05 24.50 -4.54
C LYS G 20 49.54 24.57 -4.86
N LEU G 21 49.16 24.13 -6.07
CA LEU G 21 47.78 24.30 -6.58
C LEU G 21 47.01 22.98 -6.74
N VAL G 22 45.93 22.83 -5.97
CA VAL G 22 45.11 21.61 -6.02
C VAL G 22 43.72 21.90 -6.60
N ILE G 23 43.41 21.23 -7.72
CA ILE G 23 42.21 21.52 -8.53
C ILE G 23 41.23 20.36 -8.53
N TRP G 24 39.94 20.68 -8.35
CA TRP G 24 38.88 19.70 -8.43
C TRP G 24 38.13 19.84 -9.73
N ILE G 25 37.84 18.70 -10.35
CA ILE G 25 37.09 18.66 -11.59
C ILE G 25 36.40 17.30 -11.65
N ASN G 26 35.18 17.27 -12.17
CA ASN G 26 34.38 16.03 -12.23
C ASN G 26 35.03 14.96 -13.11
N GLY G 27 34.83 13.69 -12.75
CA GLY G 27 35.48 12.56 -13.42
C GLY G 27 35.25 12.40 -14.91
N ASP G 28 34.06 12.76 -15.39
CA ASP G 28 33.73 12.64 -16.82
C ASP G 28 34.34 13.74 -17.70
N LYS G 29 35.01 14.72 -17.10
CA LYS G 29 35.73 15.76 -17.86
C LYS G 29 37.14 15.28 -18.21
N GLY G 30 37.82 16.04 -19.08
CA GLY G 30 39.16 15.70 -19.52
C GLY G 30 40.19 16.16 -18.50
N TYR G 31 40.28 15.43 -17.40
CA TYR G 31 41.19 15.81 -16.32
C TYR G 31 42.65 15.48 -16.65
N ASN G 32 42.91 14.44 -17.45
CA ASN G 32 44.27 14.15 -17.90
C ASN G 32 44.77 15.27 -18.81
N GLY G 33 43.85 15.85 -19.59
CA GLY G 33 44.17 17.01 -20.39
C GLY G 33 44.55 18.19 -19.53
N LEU G 34 43.73 18.46 -18.52
CA LEU G 34 44.00 19.54 -17.56
C LEU G 34 45.35 19.30 -16.85
N ALA G 35 45.65 18.03 -16.53
CA ALA G 35 46.93 17.64 -15.95
C ALA G 35 48.09 18.05 -16.85
N GLU G 36 47.89 17.93 -18.16
CA GLU G 36 48.89 18.39 -19.12
C GLU G 36 49.09 19.90 -19.12
N VAL G 37 48.01 20.64 -18.85
CA VAL G 37 48.10 22.09 -18.69
C VAL G 37 48.85 22.48 -17.40
N GLY G 38 48.66 21.69 -16.34
CA GLY G 38 49.33 21.91 -15.06
C GLY G 38 50.81 21.57 -15.04
N LYS G 39 51.25 20.74 -15.98
CA LYS G 39 52.67 20.42 -16.15
C LYS G 39 53.37 21.47 -17.02
N LYS G 40 52.64 21.99 -18.01
CA LYS G 40 53.10 23.17 -18.74
C LYS G 40 53.17 24.41 -17.82
N PHE G 41 52.39 24.39 -16.74
CA PHE G 41 52.42 25.44 -15.72
C PHE G 41 53.49 25.17 -14.64
N GLU G 42 53.64 23.90 -14.26
CA GLU G 42 54.69 23.48 -13.31
C GLU G 42 56.12 23.69 -13.89
N LYS G 43 56.23 23.62 -15.20
CA LYS G 43 57.50 23.86 -15.88
C LYS G 43 57.88 25.35 -15.83
N ASP G 44 56.99 26.19 -16.35
CA ASP G 44 57.30 27.62 -16.58
C ASP G 44 57.33 28.51 -15.33
N THR G 45 56.85 27.98 -14.20
CA THR G 45 57.05 28.64 -12.90
C THR G 45 57.83 27.71 -11.99
N GLY G 46 57.23 26.57 -11.65
CA GLY G 46 57.77 25.68 -10.63
C GLY G 46 56.78 25.30 -9.53
N ILE G 47 55.54 25.76 -9.65
CA ILE G 47 54.46 25.45 -8.70
C ILE G 47 53.73 24.17 -9.12
N LYS G 48 53.75 23.15 -8.25
CA LYS G 48 53.14 21.85 -8.57
C LYS G 48 51.61 21.93 -8.55
N VAL G 49 50.98 21.34 -9.56
CA VAL G 49 49.52 21.41 -9.74
C VAL G 49 48.93 20.01 -9.89
N THR G 50 48.08 19.62 -8.93
CA THR G 50 47.50 18.25 -8.89
C THR G 50 46.00 18.23 -9.15
N VAL G 51 45.58 17.48 -10.19
CA VAL G 51 44.17 17.37 -10.57
C VAL G 51 43.55 16.10 -10.01
N GLU G 52 42.46 16.25 -9.28
CA GLU G 52 41.73 15.11 -8.70
C GLU G 52 40.29 15.15 -9.17
N HIS G 53 39.61 14.02 -9.06
CA HIS G 53 38.21 13.92 -9.47
C HIS G 53 37.42 13.17 -8.39
N PRO G 54 37.34 13.76 -7.19
CA PRO G 54 36.61 13.14 -6.08
C PRO G 54 35.16 12.91 -6.42
N ASP G 55 34.60 11.79 -5.95
CA ASP G 55 33.18 11.50 -6.14
C ASP G 55 32.30 12.44 -5.32
N LYS G 56 31.24 12.94 -5.95
CA LYS G 56 30.25 13.82 -5.30
C LYS G 56 30.94 15.08 -4.75
N LEU G 57 31.79 15.69 -5.59
CA LEU G 57 32.69 16.78 -5.17
C LEU G 57 31.95 18.09 -4.95
N GLU G 58 30.90 18.32 -5.74
CA GLU G 58 30.04 19.51 -5.59
C GLU G 58 29.43 19.60 -4.18
N GLU G 59 29.12 18.44 -3.62
CA GLU G 59 28.57 18.32 -2.28
C GLU G 59 29.68 18.22 -1.24
N LYS G 60 30.84 17.72 -1.66
CA LYS G 60 32.04 17.76 -0.81
C LYS G 60 32.59 19.16 -0.58
N PHE G 61 32.49 20.05 -1.58
CA PHE G 61 33.17 21.35 -1.52
C PHE G 61 32.76 22.33 -0.38
N PRO G 62 31.45 22.46 -0.09
CA PRO G 62 31.04 23.34 1.01
C PRO G 62 31.55 22.95 2.41
N GLN G 63 31.92 21.68 2.58
CA GLN G 63 32.45 21.11 3.85
C GLN G 63 33.98 21.14 3.98
N VAL G 64 34.71 21.08 2.85
CA VAL G 64 36.18 21.16 2.83
C VAL G 64 36.70 22.60 2.75
N ALA G 65 36.02 23.48 2.02
CA ALA G 65 36.42 24.90 1.95
C ALA G 65 36.29 25.59 3.30
N ALA G 66 35.27 25.17 4.08
CA ALA G 66 34.95 25.75 5.42
C ALA G 66 35.80 25.24 6.62
N THR G 67 36.88 24.50 6.34
CA THR G 67 37.92 24.15 7.34
C THR G 67 39.36 24.39 6.80
N GLY G 68 39.49 25.25 5.79
CA GLY G 68 40.78 25.57 5.18
C GLY G 68 41.44 24.43 4.40
N ASP G 69 40.64 23.44 3.98
CA ASP G 69 41.11 22.29 3.19
C ASP G 69 40.50 22.31 1.77
N GLY G 70 40.71 21.22 1.02
CA GLY G 70 40.11 21.08 -0.29
C GLY G 70 40.82 21.92 -1.33
N PRO G 71 40.14 22.23 -2.44
CA PRO G 71 40.84 22.75 -3.60
C PRO G 71 41.05 24.26 -3.64
N ASP G 72 42.13 24.68 -4.32
CA ASP G 72 42.34 26.08 -4.71
C ASP G 72 41.32 26.50 -5.78
N ILE G 73 41.18 25.69 -6.85
CA ILE G 73 40.14 25.91 -7.89
C ILE G 73 39.22 24.68 -8.10
N ILE G 74 37.95 24.95 -8.36
CA ILE G 74 36.92 23.94 -8.52
C ILE G 74 36.16 24.14 -9.84
N PHE G 75 36.04 23.05 -10.63
CA PHE G 75 35.43 23.08 -11.99
C PHE G 75 34.04 22.44 -11.99
N TRP G 76 33.00 23.24 -12.23
CA TRP G 76 31.63 22.74 -12.21
C TRP G 76 30.64 23.60 -12.99
N ALA G 77 29.47 23.02 -13.25
CA ALA G 77 28.28 23.75 -13.73
C ALA G 77 27.98 24.99 -12.85
N HIS G 78 27.83 26.14 -13.50
CA HIS G 78 27.75 27.45 -12.81
C HIS G 78 26.55 27.65 -11.86
N ASP G 79 25.51 26.82 -11.98
CA ASP G 79 24.33 26.96 -11.10
C ASP G 79 24.67 26.66 -9.64
N ARG G 80 25.50 25.64 -9.41
CA ARG G 80 25.97 25.31 -8.05
C ARG G 80 26.79 26.42 -7.38
N PHE G 81 27.35 27.31 -8.19
CA PHE G 81 28.22 28.39 -7.72
C PHE G 81 27.45 29.53 -7.03
N GLY G 82 26.15 29.63 -7.33
CA GLY G 82 25.28 30.56 -6.61
C GLY G 82 25.05 30.14 -5.16
N GLY G 83 24.99 28.82 -4.95
CA GLY G 83 24.95 28.25 -3.60
C GLY G 83 26.25 28.45 -2.83
N TYR G 84 27.38 28.39 -3.52
CA TYR G 84 28.68 28.64 -2.87
C TYR G 84 28.88 30.14 -2.61
N ALA G 85 28.64 30.96 -3.64
CA ALA G 85 28.79 32.41 -3.54
C ALA G 85 28.07 32.97 -2.31
N GLN G 86 26.80 32.58 -2.16
CA GLN G 86 25.93 33.00 -1.06
C GLN G 86 26.44 32.64 0.33
N SER G 87 27.26 31.59 0.41
CA SER G 87 27.92 31.22 1.65
C SER G 87 29.31 31.86 1.76
N GLY G 88 29.66 32.74 0.81
CA GLY G 88 30.93 33.47 0.82
C GLY G 88 32.16 32.59 0.66
N LEU G 89 31.96 31.42 0.06
CA LEU G 89 33.02 30.43 -0.08
C LEU G 89 33.89 30.71 -1.32
N LEU G 90 33.41 31.57 -2.23
CA LEU G 90 34.15 31.84 -3.46
C LEU G 90 34.78 33.22 -3.41
N ALA G 91 35.96 33.34 -4.01
CA ALA G 91 36.66 34.61 -4.17
C ALA G 91 36.13 35.35 -5.39
N GLU G 92 36.09 36.68 -5.32
CA GLU G 92 35.70 37.50 -6.47
C GLU G 92 36.86 37.66 -7.46
N ILE G 93 36.69 37.16 -8.68
CA ILE G 93 37.75 37.26 -9.70
C ILE G 93 37.83 38.68 -10.27
N THR G 94 39.05 39.17 -10.48
CA THR G 94 39.27 40.50 -11.02
C THR G 94 40.11 40.40 -12.28
N PRO G 95 39.46 40.06 -13.40
CA PRO G 95 40.16 40.10 -14.69
C PRO G 95 40.00 41.47 -15.33
N ASP G 96 41.02 41.92 -16.07
CA ASP G 96 40.94 43.19 -16.82
C ASP G 96 39.96 43.06 -17.99
N LYS G 97 39.49 44.21 -18.50
CA LYS G 97 38.54 44.20 -19.62
C LYS G 97 39.23 43.81 -20.93
N ALA G 98 40.56 43.81 -20.94
CA ALA G 98 41.33 43.21 -22.02
C ALA G 98 41.07 41.69 -22.08
N PHE G 99 41.04 41.05 -20.90
CA PHE G 99 40.74 39.63 -20.81
C PHE G 99 39.25 39.36 -21.06
N GLN G 100 38.37 40.05 -20.31
CA GLN G 100 36.91 39.87 -20.45
C GLN G 100 36.43 39.79 -21.91
N ASP G 101 37.03 40.59 -22.77
CA ASP G 101 36.68 40.60 -24.19
C ASP G 101 37.12 39.32 -24.93
N LYS G 102 38.08 38.58 -24.38
CA LYS G 102 38.50 37.31 -24.98
C LYS G 102 37.42 36.22 -24.87
N LEU G 103 36.45 36.44 -23.98
CA LEU G 103 35.33 35.53 -23.84
C LEU G 103 34.02 36.18 -24.29
N TYR G 104 33.09 35.35 -24.74
CA TYR G 104 31.81 35.80 -25.24
C TYR G 104 31.03 36.50 -24.12
N PRO G 105 30.55 37.74 -24.36
CA PRO G 105 29.90 38.59 -23.33
C PRO G 105 28.94 37.89 -22.37
N PHE G 106 28.12 36.99 -22.90
CA PHE G 106 27.07 36.32 -22.12
C PHE G 106 27.58 35.15 -21.25
N THR G 107 28.83 34.69 -21.45
CA THR G 107 29.41 33.68 -20.55
C THR G 107 29.69 34.27 -19.17
N TRP G 108 29.89 35.58 -19.10
CA TRP G 108 30.05 36.27 -17.82
C TRP G 108 28.73 36.43 -17.03
N ASP G 109 27.58 36.40 -17.70
CA ASP G 109 26.27 36.46 -17.03
C ASP G 109 25.97 35.22 -16.16
N ALA G 110 26.54 34.08 -16.53
CA ALA G 110 26.34 32.84 -15.77
C ALA G 110 27.21 32.77 -14.52
N VAL G 111 28.22 33.64 -14.44
CA VAL G 111 29.14 33.67 -13.31
C VAL G 111 29.05 34.99 -12.54
N ARG G 112 27.82 35.45 -12.28
CA ARG G 112 27.53 36.62 -11.43
C ARG G 112 26.61 36.27 -10.26
N TYR G 113 26.95 36.77 -9.07
CA TYR G 113 26.07 36.67 -7.91
C TYR G 113 26.10 38.00 -7.16
N ASN G 114 24.94 38.62 -7.01
CA ASN G 114 24.83 39.96 -6.47
C ASN G 114 25.86 40.87 -7.16
N GLY G 115 25.79 40.91 -8.49
CA GLY G 115 26.65 41.80 -9.30
C GLY G 115 28.08 41.34 -9.51
N LYS G 116 28.64 40.68 -8.49
CA LYS G 116 30.06 40.34 -8.44
C LYS G 116 30.37 39.10 -9.29
N LEU G 117 31.44 39.16 -10.08
CA LEU G 117 31.89 38.00 -10.84
C LEU G 117 32.58 37.03 -9.90
N ILE G 118 32.13 35.78 -9.89
CA ILE G 118 32.59 34.80 -8.90
C ILE G 118 33.35 33.61 -9.52
N ALA G 119 33.43 33.56 -10.85
CA ALA G 119 34.12 32.47 -11.52
C ALA G 119 34.39 32.73 -13.00
N TYR G 120 35.33 31.96 -13.56
CA TYR G 120 35.71 32.03 -14.97
C TYR G 120 34.91 31.03 -15.82
N PRO G 121 34.20 31.52 -16.85
CA PRO G 121 33.58 30.63 -17.84
C PRO G 121 34.62 29.86 -18.66
N ILE G 122 34.32 28.61 -19.00
CA ILE G 122 35.25 27.76 -19.75
C ILE G 122 34.60 27.03 -20.93
N ALA G 123 33.45 26.41 -20.68
CA ALA G 123 32.74 25.66 -21.70
C ALA G 123 31.28 26.08 -21.67
N VAL G 124 30.58 25.80 -22.79
CA VAL G 124 29.18 26.14 -22.98
C VAL G 124 28.39 24.95 -23.60
N GLU G 125 27.23 24.68 -23.00
CA GLU G 125 26.43 23.49 -23.29
C GLU G 125 24.96 23.88 -23.39
N ALA G 126 24.28 23.36 -24.41
CA ALA G 126 22.85 23.59 -24.58
C ALA G 126 22.29 22.54 -25.53
N LEU G 127 21.00 22.26 -25.41
CA LEU G 127 20.34 21.31 -26.30
C LEU G 127 20.39 21.80 -27.75
N SER G 128 20.58 20.86 -28.67
CA SER G 128 20.51 21.16 -30.09
C SER G 128 19.56 20.20 -30.77
N LEU G 129 19.08 20.60 -31.95
CA LEU G 129 18.25 19.73 -32.77
C LEU G 129 19.15 18.81 -33.58
N ILE G 130 19.01 17.51 -33.34
CA ILE G 130 19.77 16.51 -34.08
C ILE G 130 18.81 15.83 -35.05
N TYR G 131 19.29 15.50 -36.24
CA TYR G 131 18.41 14.94 -37.26
C TYR G 131 19.10 13.97 -38.20
N ASN G 132 18.33 12.95 -38.59
CA ASN G 132 18.79 11.88 -39.45
C ASN G 132 18.64 12.33 -40.90
N LYS G 133 19.75 12.41 -41.63
CA LYS G 133 19.76 13.02 -42.97
C LYS G 133 19.21 12.10 -44.04
N ASP G 134 19.36 10.79 -43.86
CA ASP G 134 18.81 9.79 -44.78
C ASP G 134 17.28 9.65 -44.61
N LEU G 135 16.74 10.14 -43.50
CA LEU G 135 15.29 10.23 -43.31
C LEU G 135 14.77 11.68 -43.40
N LEU G 136 15.67 12.65 -43.28
CA LEU G 136 15.30 14.06 -43.38
C LEU G 136 16.57 14.85 -43.69
N PRO G 137 16.84 15.10 -44.98
CA PRO G 137 18.08 15.77 -45.38
C PRO G 137 18.09 17.27 -45.11
N ASN G 138 16.90 17.87 -45.07
CA ASN G 138 16.75 19.29 -44.78
C ASN G 138 15.86 19.46 -43.53
N PRO G 139 16.46 19.85 -42.40
CA PRO G 139 15.68 19.95 -41.18
C PRO G 139 14.76 21.17 -41.22
N PRO G 140 13.64 21.11 -40.48
CA PRO G 140 12.72 22.24 -40.44
C PRO G 140 13.26 23.35 -39.57
N LYS G 141 12.82 24.58 -39.85
CA LYS G 141 13.25 25.76 -39.09
C LYS G 141 12.22 26.22 -38.05
N THR G 142 11.06 25.56 -38.01
CA THR G 142 9.99 25.97 -37.11
C THR G 142 9.25 24.79 -36.52
N TRP G 143 8.85 24.94 -35.27
CA TRP G 143 8.06 23.93 -34.57
C TRP G 143 6.76 23.63 -35.31
N GLU G 144 6.15 24.69 -35.80
CA GLU G 144 4.79 24.65 -36.28
C GLU G 144 4.63 23.62 -37.40
N GLU G 145 5.69 23.44 -38.20
CA GLU G 145 5.64 22.54 -39.35
C GLU G 145 5.82 21.05 -39.01
N ILE G 146 5.97 20.74 -37.72
CA ILE G 146 6.23 19.34 -37.28
C ILE G 146 5.04 18.37 -37.37
N PRO G 147 3.83 18.81 -36.98
CA PRO G 147 2.66 17.96 -37.28
C PRO G 147 2.57 17.56 -38.76
N ALA G 148 2.54 18.55 -39.65
CA ALA G 148 2.53 18.33 -41.12
C ALA G 148 3.61 17.33 -41.57
N LEU G 149 4.79 17.44 -40.96
CA LEU G 149 5.94 16.56 -41.26
C LEU G 149 5.82 15.19 -40.60
N ASP G 150 5.12 15.11 -39.47
CA ASP G 150 4.91 13.83 -38.79
C ASP G 150 3.91 12.96 -39.54
N LYS G 151 2.87 13.57 -40.10
CA LYS G 151 1.91 12.85 -40.96
C LYS G 151 2.64 12.22 -42.16
N GLU G 152 3.41 13.03 -42.88
CA GLU G 152 4.27 12.57 -43.98
C GLU G 152 5.14 11.36 -43.62
N LEU G 153 5.62 11.32 -42.37
CA LEU G 153 6.54 10.27 -41.91
C LEU G 153 5.83 9.04 -41.36
N LYS G 154 4.73 9.25 -40.63
CA LYS G 154 3.90 8.14 -40.14
C LYS G 154 3.39 7.27 -41.28
N ALA G 155 3.19 7.86 -42.46
CA ALA G 155 2.77 7.13 -43.66
C ALA G 155 3.74 6.01 -44.04
N LYS G 156 5.03 6.25 -43.85
CA LYS G 156 6.07 5.23 -44.10
C LYS G 156 6.61 4.64 -42.78
N GLY G 157 5.75 4.61 -41.75
CA GLY G 157 6.03 3.93 -40.49
C GLY G 157 7.17 4.50 -39.67
N LYS G 158 7.34 5.82 -39.71
CA LYS G 158 8.40 6.52 -38.96
C LYS G 158 7.84 7.76 -38.27
N SER G 159 8.49 8.19 -37.20
CA SER G 159 8.04 9.36 -36.44
C SER G 159 8.91 10.58 -36.72
N ALA G 160 8.32 11.76 -36.61
CA ALA G 160 9.03 13.01 -36.88
C ALA G 160 10.06 13.31 -35.79
N LEU G 161 9.61 13.40 -34.55
CA LEU G 161 10.47 13.82 -33.44
C LEU G 161 10.22 13.02 -32.17
N MET G 162 11.29 12.71 -31.46
CA MET G 162 11.21 12.06 -30.15
C MET G 162 12.34 12.54 -29.24
N PHE G 163 12.00 12.92 -28.01
CA PHE G 163 12.96 13.40 -27.00
C PHE G 163 12.34 13.36 -25.59
N ASN G 164 13.17 13.52 -24.56
CA ASN G 164 12.72 13.28 -23.16
C ASN G 164 11.65 14.25 -22.68
N LEU G 165 10.39 13.82 -22.73
CA LEU G 165 9.27 14.65 -22.28
C LEU G 165 9.15 14.72 -20.74
N GLN G 166 9.54 13.65 -20.06
CA GLN G 166 9.45 13.54 -18.58
C GLN G 166 10.14 14.71 -17.87
N GLU G 167 11.31 15.07 -18.38
CA GLU G 167 12.17 16.06 -17.75
C GLU G 167 11.90 17.45 -18.33
N PRO G 168 11.75 18.47 -17.46
CA PRO G 168 11.52 19.88 -17.89
C PRO G 168 12.72 20.53 -18.55
N TYR G 169 13.91 20.09 -18.20
CA TYR G 169 15.12 20.55 -18.85
C TYR G 169 14.95 20.49 -20.37
N PHE G 170 14.35 19.40 -20.87
CA PHE G 170 14.13 19.20 -22.32
C PHE G 170 12.94 19.97 -22.87
N THR G 171 11.80 19.89 -22.18
CA THR G 171 10.56 20.46 -22.70
C THR G 171 10.55 21.99 -22.62
N TRP G 172 11.41 22.57 -21.79
CA TRP G 172 11.50 24.03 -21.61
C TRP G 172 11.73 24.84 -22.89
N PRO G 173 12.79 24.51 -23.67
CA PRO G 173 13.07 25.19 -24.95
C PRO G 173 11.82 25.61 -25.74
N LEU G 174 10.89 24.67 -25.91
CA LEU G 174 9.64 24.92 -26.61
C LEU G 174 8.76 25.86 -25.78
N ILE G 175 8.57 25.50 -24.51
CA ILE G 175 7.74 26.28 -23.58
C ILE G 175 8.20 27.75 -23.45
N ALA G 176 9.49 27.94 -23.20
CA ALA G 176 10.06 29.27 -23.01
C ALA G 176 10.23 30.06 -24.31
N ALA G 177 10.16 29.38 -25.45
CA ALA G 177 10.49 29.98 -26.74
C ALA G 177 9.94 31.40 -26.92
N ASP G 178 8.61 31.56 -26.83
CA ASP G 178 7.96 32.83 -27.21
C ASP G 178 7.85 33.84 -26.06
N GLY G 179 8.99 34.15 -25.43
CA GLY G 179 9.06 35.18 -24.41
C GLY G 179 9.03 34.67 -22.98
N GLY G 180 8.89 33.35 -22.81
CA GLY G 180 8.91 32.75 -21.48
C GLY G 180 10.28 32.77 -20.84
N TYR G 181 10.29 32.69 -19.51
CA TYR G 181 11.54 32.63 -18.72
C TYR G 181 11.30 32.10 -17.29
N ALA G 182 12.38 31.75 -16.61
CA ALA G 182 12.30 31.34 -15.21
C ALA G 182 12.17 32.59 -14.32
N PHE G 183 13.31 33.20 -13.97
CA PHE G 183 13.35 34.39 -13.13
C PHE G 183 14.00 35.54 -13.90
N LYS G 184 13.49 36.75 -13.72
CA LYS G 184 14.00 37.91 -14.48
C LYS G 184 15.43 38.29 -14.07
N TYR G 185 16.33 38.29 -15.02
CA TYR G 185 17.72 38.71 -14.79
C TYR G 185 17.77 40.21 -15.02
N GLU G 186 18.25 40.95 -14.03
CA GLU G 186 18.09 42.42 -14.00
C GLU G 186 19.38 43.19 -14.23
N ASN G 187 20.47 42.77 -13.59
CA ASN G 187 21.73 43.50 -13.67
C ASN G 187 22.90 42.53 -13.47
N GLY G 188 22.99 41.99 -12.27
CA GLY G 188 23.84 40.83 -12.00
C GLY G 188 23.13 39.80 -11.11
N LYS G 189 21.83 40.01 -10.87
CA LYS G 189 21.04 39.12 -10.01
C LYS G 189 19.63 38.90 -10.59
N TYR G 190 18.84 38.09 -9.88
CA TYR G 190 17.48 37.75 -10.26
C TYR G 190 16.48 38.30 -9.23
N ASP G 191 15.42 38.95 -9.70
CA ASP G 191 14.30 39.29 -8.84
C ASP G 191 13.59 37.97 -8.51
N ILE G 192 13.93 37.41 -7.35
CA ILE G 192 13.39 36.13 -6.85
C ILE G 192 11.85 35.96 -6.91
N LYS G 193 11.11 37.05 -7.09
CA LYS G 193 9.63 37.02 -7.15
C LYS G 193 9.04 37.39 -8.52
N ASP G 194 9.89 37.76 -9.47
CA ASP G 194 9.47 38.06 -10.84
C ASP G 194 9.71 36.82 -11.70
N VAL G 195 8.63 36.28 -12.27
CA VAL G 195 8.62 34.95 -12.86
C VAL G 195 7.81 34.93 -14.15
N GLY G 196 8.40 34.37 -15.21
CA GLY G 196 7.75 34.32 -16.52
C GLY G 196 7.19 32.95 -16.87
N VAL G 197 6.72 32.22 -15.86
CA VAL G 197 6.32 30.83 -16.05
C VAL G 197 4.84 30.72 -16.50
N ASP G 198 4.00 31.70 -16.17
CA ASP G 198 2.66 31.77 -16.79
C ASP G 198 2.35 33.18 -17.31
N ASN G 199 3.36 33.79 -17.92
CA ASN G 199 3.18 34.93 -18.80
C ASN G 199 2.60 34.46 -20.12
N ALA G 200 2.41 35.39 -21.06
CA ALA G 200 1.88 35.07 -22.39
C ALA G 200 2.61 33.89 -23.06
N GLY G 201 3.94 33.91 -23.00
CA GLY G 201 4.77 32.97 -23.76
C GLY G 201 4.66 31.51 -23.38
N ALA G 202 4.84 31.21 -22.10
CA ALA G 202 4.88 29.81 -21.60
C ALA G 202 3.55 29.07 -21.75
N LYS G 203 2.43 29.77 -21.61
CA LYS G 203 1.12 29.19 -21.84
C LYS G 203 1.00 28.67 -23.28
N ALA G 204 1.23 29.56 -24.24
CA ALA G 204 1.17 29.23 -25.66
C ALA G 204 2.13 28.10 -26.05
N GLY G 205 3.34 28.10 -25.51
CA GLY G 205 4.30 27.01 -25.75
C GLY G 205 3.84 25.65 -25.23
N LEU G 206 3.50 25.61 -23.93
CA LEU G 206 3.01 24.39 -23.28
C LEU G 206 1.76 23.85 -23.97
N THR G 207 0.86 24.75 -24.34
CA THR G 207 -0.32 24.39 -25.11
C THR G 207 0.08 23.61 -26.36
N PHE G 208 1.13 24.07 -27.06
CA PHE G 208 1.60 23.38 -28.27
C PHE G 208 2.21 22.02 -27.97
N LEU G 209 2.89 21.90 -26.85
CA LEU G 209 3.44 20.61 -26.41
C LEU G 209 2.35 19.58 -26.08
N VAL G 210 1.31 20.05 -25.40
CA VAL G 210 0.18 19.20 -25.08
C VAL G 210 -0.54 18.77 -26.36
N ASP G 211 -0.73 19.72 -27.30
CA ASP G 211 -1.38 19.43 -28.60
C ASP G 211 -0.67 18.33 -29.38
N LEU G 212 0.66 18.38 -29.43
CA LEU G 212 1.46 17.36 -30.10
C LEU G 212 1.18 15.97 -29.54
N ILE G 213 0.95 15.91 -28.23
CA ILE G 213 0.62 14.66 -27.57
C ILE G 213 -0.84 14.27 -27.82
N LYS G 214 -1.75 15.25 -27.76
CA LYS G 214 -3.17 15.04 -28.09
C LYS G 214 -3.36 14.43 -29.47
N ASN G 215 -2.70 15.01 -30.47
CA ASN G 215 -2.86 14.60 -31.87
C ASN G 215 -2.04 13.36 -32.27
N LYS G 216 -1.48 12.66 -31.27
CA LYS G 216 -0.74 11.40 -31.46
C LYS G 216 0.63 11.54 -32.14
N HIS G 217 1.17 12.76 -32.22
CA HIS G 217 2.49 12.99 -32.82
C HIS G 217 3.62 12.58 -31.87
N MET G 218 3.33 12.60 -30.57
CA MET G 218 4.26 12.13 -29.55
C MET G 218 3.55 11.33 -28.48
N ASN G 219 4.31 10.48 -27.80
CA ASN G 219 3.77 9.71 -26.69
C ASN G 219 4.04 10.45 -25.38
N ALA G 220 3.05 10.43 -24.49
CA ALA G 220 3.13 11.14 -23.21
C ALA G 220 4.31 10.68 -22.36
N ASP G 221 4.59 9.37 -22.40
CA ASP G 221 5.64 8.78 -21.55
C ASP G 221 6.94 8.48 -22.31
N THR G 222 7.40 9.43 -23.12
CA THR G 222 8.69 9.33 -23.80
C THR G 222 9.77 9.89 -22.87
N ASP G 223 10.67 9.05 -22.37
CA ASP G 223 11.78 9.51 -21.52
C ASP G 223 13.10 9.55 -22.28
N TYR G 224 14.21 9.84 -21.60
CA TYR G 224 15.52 9.94 -22.24
C TYR G 224 15.94 8.64 -22.90
N SER G 225 15.86 7.55 -22.15
CA SER G 225 16.32 6.25 -22.62
C SER G 225 15.65 5.85 -23.94
N ILE G 226 14.33 5.93 -23.95
CA ILE G 226 13.53 5.55 -25.13
C ILE G 226 13.92 6.37 -26.35
N ALA G 227 13.93 7.69 -26.19
CA ALA G 227 14.18 8.63 -27.28
C ALA G 227 15.57 8.49 -27.91
N GLU G 228 16.58 8.13 -27.12
CA GLU G 228 17.92 7.90 -27.65
C GLU G 228 17.92 6.67 -28.57
N ALA G 229 17.43 5.54 -28.07
CA ALA G 229 17.36 4.30 -28.84
C ALA G 229 16.50 4.46 -30.09
N ALA G 230 15.39 5.18 -29.97
CA ALA G 230 14.50 5.45 -31.10
C ALA G 230 15.25 6.15 -32.25
N PHE G 231 15.92 7.25 -31.95
CA PHE G 231 16.67 8.00 -32.97
C PHE G 231 17.91 7.25 -33.43
N ASN G 232 18.68 6.73 -32.48
CA ASN G 232 19.92 5.99 -32.80
C ASN G 232 19.70 4.81 -33.76
N LYS G 233 18.52 4.20 -33.70
CA LYS G 233 18.17 3.07 -34.58
C LYS G 233 17.26 3.49 -35.73
N GLY G 234 17.25 4.79 -36.05
CA GLY G 234 16.58 5.30 -37.26
C GLY G 234 15.09 5.06 -37.32
N GLU G 235 14.43 5.05 -36.16
CA GLU G 235 12.97 4.95 -36.09
C GLU G 235 12.33 6.33 -36.18
N THR G 236 13.08 7.36 -35.80
CA THR G 236 12.56 8.73 -35.78
C THR G 236 13.50 9.69 -36.51
N ALA G 237 12.90 10.69 -37.15
CA ALA G 237 13.65 11.62 -37.98
C ALA G 237 14.49 12.58 -37.16
N MET G 238 14.01 12.89 -35.96
CA MET G 238 14.63 13.91 -35.12
C MET G 238 14.59 13.58 -33.65
N THR G 239 15.60 14.10 -32.96
CA THR G 239 15.64 14.11 -31.51
C THR G 239 16.16 15.48 -31.05
N ILE G 240 16.10 15.70 -29.74
CA ILE G 240 16.64 16.90 -29.15
C ILE G 240 17.56 16.48 -28.02
N ASN G 241 18.81 16.91 -28.08
CA ASN G 241 19.80 16.46 -27.13
C ASN G 241 21.09 17.27 -27.21
N GLY G 242 22.00 16.95 -26.29
CA GLY G 242 23.30 17.62 -26.15
C GLY G 242 24.50 16.80 -26.60
N PRO G 243 25.72 17.37 -26.47
CA PRO G 243 26.99 16.75 -26.85
C PRO G 243 27.32 15.41 -26.18
N TRP G 244 26.80 15.21 -24.97
CA TRP G 244 26.97 13.95 -24.23
C TRP G 244 26.42 12.71 -24.97
N ALA G 245 25.37 12.91 -25.77
CA ALA G 245 24.72 11.81 -26.48
C ALA G 245 25.26 11.57 -27.89
N TRP G 246 26.22 12.38 -28.34
CA TRP G 246 26.78 12.30 -29.71
C TRP G 246 27.58 11.04 -29.97
N SER G 247 28.47 10.69 -29.06
CA SER G 247 29.33 9.53 -29.28
C SER G 247 28.53 8.23 -29.37
N ASN G 248 27.38 8.18 -28.70
CA ASN G 248 26.44 7.05 -28.82
C ASN G 248 25.79 6.95 -30.20
N ILE G 249 25.63 8.10 -30.87
CA ILE G 249 25.12 8.16 -32.26
C ILE G 249 26.25 7.83 -33.25
N ASP G 250 27.45 8.30 -32.96
CA ASP G 250 28.64 7.99 -33.76
C ASP G 250 28.78 6.48 -33.99
N THR G 251 28.62 5.71 -32.91
CA THR G 251 28.70 4.24 -32.98
C THR G 251 27.52 3.61 -33.73
N SER G 252 26.32 4.12 -33.49
CA SER G 252 25.13 3.65 -34.21
C SER G 252 25.24 3.93 -35.71
N LYS G 253 26.09 4.90 -36.06
CA LYS G 253 26.43 5.22 -37.45
C LYS G 253 25.32 5.92 -38.24
N VAL G 254 24.19 6.21 -37.59
CA VAL G 254 23.13 6.96 -38.24
C VAL G 254 23.75 8.22 -38.83
N ASN G 255 23.40 8.54 -40.08
CA ASN G 255 23.97 9.70 -40.74
C ASN G 255 23.25 10.96 -40.29
N TYR G 256 23.79 11.58 -39.24
CA TYR G 256 23.08 12.63 -38.52
C TYR G 256 23.71 14.00 -38.74
N GLY G 257 22.87 15.02 -38.64
CA GLY G 257 23.29 16.41 -38.59
C GLY G 257 22.89 16.99 -37.25
N VAL G 258 23.42 18.16 -36.95
CA VAL G 258 23.05 18.92 -35.75
C VAL G 258 22.86 20.37 -36.17
N THR G 259 21.77 21.00 -35.71
CA THR G 259 21.46 22.36 -36.15
C THR G 259 20.54 23.07 -35.17
N VAL G 260 20.26 24.36 -35.46
CA VAL G 260 19.47 25.22 -34.56
C VAL G 260 18.09 24.62 -34.27
N LEU G 261 17.65 24.75 -33.02
CA LEU G 261 16.36 24.26 -32.60
C LEU G 261 15.33 25.15 -33.30
N PRO G 262 14.21 24.55 -33.77
CA PRO G 262 13.25 25.34 -34.56
C PRO G 262 12.68 26.57 -33.84
N THR G 263 12.18 27.52 -34.60
CA THR G 263 11.55 28.70 -34.03
C THR G 263 10.09 28.39 -33.66
N PHE G 264 9.58 29.03 -32.61
CA PHE G 264 8.15 29.00 -32.28
C PHE G 264 7.61 30.44 -32.31
N LYS G 265 6.44 30.64 -32.93
CA LYS G 265 5.91 31.98 -33.15
C LYS G 265 7.04 32.92 -33.55
N GLY G 266 7.84 32.46 -34.52
CA GLY G 266 8.95 33.24 -35.06
C GLY G 266 10.13 33.44 -34.13
N GLN G 267 9.97 33.02 -32.87
CA GLN G 267 10.98 33.25 -31.84
C GLN G 267 11.83 31.99 -31.68
N PRO G 268 13.14 32.18 -31.40
CA PRO G 268 14.03 31.03 -31.23
C PRO G 268 13.63 30.18 -30.03
N SER G 269 13.91 28.89 -30.09
CA SER G 269 13.73 28.04 -28.92
C SER G 269 14.69 28.51 -27.84
N LYS G 270 14.25 28.40 -26.59
CA LYS G 270 14.93 29.01 -25.45
C LYS G 270 15.44 27.90 -24.51
N PRO G 271 16.46 27.14 -24.96
CA PRO G 271 16.95 26.02 -24.18
C PRO G 271 17.93 26.48 -23.13
N PHE G 272 18.01 25.73 -22.03
CA PHE G 272 18.90 26.12 -20.94
C PHE G 272 20.36 25.99 -21.36
N VAL G 273 21.16 26.94 -20.87
CA VAL G 273 22.58 27.03 -21.16
C VAL G 273 23.39 26.85 -19.89
N GLY G 274 24.14 25.75 -19.81
CA GLY G 274 24.99 25.46 -18.66
C GLY G 274 26.42 25.77 -19.04
N VAL G 275 27.04 26.74 -18.34
CA VAL G 275 28.41 27.15 -18.61
C VAL G 275 29.40 26.59 -17.59
N LEU G 276 30.22 25.61 -18.00
CA LEU G 276 31.25 25.05 -17.12
C LEU G 276 32.18 26.17 -16.65
N SER G 277 32.18 26.41 -15.33
CA SER G 277 32.89 27.54 -14.74
C SER G 277 33.95 27.11 -13.73
N ALA G 278 35.07 27.82 -13.72
CA ALA G 278 36.16 27.59 -12.76
C ALA G 278 36.12 28.64 -11.63
N GLY G 279 35.88 28.18 -10.40
CA GLY G 279 35.87 29.07 -9.24
C GLY G 279 37.13 28.98 -8.38
N ILE G 280 37.30 29.97 -7.49
CA ILE G 280 38.44 30.01 -6.58
C ILE G 280 38.00 30.10 -5.12
N ASN G 281 38.59 29.26 -4.26
CA ASN G 281 38.23 29.19 -2.84
C ASN G 281 38.45 30.54 -2.16
N ALA G 282 37.48 31.01 -1.40
CA ALA G 282 37.53 32.34 -0.78
C ALA G 282 38.83 32.56 -0.01
N ALA G 283 39.12 31.64 0.92
CA ALA G 283 40.33 31.72 1.76
C ALA G 283 41.44 30.79 1.27
N SER G 284 41.75 30.88 -0.03
CA SER G 284 42.89 30.15 -0.63
C SER G 284 44.16 30.96 -0.45
N PRO G 285 45.26 30.30 -0.04
CA PRO G 285 46.52 31.03 0.14
C PRO G 285 47.01 31.62 -1.17
N ASN G 286 46.89 30.85 -2.25
CA ASN G 286 47.36 31.23 -3.57
C ASN G 286 46.25 31.97 -4.35
N LYS G 287 46.12 33.26 -4.10
CA LYS G 287 45.11 34.11 -4.77
C LYS G 287 45.51 34.45 -6.21
N GLU G 288 46.64 35.13 -6.35
CA GLU G 288 47.14 35.59 -7.66
C GLU G 288 47.72 34.47 -8.52
N LEU G 289 48.14 33.38 -7.88
CA LEU G 289 48.64 32.20 -8.58
C LEU G 289 47.50 31.43 -9.28
N ALA G 290 46.31 31.38 -8.67
CA ALA G 290 45.15 30.70 -9.26
C ALA G 290 44.63 31.46 -10.47
N LYS G 291 44.40 32.76 -10.28
CA LYS G 291 44.11 33.68 -11.39
C LYS G 291 45.11 33.52 -12.54
N GLU G 292 46.40 33.49 -12.20
CA GLU G 292 47.50 33.30 -13.16
C GLU G 292 47.35 32.03 -14.04
N PHE G 293 46.92 30.92 -13.43
CA PHE G 293 46.77 29.64 -14.14
C PHE G 293 45.63 29.65 -15.15
N LEU G 294 44.49 30.16 -14.73
CA LEU G 294 43.30 30.20 -15.58
C LEU G 294 43.45 31.22 -16.73
N GLU G 295 43.77 32.47 -16.37
CA GLU G 295 43.86 33.56 -17.36
C GLU G 295 44.93 33.36 -18.45
N ASN G 296 46.09 32.82 -18.07
CA ASN G 296 47.24 32.76 -19.00
C ASN G 296 47.56 31.38 -19.56
N TYR G 297 47.00 30.32 -18.98
CA TYR G 297 47.38 28.94 -19.35
C TYR G 297 46.23 28.05 -19.80
N LEU G 298 45.13 28.02 -19.07
CA LEU G 298 43.95 27.23 -19.48
C LEU G 298 43.15 27.96 -20.55
N LEU G 299 42.63 29.14 -20.23
CA LEU G 299 41.81 29.92 -21.15
C LEU G 299 42.66 30.55 -22.25
N THR G 300 43.22 29.66 -23.06
CA THR G 300 44.05 29.97 -24.23
C THR G 300 43.85 28.82 -25.21
N ASP G 301 44.25 29.03 -26.46
CA ASP G 301 44.07 28.00 -27.48
C ASP G 301 44.74 26.67 -27.09
N GLU G 302 45.98 26.76 -26.60
CA GLU G 302 46.79 25.56 -26.30
C GLU G 302 46.23 24.77 -25.12
N GLY G 303 45.87 25.48 -24.05
CA GLY G 303 45.36 24.87 -22.83
C GLY G 303 44.02 24.17 -23.00
N LEU G 304 43.07 24.87 -23.61
CA LEU G 304 41.76 24.31 -23.92
C LEU G 304 41.84 23.13 -24.89
N GLU G 305 42.81 23.19 -25.80
CA GLU G 305 43.08 22.10 -26.75
C GLU G 305 43.48 20.81 -26.04
N ALA G 306 44.43 20.92 -25.11
CA ALA G 306 44.89 19.77 -24.31
C ALA G 306 43.72 19.08 -23.61
N VAL G 307 42.87 19.89 -22.98
CA VAL G 307 41.65 19.38 -22.32
C VAL G 307 40.67 18.77 -23.32
N ASN G 308 40.46 19.47 -24.44
CA ASN G 308 39.57 19.02 -25.51
C ASN G 308 40.05 17.73 -26.17
N LYS G 309 41.37 17.54 -26.23
CA LYS G 309 41.95 16.30 -26.76
C LYS G 309 41.76 15.12 -25.83
N ASP G 310 41.56 15.36 -24.54
CA ASP G 310 41.28 14.27 -23.58
C ASP G 310 39.79 13.91 -23.59
N LYS G 311 38.93 14.91 -23.44
CA LYS G 311 37.49 14.74 -23.67
C LYS G 311 36.83 16.05 -24.17
N PRO G 312 36.00 15.93 -25.24
CA PRO G 312 35.37 17.10 -25.85
C PRO G 312 34.55 17.95 -24.87
N LEU G 313 34.91 19.23 -24.77
CA LEU G 313 34.22 20.18 -23.89
C LEU G 313 32.89 20.69 -24.48
N GLY G 314 32.74 20.59 -25.80
CA GLY G 314 31.62 21.20 -26.53
C GLY G 314 31.98 22.57 -27.05
N ALA G 315 31.05 23.51 -26.98
CA ALA G 315 31.38 24.92 -27.25
C ALA G 315 32.21 25.48 -26.11
N VAL G 316 33.18 26.33 -26.43
CA VAL G 316 34.05 26.94 -25.41
C VAL G 316 33.80 28.45 -25.33
N ALA G 317 33.99 29.03 -24.13
CA ALA G 317 33.74 30.46 -23.90
C ALA G 317 34.80 31.38 -24.50
N LEU G 318 35.96 30.82 -24.82
CA LEU G 318 37.07 31.58 -25.44
C LEU G 318 36.84 31.77 -26.94
N LYS G 319 36.80 33.02 -27.41
CA LYS G 319 36.53 33.34 -28.82
C LYS G 319 37.54 32.71 -29.78
N SER G 320 38.82 32.96 -29.54
CA SER G 320 39.91 32.46 -30.38
C SER G 320 39.80 30.96 -30.67
N TYR G 321 39.42 30.17 -29.68
CA TYR G 321 39.31 28.73 -29.87
C TYR G 321 37.92 28.27 -30.38
N GLU G 322 36.84 28.94 -29.94
CA GLU G 322 35.48 28.59 -30.38
C GLU G 322 35.34 28.72 -31.90
N GLU G 323 35.98 29.73 -32.48
CA GLU G 323 36.00 29.88 -33.93
C GLU G 323 36.80 28.75 -34.63
N GLU G 324 37.73 28.14 -33.90
CA GLU G 324 38.42 26.92 -34.37
C GLU G 324 37.53 25.67 -34.29
N LEU G 325 36.93 25.44 -33.12
CA LEU G 325 36.05 24.29 -32.91
C LEU G 325 34.78 24.37 -33.79
N ALA G 326 34.29 25.59 -34.03
CA ALA G 326 33.05 25.80 -34.80
C ALA G 326 33.16 25.43 -36.27
N LYS G 327 34.37 25.13 -36.73
CA LYS G 327 34.56 24.46 -38.01
C LYS G 327 33.78 23.16 -37.99
N ASP G 328 33.61 22.58 -36.80
CA ASP G 328 32.67 21.50 -36.62
C ASP G 328 31.29 22.14 -36.55
N PRO G 329 30.43 21.91 -37.57
CA PRO G 329 29.11 22.54 -37.59
C PRO G 329 28.28 22.20 -36.35
N ARG G 330 28.51 21.01 -35.80
CA ARG G 330 27.85 20.57 -34.58
C ARG G 330 28.15 21.53 -33.44
N ILE G 331 29.43 21.81 -33.22
CA ILE G 331 29.87 22.71 -32.15
C ILE G 331 29.37 24.14 -32.34
N ALA G 332 29.37 24.61 -33.59
CA ALA G 332 28.82 25.93 -33.94
C ALA G 332 27.32 26.02 -33.65
N ALA G 333 26.60 24.93 -33.92
CA ALA G 333 25.15 24.81 -33.69
C ALA G 333 24.75 24.82 -32.21
N THR G 334 25.56 24.16 -31.38
CA THR G 334 25.37 24.15 -29.92
C THR G 334 25.59 25.54 -29.35
N MET G 335 26.61 26.22 -29.86
CA MET G 335 26.92 27.59 -29.46
C MET G 335 25.82 28.55 -29.90
N GLU G 336 25.26 28.32 -31.08
CA GLU G 336 24.16 29.18 -31.55
C GLU G 336 22.99 29.08 -30.57
N ASN G 337 22.54 27.86 -30.31
CA ASN G 337 21.46 27.61 -29.35
C ASN G 337 21.74 28.15 -27.94
N ALA G 338 23.02 28.26 -27.57
CA ALA G 338 23.42 28.84 -26.28
C ALA G 338 23.20 30.35 -26.25
N GLN G 339 23.56 31.02 -27.34
CA GLN G 339 23.39 32.47 -27.45
C GLN G 339 21.92 32.87 -27.49
N LYS G 340 21.11 32.01 -28.11
CA LYS G 340 19.67 32.18 -28.18
C LYS G 340 18.94 31.48 -27.02
N GLY G 341 19.69 31.08 -25.98
CA GLY G 341 19.13 30.37 -24.85
C GLY G 341 19.16 31.11 -23.52
N GLU G 342 18.59 30.43 -22.51
CA GLU G 342 18.44 30.96 -21.15
C GLU G 342 19.53 30.41 -20.22
N ILE G 343 20.31 31.30 -19.62
CA ILE G 343 21.33 30.89 -18.64
C ILE G 343 20.63 30.40 -17.39
N MET G 344 21.12 29.30 -16.81
CA MET G 344 20.49 28.69 -15.63
C MET G 344 20.66 29.65 -14.44
N PRO G 345 19.54 30.08 -13.83
CA PRO G 345 19.70 30.91 -12.65
C PRO G 345 20.52 30.19 -11.58
N ASN G 346 21.56 30.86 -11.08
CA ASN G 346 22.36 30.33 -9.98
C ASN G 346 21.81 30.79 -8.62
N ILE G 347 20.53 30.50 -8.40
CA ILE G 347 19.88 30.81 -7.12
C ILE G 347 19.23 29.55 -6.57
N PRO G 348 19.18 29.40 -5.23
CA PRO G 348 18.56 28.21 -4.62
C PRO G 348 17.11 27.95 -5.07
N GLN G 349 16.32 29.01 -5.21
CA GLN G 349 14.87 28.93 -5.48
C GLN G 349 14.54 28.09 -6.72
N MET G 350 15.52 27.97 -7.62
CA MET G 350 15.38 27.23 -8.88
C MET G 350 14.99 25.77 -8.73
N SER G 351 15.37 25.14 -7.64
CA SER G 351 15.12 23.71 -7.47
C SER G 351 13.62 23.38 -7.29
N ALA G 352 12.82 24.38 -6.95
CA ALA G 352 11.37 24.22 -6.93
C ALA G 352 10.86 24.16 -8.35
N PHE G 353 11.46 24.98 -9.23
CA PHE G 353 11.16 25.01 -10.67
C PHE G 353 11.09 23.62 -11.30
N TRP G 354 12.16 22.85 -11.17
CA TRP G 354 12.29 21.57 -11.85
C TRP G 354 11.13 20.65 -11.49
N TYR G 355 10.80 20.63 -10.21
CA TYR G 355 9.71 19.82 -9.68
C TYR G 355 8.33 20.32 -10.09
N ALA G 356 8.08 21.59 -9.79
CA ALA G 356 6.79 22.22 -10.06
C ALA G 356 6.42 21.99 -11.50
N VAL G 357 7.36 22.31 -12.38
CA VAL G 357 7.18 22.15 -13.80
C VAL G 357 7.07 20.67 -14.17
N ARG G 358 7.91 19.81 -13.59
CA ARG G 358 7.86 18.37 -13.91
C ARG G 358 6.46 17.81 -13.68
N THR G 359 5.84 18.16 -12.55
CA THR G 359 4.46 17.77 -12.30
C THR G 359 3.53 18.45 -13.29
N ALA G 360 3.74 19.76 -13.47
CA ALA G 360 2.92 20.55 -14.38
C ALA G 360 2.86 19.89 -15.76
N VAL G 361 4.03 19.50 -16.26
CA VAL G 361 4.14 18.85 -17.57
C VAL G 361 3.33 17.56 -17.63
N ILE G 362 3.52 16.67 -16.65
CA ILE G 362 2.78 15.42 -16.62
C ILE G 362 1.27 15.68 -16.46
N ASN G 363 0.91 16.66 -15.62
CA ASN G 363 -0.50 16.98 -15.35
C ASN G 363 -1.24 17.56 -16.56
N ALA G 364 -0.58 18.47 -17.29
CA ALA G 364 -1.15 19.03 -18.52
C ALA G 364 -1.16 18.02 -19.67
N ALA G 365 -0.15 17.16 -19.74
CA ALA G 365 -0.05 16.15 -20.81
C ALA G 365 -1.10 15.05 -20.65
N SER G 366 -1.06 14.34 -19.51
CA SER G 366 -2.00 13.24 -19.24
C SER G 366 -3.44 13.73 -18.93
N GLY G 367 -3.63 15.05 -18.82
CA GLY G 367 -4.97 15.64 -18.72
C GLY G 367 -5.55 15.75 -17.32
N ARG G 368 -4.70 15.70 -16.30
CA ARG G 368 -5.14 15.84 -14.91
C ARG G 368 -5.33 17.32 -14.52
N GLN G 369 -4.72 18.21 -15.29
CA GLN G 369 -4.97 19.65 -15.19
C GLN G 369 -5.00 20.28 -16.58
N THR G 370 -5.57 21.48 -16.68
CA THR G 370 -5.46 22.27 -17.91
C THR G 370 -4.18 23.09 -17.87
N VAL G 371 -3.77 23.58 -19.04
CA VAL G 371 -2.52 24.34 -19.21
C VAL G 371 -2.47 25.59 -18.33
N ASP G 372 -3.60 26.30 -18.21
CA ASP G 372 -3.66 27.53 -17.41
C ASP G 372 -3.50 27.27 -15.92
N GLU G 373 -4.19 26.24 -15.42
CA GLU G 373 -4.18 25.92 -13.99
C GLU G 373 -2.93 25.15 -13.56
N ALA G 374 -2.33 24.43 -14.51
CA ALA G 374 -1.07 23.74 -14.26
C ALA G 374 0.06 24.75 -14.04
N LEU G 375 0.16 25.73 -14.94
CA LEU G 375 1.22 26.75 -14.88
C LEU G 375 1.01 27.76 -13.75
N LYS G 376 -0.23 27.86 -13.26
CA LYS G 376 -0.56 28.76 -12.15
C LYS G 376 -0.11 28.17 -10.81
N ASP G 377 -0.14 26.85 -10.71
CA ASP G 377 0.41 26.17 -9.53
C ASP G 377 1.94 26.28 -9.52
N ALA G 378 2.56 26.24 -10.71
CA ALA G 378 4.00 26.46 -10.85
C ALA G 378 4.36 27.85 -10.36
N GLN G 379 3.67 28.86 -10.90
CA GLN G 379 3.78 30.26 -10.45
C GLN G 379 3.72 30.42 -8.91
N THR G 380 2.82 29.66 -8.25
CA THR G 380 2.62 29.74 -6.81
C THR G 380 3.74 29.06 -6.02
N ARG G 381 3.95 27.77 -6.29
CA ARG G 381 4.93 26.97 -5.52
C ARG G 381 6.31 27.62 -5.53
N ILE G 382 6.67 28.21 -6.66
CA ILE G 382 7.92 28.91 -6.77
C ILE G 382 7.81 30.23 -5.99
N THR G 383 8.84 30.53 -5.20
CA THR G 383 8.99 31.80 -4.49
C THR G 383 8.08 31.95 -3.24
N ALA G 384 8.70 31.89 -2.05
CA ALA G 384 8.04 32.25 -0.77
C ALA G 384 8.88 32.05 0.51
N ALA G 385 10.19 31.81 0.38
CA ALA G 385 11.02 31.32 1.52
C ALA G 385 10.39 30.09 2.21
N ARG G 386 9.30 29.60 1.62
CA ARG G 386 8.44 28.54 2.17
C ARG G 386 9.25 27.28 2.36
N ASP G 387 10.15 27.02 1.40
CA ASP G 387 11.10 25.93 1.50
C ASP G 387 10.38 24.80 2.24
N GLY G 388 10.83 24.48 3.46
CA GLY G 388 10.13 23.56 4.33
C GLY G 388 10.22 22.18 3.77
N LEU G 389 9.41 21.89 2.75
CA LEU G 389 9.45 20.60 2.09
C LEU G 389 10.80 20.44 1.39
N ARG G 390 11.30 21.50 0.78
CA ARG G 390 12.62 21.49 0.14
C ARG G 390 13.71 21.20 1.14
N ALA G 391 13.65 21.87 2.28
CA ALA G 391 14.59 21.63 3.37
C ALA G 391 14.65 20.15 3.70
N VAL G 392 13.49 19.51 3.68
CA VAL G 392 13.42 18.08 3.97
C VAL G 392 13.99 17.23 2.85
N MSE G 393 13.89 17.66 1.60
CA MSE G 393 14.48 16.89 0.50
C MSE G 393 15.99 17.09 0.35
O MSE G 393 16.70 16.18 -0.11
CB MSE G 393 13.83 17.27 -0.81
CG MSE G 393 12.37 17.11 -0.82
SE MSE G 393 11.86 17.61 -2.60
CE MSE G 393 13.13 19.04 -3.00
N GLU G 394 16.46 18.28 0.69
CA GLU G 394 17.88 18.58 0.73
C GLU G 394 18.53 17.80 1.86
N ALA G 395 17.83 17.64 2.99
CA ALA G 395 18.28 16.72 4.04
C ALA G 395 18.31 15.27 3.50
N ARG G 396 17.31 14.90 2.71
CA ARG G 396 17.22 13.55 2.14
C ARG G 396 18.44 13.21 1.27
N ASN G 397 18.94 14.18 0.52
CA ASN G 397 20.13 13.98 -0.31
C ASN G 397 21.40 14.10 0.53
N VAL G 398 21.43 15.09 1.42
CA VAL G 398 22.51 15.19 2.40
C VAL G 398 22.79 13.87 3.13
N THR G 399 21.76 13.10 3.48
CA THR G 399 21.98 11.84 4.18
C THR G 399 22.57 10.77 3.27
N HIS G 400 22.42 10.91 1.97
CA HIS G 400 23.15 10.02 1.09
C HIS G 400 24.64 10.34 1.17
N LEU G 401 24.99 11.63 1.18
CA LEU G 401 26.39 12.05 1.31
C LEU G 401 26.96 11.62 2.64
N LEU G 402 26.17 11.77 3.69
CA LEU G 402 26.55 11.30 5.00
C LEU G 402 26.78 9.82 5.01
N GLN G 403 25.92 9.06 4.35
CA GLN G 403 26.04 7.59 4.32
C GLN G 403 27.29 7.15 3.54
N GLN G 404 27.73 7.96 2.56
CA GLN G 404 28.97 7.66 1.84
C GLN G 404 30.16 7.95 2.73
N GLU G 405 30.06 9.00 3.53
CA GLU G 405 31.17 9.41 4.37
C GLU G 405 31.36 8.44 5.49
N LEU G 406 30.26 7.98 6.08
CA LEU G 406 30.35 6.97 7.10
C LEU G 406 30.89 5.66 6.53
N THR G 407 30.57 5.36 5.28
CA THR G 407 31.21 4.21 4.60
C THR G 407 32.73 4.32 4.54
N GLU G 408 33.22 5.38 3.91
CA GLU G 408 34.65 5.69 3.85
C GLU G 408 35.36 5.58 5.21
N ALA G 409 34.76 6.17 6.24
CA ALA G 409 35.31 6.16 7.60
C ALA G 409 35.32 4.76 8.19
N GLN G 410 34.27 3.98 7.97
CA GLN G 410 34.29 2.58 8.40
C GLN G 410 35.43 1.81 7.77
N LYS G 411 35.58 1.88 6.45
CA LYS G 411 36.66 1.12 5.83
C LYS G 411 37.99 1.79 6.07
N GLY G 412 37.98 3.03 6.55
CA GLY G 412 39.18 3.62 7.12
C GLY G 412 39.65 2.86 8.35
N PHE G 413 38.78 2.67 9.32
CA PHE G 413 39.11 1.91 10.54
C PHE G 413 39.48 0.47 10.25
N GLN G 414 38.65 -0.20 9.47
CA GLN G 414 38.88 -1.62 9.15
C GLN G 414 40.22 -1.90 8.47
N ASP G 415 40.72 -0.91 7.73
CA ASP G 415 42.02 -1.04 7.11
C ASP G 415 43.07 -0.88 8.22
N VAL G 416 42.96 0.17 9.04
CA VAL G 416 43.98 0.43 10.07
C VAL G 416 44.03 -0.68 11.09
N GLU G 417 42.85 -1.13 11.49
CA GLU G 417 42.73 -2.28 12.36
C GLU G 417 43.58 -3.44 11.82
N ALA G 418 43.36 -3.79 10.55
CA ALA G 418 44.07 -4.87 9.85
C ALA G 418 45.56 -4.73 10.01
N GLN G 419 46.07 -3.54 9.67
CA GLN G 419 47.49 -3.28 9.74
C GLN G 419 47.95 -3.07 11.19
N ALA G 420 47.12 -2.51 12.05
CA ALA G 420 47.46 -2.49 13.47
C ALA G 420 47.58 -3.89 14.07
N ALA G 421 46.72 -4.84 13.63
CA ALA G 421 46.81 -6.26 14.06
C ALA G 421 48.13 -6.90 13.67
N THR G 422 48.72 -6.48 12.53
CA THR G 422 49.99 -7.07 12.07
C THR G 422 51.16 -6.53 12.88
N ALA G 423 51.15 -5.25 13.23
CA ALA G 423 52.22 -4.72 14.06
C ALA G 423 52.07 -5.30 15.45
N ASN G 424 50.86 -5.60 15.85
CA ASN G 424 50.72 -6.30 17.11
C ASN G 424 51.26 -7.73 17.08
N HIS G 425 51.12 -8.40 15.95
CA HIS G 425 51.77 -9.70 15.76
C HIS G 425 53.23 -9.67 16.21
N THR G 426 53.98 -8.72 15.69
CA THR G 426 55.38 -8.59 16.01
C THR G 426 55.59 -8.21 17.46
N VAL G 427 54.71 -7.39 18.02
CA VAL G 427 54.90 -6.94 19.38
C VAL G 427 54.76 -8.06 20.35
N MSE G 428 53.75 -8.90 20.17
CA MSE G 428 53.55 -10.02 21.09
C MSE G 428 54.55 -11.14 20.91
O MSE G 428 54.96 -11.76 21.88
CB MSE G 428 52.17 -10.57 20.96
CG MSE G 428 51.16 -9.58 21.45
SE MSE G 428 49.44 -10.10 20.89
CE MSE G 428 49.70 -10.22 18.94
N ALA G 429 54.97 -11.41 19.69
CA ALA G 429 56.00 -12.40 19.47
C ALA G 429 57.24 -12.09 20.32
N LEU G 430 57.71 -10.84 20.23
CA LEU G 430 58.81 -10.33 21.04
C LEU G 430 58.52 -10.37 22.54
N MSE G 431 57.43 -9.77 23.00
CA MSE G 431 57.07 -9.90 24.41
C MSE G 431 57.06 -11.34 24.88
O MSE G 431 57.41 -11.59 26.01
CB MSE G 431 55.71 -9.28 24.73
CG MSE G 431 55.74 -7.85 25.30
SE MSE G 431 53.98 -6.92 25.13
CE MSE G 431 53.97 -5.94 26.83
N ALA G 432 56.66 -12.30 24.04
CA ALA G 432 56.64 -13.71 24.48
C ALA G 432 58.06 -14.26 24.61
N SER G 433 58.87 -14.01 23.59
CA SER G 433 60.27 -14.35 23.64
C SER G 433 60.92 -13.76 24.89
N LEU G 434 60.58 -12.52 25.21
CA LEU G 434 61.24 -11.82 26.29
C LEU G 434 60.83 -12.48 27.57
N ASP G 435 59.55 -12.78 27.70
CA ASP G 435 59.04 -13.45 28.89
C ASP G 435 59.60 -14.85 29.09
N ALA G 436 59.90 -15.56 28.01
CA ALA G 436 60.53 -16.87 28.11
C ALA G 436 61.97 -16.72 28.53
N GLU G 437 62.66 -15.77 27.89
CA GLU G 437 64.05 -15.49 28.19
C GLU G 437 64.14 -15.27 29.68
N LYS G 438 63.34 -14.33 30.21
CA LYS G 438 63.39 -14.02 31.65
C LYS G 438 63.13 -15.24 32.52
N ALA G 439 62.16 -16.08 32.17
CA ALA G 439 61.82 -17.28 32.96
C ALA G 439 62.96 -18.28 32.89
N GLN G 440 63.47 -18.49 31.68
CA GLN G 440 64.56 -19.41 31.44
C GLN G 440 65.72 -19.00 32.32
N GLY G 441 66.08 -17.72 32.24
CA GLY G 441 67.25 -17.17 32.91
C GLY G 441 67.13 -16.98 34.40
N GLN G 442 65.92 -16.81 34.91
CA GLN G 442 65.72 -16.64 36.34
C GLN G 442 65.66 -18.01 37.04
N LYS G 443 65.36 -19.06 36.27
CA LYS G 443 65.35 -20.45 36.78
C LYS G 443 66.78 -20.97 36.92
N LYS G 444 67.63 -20.62 35.98
CA LYS G 444 69.03 -20.98 36.10
C LYS G 444 69.66 -20.29 37.32
N VAL G 445 69.35 -19.01 37.51
CA VAL G 445 69.93 -18.26 38.61
C VAL G 445 69.61 -18.86 39.96
N GLU G 446 68.35 -19.17 40.23
CA GLU G 446 68.02 -19.76 41.53
C GLU G 446 68.54 -21.18 41.67
N GLU G 447 68.80 -21.86 40.56
CA GLU G 447 69.41 -23.16 40.61
C GLU G 447 70.82 -23.04 41.18
N LEU G 448 71.57 -22.06 40.67
CA LEU G 448 72.94 -21.83 41.10
C LEU G 448 73.00 -21.32 42.52
N GLU G 449 72.25 -20.26 42.82
CA GLU G 449 72.22 -19.72 44.17
C GLU G 449 71.96 -20.81 45.19
N GLY G 450 71.26 -21.86 44.76
CA GLY G 450 71.04 -23.06 45.58
C GLY G 450 72.31 -23.84 45.80
N GLU G 451 73.01 -24.17 44.72
CA GLU G 451 74.31 -24.80 44.83
C GLU G 451 75.21 -23.98 45.74
N ILE G 452 75.18 -22.66 45.56
CA ILE G 452 76.00 -21.75 46.36
C ILE G 452 75.75 -21.84 47.84
N THR G 453 74.50 -21.73 48.27
CA THR G 453 74.18 -21.88 49.71
C THR G 453 74.40 -23.31 50.19
N THR G 454 74.33 -24.29 49.28
CA THR G 454 74.67 -25.67 49.62
C THR G 454 76.14 -25.75 49.97
N LEU G 455 76.99 -25.32 49.03
CA LEU G 455 78.43 -25.36 49.26
C LEU G 455 78.77 -24.59 50.52
N ASN G 456 78.27 -23.35 50.63
CA ASN G 456 78.54 -22.53 51.81
C ASN G 456 78.39 -23.29 53.12
N HIS G 457 77.34 -24.09 53.22
CA HIS G 457 77.10 -24.89 54.41
C HIS G 457 78.10 -26.03 54.52
N LYS G 458 78.36 -26.71 53.39
CA LYS G 458 79.32 -27.82 53.37
C LYS G 458 80.72 -27.33 53.70
N LEU G 459 81.05 -26.14 53.20
CA LEU G 459 82.32 -25.51 53.53
C LEU G 459 82.34 -25.05 54.98
N GLN G 460 81.26 -24.44 55.45
CA GLN G 460 81.19 -23.97 56.84
C GLN G 460 81.44 -25.11 57.82
N ASP G 461 80.91 -26.29 57.52
CA ASP G 461 81.14 -27.47 58.34
C ASP G 461 82.61 -27.86 58.32
N ALA G 462 83.10 -28.30 57.17
CA ALA G 462 84.52 -28.65 57.00
C ALA G 462 85.47 -27.57 57.54
N SER G 463 85.11 -26.30 57.33
CA SER G 463 85.89 -25.16 57.79
C SER G 463 85.86 -25.04 59.31
N ALA G 464 84.66 -25.08 59.87
CA ALA G 464 84.50 -25.01 61.34
C ALA G 464 85.09 -26.22 62.06
N GLU G 465 85.44 -27.27 61.30
CA GLU G 465 86.00 -28.48 61.89
C GLU G 465 87.47 -28.74 61.55
N VAL G 466 88.13 -27.77 60.93
CA VAL G 466 89.58 -27.66 61.02
C VAL G 466 89.89 -26.70 62.18
N GLU G 467 89.13 -25.61 62.28
CA GLU G 467 89.32 -24.63 63.34
C GLU G 467 89.13 -25.24 64.72
N ARG G 468 88.00 -25.91 64.95
CA ARG G 468 87.79 -26.61 66.22
C ARG G 468 88.66 -27.85 66.23
N LEU G 469 88.13 -28.97 65.75
CA LEU G 469 88.85 -30.20 65.83
C LEU G 469 90.21 -29.99 65.23
N ARG G 470 91.14 -29.63 66.12
CA ARG G 470 92.58 -29.85 65.97
C ARG G 470 93.49 -28.57 65.94
N ARG G 471 93.91 -28.12 64.75
CA ARG G 471 95.00 -27.13 64.56
C ARG G 471 96.37 -27.73 64.89
N GLU H 18 47.90 32.15 42.21
CA GLU H 18 48.88 32.54 43.28
C GLU H 18 48.30 33.54 44.29
N GLY H 19 47.52 33.03 45.24
CA GLY H 19 46.89 33.84 46.29
C GLY H 19 45.55 34.45 45.90
N LYS H 20 44.77 33.74 45.07
CA LYS H 20 43.46 34.22 44.60
C LYS H 20 42.61 33.09 44.02
N LEU H 21 41.35 33.01 44.47
CA LEU H 21 40.45 31.86 44.20
C LEU H 21 39.33 32.14 43.19
N VAL H 22 39.39 31.49 42.05
CA VAL H 22 38.35 31.64 41.03
C VAL H 22 37.47 30.37 40.95
N ILE H 23 36.16 30.58 40.90
CA ILE H 23 35.21 29.49 40.98
C ILE H 23 34.19 29.53 39.85
N TRP H 24 34.08 28.44 39.13
CA TRP H 24 33.02 28.32 38.16
C TRP H 24 31.83 27.64 38.78
N ILE H 25 30.64 28.08 38.37
CA ILE H 25 29.38 27.53 38.78
C ILE H 25 28.36 27.92 37.73
N ASN H 26 27.43 27.04 37.43
CA ASN H 26 26.48 27.28 36.36
C ASN H 26 25.61 28.47 36.67
N GLY H 27 25.13 29.15 35.62
CA GLY H 27 24.39 30.41 35.73
C GLY H 27 23.03 30.36 36.40
N ASP H 28 22.39 29.19 36.39
CA ASP H 28 21.07 28.99 37.01
C ASP H 28 21.13 28.69 38.49
N LYS H 29 22.34 28.55 39.02
CA LYS H 29 22.56 28.42 40.45
C LYS H 29 22.66 29.82 41.09
N GLY H 30 22.63 29.86 42.42
CA GLY H 30 22.74 31.08 43.16
C GLY H 30 24.18 31.48 43.27
N TYR H 31 24.68 32.18 42.26
CA TYR H 31 26.08 32.59 42.24
C TYR H 31 26.30 33.90 42.98
N ASN H 32 25.26 34.71 43.10
CA ASN H 32 25.37 35.89 43.97
C ASN H 32 25.49 35.42 45.41
N GLY H 33 24.67 34.45 45.79
CA GLY H 33 24.77 33.83 47.11
C GLY H 33 26.18 33.33 47.41
N LEU H 34 26.77 32.59 46.47
CA LEU H 34 28.14 32.11 46.63
C LEU H 34 29.14 33.26 46.69
N ALA H 35 28.91 34.31 45.89
CA ALA H 35 29.75 35.50 45.93
C ALA H 35 29.79 36.01 47.36
N GLU H 36 28.64 36.00 48.02
CA GLU H 36 28.57 36.47 49.40
C GLU H 36 29.49 35.66 50.31
N VAL H 37 29.53 34.36 50.06
CA VAL H 37 30.38 33.46 50.83
C VAL H 37 31.85 33.70 50.52
N GLY H 38 32.16 34.11 49.30
CA GLY H 38 33.52 34.49 48.94
C GLY H 38 34.01 35.75 49.64
N LYS H 39 33.09 36.66 49.95
CA LYS H 39 33.41 37.92 50.64
C LYS H 39 33.58 37.72 52.14
N LYS H 40 32.76 36.84 52.73
CA LYS H 40 33.00 36.42 54.11
C LYS H 40 34.36 35.73 54.21
N PHE H 41 34.77 35.06 53.13
CA PHE H 41 36.07 34.41 53.05
C PHE H 41 37.19 35.42 52.79
N GLU H 42 36.93 36.34 51.87
CA GLU H 42 37.89 37.41 51.55
C GLU H 42 38.20 38.25 52.78
N LYS H 43 37.20 38.41 53.64
CA LYS H 43 37.35 39.18 54.88
C LYS H 43 38.25 38.44 55.86
N ASP H 44 37.84 37.23 56.25
CA ASP H 44 38.49 36.50 57.34
C ASP H 44 39.89 35.96 57.04
N THR H 45 40.29 35.97 55.77
CA THR H 45 41.69 35.67 55.41
C THR H 45 42.34 36.86 54.71
N GLY H 46 41.81 37.22 53.54
CA GLY H 46 42.38 38.25 52.67
C GLY H 46 42.61 37.81 51.23
N ILE H 47 42.17 36.58 50.92
CA ILE H 47 42.25 36.03 49.58
C ILE H 47 40.98 36.39 48.82
N LYS H 48 41.11 37.09 47.70
CA LYS H 48 39.96 37.51 46.89
C LYS H 48 39.35 36.30 46.17
N VAL H 49 38.02 36.27 46.08
CA VAL H 49 37.29 35.11 45.54
C VAL H 49 36.23 35.50 44.48
N THR H 50 36.47 35.10 43.23
CA THR H 50 35.60 35.48 42.09
C THR H 50 34.73 34.32 41.56
N VAL H 51 33.44 34.57 41.52
CA VAL H 51 32.47 33.59 41.06
C VAL H 51 32.03 34.02 39.67
N GLU H 52 32.24 33.15 38.70
CA GLU H 52 31.78 33.39 37.34
C GLU H 52 30.86 32.25 36.96
N HIS H 53 30.03 32.49 35.95
CA HIS H 53 29.09 31.48 35.45
C HIS H 53 29.17 31.40 33.92
N PRO H 54 30.33 30.98 33.40
CA PRO H 54 30.53 30.86 31.96
C PRO H 54 29.53 29.95 31.31
N ASP H 55 29.14 30.30 30.09
CA ASP H 55 28.26 29.46 29.31
C ASP H 55 28.99 28.19 28.93
N LYS H 56 28.27 27.08 28.94
CA LYS H 56 28.76 25.76 28.52
C LYS H 56 30.07 25.37 29.24
N LEU H 57 30.14 25.67 30.53
CA LEU H 57 31.38 25.60 31.28
C LEU H 57 31.88 24.19 31.52
N GLU H 58 30.95 23.23 31.50
CA GLU H 58 31.28 21.81 31.62
C GLU H 58 32.10 21.33 30.44
N GLU H 59 31.81 21.90 29.28
CA GLU H 59 32.58 21.61 28.08
C GLU H 59 33.85 22.47 28.05
N LYS H 60 33.76 23.71 28.50
CA LYS H 60 34.93 24.59 28.55
C LYS H 60 36.02 24.06 29.46
N PHE H 61 35.62 23.50 30.60
CA PHE H 61 36.55 23.15 31.67
C PHE H 61 37.72 22.30 31.19
N PRO H 62 37.46 21.17 30.52
CA PRO H 62 38.58 20.29 30.12
C PRO H 62 39.63 20.97 29.26
N GLN H 63 39.23 21.98 28.48
CA GLN H 63 40.16 22.76 27.65
C GLN H 63 40.98 23.77 28.46
N VAL H 64 40.38 24.38 29.47
CA VAL H 64 41.05 25.39 30.29
C VAL H 64 41.94 24.78 31.36
N ALA H 65 41.55 23.65 31.94
CA ALA H 65 42.40 22.98 32.94
C ALA H 65 43.71 22.58 32.29
N ALA H 66 43.60 22.05 31.07
CA ALA H 66 44.73 21.48 30.36
C ALA H 66 45.77 22.47 29.84
N THR H 67 45.61 23.77 30.16
CA THR H 67 46.62 24.80 29.83
C THR H 67 47.04 25.63 31.04
N GLY H 68 46.74 25.16 32.25
CA GLY H 68 47.04 25.89 33.49
C GLY H 68 46.09 27.05 33.79
N ASP H 69 45.04 27.19 32.99
CA ASP H 69 44.09 28.29 33.12
C ASP H 69 42.79 27.77 33.64
N GLY H 70 41.81 28.65 33.81
CA GLY H 70 40.55 28.21 34.38
C GLY H 70 40.57 27.97 35.89
N PRO H 71 39.48 27.43 36.43
CA PRO H 71 39.12 27.64 37.83
C PRO H 71 39.86 26.75 38.81
N ASP H 72 40.01 27.29 40.02
CA ASP H 72 40.44 26.53 41.18
C ASP H 72 39.35 25.51 41.57
N ILE H 73 38.11 25.96 41.72
CA ILE H 73 37.03 25.03 41.98
C ILE H 73 35.94 25.18 40.92
N ILE H 74 35.33 24.05 40.57
CA ILE H 74 34.27 24.00 39.57
C ILE H 74 33.06 23.22 40.10
N PHE H 75 31.89 23.83 39.98
CA PHE H 75 30.64 23.30 40.48
C PHE H 75 29.79 22.63 39.37
N TRP H 76 29.49 21.35 39.50
CA TRP H 76 28.62 20.71 38.50
C TRP H 76 27.94 19.39 38.95
N ALA H 77 26.87 19.04 38.25
CA ALA H 77 26.32 17.70 38.40
C ALA H 77 27.47 16.71 38.36
N HIS H 78 27.36 15.70 39.24
CA HIS H 78 28.50 14.87 39.58
C HIS H 78 28.83 13.85 38.51
N ASP H 79 27.97 13.66 37.52
CA ASP H 79 28.36 12.74 36.45
C ASP H 79 29.53 13.33 35.61
N ARG H 80 29.42 14.54 35.12
CA ARG H 80 30.57 15.17 34.41
C ARG H 80 31.97 15.11 35.08
N PHE H 81 32.02 14.68 36.35
CA PHE H 81 33.26 14.60 37.08
C PHE H 81 33.98 13.27 36.91
N GLY H 82 33.26 12.26 36.40
CA GLY H 82 33.89 11.01 35.98
C GLY H 82 34.72 11.23 34.72
N GLY H 83 34.19 12.00 33.80
CA GLY H 83 34.93 12.39 32.61
C GLY H 83 36.16 13.24 32.90
N TYR H 84 36.10 14.09 33.93
CA TYR H 84 37.28 14.87 34.30
C TYR H 84 38.27 13.99 35.07
N ALA H 85 37.78 13.26 36.07
CA ALA H 85 38.67 12.40 36.87
C ALA H 85 39.57 11.56 35.98
N GLN H 86 38.96 10.86 35.01
CA GLN H 86 39.66 9.94 34.07
C GLN H 86 40.69 10.63 33.17
N SER H 87 40.56 11.92 32.98
CA SER H 87 41.62 12.72 32.35
C SER H 87 42.57 13.30 33.40
N GLY H 88 42.45 12.84 34.65
CA GLY H 88 43.31 13.32 35.73
C GLY H 88 43.32 14.83 35.89
N LEU H 89 42.18 15.47 35.61
CA LEU H 89 42.04 16.93 35.78
C LEU H 89 41.57 17.33 37.19
N LEU H 90 41.17 16.34 38.01
CA LEU H 90 40.65 16.64 39.32
C LEU H 90 41.57 16.15 40.43
N ALA H 91 41.74 17.01 41.44
CA ALA H 91 42.57 16.72 42.60
C ALA H 91 41.77 15.89 43.55
N GLU H 92 42.39 14.85 44.12
CA GLU H 92 41.73 14.00 45.11
C GLU H 92 41.61 14.82 46.38
N ILE H 93 40.41 14.95 46.91
CA ILE H 93 40.20 15.68 48.15
C ILE H 93 40.48 14.76 49.34
N THR H 94 41.00 15.34 50.42
CA THR H 94 41.31 14.59 51.64
C THR H 94 40.69 15.29 52.84
N PRO H 95 39.39 15.02 53.11
CA PRO H 95 38.74 15.53 54.32
C PRO H 95 38.77 14.47 55.41
N ASP H 96 38.92 14.92 56.65
CA ASP H 96 38.89 14.01 57.81
C ASP H 96 37.52 13.33 57.97
N LYS H 97 37.49 12.20 58.68
CA LYS H 97 36.22 11.50 58.90
C LYS H 97 35.34 12.26 59.90
N ALA H 98 35.91 13.26 60.57
CA ALA H 98 35.13 14.23 61.33
C ALA H 98 34.22 15.00 60.38
N PHE H 99 34.78 15.41 59.25
CA PHE H 99 34.03 16.12 58.24
C PHE H 99 33.08 15.21 57.46
N GLN H 100 33.62 14.13 56.87
CA GLN H 100 32.79 13.16 56.17
C GLN H 100 31.47 12.78 56.90
N ASP H 101 31.47 12.75 58.22
CA ASP H 101 30.27 12.41 58.96
C ASP H 101 29.24 13.55 59.06
N LYS H 102 29.65 14.78 58.72
CA LYS H 102 28.71 15.89 58.61
C LYS H 102 27.83 15.82 57.37
N LEU H 103 28.20 14.95 56.41
CA LEU H 103 27.44 14.76 55.17
C LEU H 103 26.86 13.34 55.05
N TYR H 104 25.69 13.26 54.45
CA TYR H 104 24.99 11.98 54.29
C TYR H 104 25.84 10.93 53.55
N PRO H 105 26.04 9.74 54.16
CA PRO H 105 26.94 8.70 53.65
C PRO H 105 26.91 8.49 52.14
N PHE H 106 25.72 8.41 51.57
CA PHE H 106 25.58 8.13 50.13
C PHE H 106 25.96 9.29 49.19
N THR H 107 26.07 10.52 49.70
CA THR H 107 26.47 11.62 48.83
C THR H 107 27.97 11.55 48.54
N TRP H 108 28.68 10.69 49.27
CA TRP H 108 30.06 10.38 48.93
C TRP H 108 30.17 9.30 47.85
N ASP H 109 29.13 8.50 47.64
CA ASP H 109 29.18 7.48 46.59
C ASP H 109 29.08 8.09 45.23
N ALA H 110 28.57 9.31 45.18
CA ALA H 110 28.38 9.99 43.91
C ALA H 110 29.69 10.59 43.44
N VAL H 111 30.65 10.82 44.34
CA VAL H 111 31.88 11.52 44.00
C VAL H 111 33.10 10.62 44.11
N ARG H 112 32.96 9.37 43.67
CA ARG H 112 34.06 8.41 43.65
C ARG H 112 34.39 7.93 42.23
N TYR H 113 35.68 8.01 41.86
CA TYR H 113 36.21 7.44 40.61
C TYR H 113 37.43 6.56 40.90
N ASN H 114 37.35 5.30 40.52
CA ASN H 114 38.36 4.31 40.90
C ASN H 114 38.72 4.43 42.39
N GLY H 115 37.71 4.35 43.25
CA GLY H 115 37.93 4.34 44.70
C GLY H 115 38.22 5.68 45.35
N LYS H 116 38.79 6.61 44.60
CA LYS H 116 39.29 7.87 45.15
C LYS H 116 38.22 8.94 45.16
N LEU H 117 38.12 9.68 46.26
CA LEU H 117 37.16 10.79 46.34
C LEU H 117 37.67 11.93 45.49
N ILE H 118 36.85 12.46 44.60
CA ILE H 118 37.29 13.45 43.64
C ILE H 118 36.53 14.79 43.73
N ALA H 119 35.48 14.85 44.55
CA ALA H 119 34.74 16.11 44.75
C ALA H 119 33.91 16.14 46.03
N TYR H 120 33.52 17.34 46.41
CA TYR H 120 32.69 17.57 47.59
C TYR H 120 31.22 17.71 47.25
N PRO H 121 30.39 16.81 47.76
CA PRO H 121 28.94 16.94 47.61
C PRO H 121 28.38 18.25 48.16
N ILE H 122 27.30 18.74 47.56
CA ILE H 122 26.67 20.00 47.98
C ILE H 122 25.15 19.92 47.99
N ALA H 123 24.55 19.49 46.89
CA ALA H 123 23.09 19.41 46.84
C ALA H 123 22.62 18.17 46.13
N VAL H 124 21.45 17.68 46.53
CA VAL H 124 20.94 16.41 46.08
C VAL H 124 19.63 16.68 45.41
N GLU H 125 19.37 15.94 44.32
CA GLU H 125 18.23 16.13 43.45
C GLU H 125 17.71 14.81 42.92
N ALA H 126 16.40 14.65 42.91
CA ALA H 126 15.82 13.45 42.48
C ALA H 126 14.39 13.78 42.17
N LEU H 127 13.75 12.95 41.35
CA LEU H 127 12.34 13.13 41.03
C LEU H 127 11.55 12.85 42.30
N SER H 128 10.38 13.47 42.36
CA SER H 128 9.41 13.24 43.41
C SER H 128 8.05 13.21 42.79
N LEU H 129 7.12 12.55 43.49
CA LEU H 129 5.75 12.47 43.04
C LEU H 129 5.00 13.66 43.53
N ILE H 130 4.47 14.46 42.60
CA ILE H 130 3.74 15.72 42.92
C ILE H 130 2.28 15.50 42.66
N TYR H 131 1.45 16.19 43.43
CA TYR H 131 0.02 15.96 43.32
C TYR H 131 -0.81 17.13 43.73
N ASN H 132 -2.02 17.12 43.19
CA ASN H 132 -3.04 18.13 43.43
C ASN H 132 -3.99 17.65 44.51
N LYS H 133 -4.08 18.44 45.57
CA LYS H 133 -4.78 18.02 46.78
C LYS H 133 -6.29 18.19 46.67
N ASP H 134 -6.71 19.24 45.95
CA ASP H 134 -8.12 19.51 45.73
C ASP H 134 -8.74 18.45 44.80
N LEU H 135 -7.88 17.72 44.08
CA LEU H 135 -8.32 16.60 43.24
C LEU H 135 -7.97 15.26 43.88
N LEU H 136 -6.96 15.28 44.75
CA LEU H 136 -6.47 14.07 45.38
C LEU H 136 -5.73 14.47 46.66
N PRO H 137 -6.43 14.37 47.79
CA PRO H 137 -5.93 14.85 49.07
C PRO H 137 -5.01 13.85 49.77
N ASN H 138 -5.18 12.56 49.44
CA ASN H 138 -4.28 11.52 49.90
C ASN H 138 -3.61 10.85 48.71
N PRO H 139 -2.35 11.21 48.43
CA PRO H 139 -1.69 10.59 47.28
C PRO H 139 -1.40 9.14 47.62
N PRO H 140 -1.51 8.23 46.64
CA PRO H 140 -1.37 6.76 46.84
C PRO H 140 0.06 6.36 47.15
N LYS H 141 0.24 5.19 47.75
CA LYS H 141 1.58 4.71 48.08
C LYS H 141 2.13 3.67 47.13
N THR H 142 1.34 3.22 46.17
CA THR H 142 1.80 2.18 45.27
C THR H 142 1.42 2.46 43.80
N TRP H 143 2.30 2.11 42.88
CA TRP H 143 2.00 2.23 41.45
C TRP H 143 0.76 1.44 41.03
N GLU H 144 0.55 0.32 41.70
CA GLU H 144 -0.39 -0.69 41.26
C GLU H 144 -1.80 -0.14 41.40
N GLU H 145 -2.01 0.75 42.36
CA GLU H 145 -3.36 1.26 42.62
C GLU H 145 -3.78 2.35 41.63
N ILE H 146 -2.93 2.68 40.66
CA ILE H 146 -3.18 3.84 39.79
C ILE H 146 -4.20 3.62 38.68
N PRO H 147 -4.14 2.46 37.99
CA PRO H 147 -5.25 2.17 37.10
C PRO H 147 -6.58 2.33 37.81
N ALA H 148 -6.81 1.57 38.88
CA ALA H 148 -8.01 1.72 39.69
C ALA H 148 -8.36 3.20 39.84
N LEU H 149 -7.39 3.99 40.25
CA LEU H 149 -7.59 5.41 40.56
C LEU H 149 -7.85 6.25 39.32
N ASP H 150 -7.30 5.84 38.17
CA ASP H 150 -7.49 6.59 36.94
C ASP H 150 -8.94 6.47 36.46
N LYS H 151 -9.52 5.27 36.59
CA LYS H 151 -10.94 5.03 36.28
C LYS H 151 -11.77 6.02 37.08
N GLU H 152 -11.65 5.97 38.40
CA GLU H 152 -12.33 6.91 39.30
C GLU H 152 -12.28 8.36 38.82
N LEU H 153 -11.16 8.76 38.22
CA LEU H 153 -10.96 10.17 37.81
C LEU H 153 -11.39 10.47 36.39
N LYS H 154 -11.21 9.51 35.48
CA LYS H 154 -11.72 9.63 34.11
C LYS H 154 -13.25 9.78 34.09
N ALA H 155 -13.92 9.28 35.13
CA ALA H 155 -15.37 9.44 35.31
C ALA H 155 -15.80 10.91 35.44
N LYS H 156 -14.94 11.74 36.03
CA LYS H 156 -15.20 13.18 36.13
C LYS H 156 -14.26 13.96 35.19
N GLY H 157 -13.83 13.31 34.11
CA GLY H 157 -13.10 13.95 33.02
C GLY H 157 -11.71 14.43 33.36
N LYS H 158 -11.03 13.72 34.26
CA LYS H 158 -9.68 14.07 34.70
C LYS H 158 -8.84 12.81 34.64
N SER H 159 -7.52 12.96 34.60
CA SER H 159 -6.60 11.82 34.54
C SER H 159 -5.84 11.67 35.85
N ALA H 160 -5.44 10.45 36.19
CA ALA H 160 -4.68 10.21 37.42
C ALA H 160 -3.27 10.75 37.35
N LEU H 161 -2.49 10.30 36.36
CA LEU H 161 -1.06 10.64 36.29
C LEU H 161 -0.55 11.01 34.90
N MET H 162 0.26 12.07 34.82
CA MET H 162 0.89 12.51 33.57
C MET H 162 2.30 13.07 33.79
N PHE H 163 3.28 12.50 33.09
CA PHE H 163 4.67 12.90 33.19
C PHE H 163 5.44 12.49 31.93
N ASN H 164 6.61 13.11 31.71
CA ASN H 164 7.40 12.93 30.50
C ASN H 164 7.71 11.46 30.27
N LEU H 165 7.04 10.84 29.29
CA LEU H 165 7.31 9.45 28.92
C LEU H 165 8.43 9.28 27.87
N GLN H 166 8.65 10.31 27.07
CA GLN H 166 9.68 10.29 26.02
C GLN H 166 11.03 9.93 26.62
N GLU H 167 11.39 10.67 27.66
CA GLU H 167 12.71 10.62 28.28
C GLU H 167 12.84 9.51 29.37
N PRO H 168 13.90 8.71 29.32
CA PRO H 168 14.11 7.64 30.29
C PRO H 168 14.35 8.14 31.74
N TYR H 169 15.01 9.30 31.88
CA TYR H 169 15.28 9.88 33.18
C TYR H 169 14.03 9.88 34.04
N PHE H 170 12.88 10.08 33.42
CA PHE H 170 11.60 10.08 34.15
C PHE H 170 11.00 8.70 34.28
N THR H 171 11.14 7.87 33.24
CA THR H 171 10.49 6.58 33.22
C THR H 171 11.22 5.55 34.05
N TRP H 172 12.53 5.73 34.18
CA TRP H 172 13.36 4.80 34.96
C TRP H 172 12.75 4.43 36.32
N PRO H 173 12.45 5.42 37.18
CA PRO H 173 11.96 5.18 38.53
C PRO H 173 11.02 3.98 38.59
N LEU H 174 10.04 3.93 37.71
CA LEU H 174 9.13 2.80 37.68
C LEU H 174 9.90 1.55 37.24
N ILE H 175 10.55 1.65 36.08
CA ILE H 175 11.30 0.56 35.47
C ILE H 175 12.28 -0.09 36.45
N ALA H 176 13.18 0.72 36.99
CA ALA H 176 14.20 0.24 37.92
C ALA H 176 13.66 -0.27 39.28
N ALA H 177 12.46 0.17 39.63
CA ALA H 177 11.93 0.01 40.98
C ALA H 177 12.21 -1.34 41.61
N ASP H 178 11.73 -2.40 40.97
CA ASP H 178 11.82 -3.74 41.54
C ASP H 178 13.17 -4.47 41.30
N GLY H 179 14.28 -3.83 41.67
CA GLY H 179 15.60 -4.48 41.66
C GLY H 179 16.47 -4.18 40.44
N GLY H 180 15.91 -3.51 39.44
CA GLY H 180 16.65 -3.11 38.26
C GLY H 180 17.70 -2.07 38.62
N TYR H 181 18.69 -1.93 37.75
CA TYR H 181 19.76 -0.89 37.88
C TYR H 181 20.45 -0.62 36.54
N ALA H 182 21.33 0.37 36.53
CA ALA H 182 22.14 0.65 35.35
C ALA H 182 23.39 -0.25 35.36
N PHE H 183 24.43 0.15 36.09
CA PHE H 183 25.68 -0.59 36.18
C PHE H 183 25.97 -0.89 37.63
N LYS H 184 26.40 -2.11 37.94
CA LYS H 184 26.64 -2.50 39.33
C LYS H 184 27.72 -1.63 39.95
N TYR H 185 27.44 -1.06 41.11
CA TYR H 185 28.41 -0.29 41.91
C TYR H 185 28.92 -1.24 42.97
N GLU H 186 30.24 -1.42 43.03
CA GLU H 186 30.88 -2.53 43.79
C GLU H 186 31.64 -2.08 45.04
N ASN H 187 32.40 -1.00 44.94
CA ASN H 187 33.24 -0.55 46.04
C ASN H 187 33.45 0.96 45.97
N GLY H 188 34.16 1.39 44.94
CA GLY H 188 34.20 2.80 44.54
C GLY H 188 33.97 2.95 43.05
N LYS H 189 33.82 1.82 42.35
CA LYS H 189 33.66 1.80 40.90
C LYS H 189 32.54 0.85 40.44
N TYR H 190 32.30 0.89 39.13
CA TYR H 190 31.26 0.12 38.45
C TYR H 190 31.88 -0.97 37.58
N ASP H 191 31.32 -2.17 37.62
CA ASP H 191 31.69 -3.19 36.66
C ASP H 191 31.03 -2.83 35.33
N ILE H 192 31.77 -2.10 34.50
CA ILE H 192 31.33 -1.65 33.16
C ILE H 192 30.60 -2.66 32.26
N LYS H 193 30.62 -3.95 32.63
CA LYS H 193 29.94 -5.03 31.86
C LYS H 193 28.86 -5.80 32.68
N ASP H 194 28.58 -5.30 33.90
CA ASP H 194 27.51 -5.81 34.76
C ASP H 194 26.38 -4.78 34.79
N VAL H 195 25.19 -5.20 34.37
CA VAL H 195 24.13 -4.28 34.01
C VAL H 195 22.76 -4.83 34.40
N GLY H 196 21.95 -4.02 35.08
CA GLY H 196 20.63 -4.44 35.54
C GLY H 196 19.45 -3.97 34.69
N VAL H 197 19.62 -3.96 33.36
CA VAL H 197 18.63 -3.42 32.45
C VAL H 197 17.71 -4.48 31.86
N ASP H 198 18.10 -5.76 31.84
CA ASP H 198 17.10 -6.79 31.60
C ASP H 198 17.24 -7.98 32.53
N ASN H 199 17.54 -7.67 33.79
CA ASN H 199 17.33 -8.58 34.91
C ASN H 199 15.83 -8.67 35.25
N ALA H 200 15.47 -9.49 36.24
CA ALA H 200 14.07 -9.71 36.61
C ALA H 200 13.31 -8.41 36.69
N GLY H 201 13.81 -7.50 37.50
CA GLY H 201 13.09 -6.27 37.80
C GLY H 201 12.66 -5.47 36.58
N ALA H 202 13.67 -4.92 35.88
CA ALA H 202 13.46 -3.99 34.76
C ALA H 202 12.32 -4.39 33.79
N LYS H 203 12.31 -5.67 33.39
CA LYS H 203 11.28 -6.24 32.53
C LYS H 203 9.91 -5.97 33.14
N ALA H 204 9.77 -6.39 34.39
CA ALA H 204 8.52 -6.31 35.10
C ALA H 204 8.00 -4.86 35.13
N GLY H 205 8.89 -3.93 35.47
CA GLY H 205 8.55 -2.49 35.57
C GLY H 205 8.13 -1.87 34.24
N LEU H 206 8.99 -2.04 33.24
CA LEU H 206 8.68 -1.60 31.89
C LEU H 206 7.33 -2.21 31.43
N THR H 207 7.12 -3.51 31.68
CA THR H 207 5.86 -4.15 31.31
C THR H 207 4.75 -3.29 31.88
N PHE H 208 4.81 -2.99 33.17
CA PHE H 208 3.77 -2.19 33.80
C PHE H 208 3.60 -0.81 33.16
N LEU H 209 4.69 -0.18 32.72
CA LEU H 209 4.57 1.10 32.04
C LEU H 209 3.86 0.95 30.70
N VAL H 210 4.18 -0.12 29.98
CA VAL H 210 3.50 -0.37 28.72
C VAL H 210 2.01 -0.60 28.96
N ASP H 211 1.67 -1.41 29.96
CA ASP H 211 0.28 -1.73 30.26
C ASP H 211 -0.55 -0.46 30.52
N LEU H 212 -0.01 0.47 31.32
CA LEU H 212 -0.68 1.76 31.56
C LEU H 212 -1.03 2.47 30.26
N ILE H 213 -0.16 2.35 29.26
CA ILE H 213 -0.41 2.97 27.97
C ILE H 213 -1.43 2.14 27.21
N LYS H 214 -1.22 0.81 27.17
CA LYS H 214 -2.19 -0.11 26.54
C LYS H 214 -3.61 0.15 27.06
N ASN H 215 -3.76 0.24 28.38
CA ASN H 215 -5.07 0.40 29.00
C ASN H 215 -5.58 1.85 29.01
N LYS H 216 -5.01 2.69 28.13
CA LYS H 216 -5.44 4.08 27.90
C LYS H 216 -5.27 5.05 29.11
N HIS H 217 -4.58 4.62 30.17
CA HIS H 217 -4.39 5.47 31.33
C HIS H 217 -3.39 6.60 31.06
N MET H 218 -2.44 6.33 30.16
CA MET H 218 -1.48 7.33 29.72
C MET H 218 -1.35 7.34 28.20
N ASN H 219 -0.97 8.51 27.67
CA ASN H 219 -0.72 8.67 26.24
C ASN H 219 0.76 8.41 25.97
N ALA H 220 1.04 7.70 24.87
CA ALA H 220 2.40 7.26 24.56
C ALA H 220 3.32 8.42 24.21
N ASP H 221 2.74 9.52 23.73
CA ASP H 221 3.52 10.70 23.35
C ASP H 221 3.31 11.87 24.29
N THR H 222 3.29 11.59 25.60
CA THR H 222 3.22 12.65 26.62
C THR H 222 4.63 13.12 26.94
N ASP H 223 4.95 14.37 26.62
CA ASP H 223 6.26 14.92 26.94
C ASP H 223 6.21 15.92 28.11
N TYR H 224 7.40 16.34 28.55
CA TYR H 224 7.54 17.27 29.66
C TYR H 224 6.53 18.38 29.50
N SER H 225 6.62 19.11 28.39
CA SER H 225 5.83 20.34 28.14
C SER H 225 4.33 20.10 28.32
N ILE H 226 3.86 19.00 27.76
CA ILE H 226 2.47 18.60 27.88
C ILE H 226 2.12 18.39 29.33
N ALA H 227 2.82 17.47 29.97
CA ALA H 227 2.54 17.11 31.36
C ALA H 227 2.49 18.35 32.25
N GLU H 228 3.53 19.19 32.21
CA GLU H 228 3.60 20.36 33.09
C GLU H 228 2.33 21.16 32.98
N ALA H 229 1.93 21.53 31.77
CA ALA H 229 0.70 22.29 31.54
C ALA H 229 -0.55 21.53 31.99
N ALA H 230 -0.59 20.22 31.75
CA ALA H 230 -1.71 19.40 32.21
C ALA H 230 -1.86 19.54 33.70
N PHE H 231 -0.79 19.29 34.45
CA PHE H 231 -0.88 19.34 35.90
C PHE H 231 -1.14 20.75 36.37
N ASN H 232 -0.33 21.68 35.88
CA ASN H 232 -0.40 23.07 36.34
C ASN H 232 -1.75 23.73 36.05
N LYS H 233 -2.57 23.14 35.19
CA LYS H 233 -3.93 23.62 34.94
C LYS H 233 -5.01 22.64 35.46
N GLY H 234 -4.63 21.80 36.42
CA GLY H 234 -5.55 20.94 37.14
C GLY H 234 -6.28 19.91 36.31
N GLU H 235 -5.73 19.55 35.16
CA GLU H 235 -6.33 18.51 34.30
C GLU H 235 -6.02 17.11 34.79
N THR H 236 -4.94 17.00 35.58
CA THR H 236 -4.46 15.71 36.03
C THR H 236 -4.13 15.76 37.52
N ALA H 237 -4.35 14.65 38.21
CA ALA H 237 -4.20 14.60 39.66
C ALA H 237 -2.74 14.55 40.09
N MET H 238 -1.88 14.04 39.21
CA MET H 238 -0.48 13.76 39.56
C MET H 238 0.49 13.84 38.39
N THR H 239 1.69 14.30 38.72
CA THR H 239 2.78 14.40 37.77
C THR H 239 4.00 13.89 38.53
N ILE H 240 5.09 13.63 37.82
CA ILE H 240 6.38 13.25 38.44
C ILE H 240 7.43 14.26 37.96
N ASN H 241 8.08 14.96 38.89
CA ASN H 241 9.01 16.02 38.54
C ASN H 241 9.90 16.56 39.65
N GLY H 242 10.94 17.26 39.22
CA GLY H 242 11.94 17.76 40.12
C GLY H 242 11.61 19.12 40.63
N PRO H 243 12.41 19.62 41.57
CA PRO H 243 12.37 20.98 42.13
C PRO H 243 12.40 22.11 41.13
N TRP H 244 13.10 21.91 40.03
CA TRP H 244 13.08 22.88 38.92
C TRP H 244 11.65 23.24 38.46
N ALA H 245 10.70 22.33 38.68
CA ALA H 245 9.33 22.44 38.19
C ALA H 245 8.35 23.07 39.18
N TRP H 246 8.83 23.40 40.37
CA TRP H 246 7.97 23.84 41.43
C TRP H 246 7.55 25.29 41.25
N SER H 247 8.51 26.16 40.96
CA SER H 247 8.20 27.58 40.91
C SER H 247 7.19 27.87 39.81
N ASN H 248 7.07 26.96 38.85
CA ASN H 248 6.03 27.04 37.84
C ASN H 248 4.66 26.61 38.36
N ILE H 249 4.64 25.72 39.34
CA ILE H 249 3.37 25.30 39.96
C ILE H 249 2.93 26.34 40.98
N ASP H 250 3.89 26.97 41.64
CA ASP H 250 3.62 28.09 42.54
C ASP H 250 2.77 29.15 41.86
N THR H 251 3.17 29.56 40.65
CA THR H 251 2.48 30.64 39.92
C THR H 251 1.12 30.20 39.39
N SER H 252 0.97 28.92 39.05
CA SER H 252 -0.33 28.41 38.61
C SER H 252 -1.33 28.32 39.75
N LYS H 253 -0.81 28.34 40.97
CA LYS H 253 -1.61 28.35 42.21
C LYS H 253 -2.37 27.06 42.51
N VAL H 254 -2.18 26.00 41.73
CA VAL H 254 -2.74 24.68 42.06
C VAL H 254 -2.32 24.37 43.50
N ASN H 255 -3.19 23.77 44.29
CA ASN H 255 -2.84 23.40 45.66
C ASN H 255 -2.21 22.01 45.68
N TYR H 256 -0.88 21.98 45.67
CA TYR H 256 -0.15 20.76 45.40
C TYR H 256 0.72 20.24 46.50
N GLY H 257 0.75 18.89 46.61
CA GLY H 257 1.64 18.15 47.49
C GLY H 257 2.78 17.46 46.75
N VAL H 258 3.88 17.22 47.48
CA VAL H 258 5.11 16.63 46.98
C VAL H 258 5.57 15.52 47.94
N THR H 259 5.72 14.31 47.45
CA THR H 259 5.89 13.21 48.39
C THR H 259 6.60 12.02 47.77
N VAL H 260 6.77 10.97 48.58
CA VAL H 260 7.42 9.73 48.13
C VAL H 260 6.76 9.27 46.85
N LEU H 261 7.57 8.69 45.94
CA LEU H 261 7.05 8.09 44.74
C LEU H 261 6.47 6.74 45.18
N PRO H 262 5.40 6.31 44.53
CA PRO H 262 4.77 5.09 44.93
C PRO H 262 5.75 3.95 44.80
N THR H 263 5.47 2.86 45.52
CA THR H 263 6.24 1.62 45.45
C THR H 263 5.67 0.69 44.38
N PHE H 264 6.53 -0.13 43.79
CA PHE H 264 6.13 -1.18 42.85
C PHE H 264 6.58 -2.52 43.43
N LYS H 265 5.74 -3.54 43.35
CA LYS H 265 6.01 -4.82 44.04
C LYS H 265 6.57 -4.69 45.47
N GLY H 266 6.05 -3.69 46.20
CA GLY H 266 6.50 -3.38 47.54
C GLY H 266 7.85 -2.70 47.60
N GLN H 267 8.52 -2.53 46.47
CA GLN H 267 9.84 -1.87 46.45
C GLN H 267 9.76 -0.43 45.99
N PRO H 268 10.46 0.50 46.68
CA PRO H 268 10.46 1.95 46.33
C PRO H 268 10.81 2.27 44.86
N SER H 269 10.24 3.30 44.28
CA SER H 269 10.72 3.79 42.97
C SER H 269 12.17 4.26 43.09
N LYS H 270 12.94 4.05 42.02
CA LYS H 270 14.37 4.05 42.07
C LYS H 270 14.90 5.15 41.13
N PRO H 271 14.56 6.40 41.43
CA PRO H 271 14.82 7.50 40.53
C PRO H 271 16.28 7.96 40.50
N PHE H 272 16.70 8.52 39.40
CA PHE H 272 18.11 8.95 39.32
C PHE H 272 18.41 10.14 40.22
N VAL H 273 19.48 10.02 40.98
CA VAL H 273 19.96 11.06 41.87
C VAL H 273 21.11 11.85 41.26
N GLY H 274 20.95 13.14 41.21
CA GLY H 274 22.04 14.02 40.77
C GLY H 274 22.57 14.75 41.96
N VAL H 275 23.84 14.60 42.25
CA VAL H 275 24.45 15.35 43.33
C VAL H 275 25.26 16.60 42.86
N LEU H 276 24.84 17.80 43.21
CA LEU H 276 25.66 19.01 42.84
C LEU H 276 26.97 19.00 43.56
N SER H 277 28.06 18.83 42.83
CA SER H 277 29.34 18.61 43.46
C SER H 277 30.33 19.75 43.16
N ALA H 278 31.22 19.98 44.11
CA ALA H 278 32.31 20.95 43.97
C ALA H 278 33.65 20.22 43.84
N GLY H 279 34.26 20.31 42.65
CA GLY H 279 35.57 19.67 42.40
C GLY H 279 36.72 20.66 42.39
N ILE H 280 37.95 20.13 42.49
CA ILE H 280 39.16 20.97 42.54
C ILE H 280 40.21 20.59 41.47
N ASN H 281 40.66 21.61 40.75
CA ASN H 281 41.58 21.46 39.62
C ASN H 281 42.79 20.69 40.09
N ALA H 282 43.19 19.67 39.33
CA ALA H 282 44.39 18.88 39.64
C ALA H 282 45.63 19.77 39.87
N ALA H 283 45.98 20.58 38.87
CA ALA H 283 47.15 21.46 38.94
C ALA H 283 46.77 22.90 39.32
N SER H 284 46.04 23.06 40.42
CA SER H 284 45.75 24.38 40.97
C SER H 284 46.77 24.76 42.03
N PRO H 285 47.26 26.01 42.00
CA PRO H 285 48.24 26.45 43.00
C PRO H 285 47.69 26.35 44.44
N ASN H 286 46.46 26.82 44.60
CA ASN H 286 45.81 26.87 45.90
C ASN H 286 45.10 25.55 46.27
N LYS H 287 45.90 24.54 46.63
CA LYS H 287 45.38 23.24 47.00
C LYS H 287 44.67 23.32 48.35
N GLU H 288 45.42 23.67 49.39
CA GLU H 288 44.88 23.73 50.75
C GLU H 288 43.85 24.85 50.89
N LEU H 289 44.11 25.99 50.23
CA LEU H 289 43.19 27.13 50.30
C LEU H 289 41.80 26.81 49.76
N ALA H 290 41.71 25.96 48.73
CA ALA H 290 40.42 25.59 48.17
C ALA H 290 39.65 24.72 49.15
N LYS H 291 40.24 23.58 49.51
CA LYS H 291 39.71 22.71 50.57
C LYS H 291 39.20 23.55 51.74
N GLU H 292 40.02 24.50 52.18
CA GLU H 292 39.66 25.41 53.28
C GLU H 292 38.29 26.06 53.04
N PHE H 293 38.09 26.61 51.85
CA PHE H 293 36.85 27.34 51.54
C PHE H 293 35.64 26.46 51.68
N LEU H 294 35.66 25.34 50.98
CA LEU H 294 34.52 24.45 50.92
C LEU H 294 34.26 23.86 52.29
N GLU H 295 35.29 23.26 52.89
CA GLU H 295 35.13 22.58 54.16
C GLU H 295 34.65 23.49 55.30
N ASN H 296 35.20 24.71 55.39
CA ASN H 296 34.96 25.58 56.55
C ASN H 296 34.04 26.77 56.32
N TYR H 297 33.69 27.06 55.06
CA TYR H 297 32.88 28.25 54.76
C TYR H 297 31.63 28.00 53.94
N LEU H 298 31.72 27.20 52.89
CA LEU H 298 30.52 26.84 52.11
C LEU H 298 29.70 25.76 52.80
N LEU H 299 30.30 24.60 53.04
CA LEU H 299 29.58 23.49 53.65
C LEU H 299 29.35 23.71 55.15
N THR H 300 28.53 24.71 55.42
CA THR H 300 28.09 25.03 56.75
C THR H 300 26.70 25.59 56.62
N ASP H 301 26.02 25.75 57.73
CA ASP H 301 24.66 26.27 57.68
C ASP H 301 24.64 27.66 57.02
N GLU H 302 25.61 28.50 57.37
CA GLU H 302 25.63 29.91 56.94
C GLU H 302 25.91 30.02 55.45
N GLY H 303 27.01 29.38 55.04
CA GLY H 303 27.46 29.43 53.66
C GLY H 303 26.39 28.97 52.70
N LEU H 304 25.84 27.78 52.99
CA LEU H 304 24.77 27.19 52.21
C LEU H 304 23.54 28.08 52.26
N GLU H 305 23.21 28.62 53.43
CA GLU H 305 22.08 29.56 53.54
C GLU H 305 22.20 30.69 52.52
N ALA H 306 23.35 31.37 52.50
CA ALA H 306 23.56 32.52 51.60
C ALA H 306 23.26 32.16 50.13
N VAL H 307 23.70 30.97 49.72
CA VAL H 307 23.41 30.45 48.39
C VAL H 307 21.93 30.11 48.20
N ASN H 308 21.34 29.44 49.19
CA ASN H 308 19.94 29.03 49.15
C ASN H 308 19.02 30.24 49.09
N LYS H 309 19.45 31.34 49.70
CA LYS H 309 18.70 32.59 49.67
C LYS H 309 18.74 33.23 48.29
N ASP H 310 19.78 32.96 47.52
CA ASP H 310 19.89 33.50 46.16
C ASP H 310 19.15 32.65 45.14
N LYS H 311 19.33 31.32 45.23
CA LYS H 311 18.43 30.37 44.56
C LYS H 311 18.36 29.06 45.35
N PRO H 312 17.14 28.51 45.49
CA PRO H 312 17.00 27.26 46.23
C PRO H 312 17.87 26.13 45.67
N LEU H 313 18.62 25.47 46.56
CA LEU H 313 19.46 24.32 46.22
C LEU H 313 18.70 23.00 46.23
N GLY H 314 17.52 22.99 46.83
CA GLY H 314 16.81 21.73 47.04
C GLY H 314 17.37 21.09 48.29
N ALA H 315 17.37 19.75 48.32
CA ALA H 315 17.99 19.04 49.43
C ALA H 315 19.48 19.31 49.44
N VAL H 316 20.10 19.33 50.61
CA VAL H 316 21.53 19.60 50.66
C VAL H 316 22.21 18.49 51.36
N ALA H 317 23.36 18.06 50.85
CA ALA H 317 24.12 16.96 51.41
C ALA H 317 24.59 17.14 52.87
N LEU H 318 24.65 18.38 53.39
CA LEU H 318 25.00 18.67 54.80
C LEU H 318 23.87 18.36 55.80
N LYS H 319 24.13 17.48 56.78
CA LYS H 319 23.09 17.04 57.71
C LYS H 319 22.50 18.22 58.44
N SER H 320 23.36 18.95 59.15
CA SER H 320 22.92 20.11 59.92
C SER H 320 21.91 20.98 59.16
N TYR H 321 22.19 21.33 57.92
CA TYR H 321 21.31 22.24 57.18
C TYR H 321 20.15 21.51 56.51
N GLU H 322 20.35 20.25 56.15
CA GLU H 322 19.29 19.51 55.48
C GLU H 322 18.08 19.41 56.39
N GLU H 323 18.31 19.06 57.65
CA GLU H 323 17.23 19.04 58.64
C GLU H 323 16.51 20.39 58.77
N GLU H 324 17.22 21.52 58.67
CA GLU H 324 16.55 22.82 58.66
C GLU H 324 15.64 23.02 57.45
N LEU H 325 16.14 22.63 56.27
CA LEU H 325 15.39 22.79 55.03
C LEU H 325 14.26 21.79 54.90
N ALA H 326 14.42 20.61 55.50
CA ALA H 326 13.40 19.56 55.42
C ALA H 326 12.15 19.91 56.25
N LYS H 327 12.20 21.03 56.96
CA LYS H 327 10.99 21.63 57.53
C LYS H 327 10.02 22.04 56.42
N ASP H 328 10.54 22.08 55.20
CA ASP H 328 9.72 22.08 53.99
C ASP H 328 9.44 20.64 53.55
N PRO H 329 8.19 20.19 53.62
CA PRO H 329 7.91 18.78 53.35
C PRO H 329 8.28 18.37 51.95
N ARG H 330 8.41 19.36 51.08
CA ARG H 330 8.83 19.13 49.71
C ARG H 330 10.30 18.67 49.64
N ILE H 331 11.18 19.50 50.23
CA ILE H 331 12.59 19.18 50.32
C ILE H 331 12.78 17.79 50.95
N ALA H 332 12.11 17.55 52.05
CA ALA H 332 12.25 16.31 52.75
C ALA H 332 11.82 15.13 51.84
N ALA H 333 10.78 15.30 51.03
CA ALA H 333 10.40 14.24 50.09
C ALA H 333 11.43 14.03 49.00
N THR H 334 12.05 15.11 48.56
CA THR H 334 13.04 15.02 47.50
C THR H 334 14.15 14.13 48.01
N MET H 335 14.58 14.41 49.23
CA MET H 335 15.69 13.68 49.85
C MET H 335 15.28 12.26 50.19
N GLU H 336 14.01 12.01 50.49
CA GLU H 336 13.59 10.64 50.75
C GLU H 336 13.73 9.85 49.47
N ASN H 337 13.17 10.37 48.41
CA ASN H 337 13.35 9.77 47.10
C ASN H 337 14.82 9.58 46.68
N ALA H 338 15.70 10.51 47.06
CA ALA H 338 17.15 10.37 46.80
C ALA H 338 17.80 9.18 47.53
N GLN H 339 17.48 9.02 48.81
CA GLN H 339 18.02 7.92 49.61
C GLN H 339 17.52 6.57 49.12
N LYS H 340 16.37 6.57 48.46
CA LYS H 340 15.81 5.37 47.88
C LYS H 340 16.13 5.26 46.38
N GLY H 341 17.07 6.08 45.90
CA GLY H 341 17.36 6.20 44.46
C GLY H 341 18.77 5.84 44.02
N GLU H 342 18.99 5.92 42.71
CA GLU H 342 20.21 5.45 42.05
C GLU H 342 21.09 6.65 41.69
N ILE H 343 22.26 6.70 42.26
CA ILE H 343 23.17 7.74 41.89
C ILE H 343 23.47 7.54 40.40
N MET H 344 23.67 8.64 39.67
CA MET H 344 23.94 8.51 38.25
C MET H 344 25.35 8.01 38.16
N PRO H 345 25.54 6.81 37.60
CA PRO H 345 26.93 6.38 37.43
C PRO H 345 27.75 7.46 36.73
N ASN H 346 28.95 7.73 37.19
CA ASN H 346 29.81 8.77 36.52
C ASN H 346 30.88 8.16 35.62
N ILE H 347 30.44 7.42 34.62
CA ILE H 347 31.35 6.76 33.69
C ILE H 347 30.87 7.08 32.29
N PRO H 348 31.76 6.96 31.29
CA PRO H 348 31.35 7.33 29.92
C PRO H 348 30.29 6.41 29.36
N GLN H 349 30.37 5.15 29.74
CA GLN H 349 29.54 4.13 29.14
C GLN H 349 28.05 4.48 29.29
N MET H 350 27.74 5.33 30.27
CA MET H 350 26.36 5.74 30.57
C MET H 350 25.66 6.42 29.42
N SER H 351 26.37 7.19 28.60
CA SER H 351 25.68 7.99 27.60
C SER H 351 25.07 7.17 26.48
N ALA H 352 25.48 5.91 26.36
CA ALA H 352 24.74 4.94 25.55
C ALA H 352 23.40 4.63 26.18
N PHE H 353 23.39 4.49 27.51
CA PHE H 353 22.17 4.19 28.29
C PHE H 353 20.97 5.07 27.88
N TRP H 354 21.19 6.38 27.83
CA TRP H 354 20.06 7.29 27.67
C TRP H 354 19.35 7.00 26.36
N TYR H 355 20.15 6.83 25.31
CA TYR H 355 19.69 6.53 23.95
C TYR H 355 19.08 5.17 23.82
N ALA H 356 19.79 4.17 24.32
CA ALA H 356 19.34 2.80 24.22
C ALA H 356 17.96 2.73 24.81
N VAL H 357 17.83 3.27 26.02
CA VAL H 357 16.58 3.19 26.76
C VAL H 357 15.53 4.13 26.19
N ARG H 358 15.94 5.29 25.67
CA ARG H 358 14.95 6.19 25.06
C ARG H 358 14.22 5.49 23.89
N THR H 359 14.95 4.79 23.03
CA THR H 359 14.31 4.03 21.95
C THR H 359 13.53 2.84 22.53
N ALA H 360 14.18 2.08 23.43
CA ALA H 360 13.55 0.90 24.04
C ALA H 360 12.15 1.24 24.58
N VAL H 361 12.05 2.39 25.26
CA VAL H 361 10.77 2.89 25.79
C VAL H 361 9.79 3.08 24.64
N ILE H 362 10.17 3.89 23.64
CA ILE H 362 9.31 4.17 22.49
C ILE H 362 8.87 2.87 21.79
N ASN H 363 9.83 2.02 21.44
CA ASN H 363 9.54 0.78 20.71
C ASN H 363 8.56 -0.14 21.46
N ALA H 364 8.81 -0.34 22.76
CA ALA H 364 7.94 -1.19 23.58
C ALA H 364 6.57 -0.56 23.70
N ALA H 365 6.54 0.78 23.77
CA ALA H 365 5.30 1.55 23.94
C ALA H 365 4.42 1.50 22.70
N SER H 366 4.91 2.07 21.60
CA SER H 366 4.17 2.08 20.34
C SER H 366 3.98 0.68 19.74
N GLY H 367 4.71 -0.31 20.28
CA GLY H 367 4.48 -1.73 19.94
C GLY H 367 5.32 -2.25 18.79
N ARG H 368 6.40 -1.54 18.47
CA ARG H 368 7.30 -1.97 17.41
C ARG H 368 8.20 -3.11 17.90
N GLN H 369 8.38 -3.22 19.21
CA GLN H 369 9.07 -4.36 19.84
C GLN H 369 8.30 -4.84 21.05
N THR H 370 8.57 -6.06 21.51
CA THR H 370 8.08 -6.53 22.81
C THR H 370 9.07 -6.13 23.91
N VAL H 371 8.62 -6.16 25.17
CA VAL H 371 9.44 -5.68 26.30
C VAL H 371 10.72 -6.50 26.50
N ASP H 372 10.65 -7.81 26.26
CA ASP H 372 11.84 -8.67 26.40
C ASP H 372 12.93 -8.36 25.35
N GLU H 373 12.49 -8.15 24.10
CA GLU H 373 13.43 -7.92 23.00
C GLU H 373 13.91 -6.47 22.93
N ALA H 374 13.10 -5.55 23.45
CA ALA H 374 13.53 -4.15 23.57
C ALA H 374 14.68 -3.99 24.57
N LEU H 375 14.52 -4.62 25.75
CA LEU H 375 15.50 -4.53 26.83
C LEU H 375 16.76 -5.39 26.58
N LYS H 376 16.68 -6.33 25.63
CA LYS H 376 17.83 -7.12 25.23
C LYS H 376 18.75 -6.32 24.32
N ASP H 377 18.18 -5.47 23.46
CA ASP H 377 18.98 -4.55 22.63
C ASP H 377 19.63 -3.45 23.45
N ALA H 378 19.00 -3.06 24.57
CA ALA H 378 19.60 -2.13 25.54
C ALA H 378 20.81 -2.81 26.16
N GLN H 379 20.57 -4.01 26.68
CA GLN H 379 21.62 -4.90 27.23
C GLN H 379 22.84 -5.07 26.32
N THR H 380 22.62 -5.20 25.01
CA THR H 380 23.71 -5.35 24.06
C THR H 380 24.41 -4.02 23.79
N ARG H 381 23.65 -3.00 23.39
CA ARG H 381 24.24 -1.69 23.04
C ARG H 381 25.00 -1.01 24.17
N ILE H 382 24.68 -1.38 25.41
CA ILE H 382 25.33 -0.82 26.59
C ILE H 382 26.61 -1.60 26.93
N THR H 383 26.58 -2.93 26.83
CA THR H 383 27.76 -3.74 27.04
C THR H 383 28.54 -3.87 25.73
N ALA H 384 29.58 -3.05 25.62
CA ALA H 384 30.49 -3.04 24.49
C ALA H 384 31.77 -2.50 25.13
N ALA H 385 32.88 -2.20 24.44
CA ALA H 385 33.07 -1.94 23.02
C ALA H 385 33.91 -0.64 23.06
N ARG H 386 33.44 0.44 22.45
CA ARG H 386 34.13 1.77 22.43
C ARG H 386 35.14 1.91 21.29
N ASP H 387 35.24 0.86 20.47
CA ASP H 387 36.07 0.86 19.29
C ASP H 387 36.30 2.27 18.72
N GLY H 388 35.19 2.96 18.43
CA GLY H 388 35.27 4.15 17.61
C GLY H 388 34.94 3.76 16.19
N LEU H 389 35.31 2.54 15.82
CA LEU H 389 34.78 1.89 14.63
C LEU H 389 33.34 1.62 14.87
N ARG H 390 33.04 1.17 16.07
CA ARG H 390 31.66 0.89 16.46
C ARG H 390 30.83 2.16 16.47
N ALA H 391 31.34 3.24 17.07
CA ALA H 391 30.65 4.54 16.99
C ALA H 391 30.26 4.82 15.55
N VAL H 392 31.12 4.44 14.61
CA VAL H 392 30.87 4.65 13.20
C VAL H 392 29.73 3.80 12.66
N MSE H 393 29.62 2.57 13.13
CA MSE H 393 28.56 1.65 12.66
C MSE H 393 27.22 1.93 13.30
O MSE H 393 26.18 1.60 12.73
CB MSE H 393 28.87 0.23 13.01
CG MSE H 393 30.17 -0.28 12.56
SE MSE H 393 30.25 -2.10 13.21
CE MSE H 393 29.33 -1.94 14.93
N GLU H 394 27.23 2.47 14.51
CA GLU H 394 25.99 2.94 15.12
C GLU H 394 25.52 4.16 14.34
N ALA H 395 26.47 4.99 13.90
CA ALA H 395 26.16 6.10 13.00
C ALA H 395 25.48 5.59 11.73
N ARG H 396 26.03 4.52 11.19
CA ARG H 396 25.52 3.90 9.96
C ARG H 396 24.09 3.35 10.07
N ASN H 397 23.70 2.94 11.28
CA ASN H 397 22.32 2.53 11.50
C ASN H 397 21.47 3.76 11.83
N VAL H 398 21.92 4.58 12.77
CA VAL H 398 21.28 5.87 13.06
C VAL H 398 20.75 6.57 11.79
N THR H 399 21.57 6.62 10.75
CA THR H 399 21.18 7.34 9.55
C THR H 399 20.04 6.64 8.77
N HIS H 400 19.90 5.31 8.88
CA HIS H 400 18.74 4.62 8.27
C HIS H 400 17.47 5.10 8.98
N LEU H 401 17.55 5.23 10.30
CA LEU H 401 16.47 5.81 11.08
C LEU H 401 16.23 7.22 10.59
N LEU H 402 17.27 8.05 10.64
CA LEU H 402 17.14 9.42 10.16
C LEU H 402 16.51 9.45 8.76
N GLN H 403 16.87 8.50 7.92
CA GLN H 403 16.34 8.43 6.56
C GLN H 403 14.84 8.06 6.57
N GLN H 404 14.38 7.28 7.55
CA GLN H 404 12.95 6.95 7.71
C GLN H 404 12.18 8.21 8.08
N GLU H 405 12.77 9.01 8.97
CA GLU H 405 12.11 10.20 9.50
C GLU H 405 11.99 11.27 8.45
N LEU H 406 13.09 11.55 7.78
CA LEU H 406 13.02 12.49 6.70
C LEU H 406 11.93 12.07 5.73
N THR H 407 11.88 10.78 5.39
CA THR H 407 10.76 10.21 4.60
C THR H 407 9.39 10.62 5.17
N GLU H 408 9.14 10.25 6.43
CA GLU H 408 7.89 10.59 7.12
C GLU H 408 7.60 12.11 7.04
N ALA H 409 8.60 12.94 7.36
CA ALA H 409 8.45 14.40 7.23
C ALA H 409 8.10 14.80 5.81
N GLN H 410 8.79 14.26 4.83
CA GLN H 410 8.48 14.61 3.47
C GLN H 410 7.01 14.32 3.19
N LYS H 411 6.53 13.10 3.40
CA LYS H 411 5.12 12.81 3.03
C LYS H 411 4.11 13.41 4.01
N GLY H 412 4.61 13.96 5.11
CA GLY H 412 3.85 14.89 5.93
C GLY H 412 3.58 16.15 5.15
N PHE H 413 4.63 16.86 4.74
CA PHE H 413 4.47 18.09 3.96
C PHE H 413 3.62 17.93 2.71
N GLN H 414 3.81 16.81 2.01
CA GLN H 414 3.12 16.58 0.74
C GLN H 414 1.65 16.27 0.93
N ASP H 415 1.30 15.80 2.12
CA ASP H 415 -0.11 15.57 2.47
C ASP H 415 -0.77 16.91 2.74
N VAL H 416 -0.19 17.67 3.66
CA VAL H 416 -0.71 18.99 3.99
C VAL H 416 -0.82 19.87 2.74
N GLU H 417 0.29 19.93 1.99
CA GLU H 417 0.34 20.63 0.72
C GLU H 417 -0.89 20.30 -0.13
N ALA H 418 -1.16 19.01 -0.32
CA ALA H 418 -2.33 18.60 -1.09
C ALA H 418 -3.55 19.29 -0.53
N GLN H 419 -3.80 19.09 0.77
CA GLN H 419 -5.04 19.57 1.38
C GLN H 419 -5.06 21.09 1.56
N ALA H 420 -3.90 21.72 1.72
CA ALA H 420 -3.78 23.22 1.66
C ALA H 420 -4.04 23.75 0.25
N ALA H 421 -3.54 23.00 -0.74
CA ALA H 421 -3.88 23.24 -2.15
C ALA H 421 -5.39 23.32 -2.39
N THR H 422 -6.13 22.37 -1.80
CA THR H 422 -7.59 22.29 -1.97
C THR H 422 -8.34 23.44 -1.29
N ALA H 423 -7.84 23.91 -0.16
CA ALA H 423 -8.46 25.07 0.47
C ALA H 423 -8.05 26.32 -0.31
N ASN H 424 -6.88 26.30 -0.93
CA ASN H 424 -6.56 27.43 -1.79
C ASN H 424 -7.44 27.45 -3.05
N HIS H 425 -7.91 26.28 -3.47
CA HIS H 425 -8.88 26.19 -4.57
C HIS H 425 -10.09 27.07 -4.29
N THR H 426 -10.76 26.78 -3.18
CA THR H 426 -11.89 27.59 -2.69
C THR H 426 -11.53 29.07 -2.54
N VAL H 427 -10.43 29.39 -1.87
CA VAL H 427 -10.09 30.82 -1.64
C VAL H 427 -9.85 31.62 -2.91
N MSE H 428 -9.26 31.01 -3.93
CA MSE H 428 -9.06 31.74 -5.19
C MSE H 428 -10.31 31.79 -6.03
O MSE H 428 -10.51 32.73 -6.78
CB MSE H 428 -8.00 31.05 -6.02
CG MSE H 428 -6.61 31.15 -5.47
SE MSE H 428 -5.49 30.18 -6.72
CE MSE H 428 -5.98 28.33 -6.27
N ALA H 429 -11.12 30.74 -5.95
CA ALA H 429 -12.42 30.73 -6.58
C ALA H 429 -13.23 31.91 -6.11
N LEU H 430 -13.32 32.06 -4.79
CA LEU H 430 -14.12 33.15 -4.21
C LEU H 430 -13.59 34.51 -4.64
N MSE H 431 -12.32 34.77 -4.37
CA MSE H 431 -11.68 36.06 -4.71
C MSE H 431 -11.92 36.42 -6.17
O MSE H 431 -12.04 37.59 -6.54
CB MSE H 431 -10.18 35.99 -4.47
CG MSE H 431 -9.73 36.54 -3.12
SE MSE H 431 -7.90 35.92 -2.67
CE MSE H 431 -7.27 37.53 -1.70
N ALA H 432 -11.99 35.37 -7.00
CA ALA H 432 -12.32 35.52 -8.39
C ALA H 432 -13.69 36.12 -8.47
N SER H 433 -14.69 35.38 -7.97
CA SER H 433 -16.07 35.86 -8.03
C SER H 433 -16.14 37.24 -7.41
N LEU H 434 -15.48 37.43 -6.30
CA LEU H 434 -15.58 38.69 -5.65
C LEU H 434 -15.02 39.79 -6.53
N ASP H 435 -13.90 39.51 -7.20
CA ASP H 435 -13.33 40.52 -8.09
C ASP H 435 -14.28 40.82 -9.27
N ALA H 436 -14.91 39.76 -9.78
CA ALA H 436 -15.84 39.90 -10.92
C ALA H 436 -17.00 40.72 -10.44
N GLU H 437 -17.62 40.24 -9.38
CA GLU H 437 -18.74 40.94 -8.82
C GLU H 437 -18.44 42.44 -8.69
N LYS H 438 -17.28 42.81 -8.15
CA LYS H 438 -16.94 44.22 -7.98
C LYS H 438 -16.79 44.93 -9.33
N ALA H 439 -16.27 44.22 -10.32
CA ALA H 439 -16.08 44.78 -11.66
C ALA H 439 -17.43 45.00 -12.29
N GLN H 440 -18.21 43.93 -12.37
CA GLN H 440 -19.58 43.97 -12.95
C GLN H 440 -20.40 45.09 -12.35
N GLY H 441 -20.37 45.23 -11.04
CA GLY H 441 -21.16 46.23 -10.36
C GLY H 441 -20.65 47.63 -10.63
N GLN H 442 -19.34 47.80 -10.70
CA GLN H 442 -18.75 49.14 -10.79
C GLN H 442 -18.90 49.70 -12.22
N LYS H 443 -19.05 48.80 -13.19
CA LYS H 443 -19.26 49.17 -14.59
C LYS H 443 -20.70 49.49 -14.85
N LYS H 444 -21.61 48.73 -14.25
CA LYS H 444 -23.05 49.05 -14.28
C LYS H 444 -23.34 50.42 -13.65
N VAL H 445 -22.67 50.72 -12.56
CA VAL H 445 -22.80 51.99 -11.87
C VAL H 445 -22.36 53.19 -12.73
N GLU H 446 -21.24 53.10 -13.43
CA GLU H 446 -20.84 54.22 -14.29
C GLU H 446 -21.74 54.35 -15.54
N GLU H 447 -22.35 53.22 -15.94
CA GLU H 447 -23.28 53.22 -17.08
C GLU H 447 -24.45 54.11 -16.71
N LEU H 448 -25.03 53.84 -15.55
CA LEU H 448 -26.18 54.59 -15.06
C LEU H 448 -25.79 56.05 -14.76
N GLU H 449 -24.66 56.26 -14.10
CA GLU H 449 -24.24 57.61 -13.77
C GLU H 449 -24.10 58.47 -15.05
N GLY H 450 -23.85 57.78 -16.18
CA GLY H 450 -23.85 58.44 -17.49
C GLY H 450 -25.25 58.82 -17.93
N GLU H 451 -26.15 57.84 -17.92
CA GLU H 451 -27.58 58.08 -18.21
C GLU H 451 -28.11 59.19 -17.34
N ILE H 452 -27.72 59.23 -16.07
CA ILE H 452 -28.11 60.31 -15.17
C ILE H 452 -27.57 61.64 -15.65
N THR H 453 -26.24 61.75 -15.78
CA THR H 453 -25.65 63.04 -16.19
C THR H 453 -26.19 63.48 -17.57
N THR H 454 -26.62 62.49 -18.39
CA THR H 454 -27.22 62.84 -19.70
C THR H 454 -28.56 63.54 -19.52
N LEU H 455 -29.49 62.83 -18.88
CA LEU H 455 -30.82 63.37 -18.61
C LEU H 455 -30.65 64.76 -17.93
N ASN H 456 -29.82 64.85 -16.89
CA ASN H 456 -29.64 66.14 -16.21
C ASN H 456 -29.40 67.27 -17.17
N HIS H 457 -28.59 67.03 -18.21
CA HIS H 457 -28.35 68.04 -19.25
C HIS H 457 -29.58 68.23 -20.13
N LYS H 458 -30.18 67.13 -20.55
CA LYS H 458 -31.39 67.20 -21.36
C LYS H 458 -32.40 68.02 -20.59
N LEU H 459 -32.64 67.61 -19.34
CA LEU H 459 -33.61 68.29 -18.49
C LEU H 459 -33.19 69.71 -18.21
N GLN H 460 -31.90 69.96 -18.02
CA GLN H 460 -31.45 71.34 -17.81
C GLN H 460 -31.80 72.26 -18.98
N ASP H 461 -31.74 71.71 -20.19
CA ASP H 461 -32.09 72.42 -21.41
C ASP H 461 -33.60 72.64 -21.45
N ALA H 462 -34.36 71.55 -21.53
CA ALA H 462 -35.82 71.59 -21.45
C ALA H 462 -36.37 72.55 -20.39
N SER H 463 -35.74 72.56 -19.21
CA SER H 463 -36.19 73.33 -18.06
C SER H 463 -35.80 74.79 -18.21
N ALA H 464 -34.53 75.01 -18.53
CA ALA H 464 -34.04 76.37 -18.84
C ALA H 464 -34.79 76.96 -20.03
N GLU H 465 -35.60 76.11 -20.69
CA GLU H 465 -36.44 76.60 -21.78
C GLU H 465 -37.93 76.46 -21.58
N VAL H 466 -38.37 76.42 -20.32
CA VAL H 466 -39.71 76.88 -19.96
C VAL H 466 -39.58 78.20 -19.19
N GLU H 467 -38.53 78.30 -18.38
CA GLU H 467 -38.27 79.48 -17.56
C GLU H 467 -38.05 80.70 -18.44
N ARG H 468 -37.09 80.62 -19.36
CA ARG H 468 -36.86 81.74 -20.29
C ARG H 468 -38.00 81.74 -21.27
N LEU H 469 -37.83 81.05 -22.40
CA LEU H 469 -38.83 81.10 -23.44
C LEU H 469 -40.16 80.75 -22.76
N ARG H 470 -40.81 81.83 -22.31
CA ARG H 470 -42.26 81.98 -22.26
C ARG H 470 -42.98 82.29 -20.91
N ARG H 471 -43.26 81.28 -20.08
CA ARG H 471 -44.15 81.45 -18.91
C ARG H 471 -45.55 81.98 -19.28
#